data_1KIF
#
_entry.id   1KIF
#
_cell.length_a   326.480
_cell.length_b   138.100
_cell.length_c   200.850
_cell.angle_alpha   90.00
_cell.angle_beta   90.00
_cell.angle_gamma   90.00
#
_symmetry.space_group_name_H-M   'C 2 2 21'
#
loop_
_entity.id
_entity.type
_entity.pdbx_description
1 polymer 'D-AMINO ACID OXIDASE'
2 non-polymer 'FLAVIN-ADENINE DINUCLEOTIDE'
3 non-polymer 'BENZOIC ACID'
4 water water
#
_entity_poly.entity_id   1
_entity_poly.type   'polypeptide(L)'
_entity_poly.pdbx_seq_one_letter_code
;MRVVVIGAGVIGLSTALCIHERYHSVLQPLDVKVYADRFTPFTTTDVAAGLWQPYTSEPSNPQEANWNQQTFNYLLSHIG
SPNAANMGLTPVSGYNLFREAVPDPYWKDMVLGFRKLTPRELDMFPDYRYGWFNTSLILEGRKYLQWLTERLTERGVKFF
LRKVESFEEVARGGADVIINCTGVWAGVLQPDPLLQPGRGQIIKVDAPWLKNFIITHDLERGIYNSPYIIPGLQAVTLGG
TFQVGNWNEINNIQDHNTIWEGCCRLEPTLKDAKIVGEYTGFRPVRPQVRLEREQLRFGSSNTEVIHNYGHGGYGLTIHW
GCALEVAKLFGKVLEERNLLTMPPSHL
;
_entity_poly.pdbx_strand_id   A,B,C,D,E,F,G,H
#
loop_
_chem_comp.id
_chem_comp.type
_chem_comp.name
_chem_comp.formula
BEZ non-polymer 'BENZOIC ACID' 'C7 H6 O2'
FAD non-polymer 'FLAVIN-ADENINE DINUCLEOTIDE' 'C27 H33 N9 O15 P2'
#
# COMPACT_ATOMS: atom_id res chain seq x y z
N MET A 1 39.71 -21.53 -67.89
CA MET A 1 40.67 -22.27 -67.08
C MET A 1 40.20 -22.33 -65.65
N ARG A 2 40.79 -23.24 -64.89
CA ARG A 2 40.44 -23.33 -63.50
C ARG A 2 41.25 -22.32 -62.69
N VAL A 3 40.56 -21.55 -61.87
CA VAL A 3 41.24 -20.55 -61.05
C VAL A 3 40.59 -20.81 -59.72
N VAL A 4 41.39 -20.71 -58.68
CA VAL A 4 40.90 -20.94 -57.34
C VAL A 4 41.53 -19.90 -56.47
N VAL A 5 40.64 -19.21 -55.76
CA VAL A 5 41.04 -18.16 -54.87
C VAL A 5 40.91 -18.79 -53.50
N ILE A 6 41.94 -18.59 -52.69
CA ILE A 6 41.89 -19.12 -51.34
C ILE A 6 41.77 -17.90 -50.46
N GLY A 7 40.62 -17.76 -49.81
CA GLY A 7 40.41 -16.61 -48.95
C GLY A 7 39.08 -16.01 -49.34
N ALA A 8 38.30 -15.60 -48.34
CA ALA A 8 37.00 -15.00 -48.60
C ALA A 8 36.85 -13.72 -47.77
N GLY A 9 37.99 -13.09 -47.50
CA GLY A 9 38.08 -11.85 -46.75
C GLY A 9 37.94 -10.81 -47.84
N VAL A 10 38.15 -9.53 -47.52
CA VAL A 10 38.00 -8.52 -48.56
C VAL A 10 38.96 -8.70 -49.72
N ILE A 11 40.17 -9.20 -49.44
CA ILE A 11 41.14 -9.38 -50.50
C ILE A 11 40.72 -10.47 -51.46
N GLY A 12 40.36 -11.63 -50.94
CA GLY A 12 39.97 -12.72 -51.82
C GLY A 12 38.75 -12.38 -52.67
N LEU A 13 37.67 -11.94 -52.05
CA LEU A 13 36.49 -11.61 -52.82
C LEU A 13 36.68 -10.47 -53.80
N SER A 14 37.34 -9.40 -53.41
CA SER A 14 37.50 -8.33 -54.38
C SER A 14 38.36 -8.80 -55.52
N THR A 15 39.39 -9.56 -55.21
CA THR A 15 40.25 -10.01 -56.28
C THR A 15 39.50 -10.92 -57.23
N ALA A 16 38.73 -11.86 -56.69
CA ALA A 16 38.01 -12.75 -57.55
C ALA A 16 37.08 -12.03 -58.49
N LEU A 17 36.36 -11.07 -57.94
CA LEU A 17 35.42 -10.33 -58.74
C LEU A 17 36.13 -9.52 -59.79
N CYS A 18 37.22 -8.94 -59.32
CA CYS A 18 37.98 -8.09 -60.21
C CYS A 18 38.41 -8.82 -61.47
N ILE A 19 38.93 -10.01 -61.30
CA ILE A 19 39.38 -10.80 -62.41
C ILE A 19 38.26 -11.33 -63.26
N HIS A 20 37.27 -11.88 -62.59
CA HIS A 20 36.17 -12.41 -63.34
C HIS A 20 35.55 -11.28 -64.14
N GLU A 21 35.46 -10.13 -63.51
CA GLU A 21 34.88 -8.99 -64.18
C GLU A 21 35.70 -8.73 -65.43
N ARG A 22 37.02 -8.80 -65.37
CA ARG A 22 37.80 -8.54 -66.57
C ARG A 22 37.95 -9.60 -67.63
N TYR A 23 38.05 -10.85 -67.19
CA TYR A 23 38.23 -11.94 -68.12
C TYR A 23 37.13 -12.87 -68.56
N HIS A 24 35.98 -12.91 -67.89
CA HIS A 24 34.96 -13.85 -68.32
C HIS A 24 34.61 -13.74 -69.80
N SER A 25 34.64 -12.51 -70.27
CA SER A 25 34.32 -12.17 -71.65
C SER A 25 35.31 -12.81 -72.62
N VAL A 26 36.58 -12.52 -72.36
CA VAL A 26 37.75 -12.98 -73.10
C VAL A 26 37.99 -14.49 -73.02
N LEU A 27 38.19 -15.04 -71.83
CA LEU A 27 38.38 -16.48 -71.73
C LEU A 27 36.98 -17.03 -71.79
N GLN A 28 36.76 -17.91 -72.76
CA GLN A 28 35.43 -18.46 -72.82
C GLN A 28 35.31 -19.24 -71.52
N PRO A 29 36.09 -20.31 -71.36
CA PRO A 29 35.99 -21.03 -70.10
C PRO A 29 36.74 -20.23 -69.03
N LEU A 30 36.11 -20.00 -67.89
CA LEU A 30 36.79 -19.27 -66.84
C LEU A 30 36.05 -19.75 -65.62
N ASP A 31 36.67 -20.74 -64.99
CA ASP A 31 36.11 -21.33 -63.80
C ASP A 31 36.70 -20.86 -62.48
N VAL A 32 35.98 -19.95 -61.84
CA VAL A 32 36.46 -19.45 -60.56
C VAL A 32 35.78 -20.16 -59.42
N LYS A 33 36.54 -20.46 -58.38
CA LYS A 33 35.96 -21.12 -57.23
C LYS A 33 36.71 -20.48 -56.10
N VAL A 34 36.05 -20.42 -54.95
CA VAL A 34 36.68 -19.80 -53.83
C VAL A 34 36.60 -20.76 -52.67
N TYR A 35 37.79 -21.01 -52.14
CA TYR A 35 37.90 -21.88 -51.00
C TYR A 35 38.27 -21.03 -49.82
N ALA A 36 37.68 -21.33 -48.66
CA ALA A 36 37.99 -20.58 -47.47
C ALA A 36 37.49 -21.40 -46.31
N ASP A 37 38.21 -21.35 -45.21
CA ASP A 37 37.79 -22.09 -44.04
C ASP A 37 36.90 -21.22 -43.17
N ARG A 38 36.79 -19.94 -43.53
CA ARG A 38 35.93 -19.02 -42.77
C ARG A 38 35.40 -17.98 -43.72
N PHE A 39 34.09 -17.82 -43.63
CA PHE A 39 33.34 -16.84 -44.41
C PHE A 39 32.83 -15.82 -43.41
N THR A 40 32.37 -14.68 -43.92
CA THR A 40 31.86 -13.66 -43.02
C THR A 40 30.71 -14.38 -42.32
N PRO A 41 30.43 -14.03 -41.08
CA PRO A 41 31.10 -13.03 -40.25
C PRO A 41 32.43 -13.43 -39.62
N PHE A 42 32.98 -14.55 -40.02
CA PHE A 42 34.24 -14.96 -39.42
C PHE A 42 35.59 -14.47 -39.89
N THR A 43 35.66 -13.66 -40.93
CA THR A 43 36.96 -13.21 -41.39
C THR A 43 37.46 -12.06 -40.54
N THR A 44 38.70 -11.67 -40.76
CA THR A 44 39.30 -10.57 -40.01
C THR A 44 38.59 -9.34 -40.57
N THR A 45 38.27 -9.42 -41.85
CA THR A 45 37.62 -8.32 -42.50
C THR A 45 36.34 -7.89 -41.77
N ASP A 46 35.58 -8.84 -41.25
CA ASP A 46 34.34 -8.54 -40.53
C ASP A 46 34.57 -7.74 -39.27
N VAL A 47 35.80 -7.78 -38.78
CA VAL A 47 36.18 -7.08 -37.57
C VAL A 47 36.70 -5.67 -37.76
N ALA A 48 37.05 -5.36 -39.00
CA ALA A 48 37.58 -4.05 -39.31
C ALA A 48 36.71 -2.90 -38.85
N ALA A 49 37.39 -1.88 -38.35
CA ALA A 49 36.74 -0.66 -37.86
C ALA A 49 35.90 -0.05 -38.99
N GLY A 50 36.22 -0.42 -40.23
CA GLY A 50 35.54 0.04 -41.43
C GLY A 50 36.02 1.33 -42.11
N LEU A 51 36.98 2.02 -41.53
CA LEU A 51 37.46 3.27 -42.13
C LEU A 51 38.50 3.25 -43.23
N TRP A 52 38.45 4.20 -44.15
CA TRP A 52 39.46 4.23 -45.19
C TRP A 52 40.49 5.21 -44.67
N GLN A 53 41.66 4.72 -44.32
CA GLN A 53 42.73 5.58 -43.83
C GLN A 53 43.97 4.75 -43.76
N PRO A 54 44.97 5.17 -44.50
CA PRO A 54 46.25 4.49 -44.57
C PRO A 54 47.03 4.84 -43.33
N TYR A 55 48.25 4.31 -43.20
CA TYR A 55 49.01 4.66 -42.01
C TYR A 55 49.50 6.09 -42.16
N THR A 56 50.00 6.67 -41.07
CA THR A 56 50.52 8.04 -41.08
C THR A 56 51.87 8.20 -41.76
N SER A 57 52.66 7.13 -41.65
CA SER A 57 54.00 7.01 -42.22
C SER A 57 53.99 6.61 -43.68
N GLU A 58 54.94 6.96 -44.54
CA GLU A 58 54.87 6.51 -45.97
C GLU A 58 55.21 5.04 -46.32
N PRO A 59 54.59 4.37 -47.29
CA PRO A 59 54.92 2.98 -47.53
C PRO A 59 56.30 2.61 -48.04
N SER A 60 56.68 1.35 -47.86
CA SER A 60 57.99 0.95 -48.35
C SER A 60 57.99 0.81 -49.86
N ASN A 61 57.02 0.09 -50.43
CA ASN A 61 56.87 -0.08 -51.88
C ASN A 61 55.86 1.02 -52.15
N PRO A 62 56.24 2.00 -52.97
CA PRO A 62 55.55 3.24 -53.32
C PRO A 62 54.27 2.93 -54.06
N GLN A 63 54.18 1.74 -54.63
CA GLN A 63 52.97 1.41 -55.34
C GLN A 63 51.82 1.35 -54.37
N GLU A 64 52.12 1.15 -53.09
CA GLU A 64 51.07 1.09 -52.11
C GLU A 64 50.32 2.40 -52.12
N ALA A 65 51.04 3.49 -52.28
CA ALA A 65 50.34 4.76 -52.30
C ALA A 65 49.37 4.76 -53.47
N ASN A 66 49.75 4.26 -54.62
CA ASN A 66 48.74 4.31 -55.66
C ASN A 66 47.62 3.38 -55.41
N TRP A 67 47.94 2.18 -54.92
CA TRP A 67 46.84 1.28 -54.67
C TRP A 67 45.80 1.88 -53.76
N ASN A 68 46.27 2.65 -52.80
CA ASN A 68 45.36 3.29 -51.89
C ASN A 68 44.52 4.29 -52.62
N GLN A 69 45.18 5.09 -53.44
CA GLN A 69 44.45 6.09 -54.17
C GLN A 69 43.43 5.48 -55.10
N GLN A 70 43.82 4.44 -55.82
CA GLN A 70 42.87 3.84 -56.74
C GLN A 70 41.70 3.31 -55.95
N THR A 71 41.95 2.85 -54.74
CA THR A 71 40.85 2.31 -53.95
C THR A 71 39.88 3.43 -53.59
N PHE A 72 40.40 4.56 -53.11
CA PHE A 72 39.51 5.65 -52.74
C PHE A 72 38.69 6.16 -53.89
N ASN A 73 39.30 6.33 -55.05
CA ASN A 73 38.51 6.84 -56.15
C ASN A 73 37.49 5.84 -56.57
N TYR A 74 37.86 4.58 -56.49
CA TYR A 74 36.88 3.59 -56.90
C TYR A 74 35.69 3.66 -55.96
N LEU A 75 35.97 3.78 -54.67
CA LEU A 75 34.88 3.85 -53.71
C LEU A 75 34.09 5.12 -53.94
N LEU A 76 34.76 6.27 -54.01
CA LEU A 76 33.96 7.46 -54.26
C LEU A 76 33.08 7.41 -55.47
N SER A 77 33.52 6.71 -56.51
CA SER A 77 32.69 6.67 -57.70
C SER A 77 31.31 6.12 -57.40
N HIS A 78 31.16 5.39 -56.31
CA HIS A 78 29.86 4.83 -55.96
C HIS A 78 29.02 5.74 -55.11
N ILE A 79 29.64 6.74 -54.51
CA ILE A 79 28.86 7.63 -53.69
C ILE A 79 27.97 8.33 -54.68
N GLY A 80 26.67 8.11 -54.56
CA GLY A 80 25.75 8.74 -55.50
C GLY A 80 24.79 7.66 -55.98
N SER A 81 25.21 6.40 -55.91
CA SER A 81 24.30 5.36 -56.36
C SER A 81 23.40 5.04 -55.19
N PRO A 82 22.29 4.40 -55.50
CA PRO A 82 21.28 4.01 -54.52
C PRO A 82 21.81 2.85 -53.70
N ASN A 83 22.84 2.21 -54.25
CA ASN A 83 23.44 1.06 -53.57
C ASN A 83 24.57 1.21 -52.62
N ALA A 84 25.15 2.40 -52.62
CA ALA A 84 26.27 2.69 -51.77
C ALA A 84 26.10 2.20 -50.36
N ALA A 85 24.95 2.41 -49.76
CA ALA A 85 24.85 1.93 -48.39
C ALA A 85 24.72 0.43 -48.35
N ASN A 86 24.18 -0.14 -49.43
CA ASN A 86 24.03 -1.58 -49.45
C ASN A 86 25.37 -2.24 -49.62
N MET A 87 26.34 -1.53 -50.17
CA MET A 87 27.65 -2.13 -50.34
C MET A 87 28.42 -1.88 -49.07
N GLY A 88 27.87 -1.12 -48.13
CA GLY A 88 28.64 -0.86 -46.91
C GLY A 88 29.34 0.50 -46.87
N LEU A 89 29.07 1.35 -47.86
CA LEU A 89 29.64 2.70 -47.94
C LEU A 89 28.89 3.95 -47.52
N THR A 90 29.60 4.95 -47.01
CA THR A 90 29.12 6.28 -46.64
C THR A 90 30.28 7.13 -46.24
N PRO A 91 30.16 8.41 -46.58
CA PRO A 91 31.20 9.38 -46.27
C PRO A 91 31.19 9.65 -44.79
N VAL A 92 32.30 10.05 -44.19
CA VAL A 92 32.25 10.32 -42.76
C VAL A 92 33.39 11.30 -42.70
N SER A 93 33.25 12.26 -41.79
CA SER A 93 34.26 13.29 -41.60
C SER A 93 34.85 13.07 -40.22
N GLY A 94 36.06 13.51 -39.95
CA GLY A 94 36.50 13.23 -38.60
C GLY A 94 37.88 13.76 -38.32
N TYR A 95 38.28 13.55 -37.08
CA TYR A 95 39.57 13.97 -36.56
C TYR A 95 40.66 12.96 -36.24
N ASN A 96 41.89 13.37 -36.49
CA ASN A 96 43.12 12.65 -36.18
C ASN A 96 43.79 13.55 -35.15
N LEU A 97 43.87 13.14 -33.89
CA LEU A 97 44.49 13.95 -32.84
C LEU A 97 45.86 13.47 -32.43
N PHE A 98 46.73 14.42 -32.09
CA PHE A 98 48.06 14.06 -31.67
C PHE A 98 48.48 14.95 -30.54
N ARG A 99 49.49 14.44 -29.86
CA ARG A 99 50.09 15.13 -28.74
C ARG A 99 51.16 16.11 -29.11
N GLU A 100 51.48 16.15 -30.40
CA GLU A 100 52.49 17.09 -30.81
C GLU A 100 52.45 17.24 -32.31
N ALA A 101 53.09 18.27 -32.82
CA ALA A 101 53.07 18.47 -34.26
C ALA A 101 53.65 17.24 -34.94
N VAL A 102 53.14 17.03 -36.13
CA VAL A 102 53.50 15.92 -36.97
C VAL A 102 53.28 16.35 -38.40
N PRO A 103 54.10 15.78 -39.27
CA PRO A 103 54.03 16.10 -40.67
C PRO A 103 52.77 15.56 -41.33
N ASP A 104 52.34 16.26 -42.36
CA ASP A 104 51.15 15.86 -43.08
C ASP A 104 51.39 14.50 -43.70
N PRO A 105 50.34 13.69 -43.70
CA PRO A 105 50.38 12.35 -44.25
C PRO A 105 50.52 12.41 -45.75
N TYR A 106 51.10 11.38 -46.34
CA TYR A 106 51.24 11.40 -47.78
C TYR A 106 49.88 11.39 -48.44
N TRP A 107 48.87 11.00 -47.69
CA TRP A 107 47.54 10.95 -48.26
C TRP A 107 46.65 12.16 -48.17
N LYS A 108 47.16 13.26 -47.62
CA LYS A 108 46.36 14.45 -47.47
C LYS A 108 45.53 14.80 -48.68
N ASP A 109 46.11 14.58 -49.84
CA ASP A 109 45.38 14.89 -51.06
C ASP A 109 44.47 13.82 -51.61
N MET A 110 44.47 12.64 -51.00
CA MET A 110 43.59 11.61 -51.54
C MET A 110 42.23 11.81 -50.90
N VAL A 111 42.22 12.13 -49.63
CA VAL A 111 40.97 12.34 -48.92
C VAL A 111 40.39 13.70 -49.30
N LEU A 112 39.17 13.96 -48.86
CA LEU A 112 38.52 15.21 -49.16
C LEU A 112 38.64 16.21 -48.03
N GLY A 113 38.87 17.46 -48.37
CA GLY A 113 38.96 18.47 -47.34
C GLY A 113 40.00 18.40 -46.24
N PHE A 114 41.13 17.78 -46.52
CA PHE A 114 42.14 17.68 -45.47
C PHE A 114 42.55 19.06 -44.96
N ARG A 115 42.76 19.21 -43.66
CA ARG A 115 43.17 20.49 -43.11
C ARG A 115 43.53 20.28 -41.66
N LYS A 116 44.32 21.20 -41.09
CA LYS A 116 44.73 21.13 -39.69
C LYS A 116 43.69 21.73 -38.77
N LEU A 117 43.49 21.11 -37.61
CA LEU A 117 42.50 21.67 -36.71
C LEU A 117 42.93 23.02 -36.20
N THR A 118 41.94 23.84 -35.87
CA THR A 118 42.16 25.16 -35.33
C THR A 118 42.04 24.95 -33.85
N PRO A 119 42.41 26.00 -33.14
CA PRO A 119 42.34 25.97 -31.70
C PRO A 119 40.96 25.81 -31.12
N ARG A 120 39.92 26.39 -31.70
CA ARG A 120 38.62 26.18 -31.07
C ARG A 120 38.33 24.72 -31.23
N GLU A 121 38.82 24.14 -32.32
CA GLU A 121 38.57 22.73 -32.52
C GLU A 121 39.29 21.91 -31.47
N LEU A 122 40.57 22.19 -31.30
CA LEU A 122 41.32 21.45 -30.30
C LEU A 122 40.75 21.62 -28.92
N ASP A 123 40.05 22.71 -28.64
CA ASP A 123 39.50 22.83 -27.30
C ASP A 123 38.45 21.77 -27.05
N MET A 124 38.00 21.11 -28.10
CA MET A 124 36.99 20.10 -27.84
C MET A 124 37.66 18.82 -27.38
N PHE A 125 39.00 18.78 -27.47
CA PHE A 125 39.77 17.61 -27.09
C PHE A 125 41.02 18.08 -26.40
N PRO A 126 40.84 18.34 -25.11
CA PRO A 126 41.87 18.84 -24.22
C PRO A 126 43.20 18.10 -24.09
N ASP A 127 43.24 16.78 -24.19
CA ASP A 127 44.59 16.22 -24.06
C ASP A 127 45.43 16.44 -25.28
N TYR A 128 44.75 16.63 -26.40
CA TYR A 128 45.51 16.78 -27.63
C TYR A 128 45.97 18.16 -27.94
N ARG A 129 46.99 18.22 -28.79
CA ARG A 129 47.59 19.50 -29.15
C ARG A 129 47.80 19.80 -30.62
N TYR A 130 47.49 18.88 -31.52
CA TYR A 130 47.71 19.14 -32.93
C TYR A 130 46.82 18.13 -33.59
N GLY A 131 46.38 18.38 -34.82
CA GLY A 131 45.50 17.39 -35.43
C GLY A 131 45.10 17.77 -36.83
N TRP A 132 44.29 16.90 -37.41
CA TRP A 132 43.85 17.16 -38.76
C TRP A 132 42.39 16.86 -38.76
N PHE A 133 41.78 17.18 -39.89
CA PHE A 133 40.36 16.96 -40.12
C PHE A 133 40.24 16.69 -41.60
N ASN A 134 39.35 15.80 -42.02
CA ASN A 134 39.22 15.54 -43.45
C ASN A 134 38.00 14.66 -43.58
N THR A 135 37.42 14.51 -44.76
CA THR A 135 36.27 13.63 -44.75
C THR A 135 36.81 12.43 -45.51
N SER A 136 36.28 11.24 -45.26
CA SER A 136 36.77 10.05 -45.91
C SER A 136 35.57 9.15 -46.10
N LEU A 137 35.79 7.85 -46.14
CA LEU A 137 34.65 6.97 -46.32
C LEU A 137 34.73 5.78 -45.43
N ILE A 138 33.55 5.26 -45.13
CA ILE A 138 33.36 4.09 -44.33
C ILE A 138 32.99 3.00 -45.32
N LEU A 139 33.51 1.80 -45.07
CA LEU A 139 33.22 0.67 -45.92
C LEU A 139 33.10 -0.44 -44.88
N GLU A 140 31.88 -0.78 -44.48
CA GLU A 140 31.78 -1.84 -43.49
C GLU A 140 32.12 -3.19 -44.05
N GLY A 141 33.10 -3.82 -43.42
CA GLY A 141 33.54 -5.13 -43.86
C GLY A 141 32.46 -6.17 -43.99
N ARG A 142 31.64 -6.31 -42.97
CA ARG A 142 30.60 -7.33 -43.07
C ARG A 142 29.65 -7.05 -44.23
N LYS A 143 29.18 -5.83 -44.35
CA LYS A 143 28.23 -5.50 -45.42
C LYS A 143 28.88 -5.65 -46.78
N TYR A 144 30.11 -5.18 -46.91
CA TYR A 144 30.80 -5.28 -48.17
C TYR A 144 31.06 -6.72 -48.56
N LEU A 145 31.40 -7.55 -47.58
CA LEU A 145 31.67 -8.95 -47.88
C LEU A 145 30.39 -9.58 -48.38
N GLN A 146 29.27 -9.24 -47.78
CA GLN A 146 28.05 -9.85 -48.28
C GLN A 146 27.71 -9.36 -49.67
N TRP A 147 27.99 -8.09 -49.93
CA TRP A 147 27.68 -7.57 -51.24
C TRP A 147 28.52 -8.26 -52.29
N LEU A 148 29.83 -8.34 -52.07
CA LEU A 148 30.70 -9.00 -53.05
C LEU A 148 30.25 -10.42 -53.19
N THR A 149 29.85 -11.01 -52.08
CA THR A 149 29.42 -12.39 -52.21
C THR A 149 28.25 -12.54 -53.15
N GLU A 150 27.24 -11.66 -53.06
CA GLU A 150 26.11 -11.81 -53.98
C GLU A 150 26.57 -11.54 -55.37
N ARG A 151 27.39 -10.52 -55.55
CA ARG A 151 27.86 -10.24 -56.90
C ARG A 151 28.56 -11.45 -57.49
N LEU A 152 29.45 -12.07 -56.72
CA LEU A 152 30.19 -13.24 -57.21
C LEU A 152 29.27 -14.39 -57.50
N THR A 153 28.39 -14.62 -56.56
CA THR A 153 27.48 -15.70 -56.76
C THR A 153 26.67 -15.56 -58.02
N GLU A 154 26.21 -14.36 -58.31
CA GLU A 154 25.42 -14.21 -59.52
C GLU A 154 26.27 -14.32 -60.77
N ARG A 155 27.57 -14.06 -60.66
CA ARG A 155 28.41 -14.19 -61.83
C ARG A 155 28.80 -15.65 -62.02
N GLY A 156 28.25 -16.51 -61.16
CA GLY A 156 28.53 -17.94 -61.20
C GLY A 156 29.74 -18.47 -60.42
N VAL A 157 30.46 -17.63 -59.69
CA VAL A 157 31.59 -18.11 -58.93
C VAL A 157 31.12 -19.03 -57.83
N LYS A 158 31.85 -20.11 -57.57
CA LYS A 158 31.44 -21.01 -56.51
C LYS A 158 32.24 -20.96 -55.24
N PHE A 159 31.54 -21.08 -54.13
CA PHE A 159 32.17 -21.05 -52.83
C PHE A 159 32.26 -22.39 -52.12
N PHE A 160 33.33 -22.64 -51.36
CA PHE A 160 33.41 -23.92 -50.67
C PHE A 160 34.14 -23.66 -49.41
N LEU A 161 33.56 -24.20 -48.36
CA LEU A 161 34.15 -24.06 -47.06
C LEU A 161 35.15 -25.19 -47.02
N ARG A 162 36.44 -24.86 -47.13
CA ARG A 162 37.52 -25.84 -47.15
C ARG A 162 38.83 -25.36 -46.61
N LYS A 163 39.44 -26.05 -45.65
CA LYS A 163 40.73 -25.61 -45.16
C LYS A 163 41.74 -26.20 -46.14
N VAL A 164 42.49 -25.37 -46.84
CA VAL A 164 43.49 -25.89 -47.76
C VAL A 164 44.74 -26.21 -46.97
N GLU A 165 45.24 -27.40 -47.25
CA GLU A 165 46.43 -27.92 -46.60
C GLU A 165 47.74 -27.53 -47.19
N SER A 166 47.72 -27.32 -48.49
CA SER A 166 48.92 -26.98 -49.23
C SER A 166 48.50 -26.60 -50.63
N PHE A 167 49.38 -25.89 -51.32
CA PHE A 167 49.01 -25.52 -52.66
C PHE A 167 49.00 -26.77 -53.51
N GLU A 168 49.87 -27.70 -53.12
CA GLU A 168 50.00 -28.94 -53.86
C GLU A 168 48.63 -29.59 -53.95
N GLU A 169 47.98 -29.69 -52.80
CA GLU A 169 46.66 -30.26 -52.70
C GLU A 169 45.74 -29.59 -53.71
N VAL A 170 45.85 -28.28 -53.84
CA VAL A 170 44.98 -27.59 -54.78
C VAL A 170 45.33 -27.78 -56.24
N ALA A 171 46.63 -27.86 -56.51
CA ALA A 171 47.12 -28.03 -57.87
C ALA A 171 46.68 -29.39 -58.38
N ARG A 172 46.78 -30.39 -57.49
CA ARG A 172 46.39 -31.75 -57.82
C ARG A 172 44.91 -31.78 -58.18
N GLY A 173 44.16 -30.84 -57.62
CA GLY A 173 42.73 -30.73 -57.89
C GLY A 173 42.49 -30.07 -59.25
N GLY A 174 43.51 -29.94 -60.07
CA GLY A 174 43.31 -29.31 -61.37
C GLY A 174 43.28 -27.79 -61.47
N ALA A 175 43.73 -27.07 -60.45
CA ALA A 175 43.72 -25.61 -60.55
C ALA A 175 44.84 -25.14 -61.49
N ASP A 176 44.50 -24.34 -62.50
CA ASP A 176 45.50 -23.83 -63.43
C ASP A 176 46.24 -22.68 -62.76
N VAL A 177 45.49 -21.92 -61.97
CA VAL A 177 46.03 -20.77 -61.24
C VAL A 177 45.36 -20.75 -59.89
N ILE A 178 46.12 -20.26 -58.93
CA ILE A 178 45.69 -20.16 -57.56
C ILE A 178 46.10 -18.83 -57.01
N ILE A 179 45.11 -18.18 -56.40
CA ILE A 179 45.32 -16.87 -55.81
C ILE A 179 45.31 -17.02 -54.31
N ASN A 180 46.45 -16.73 -53.72
CA ASN A 180 46.58 -16.86 -52.28
C ASN A 180 46.19 -15.55 -51.59
N CYS A 181 45.07 -15.56 -50.86
CA CYS A 181 44.57 -14.39 -50.15
C CYS A 181 44.18 -14.82 -48.76
N THR A 182 45.11 -15.53 -48.15
CA THR A 182 44.98 -16.08 -46.81
C THR A 182 45.21 -15.18 -45.60
N GLY A 183 45.52 -13.90 -45.81
CA GLY A 183 45.73 -13.00 -44.67
C GLY A 183 46.76 -13.49 -43.67
N VAL A 184 46.63 -13.23 -42.38
CA VAL A 184 47.65 -13.73 -41.47
C VAL A 184 47.94 -15.22 -41.54
N TRP A 185 47.05 -16.02 -42.07
CA TRP A 185 47.33 -17.45 -42.12
C TRP A 185 48.11 -17.97 -43.30
N ALA A 186 48.56 -17.07 -44.15
CA ALA A 186 49.31 -17.44 -45.34
C ALA A 186 50.59 -18.24 -45.06
N GLY A 187 51.19 -18.00 -43.91
CA GLY A 187 52.42 -18.65 -43.48
C GLY A 187 52.27 -20.16 -43.47
N VAL A 188 51.06 -20.58 -43.16
CA VAL A 188 50.76 -21.99 -43.14
C VAL A 188 50.93 -22.64 -44.49
N LEU A 189 50.51 -21.98 -45.57
CA LEU A 189 50.67 -22.61 -46.86
C LEU A 189 52.09 -22.47 -47.37
N GLN A 190 52.84 -21.60 -46.73
CA GLN A 190 54.21 -21.35 -47.13
C GLN A 190 54.70 -20.23 -46.25
N PRO A 191 55.69 -20.61 -45.47
CA PRO A 191 56.36 -19.77 -44.49
C PRO A 191 56.81 -18.43 -45.03
N ASP A 192 56.61 -17.45 -44.16
CA ASP A 192 56.97 -16.08 -44.47
C ASP A 192 57.09 -15.56 -43.07
N PRO A 193 58.35 -15.40 -42.74
CA PRO A 193 58.81 -14.92 -41.45
C PRO A 193 58.55 -13.43 -41.30
N LEU A 194 58.25 -12.77 -42.42
CA LEU A 194 57.96 -11.34 -42.35
C LEU A 194 56.55 -11.07 -41.87
N LEU A 195 55.70 -12.06 -42.08
CA LEU A 195 54.30 -12.02 -41.72
C LEU A 195 54.04 -12.33 -40.26
N GLN A 196 53.27 -11.46 -39.61
CA GLN A 196 52.91 -11.61 -38.22
C GLN A 196 51.55 -11.06 -37.89
N PRO A 197 50.91 -11.65 -36.89
CA PRO A 197 49.59 -11.17 -36.52
C PRO A 197 49.70 -9.89 -35.72
N GLY A 198 48.90 -8.89 -36.07
CA GLY A 198 48.90 -7.62 -35.34
C GLY A 198 47.55 -7.76 -34.65
N ARG A 199 47.50 -8.35 -33.47
CA ARG A 199 46.20 -8.49 -32.84
C ARG A 199 45.52 -7.19 -32.44
N GLY A 200 44.19 -7.16 -32.49
CA GLY A 200 43.46 -5.97 -32.08
C GLY A 200 42.04 -6.31 -31.62
N GLN A 201 41.60 -5.78 -30.47
CA GLN A 201 40.23 -6.01 -29.98
C GLN A 201 39.45 -4.72 -30.25
N ILE A 202 38.13 -4.82 -30.26
CA ILE A 202 37.32 -3.63 -30.45
C ILE A 202 36.07 -3.87 -29.66
N ILE A 203 35.31 -2.81 -29.44
CA ILE A 203 34.07 -2.98 -28.71
C ILE A 203 33.11 -2.24 -29.61
N LYS A 204 31.99 -2.90 -29.89
CA LYS A 204 30.97 -2.29 -30.72
C LYS A 204 30.01 -1.72 -29.75
N VAL A 205 29.59 -0.52 -30.05
CA VAL A 205 28.67 0.15 -29.14
C VAL A 205 27.56 0.85 -29.89
N ASP A 206 26.44 0.99 -29.21
CA ASP A 206 25.33 1.69 -29.82
C ASP A 206 25.38 3.12 -29.28
N ALA A 207 25.70 4.10 -30.12
CA ALA A 207 25.76 5.49 -29.67
C ALA A 207 25.64 6.27 -30.98
N PRO A 208 24.41 6.38 -31.43
CA PRO A 208 24.06 7.06 -32.66
C PRO A 208 24.29 8.55 -32.69
N TRP A 209 24.42 9.19 -31.54
CA TRP A 209 24.65 10.61 -31.65
C TRP A 209 26.03 10.94 -32.13
N LEU A 210 26.93 9.97 -32.22
CA LEU A 210 28.29 10.23 -32.68
C LEU A 210 28.35 10.12 -34.18
N LYS A 211 28.53 11.24 -34.85
CA LYS A 211 28.57 11.28 -36.31
C LYS A 211 29.94 11.38 -36.94
N ASN A 212 30.99 11.59 -36.16
CA ASN A 212 32.29 11.74 -36.79
C ASN A 212 33.28 10.80 -36.15
N PHE A 213 34.29 10.43 -36.93
CA PHE A 213 35.31 9.54 -36.41
C PHE A 213 36.33 10.34 -35.65
N ILE A 214 37.01 9.68 -34.73
CA ILE A 214 38.02 10.40 -33.97
C ILE A 214 39.08 9.38 -33.73
N ILE A 215 40.28 9.76 -34.14
CA ILE A 215 41.37 8.82 -33.98
C ILE A 215 42.52 9.55 -33.37
N THR A 216 42.90 8.95 -32.26
CA THR A 216 43.99 9.40 -31.45
C THR A 216 45.28 8.71 -31.77
N HIS A 217 46.39 9.41 -31.57
CA HIS A 217 47.67 8.77 -31.84
C HIS A 217 48.69 9.00 -30.75
N ASP A 218 49.44 7.96 -30.42
CA ASP A 218 50.47 8.07 -29.39
C ASP A 218 51.65 7.48 -30.12
N LEU A 219 52.59 8.37 -30.37
CA LEU A 219 53.79 8.01 -31.09
C LEU A 219 54.70 7.01 -30.41
N GLU A 220 54.79 7.12 -29.10
CA GLU A 220 55.65 6.20 -28.38
C GLU A 220 55.05 4.83 -28.43
N ARG A 221 53.78 4.81 -28.09
CA ARG A 221 52.99 3.61 -28.01
C ARG A 221 52.65 2.80 -29.27
N GLY A 222 52.91 3.33 -30.46
CA GLY A 222 52.62 2.63 -31.72
C GLY A 222 51.25 2.87 -32.35
N ILE A 223 51.15 2.68 -33.66
CA ILE A 223 49.88 2.92 -34.32
C ILE A 223 48.78 2.02 -33.82
N TYR A 224 47.60 2.60 -33.68
CA TYR A 224 46.42 1.91 -33.21
C TYR A 224 46.41 1.44 -31.78
N ASN A 225 47.43 1.88 -31.06
CA ASN A 225 47.56 1.58 -29.64
C ASN A 225 47.07 2.77 -28.89
N SER A 226 45.97 3.34 -29.35
CA SER A 226 45.48 4.51 -28.67
C SER A 226 44.03 4.55 -29.09
N PRO A 227 43.19 5.10 -28.23
CA PRO A 227 41.76 5.17 -28.48
C PRO A 227 41.35 5.80 -29.78
N TYR A 228 40.31 5.21 -30.32
CA TYR A 228 39.75 5.69 -31.55
C TYR A 228 38.30 5.29 -31.49
N ILE A 229 37.47 6.10 -32.15
CA ILE A 229 36.03 5.88 -32.17
C ILE A 229 35.64 6.11 -33.60
N ILE A 230 34.91 5.15 -34.14
CA ILE A 230 34.52 5.26 -35.53
C ILE A 230 33.13 4.71 -35.75
N PRO A 231 32.28 5.66 -36.11
CA PRO A 231 30.88 5.41 -36.39
C PRO A 231 30.82 4.51 -37.59
N GLY A 232 29.83 3.64 -37.69
CA GLY A 232 29.76 2.76 -38.83
C GLY A 232 28.33 2.95 -39.28
N LEU A 233 27.82 2.07 -40.12
CA LEU A 233 26.46 2.23 -40.57
C LEU A 233 25.46 2.11 -39.42
N GLN A 234 25.52 1.02 -38.67
CA GLN A 234 24.62 0.83 -37.55
C GLN A 234 25.19 1.01 -36.14
N ALA A 235 26.49 0.82 -35.95
CA ALA A 235 27.02 0.99 -34.61
C ALA A 235 28.35 1.66 -34.62
N VAL A 236 28.81 1.97 -33.43
CA VAL A 236 30.08 2.64 -33.29
C VAL A 236 31.15 1.68 -32.85
N THR A 237 32.31 1.79 -33.47
CA THR A 237 33.40 0.92 -33.08
C THR A 237 34.37 1.67 -32.20
N LEU A 238 34.61 1.12 -31.01
CA LEU A 238 35.56 1.67 -30.07
C LEU A 238 36.81 0.87 -30.23
N GLY A 239 37.94 1.52 -30.17
CA GLY A 239 39.07 0.68 -30.35
C GLY A 239 40.32 1.30 -29.79
N GLY A 240 41.36 0.53 -30.09
CA GLY A 240 42.65 0.94 -29.65
C GLY A 240 43.72 -0.11 -29.43
N THR A 241 43.82 -1.24 -30.13
CA THR A 241 44.97 -2.12 -29.77
C THR A 241 45.60 -2.74 -31.00
N PHE A 242 46.91 -2.84 -30.98
CA PHE A 242 47.60 -3.40 -32.13
C PHE A 242 48.79 -4.05 -31.43
N GLN A 243 48.81 -5.38 -31.35
CA GLN A 243 49.86 -6.14 -30.66
C GLN A 243 50.48 -7.16 -31.57
N VAL A 244 51.68 -6.83 -32.02
CA VAL A 244 52.40 -7.72 -32.93
C VAL A 244 52.87 -9.00 -32.27
N GLY A 245 52.66 -10.09 -33.00
CA GLY A 245 53.06 -11.40 -32.49
C GLY A 245 52.03 -11.99 -31.55
N ASN A 246 51.01 -11.26 -31.13
CA ASN A 246 50.06 -11.92 -30.24
C ASN A 246 49.00 -12.67 -31.04
N TRP A 247 48.90 -13.98 -30.79
CA TRP A 247 47.93 -14.84 -31.44
C TRP A 247 46.69 -15.20 -30.67
N ASN A 248 46.48 -14.57 -29.52
CA ASN A 248 45.30 -14.86 -28.74
C ASN A 248 44.00 -14.41 -29.41
N GLU A 249 43.15 -15.34 -29.83
CA GLU A 249 41.92 -14.92 -30.48
C GLU A 249 40.73 -14.60 -29.61
N ILE A 250 40.95 -14.78 -28.32
CA ILE A 250 39.95 -14.52 -27.30
C ILE A 250 39.94 -13.07 -26.87
N ASN A 251 38.75 -12.51 -26.69
CA ASN A 251 38.72 -11.14 -26.26
C ASN A 251 39.20 -11.16 -24.83
N ASN A 252 40.07 -10.22 -24.46
CA ASN A 252 40.50 -10.19 -23.07
C ASN A 252 39.95 -8.98 -22.35
N ILE A 253 39.60 -9.14 -21.09
CA ILE A 253 39.08 -8.04 -20.29
C ILE A 253 40.08 -6.92 -20.07
N GLN A 254 41.34 -7.19 -20.15
CA GLN A 254 42.16 -6.02 -19.93
C GLN A 254 42.11 -5.05 -21.06
N ASP A 255 42.12 -5.61 -22.24
CA ASP A 255 42.08 -4.77 -23.41
C ASP A 255 40.76 -4.04 -23.42
N HIS A 256 39.73 -4.78 -23.07
CA HIS A 256 38.43 -4.17 -23.04
C HIS A 256 38.46 -2.98 -22.10
N ASN A 257 38.97 -3.17 -20.91
CA ASN A 257 38.98 -2.01 -20.03
C ASN A 257 39.82 -0.87 -20.52
N THR A 258 40.96 -1.13 -21.11
CA THR A 258 41.71 0.05 -21.49
C THR A 258 41.08 0.77 -22.66
N ILE A 259 40.45 0.02 -23.54
CA ILE A 259 39.80 0.64 -24.69
C ILE A 259 38.62 1.44 -24.20
N TRP A 260 37.84 0.83 -23.32
CA TRP A 260 36.69 1.53 -22.82
C TRP A 260 37.03 2.77 -22.06
N GLU A 261 37.95 2.68 -21.12
CA GLU A 261 38.25 3.88 -20.38
C GLU A 261 38.92 4.94 -21.22
N GLY A 262 39.69 4.55 -22.21
CA GLY A 262 40.34 5.58 -23.00
C GLY A 262 39.33 6.35 -23.82
N CYS A 263 38.45 5.61 -24.47
CA CYS A 263 37.45 6.25 -25.29
C CYS A 263 36.51 7.06 -24.44
N CYS A 264 36.12 6.44 -23.34
CA CYS A 264 35.20 7.09 -22.45
C CYS A 264 35.78 8.41 -21.99
N ARG A 265 37.09 8.55 -21.96
CA ARG A 265 37.76 9.79 -21.53
C ARG A 265 37.83 10.81 -22.64
N LEU A 266 37.92 10.29 -23.84
CA LEU A 266 37.97 11.09 -25.05
C LEU A 266 36.56 11.54 -25.46
N GLU A 267 35.53 10.77 -25.11
CA GLU A 267 34.19 11.16 -25.50
C GLU A 267 33.37 10.62 -24.35
N PRO A 268 33.23 11.48 -23.36
CA PRO A 268 32.51 11.22 -22.13
C PRO A 268 31.06 10.87 -22.32
N THR A 269 30.49 11.24 -23.44
CA THR A 269 29.09 10.89 -23.58
C THR A 269 28.91 9.40 -23.74
N LEU A 270 30.02 8.67 -23.92
CA LEU A 270 29.95 7.21 -24.09
C LEU A 270 29.36 6.56 -22.86
N LYS A 271 29.37 7.34 -21.80
CA LYS A 271 28.86 7.00 -20.50
C LYS A 271 27.51 6.32 -20.69
N ASP A 272 26.70 6.81 -21.61
CA ASP A 272 25.38 6.22 -21.86
C ASP A 272 25.31 5.22 -23.01
N ALA A 273 26.42 4.86 -23.64
CA ALA A 273 26.35 3.93 -24.76
C ALA A 273 26.08 2.48 -24.34
N LYS A 274 25.31 1.71 -25.10
CA LYS A 274 25.02 0.32 -24.81
C LYS A 274 26.12 -0.49 -25.49
N ILE A 275 26.77 -1.42 -24.80
CA ILE A 275 27.81 -2.20 -25.47
C ILE A 275 27.12 -3.30 -26.23
N VAL A 276 27.36 -3.47 -27.52
CA VAL A 276 26.68 -4.55 -28.23
C VAL A 276 27.54 -5.78 -28.47
N GLY A 277 28.85 -5.64 -28.35
CA GLY A 277 29.73 -6.78 -28.58
C GLY A 277 31.21 -6.43 -28.57
N GLU A 278 32.06 -7.45 -28.55
CA GLU A 278 33.51 -7.24 -28.57
C GLU A 278 34.07 -8.28 -29.48
N TYR A 279 35.16 -7.94 -30.15
CA TYR A 279 35.70 -8.90 -31.07
C TYR A 279 37.19 -8.67 -31.14
N THR A 280 37.94 -9.68 -31.61
CA THR A 280 39.37 -9.46 -31.72
C THR A 280 39.70 -10.08 -33.09
N GLY A 281 40.81 -9.65 -33.69
CA GLY A 281 41.19 -10.16 -34.99
C GLY A 281 42.66 -9.81 -35.19
N PHE A 282 43.24 -10.46 -36.19
CA PHE A 282 44.63 -10.28 -36.53
C PHE A 282 44.99 -9.48 -37.78
N ARG A 283 45.58 -8.31 -37.64
CA ARG A 283 45.94 -7.60 -38.87
C ARG A 283 47.06 -8.46 -39.47
N PRO A 284 47.07 -8.71 -40.77
CA PRO A 284 48.18 -9.52 -41.31
C PRO A 284 49.31 -8.56 -41.53
N VAL A 285 50.09 -8.36 -40.49
CA VAL A 285 51.23 -7.47 -40.52
C VAL A 285 52.43 -7.98 -41.32
N ARG A 286 53.01 -7.11 -42.12
CA ARG A 286 54.15 -7.46 -42.95
C ARG A 286 54.70 -6.12 -43.38
N PRO A 287 56.00 -6.03 -43.65
CA PRO A 287 56.61 -4.77 -44.05
C PRO A 287 56.10 -4.22 -45.37
N GLN A 288 55.53 -5.09 -46.17
CA GLN A 288 55.00 -4.67 -47.45
C GLN A 288 54.12 -5.79 -47.94
N VAL A 289 53.08 -5.37 -48.64
CA VAL A 289 52.15 -6.36 -49.13
C VAL A 289 52.91 -7.32 -49.99
N ARG A 290 52.61 -8.60 -49.83
CA ARG A 290 53.29 -9.55 -50.68
C ARG A 290 52.29 -9.70 -51.80
N LEU A 291 52.64 -9.25 -52.99
CA LEU A 291 51.73 -9.38 -54.11
C LEU A 291 52.65 -9.65 -55.28
N GLU A 292 52.68 -10.93 -55.65
CA GLU A 292 53.55 -11.38 -56.72
C GLU A 292 53.21 -12.79 -57.12
N ARG A 293 53.59 -13.07 -58.37
CA ARG A 293 53.42 -14.34 -59.03
C ARG A 293 54.56 -15.28 -58.73
N GLU A 294 54.27 -16.57 -58.71
CA GLU A 294 55.32 -17.52 -58.41
C GLU A 294 54.86 -18.80 -59.06
N GLN A 295 55.76 -19.49 -59.75
CA GLN A 295 55.33 -20.72 -60.38
C GLN A 295 55.67 -21.91 -59.52
N LEU A 296 54.89 -22.97 -59.66
CA LEU A 296 55.19 -24.13 -58.85
C LEU A 296 54.97 -25.38 -59.65
N ARG A 297 56.06 -26.14 -59.65
CA ARG A 297 56.16 -27.43 -60.32
C ARG A 297 55.66 -28.50 -59.36
N PHE A 298 54.69 -29.28 -59.83
CA PHE A 298 54.13 -30.38 -59.04
C PHE A 298 54.07 -31.47 -60.09
N GLY A 299 55.26 -32.07 -60.11
CA GLY A 299 55.74 -33.14 -60.96
C GLY A 299 55.93 -32.43 -62.29
N SER A 300 54.93 -32.62 -63.16
CA SER A 300 54.85 -32.04 -64.49
C SER A 300 53.81 -30.94 -64.63
N SER A 301 53.63 -30.14 -63.60
CA SER A 301 52.62 -29.10 -63.75
C SER A 301 53.09 -27.83 -63.08
N ASN A 302 53.17 -26.82 -63.92
CA ASN A 302 53.57 -25.49 -63.47
C ASN A 302 52.16 -25.09 -63.07
N THR A 303 52.06 -24.42 -61.92
CA THR A 303 50.75 -24.00 -61.51
C THR A 303 51.23 -22.69 -60.96
N GLU A 304 50.59 -21.66 -61.47
CA GLU A 304 50.90 -20.30 -61.08
C GLU A 304 50.20 -20.04 -59.77
N VAL A 305 50.81 -19.19 -58.97
CA VAL A 305 50.24 -18.84 -57.69
C VAL A 305 50.46 -17.35 -57.70
N ILE A 306 49.47 -16.62 -57.24
CA ILE A 306 49.67 -15.19 -57.24
C ILE A 306 49.25 -14.92 -55.82
N HIS A 307 50.19 -14.31 -55.12
CA HIS A 307 49.99 -13.94 -53.74
C HIS A 307 49.43 -12.57 -53.55
N ASN A 308 48.63 -12.43 -52.51
CA ASN A 308 48.10 -11.11 -52.25
C ASN A 308 47.74 -11.16 -50.79
N TYR A 309 48.69 -10.78 -49.94
CA TYR A 309 48.40 -10.82 -48.53
C TYR A 309 49.41 -9.95 -47.83
N GLY A 310 49.18 -9.67 -46.55
CA GLY A 310 50.06 -8.80 -45.78
C GLY A 310 49.58 -7.36 -45.67
N HIS A 311 48.27 -7.16 -45.75
CA HIS A 311 47.72 -5.81 -45.66
C HIS A 311 47.61 -5.05 -44.36
N GLY A 312 48.10 -5.62 -43.27
CA GLY A 312 48.02 -4.93 -41.99
C GLY A 312 46.69 -4.28 -41.66
N GLY A 313 46.81 -3.11 -41.07
CA GLY A 313 45.70 -2.24 -40.66
C GLY A 313 45.19 -1.44 -41.85
N TYR A 314 45.35 -1.95 -43.06
CA TYR A 314 44.88 -1.19 -44.19
C TYR A 314 44.32 -1.98 -45.36
N GLY A 315 43.89 -3.20 -45.10
CA GLY A 315 43.34 -4.01 -46.18
C GLY A 315 42.10 -3.40 -46.83
N LEU A 316 41.23 -2.79 -46.04
CA LEU A 316 40.05 -2.20 -46.66
C LEU A 316 40.46 -1.00 -47.47
N THR A 317 41.33 -0.21 -46.86
CA THR A 317 41.82 0.99 -47.49
C THR A 317 42.50 0.83 -48.84
N ILE A 318 43.05 -0.34 -49.14
CA ILE A 318 43.78 -0.54 -50.39
C ILE A 318 43.42 -1.75 -51.25
N HIS A 319 42.46 -2.52 -50.79
CA HIS A 319 42.08 -3.71 -51.52
C HIS A 319 41.84 -3.60 -53.01
N TRP A 320 41.28 -2.48 -53.45
CA TRP A 320 41.00 -2.40 -54.88
C TRP A 320 42.23 -2.26 -55.74
N GLY A 321 43.19 -1.49 -55.26
CA GLY A 321 44.41 -1.32 -56.05
C GLY A 321 45.04 -2.70 -56.21
N CYS A 322 45.10 -3.47 -55.14
CA CYS A 322 45.69 -4.79 -55.23
C CYS A 322 44.92 -5.72 -56.15
N ALA A 323 43.60 -5.69 -56.06
CA ALA A 323 42.80 -6.57 -56.90
C ALA A 323 43.13 -6.26 -58.34
N LEU A 324 43.33 -4.99 -58.64
CA LEU A 324 43.66 -4.63 -60.00
C LEU A 324 45.02 -5.18 -60.39
N GLU A 325 45.98 -5.02 -59.49
CA GLU A 325 47.31 -5.50 -59.78
C GLU A 325 47.25 -7.01 -60.03
N VAL A 326 46.51 -7.72 -59.20
CA VAL A 326 46.45 -9.14 -59.45
C VAL A 326 45.85 -9.44 -60.81
N ALA A 327 44.83 -8.70 -61.22
CA ALA A 327 44.21 -8.97 -62.51
C ALA A 327 45.26 -8.83 -63.61
N LYS A 328 46.13 -7.84 -63.43
CA LYS A 328 47.21 -7.56 -64.36
C LYS A 328 48.17 -8.75 -64.44
N LEU A 329 48.62 -9.27 -63.31
CA LEU A 329 49.53 -10.40 -63.37
C LEU A 329 48.81 -11.57 -64.02
N PHE A 330 47.54 -11.70 -63.70
CA PHE A 330 46.79 -12.81 -64.27
C PHE A 330 46.76 -12.61 -65.77
N GLY A 331 46.73 -11.35 -66.18
CA GLY A 331 46.70 -11.07 -67.60
C GLY A 331 47.96 -11.66 -68.22
N LYS A 332 49.12 -11.40 -67.62
CA LYS A 332 50.34 -11.95 -68.17
C LYS A 332 50.31 -13.45 -68.23
N VAL A 333 49.83 -14.06 -67.16
CA VAL A 333 49.76 -15.52 -67.15
C VAL A 333 48.96 -15.96 -68.34
N LEU A 334 47.99 -15.15 -68.73
CA LEU A 334 47.20 -15.54 -69.87
C LEU A 334 47.96 -15.38 -71.17
N GLU A 335 48.73 -14.32 -71.29
CA GLU A 335 49.43 -14.19 -72.55
C GLU A 335 50.52 -15.22 -72.70
N GLU A 336 51.04 -15.70 -71.58
CA GLU A 336 52.09 -16.70 -71.66
C GLU A 336 51.40 -17.98 -72.13
N ARG A 337 50.27 -18.33 -71.53
CA ARG A 337 49.56 -19.53 -71.95
C ARG A 337 48.92 -19.28 -73.32
N ASN A 338 49.10 -18.07 -73.89
CA ASN A 338 48.56 -17.70 -75.20
C ASN A 338 47.04 -17.58 -75.25
N LEU A 339 46.51 -17.01 -74.16
CA LEU A 339 45.08 -16.79 -73.92
C LEU A 339 44.40 -18.15 -73.81
N MET B 1 -13.67 -6.65 -67.16
CA MET B 1 -14.50 -5.47 -66.94
C MET B 1 -13.74 -4.46 -66.12
N ARG B 2 -14.23 -3.24 -66.12
CA ARG B 2 -13.61 -2.21 -65.32
C ARG B 2 -14.13 -2.28 -63.89
N VAL B 3 -13.20 -2.30 -62.94
CA VAL B 3 -13.60 -2.36 -61.54
C VAL B 3 -12.70 -1.29 -60.97
N VAL B 4 -13.25 -0.55 -60.01
CA VAL B 4 -12.50 0.51 -59.39
C VAL B 4 -12.83 0.45 -57.92
N VAL B 5 -11.75 0.39 -57.16
CA VAL B 5 -11.85 0.33 -55.73
C VAL B 5 -11.48 1.72 -55.28
N ILE B 6 -12.28 2.25 -54.37
CA ILE B 6 -12.00 3.57 -53.85
C ILE B 6 -11.57 3.32 -52.42
N GLY B 7 -10.30 3.58 -52.14
CA GLY B 7 -9.83 3.37 -50.79
C GLY B 7 -8.54 2.55 -50.91
N ALA B 8 -7.54 2.89 -50.11
CA ALA B 8 -6.27 2.18 -50.15
C ALA B 8 -5.82 1.86 -48.72
N GLY B 9 -6.82 1.71 -47.85
CA GLY B 9 -6.62 1.38 -46.44
C GLY B 9 -6.63 -0.14 -46.47
N VAL B 10 -6.64 -0.78 -45.31
CA VAL B 10 -6.63 -2.24 -45.32
C VAL B 10 -7.83 -2.85 -46.02
N ILE B 11 -8.98 -2.19 -45.92
CA ILE B 11 -10.18 -2.73 -46.55
C ILE B 11 -10.09 -2.68 -48.06
N GLY B 12 -9.73 -1.53 -48.61
CA GLY B 12 -9.64 -1.43 -50.06
C GLY B 12 -8.61 -2.38 -50.66
N LEU B 13 -7.38 -2.34 -50.16
CA LEU B 13 -6.37 -3.23 -50.72
C LEU B 13 -6.66 -4.70 -50.52
N SER B 14 -7.12 -5.11 -49.35
CA SER B 14 -7.38 -6.53 -49.22
C SER B 14 -8.51 -6.94 -50.13
N THR B 15 -9.51 -6.09 -50.23
CA THR B 15 -10.62 -6.45 -51.09
C THR B 15 -10.18 -6.55 -52.53
N ALA B 16 -9.41 -5.59 -53.00
CA ALA B 16 -8.96 -5.63 -54.38
C ALA B 16 -8.20 -6.89 -54.68
N LEU B 17 -7.29 -7.23 -53.80
CA LEU B 17 -6.49 -8.41 -54.01
C LEU B 17 -7.33 -9.65 -53.98
N CYS B 18 -8.23 -9.63 -53.04
CA CYS B 18 -9.08 -10.79 -52.88
C CYS B 18 -9.83 -11.13 -54.14
N ILE B 19 -10.42 -10.12 -54.74
CA ILE B 19 -11.17 -10.31 -55.96
C ILE B 19 -10.31 -10.65 -57.15
N HIS B 20 -9.26 -9.89 -57.30
CA HIS B 20 -8.41 -10.14 -58.42
C HIS B 20 -7.87 -11.55 -58.30
N GLU B 21 -7.53 -11.92 -57.07
CA GLU B 21 -7.00 -13.24 -56.85
C GLU B 21 -8.05 -14.24 -57.32
N ARG B 22 -9.32 -14.03 -57.05
CA ARG B 22 -10.31 -14.99 -57.51
C ARG B 22 -10.80 -14.98 -58.94
N TYR B 23 -10.91 -13.79 -59.49
CA TYR B 23 -11.39 -13.66 -60.86
C TYR B 23 -10.49 -13.42 -62.05
N HIS B 24 -9.23 -13.03 -61.84
CA HIS B 24 -8.38 -12.76 -63.00
C HIS B 24 -8.37 -13.89 -64.02
N SER B 25 -8.42 -15.10 -63.49
CA SER B 25 -8.37 -16.36 -64.24
C SER B 25 -9.59 -16.51 -65.14
N VAL B 26 -10.75 -16.41 -64.48
CA VAL B 26 -12.09 -16.50 -65.05
C VAL B 26 -12.44 -15.37 -66.02
N LEU B 27 -12.43 -14.12 -65.55
CA LEU B 27 -12.73 -13.03 -66.47
C LEU B 27 -11.44 -12.80 -67.20
N GLN B 28 -11.49 -12.89 -68.52
CA GLN B 28 -10.25 -12.66 -69.23
C GLN B 28 -9.94 -11.22 -68.91
N PRO B 29 -10.77 -10.30 -69.39
CA PRO B 29 -10.49 -8.91 -69.08
C PRO B 29 -10.91 -8.69 -67.62
N LEU B 30 -10.03 -8.04 -66.85
CA LEU B 30 -10.40 -7.76 -65.49
C LEU B 30 -9.46 -6.62 -65.17
N ASP B 31 -10.02 -5.42 -65.30
CA ASP B 31 -9.27 -4.21 -65.04
C ASP B 31 -9.52 -3.56 -63.70
N VAL B 32 -8.60 -3.81 -62.78
CA VAL B 32 -8.74 -3.20 -61.47
C VAL B 32 -7.90 -1.96 -61.34
N LYS B 33 -8.45 -0.94 -60.69
CA LYS B 33 -7.70 0.28 -60.52
C LYS B 33 -8.12 0.69 -59.14
N VAL B 34 -7.22 1.40 -58.47
CA VAL B 34 -7.54 1.82 -57.13
C VAL B 34 -7.30 3.30 -57.04
N TYR B 35 -8.36 3.97 -56.61
CA TYR B 35 -8.30 5.39 -56.43
C TYR B 35 -8.33 5.66 -54.96
N ALA B 36 -7.55 6.64 -54.53
CA ALA B 36 -7.52 6.98 -53.12
C ALA B 36 -6.85 8.33 -53.03
N ASP B 37 -7.31 9.15 -52.09
CA ASP B 37 -6.72 10.46 -51.92
C ASP B 37 -5.58 10.38 -50.91
N ARG B 38 -5.43 9.20 -50.28
CA ARG B 38 -4.36 9.03 -49.31
C ARG B 38 -3.94 7.58 -49.33
N PHE B 39 -2.63 7.41 -49.43
CA PHE B 39 -1.97 6.11 -49.43
C PHE B 39 -1.18 6.06 -48.15
N THR B 40 -0.73 4.86 -47.79
CA THR B 40 0.05 4.74 -46.57
C THR B 40 1.26 5.63 -46.85
N PRO B 41 1.83 6.25 -45.84
CA PRO B 41 1.44 6.18 -44.42
C PRO B 41 0.26 7.03 -43.99
N PHE B 42 -0.47 7.58 -44.94
CA PHE B 42 -1.61 8.40 -44.54
C PHE B 42 -2.98 7.85 -44.22
N THR B 43 -3.19 6.56 -44.34
CA THR B 43 -4.50 6.02 -44.04
C THR B 43 -4.70 5.87 -42.55
N THR B 44 -5.92 5.55 -42.15
CA THR B 44 -6.24 5.36 -40.74
C THR B 44 -5.56 4.05 -40.40
N THR B 45 -5.53 3.17 -41.39
CA THR B 45 -4.93 1.87 -41.19
C THR B 45 -3.49 1.98 -40.67
N ASP B 46 -2.73 2.94 -41.16
CA ASP B 46 -1.34 3.13 -40.74
C ASP B 46 -1.22 3.49 -39.27
N VAL B 47 -2.32 3.96 -38.70
CA VAL B 47 -2.35 4.37 -37.30
C VAL B 47 -2.77 3.28 -36.33
N ALA B 48 -3.34 2.23 -36.87
CA ALA B 48 -3.80 1.14 -36.03
C ALA B 48 -2.75 0.59 -35.09
N ALA B 49 -3.22 0.27 -33.88
CA ALA B 49 -2.36 -0.29 -32.84
C ALA B 49 -1.73 -1.60 -33.35
N GLY B 50 -2.34 -2.18 -34.38
CA GLY B 50 -1.90 -3.42 -35.01
C GLY B 50 -2.38 -4.76 -34.46
N LEU B 51 -3.13 -4.75 -33.36
CA LEU B 51 -3.61 -6.00 -32.78
C LEU B 51 -4.87 -6.67 -33.30
N TRP B 52 -4.91 -8.00 -33.27
CA TRP B 52 -6.12 -8.67 -33.73
C TRP B 52 -6.93 -8.89 -32.46
N GLN B 53 -8.04 -8.19 -32.32
CA GLN B 53 -8.89 -8.35 -31.15
C GLN B 53 -10.15 -7.61 -31.42
N PRO B 54 -11.25 -8.34 -31.40
CA PRO B 54 -12.58 -7.80 -31.64
C PRO B 54 -13.03 -7.09 -30.39
N TYR B 55 -14.23 -6.52 -30.43
CA TYR B 55 -14.68 -5.86 -29.22
C TYR B 55 -15.05 -6.91 -28.19
N THR B 56 -15.25 -6.51 -26.95
CA THR B 56 -15.62 -7.43 -25.87
C THR B 56 -17.08 -7.91 -25.92
N SER B 57 -17.92 -7.00 -26.42
CA SER B 57 -19.36 -7.21 -26.60
C SER B 57 -19.70 -7.96 -27.88
N GLU B 58 -20.73 -8.80 -27.83
CA GLU B 58 -21.13 -9.64 -28.97
C GLU B 58 -21.51 -8.85 -30.20
N PRO B 59 -21.43 -9.42 -31.40
CA PRO B 59 -21.75 -8.65 -32.60
C PRO B 59 -23.21 -8.35 -33.00
N SER B 60 -23.46 -7.20 -33.64
CA SER B 60 -24.84 -6.90 -34.03
C SER B 60 -25.17 -7.88 -35.10
N ASN B 61 -24.39 -7.77 -36.17
CA ASN B 61 -24.58 -8.65 -37.27
C ASN B 61 -23.83 -9.88 -36.72
N PRO B 62 -24.32 -11.10 -36.89
CA PRO B 62 -23.62 -12.29 -36.41
C PRO B 62 -22.55 -12.71 -37.40
N GLN B 63 -22.71 -12.28 -38.64
CA GLN B 63 -21.71 -12.66 -39.61
C GLN B 63 -20.38 -12.03 -39.25
N GLU B 64 -20.43 -10.97 -38.46
CA GLU B 64 -19.19 -10.31 -38.08
C GLU B 64 -18.34 -11.30 -37.33
N ALA B 65 -18.97 -12.12 -36.50
CA ALA B 65 -18.19 -13.10 -35.77
C ALA B 65 -17.50 -14.01 -36.76
N ASN B 66 -18.21 -14.38 -37.81
CA ASN B 66 -17.52 -15.25 -38.73
C ASN B 66 -16.38 -14.55 -39.41
N TRP B 67 -16.65 -13.35 -39.89
CA TRP B 67 -15.61 -12.64 -40.59
C TRP B 67 -14.36 -12.52 -39.78
N ASN B 68 -14.54 -12.33 -38.48
CA ASN B 68 -13.39 -12.22 -37.62
C ASN B 68 -12.63 -13.51 -37.59
N GLN B 69 -13.38 -14.58 -37.43
CA GLN B 69 -12.74 -15.87 -37.37
C GLN B 69 -12.01 -16.20 -38.64
N GLN B 70 -12.64 -15.95 -39.79
CA GLN B 70 -11.96 -16.25 -41.03
C GLN B 70 -10.70 -15.43 -41.14
N THR B 71 -10.73 -14.23 -40.59
CA THR B 71 -9.55 -13.40 -40.68
C THR B 71 -8.41 -14.01 -39.85
N PHE B 72 -8.71 -14.41 -38.63
CA PHE B 72 -7.66 -14.98 -37.79
C PHE B 72 -7.07 -16.25 -38.38
N ASN B 73 -7.90 -17.12 -38.91
CA ASN B 73 -7.31 -18.33 -39.46
C ASN B 73 -6.51 -18.02 -40.67
N TYR B 74 -6.96 -17.05 -41.44
CA TYR B 74 -6.20 -16.72 -42.62
C TYR B 74 -4.84 -16.22 -42.19
N LEU B 75 -4.81 -15.36 -41.18
CA LEU B 75 -3.55 -14.84 -40.73
C LEU B 75 -2.72 -15.95 -40.16
N LEU B 76 -3.26 -16.75 -39.24
CA LEU B 76 -2.43 -17.83 -38.74
C LEU B 76 -1.84 -18.73 -39.78
N SER B 77 -2.55 -18.94 -40.88
CA SER B 77 -2.01 -19.83 -41.89
C SER B 77 -0.65 -19.36 -42.37
N HIS B 78 -0.35 -18.08 -42.20
CA HIS B 78 0.94 -17.57 -42.62
C HIS B 78 2.02 -17.67 -41.61
N ILE B 79 1.65 -17.89 -40.36
CA ILE B 79 2.66 -18.00 -39.34
C ILE B 79 3.39 -19.28 -39.71
N GLY B 80 4.66 -19.16 -40.07
CA GLY B 80 5.40 -20.34 -40.45
C GLY B 80 6.13 -20.00 -41.74
N SER B 81 5.62 -19.03 -42.50
CA SER B 81 6.31 -18.72 -43.74
C SER B 81 7.41 -17.73 -43.37
N PRO B 82 8.36 -17.61 -44.27
CA PRO B 82 9.51 -16.73 -44.11
C PRO B 82 9.07 -15.29 -44.28
N ASN B 83 7.89 -15.14 -44.85
CA ASN B 83 7.35 -13.81 -45.09
C ASN B 83 6.46 -13.13 -44.09
N ALA B 84 6.01 -13.91 -43.13
CA ALA B 84 5.13 -13.42 -42.11
C ALA B 84 5.55 -12.08 -41.54
N ALA B 85 6.82 -11.92 -41.23
CA ALA B 85 7.18 -10.63 -40.68
C ALA B 85 7.17 -9.56 -41.75
N ASN B 86 7.41 -9.96 -42.98
CA ASN B 86 7.42 -8.98 -44.06
C ASN B 86 6.00 -8.52 -44.34
N MET B 87 5.01 -9.33 -44.01
CA MET B 87 3.65 -8.91 -44.26
C MET B 87 3.19 -8.11 -43.05
N GLY B 88 4.00 -8.03 -42.00
CA GLY B 88 3.55 -7.28 -40.83
C GLY B 88 3.01 -8.15 -39.70
N LEU B 89 3.13 -9.46 -39.82
CA LEU B 89 2.69 -10.41 -38.80
C LEU B 89 3.62 -11.06 -37.79
N THR B 90 3.12 -11.33 -36.60
CA THR B 90 3.80 -12.04 -35.51
C THR B 90 2.84 -12.26 -34.39
N PRO B 91 3.00 -13.40 -33.73
CA PRO B 91 2.15 -13.78 -32.60
C PRO B 91 2.51 -12.92 -31.43
N VAL B 92 1.60 -12.67 -30.49
CA VAL B 92 1.98 -11.85 -29.36
C VAL B 92 0.98 -12.40 -28.37
N SER B 93 1.39 -12.45 -27.10
CA SER B 93 0.55 -12.93 -26.04
C SER B 93 0.26 -11.75 -25.13
N GLY B 94 -0.83 -11.76 -24.38
CA GLY B 94 -0.99 -10.58 -23.57
C GLY B 94 -2.22 -10.63 -22.71
N TYR B 95 -2.36 -9.55 -21.93
CA TYR B 95 -3.46 -9.38 -21.01
C TYR B 95 -4.54 -8.35 -21.27
N ASN B 96 -5.75 -8.69 -20.88
CA ASN B 96 -6.95 -7.86 -20.91
C ASN B 96 -7.30 -7.71 -19.44
N LEU B 97 -7.15 -6.52 -18.86
CA LEU B 97 -7.45 -6.29 -17.45
C LEU B 97 -8.74 -5.54 -17.21
N PHE B 98 -9.40 -5.88 -16.12
CA PHE B 98 -10.65 -5.22 -15.80
C PHE B 98 -10.73 -5.01 -14.32
N ARG B 99 -11.61 -4.07 -14.01
CA ARG B 99 -11.89 -3.70 -12.64
C ARG B 99 -12.92 -4.56 -11.96
N GLU B 100 -13.50 -5.48 -12.73
CA GLU B 100 -14.49 -6.33 -12.12
C GLU B 100 -14.75 -7.50 -13.04
N ALA B 101 -15.39 -8.54 -12.51
CA ALA B 101 -15.68 -9.69 -13.34
C ALA B 101 -16.50 -9.26 -14.54
N VAL B 102 -16.27 -10.00 -15.61
CA VAL B 102 -16.90 -9.78 -16.87
C VAL B 102 -16.96 -11.12 -17.58
N PRO B 103 -18.00 -11.25 -18.39
CA PRO B 103 -18.20 -12.49 -19.13
C PRO B 103 -17.18 -12.68 -20.23
N ASP B 104 -16.90 -13.95 -20.51
CA ASP B 104 -15.94 -14.27 -21.55
C ASP B 104 -16.43 -13.74 -22.87
N PRO B 105 -15.49 -13.27 -23.67
CA PRO B 105 -15.79 -12.71 -24.98
C PRO B 105 -16.23 -13.80 -25.92
N TYR B 106 -17.01 -13.44 -26.92
CA TYR B 106 -17.46 -14.47 -27.84
C TYR B 106 -16.29 -15.05 -28.59
N TRP B 107 -15.18 -14.34 -28.58
CA TRP B 107 -14.01 -14.82 -29.29
C TRP B 107 -13.01 -15.69 -28.56
N LYS B 108 -13.29 -16.02 -27.31
CA LYS B 108 -12.37 -16.82 -26.53
C LYS B 108 -11.79 -18.00 -27.28
N ASP B 109 -12.62 -18.61 -28.10
CA ASP B 109 -12.15 -19.75 -28.86
C ASP B 109 -11.48 -19.48 -30.17
N MET B 110 -11.46 -18.22 -30.61
CA MET B 110 -10.81 -17.96 -31.88
C MET B 110 -9.34 -17.77 -31.62
N VAL B 111 -9.02 -17.08 -30.52
CA VAL B 111 -7.63 -16.85 -30.17
C VAL B 111 -7.03 -18.13 -29.60
N LEU B 112 -5.72 -18.10 -29.38
CA LEU B 112 -5.04 -19.25 -28.83
C LEU B 112 -4.81 -19.13 -27.35
N GLY B 113 -5.00 -20.24 -26.65
CA GLY B 113 -4.77 -20.21 -25.21
C GLY B 113 -5.54 -19.29 -24.31
N PHE B 114 -6.77 -18.95 -24.68
CA PHE B 114 -7.53 -18.06 -23.82
C PHE B 114 -7.70 -18.62 -22.41
N ARG B 115 -7.60 -17.78 -21.39
CA ARG B 115 -7.77 -18.25 -20.03
C ARG B 115 -7.82 -17.04 -19.11
N LYS B 116 -8.37 -17.22 -17.91
CA LYS B 116 -8.49 -16.15 -16.93
C LYS B 116 -7.22 -15.99 -16.11
N LEU B 117 -6.82 -14.78 -15.80
CA LEU B 117 -5.62 -14.61 -15.03
C LEU B 117 -5.80 -15.16 -13.63
N THR B 118 -4.70 -15.59 -13.05
CA THR B 118 -4.66 -16.12 -11.71
C THR B 118 -4.25 -14.93 -10.88
N PRO B 119 -4.35 -15.14 -9.58
CA PRO B 119 -3.99 -14.10 -8.65
C PRO B 119 -2.54 -13.70 -8.68
N ARG B 120 -1.59 -14.60 -8.89
CA ARG B 120 -0.21 -14.13 -8.88
C ARG B 120 -0.10 -13.24 -10.09
N GLU B 121 -0.87 -13.56 -11.12
CA GLU B 121 -0.79 -12.74 -12.31
C GLU B 121 -1.35 -11.36 -12.03
N LEU B 122 -2.53 -11.32 -11.44
CA LEU B 122 -3.12 -10.03 -11.13
C LEU B 122 -2.24 -9.23 -10.21
N ASP B 123 -1.41 -9.86 -9.39
CA ASP B 123 -0.57 -9.03 -8.53
C ASP B 123 0.40 -8.21 -9.33
N MET B 124 0.57 -8.53 -10.60
CA MET B 124 1.50 -7.72 -11.36
C MET B 124 0.82 -6.45 -11.81
N PHE B 125 -0.49 -6.37 -11.62
CA PHE B 125 -1.27 -5.20 -12.03
C PHE B 125 -2.30 -4.93 -10.94
N PRO B 126 -1.83 -4.22 -9.94
CA PRO B 126 -2.58 -3.84 -8.77
C PRO B 126 -3.91 -3.11 -8.91
N ASP B 127 -4.11 -2.21 -9.86
CA ASP B 127 -5.42 -1.57 -9.90
C ASP B 127 -6.48 -2.52 -10.49
N TYR B 128 -6.06 -3.58 -11.16
CA TYR B 128 -7.04 -4.48 -11.72
C TYR B 128 -7.43 -5.64 -10.84
N ARG B 129 -8.58 -6.26 -11.12
CA ARG B 129 -9.03 -7.38 -10.30
C ARG B 129 -9.58 -8.56 -11.09
N TYR B 130 -9.62 -8.53 -12.41
CA TYR B 130 -10.11 -9.70 -13.13
C TYR B 130 -9.48 -9.54 -14.50
N GLY B 131 -9.28 -10.63 -15.23
CA GLY B 131 -8.66 -10.44 -16.53
C GLY B 131 -8.54 -11.72 -17.31
N TRP B 132 -7.95 -11.61 -18.49
CA TRP B 132 -7.79 -12.78 -19.30
C TRP B 132 -6.40 -12.70 -19.83
N PHE B 133 -6.02 -13.78 -20.50
CA PHE B 133 -4.73 -13.92 -21.12
C PHE B 133 -4.95 -14.79 -22.33
N ASN B 134 -4.26 -14.54 -23.43
CA ASN B 134 -4.45 -15.38 -24.61
C ASN B 134 -3.38 -14.96 -25.59
N THR B 135 -3.09 -15.74 -26.61
CA THR B 135 -2.05 -15.23 -27.48
C THR B 135 -2.85 -14.87 -28.73
N SER B 136 -2.40 -13.90 -29.51
CA SER B 136 -3.13 -13.49 -30.69
C SER B 136 -2.07 -13.10 -31.70
N LEU B 137 -2.42 -12.20 -32.61
CA LEU B 137 -1.43 -11.82 -33.59
C LEU B 137 -1.43 -10.34 -33.83
N ILE B 138 -0.27 -9.87 -34.23
CA ILE B 138 -0.03 -8.50 -34.58
C ILE B 138 0.02 -8.47 -36.09
N LEU B 139 -0.54 -7.41 -36.65
CA LEU B 139 -0.55 -7.24 -38.09
C LEU B 139 -0.31 -5.75 -38.21
N GLU B 140 0.93 -5.32 -38.43
CA GLU B 140 1.13 -3.89 -38.54
C GLU B 140 0.56 -3.32 -39.80
N GLY B 141 -0.32 -2.33 -39.60
CA GLY B 141 -0.96 -1.69 -40.75
C GLY B 141 -0.03 -1.15 -41.79
N ARG B 142 0.97 -0.40 -41.38
CA ARG B 142 1.86 0.15 -42.40
C ARG B 142 2.55 -0.95 -43.18
N LYS B 143 3.10 -1.94 -42.50
CA LYS B 143 3.82 -3.01 -43.20
C LYS B 143 2.89 -3.80 -44.09
N TYR B 144 1.72 -4.12 -43.57
CA TYR B 144 0.76 -4.88 -44.34
C TYR B 144 0.29 -4.12 -45.56
N LEU B 145 0.09 -2.81 -45.41
CA LEU B 145 -0.36 -2.03 -46.55
C LEU B 145 0.71 -2.06 -47.61
N GLN B 146 1.96 -1.96 -47.20
CA GLN B 146 2.98 -2.00 -48.25
C GLN B 146 3.05 -3.36 -48.90
N TRP B 147 2.85 -4.40 -48.12
CA TRP B 147 2.91 -5.72 -48.71
C TRP B 147 1.80 -5.91 -49.71
N LEU B 148 0.57 -5.59 -49.33
CA LEU B 148 -0.54 -5.74 -50.27
C LEU B 148 -0.27 -4.87 -51.48
N THR B 149 0.31 -3.71 -51.23
CA THR B 149 0.56 -2.88 -52.38
C THR B 149 1.49 -3.54 -53.38
N GLU B 150 2.56 -4.18 -52.92
CA GLU B 150 3.46 -4.83 -53.88
C GLU B 150 2.74 -5.97 -54.53
N ARG B 151 2.00 -6.74 -53.75
CA ARG B 151 1.28 -7.85 -54.36
C ARG B 151 0.35 -7.34 -55.46
N LEU B 152 -0.41 -6.29 -55.18
CA LEU B 152 -1.34 -5.75 -56.18
C LEU B 152 -0.62 -5.23 -57.38
N THR B 153 0.42 -4.49 -57.11
CA THR B 153 1.16 -3.95 -58.21
C THR B 153 1.69 -5.01 -59.13
N GLU B 154 2.19 -6.11 -58.57
CA GLU B 154 2.70 -7.13 -59.45
C GLU B 154 1.61 -7.86 -60.19
N ARG B 155 0.39 -7.85 -59.65
CA ARG B 155 -0.69 -8.51 -60.35
C ARG B 155 -1.25 -7.58 -61.43
N GLY B 156 -0.62 -6.43 -61.56
CA GLY B 156 -1.03 -5.43 -62.54
C GLY B 156 -2.09 -4.40 -62.15
N VAL B 157 -2.54 -4.40 -60.90
CA VAL B 157 -3.53 -3.44 -60.48
C VAL B 157 -2.92 -2.05 -60.49
N LYS B 158 -3.67 -1.05 -60.92
CA LYS B 158 -3.14 0.30 -60.94
C LYS B 158 -3.63 1.23 -59.87
N PHE B 159 -2.72 2.05 -59.35
CA PHE B 159 -3.06 3.01 -58.32
C PHE B 159 -3.11 4.45 -58.78
N PHE B 160 -4.01 5.26 -58.21
CA PHE B 160 -4.06 6.64 -58.63
C PHE B 160 -4.48 7.42 -57.44
N LEU B 161 -3.74 8.50 -57.25
CA LEU B 161 -4.02 9.37 -56.14
C LEU B 161 -5.10 10.28 -56.70
N ARG B 162 -6.32 10.08 -56.23
CA ARG B 162 -7.48 10.84 -56.68
C ARG B 162 -8.62 11.00 -55.71
N LYS B 163 -9.04 12.24 -55.45
CA LYS B 163 -10.15 12.39 -54.53
C LYS B 163 -11.40 12.20 -55.39
N VAL B 164 -12.20 11.19 -55.11
CA VAL B 164 -13.42 10.99 -55.87
C VAL B 164 -14.50 11.89 -55.30
N GLU B 165 -15.17 12.65 -56.16
CA GLU B 165 -16.24 13.54 -55.72
C GLU B 165 -17.60 12.87 -55.63
N SER B 166 -17.81 11.86 -56.46
CA SER B 166 -19.11 11.20 -56.46
C SER B 166 -18.97 9.90 -57.22
N PHE B 167 -19.92 9.00 -56.98
CA PHE B 167 -19.79 7.76 -57.72
C PHE B 167 -20.09 8.03 -59.17
N GLU B 168 -20.95 9.03 -59.38
CA GLU B 168 -21.35 9.40 -60.73
C GLU B 168 -20.10 9.65 -61.54
N GLU B 169 -19.22 10.48 -60.97
CA GLU B 169 -17.97 10.84 -61.60
C GLU B 169 -17.23 9.58 -62.00
N VAL B 170 -17.24 8.58 -61.14
CA VAL B 170 -16.54 7.35 -61.48
C VAL B 170 -17.22 6.48 -62.52
N ALA B 171 -18.53 6.45 -62.47
CA ALA B 171 -19.33 5.66 -63.40
C ALA B 171 -19.14 6.22 -64.81
N ARG B 172 -19.14 7.56 -64.88
CA ARG B 172 -18.96 8.24 -66.17
C ARG B 172 -17.60 7.87 -66.75
N GLY B 173 -16.65 7.55 -65.87
CA GLY B 173 -15.31 7.16 -66.28
C GLY B 173 -15.32 5.70 -66.78
N GLY B 174 -16.48 5.12 -67.02
CA GLY B 174 -16.50 3.74 -67.50
C GLY B 174 -16.35 2.60 -66.49
N ALA B 175 -16.50 2.86 -65.20
CA ALA B 175 -16.38 1.77 -64.23
C ALA B 175 -17.61 0.87 -64.28
N ASP B 176 -17.43 -0.43 -64.48
CA ASP B 176 -18.55 -1.36 -64.53
C ASP B 176 -19.02 -1.62 -63.10
N VAL B 177 -18.06 -1.66 -62.20
CA VAL B 177 -18.32 -1.91 -60.78
C VAL B 177 -17.37 -1.03 -60.01
N ILE B 178 -17.86 -0.62 -58.85
CA ILE B 178 -17.13 0.25 -57.95
C ILE B 178 -17.29 -0.27 -56.53
N ILE B 179 -16.14 -0.39 -55.89
CA ILE B 179 -16.08 -0.86 -54.52
C ILE B 179 -15.77 0.30 -53.62
N ASN B 180 -16.73 0.62 -52.77
CA ASN B 180 -16.54 1.74 -51.86
C ASN B 180 -15.90 1.28 -50.56
N CYS B 181 -14.66 1.69 -50.32
CA CYS B 181 -13.91 1.32 -49.11
C CYS B 181 -13.27 2.59 -48.56
N THR B 182 -14.11 3.61 -48.46
CA THR B 182 -13.75 4.91 -47.97
C THR B 182 -13.63 5.17 -46.47
N GLY B 183 -13.86 4.15 -45.65
CA GLY B 183 -13.72 4.34 -44.20
C GLY B 183 -14.56 5.49 -43.65
N VAL B 184 -14.13 6.20 -42.62
CA VAL B 184 -14.97 7.30 -42.14
C VAL B 184 -15.41 8.31 -43.17
N TRP B 185 -14.72 8.41 -44.30
CA TRP B 185 -15.14 9.40 -45.28
C TRP B 185 -16.21 9.01 -46.27
N ALA B 186 -16.74 7.82 -46.11
CA ALA B 186 -17.77 7.30 -47.01
C ALA B 186 -19.02 8.18 -47.11
N GLY B 187 -19.33 8.88 -46.03
CA GLY B 187 -20.50 9.74 -45.94
C GLY B 187 -20.50 10.79 -47.03
N VAL B 188 -19.29 11.20 -47.38
CA VAL B 188 -19.13 12.19 -48.42
C VAL B 188 -19.64 11.68 -49.77
N LEU B 189 -19.40 10.43 -50.11
CA LEU B 189 -19.90 9.98 -51.39
C LEU B 189 -21.37 9.64 -51.32
N GLN B 190 -21.88 9.54 -50.11
CA GLN B 190 -23.27 9.21 -49.92
C GLN B 190 -23.46 9.09 -48.43
N PRO B 191 -24.29 10.00 -47.94
CA PRO B 191 -24.65 10.16 -46.55
C PRO B 191 -25.07 8.88 -45.87
N ASP B 192 -24.61 8.80 -44.63
CA ASP B 192 -24.89 7.66 -43.81
C ASP B 192 -24.66 8.28 -42.47
N PRO B 193 -25.80 8.51 -41.85
CA PRO B 193 -25.93 9.13 -40.54
C PRO B 193 -25.50 8.17 -39.45
N LEU B 194 -25.38 6.90 -39.80
CA LEU B 194 -24.96 5.91 -38.80
C LEU B 194 -23.46 5.93 -38.60
N LEU B 195 -22.77 6.42 -39.63
CA LEU B 195 -21.32 6.51 -39.65
C LEU B 195 -20.78 7.73 -38.94
N GLN B 196 -19.82 7.52 -38.06
CA GLN B 196 -19.18 8.58 -37.32
C GLN B 196 -17.74 8.30 -36.99
N PRO B 197 -16.96 9.36 -36.89
CA PRO B 197 -15.55 9.17 -36.57
C PRO B 197 -15.36 8.85 -35.10
N GLY B 198 -14.57 7.82 -34.81
CA GLY B 198 -14.29 7.46 -33.42
C GLY B 198 -12.84 7.92 -33.35
N ARG B 199 -12.60 9.17 -33.00
CA ARG B 199 -11.20 9.60 -32.96
C ARG B 199 -10.34 8.91 -31.90
N GLY B 200 -9.05 8.73 -32.21
CA GLY B 200 -8.15 8.12 -31.25
C GLY B 200 -6.70 8.55 -31.49
N GLN B 201 -5.97 8.97 -30.43
CA GLN B 201 -4.56 9.35 -30.57
C GLN B 201 -3.74 8.19 -30.01
N ILE B 202 -2.46 8.14 -30.37
CA ILE B 202 -1.61 7.08 -29.83
C ILE B 202 -0.24 7.70 -29.75
N ILE B 203 0.64 7.05 -29.02
CA ILE B 203 1.99 7.57 -28.90
C ILE B 203 2.79 6.33 -29.19
N LYS B 204 3.76 6.49 -30.09
CA LYS B 204 4.64 5.39 -30.45
C LYS B 204 5.83 5.60 -29.60
N VAL B 205 6.30 4.50 -29.03
CA VAL B 205 7.44 4.59 -28.16
C VAL B 205 8.42 3.47 -28.40
N ASP B 206 9.67 3.76 -28.09
CA ASP B 206 10.69 2.73 -28.26
C ASP B 206 10.88 2.12 -26.87
N ALA B 207 10.48 0.86 -26.67
CA ALA B 207 10.65 0.22 -25.37
C ALA B 207 10.55 -1.27 -25.72
N PRO B 208 11.67 -1.77 -26.21
CA PRO B 208 11.81 -3.15 -26.63
C PRO B 208 11.72 -4.20 -25.56
N TRP B 209 11.89 -3.82 -24.30
CA TRP B 209 11.80 -4.87 -23.32
C TRP B 209 10.36 -5.33 -23.12
N LEU B 210 9.39 -4.62 -23.67
CA LEU B 210 7.99 -5.01 -23.49
C LEU B 210 7.61 -5.98 -24.57
N LYS B 211 7.38 -7.24 -24.19
CA LYS B 211 7.03 -8.29 -25.13
C LYS B 211 5.57 -8.69 -25.18
N ASN B 212 4.75 -8.19 -24.29
CA ASN B 212 3.35 -8.62 -24.32
C ASN B 212 2.44 -7.42 -24.34
N PHE B 213 1.26 -7.62 -24.91
CA PHE B 213 0.30 -6.54 -24.97
C PHE B 213 -0.46 -6.48 -23.66
N ILE B 214 -0.98 -5.30 -23.36
CA ILE B 214 -1.73 -5.17 -22.13
C ILE B 214 -2.81 -4.20 -22.45
N ILE B 215 -4.02 -4.64 -22.21
CA ILE B 215 -5.13 -3.78 -22.52
C ILE B 215 -6.06 -3.75 -21.35
N THR B 216 -6.24 -2.51 -20.94
CA THR B 216 -7.09 -2.16 -19.84
C THR B 216 -8.48 -1.78 -20.27
N HIS B 217 -9.44 -2.03 -19.39
CA HIS B 217 -10.80 -1.66 -19.75
C HIS B 217 -11.54 -0.96 -18.63
N ASP B 218 -12.30 0.07 -18.99
CA ASP B 218 -13.07 0.80 -17.98
C ASP B 218 -14.42 0.81 -18.63
N LEU B 219 -15.31 0.10 -17.97
CA LEU B 219 -16.66 -0.05 -18.46
C LEU B 219 -17.50 1.22 -18.51
N GLU B 220 -17.30 2.07 -17.52
CA GLU B 220 -18.06 3.30 -17.50
C GLU B 220 -17.61 4.17 -18.64
N ARG B 221 -16.30 4.31 -18.69
CA ARG B 221 -15.63 5.15 -19.66
C ARG B 221 -15.64 4.79 -21.16
N GLY B 222 -16.11 3.60 -21.52
CA GLY B 222 -16.17 3.18 -22.93
C GLY B 222 -14.94 2.42 -23.48
N ILE B 223 -15.16 1.62 -24.52
CA ILE B 223 -14.04 0.88 -25.07
C ILE B 223 -12.94 1.77 -25.61
N TYR B 224 -11.71 1.35 -25.37
CA TYR B 224 -10.52 2.06 -25.79
C TYR B 224 -10.26 3.41 -25.16
N ASN B 225 -11.05 3.69 -24.14
CA ASN B 225 -10.90 4.93 -23.38
C ASN B 225 -10.14 4.57 -22.14
N SER B 226 -9.12 3.76 -22.29
CA SER B 226 -8.39 3.37 -21.11
C SER B 226 -7.07 2.92 -21.68
N PRO B 227 -6.01 3.07 -20.89
CA PRO B 227 -4.68 2.71 -21.31
C PRO B 227 -4.50 1.31 -21.84
N TYR B 228 -3.65 1.26 -22.84
CA TYR B 228 -3.33 0.00 -23.46
C TYR B 228 -1.95 0.18 -24.02
N ILE B 229 -1.21 -0.92 -24.06
CA ILE B 229 0.17 -0.91 -24.55
C ILE B 229 0.26 -2.12 -25.43
N ILE B 230 0.76 -1.90 -26.63
CA ILE B 230 0.86 -2.98 -27.57
C ILE B 230 2.10 -2.88 -28.40
N PRO B 231 2.95 -3.88 -28.17
CA PRO B 231 4.23 -4.04 -28.84
C PRO B 231 3.94 -4.25 -30.29
N GLY B 232 4.79 -3.79 -31.19
CA GLY B 232 4.53 -3.99 -32.59
C GLY B 232 5.85 -4.57 -33.07
N LEU B 233 6.08 -4.61 -34.37
CA LEU B 233 7.33 -5.16 -34.86
C LEU B 233 8.52 -4.34 -34.39
N GLN B 234 8.53 -3.04 -34.65
CA GLN B 234 9.62 -2.20 -34.21
C GLN B 234 9.39 -1.27 -33.02
N ALA B 235 8.15 -0.90 -32.73
CA ALA B 235 7.94 -0.01 -31.60
C ALA B 235 6.71 -0.38 -30.85
N VAL B 236 6.55 0.29 -29.72
CA VAL B 236 5.40 0.03 -28.89
C VAL B 236 4.37 1.12 -29.03
N THR B 237 3.12 0.71 -29.11
CA THR B 237 2.07 1.68 -29.23
C THR B 237 1.37 1.88 -27.91
N LEU B 238 1.36 3.12 -27.44
CA LEU B 238 0.69 3.48 -26.21
C LEU B 238 -0.64 4.04 -26.61
N GLY B 239 -1.67 3.73 -25.87
CA GLY B 239 -2.88 4.29 -26.33
C GLY B 239 -3.92 4.36 -25.26
N GLY B 240 -5.06 4.78 -25.77
CA GLY B 240 -6.19 4.92 -24.90
C GLY B 240 -7.28 5.91 -25.27
N THR B 241 -7.63 6.23 -26.52
CA THR B 241 -8.75 7.20 -26.64
C THR B 241 -9.68 6.82 -27.77
N PHE B 242 -10.96 7.02 -27.55
CA PHE B 242 -11.93 6.66 -28.56
C PHE B 242 -13.00 7.72 -28.30
N GLN B 243 -13.12 8.71 -29.17
CA GLN B 243 -14.08 9.82 -29.02
C GLN B 243 -14.96 9.94 -30.22
N VAL B 244 -16.21 9.50 -30.03
CA VAL B 244 -17.18 9.54 -31.11
C VAL B 244 -17.62 10.95 -31.47
N GLY B 245 -17.67 11.19 -32.78
CA GLY B 245 -18.07 12.48 -33.28
C GLY B 245 -16.93 13.49 -33.29
N ASN B 246 -15.78 13.19 -32.71
CA ASN B 246 -14.72 14.19 -32.78
C ASN B 246 -13.95 14.06 -34.08
N TRP B 247 -13.90 15.13 -34.85
CA TRP B 247 -13.18 15.19 -36.12
C TRP B 247 -11.85 15.88 -36.11
N ASN B 248 -11.31 16.37 -35.01
CA ASN B 248 -10.01 17.05 -35.19
C ASN B 248 -8.97 16.00 -35.38
N GLU B 249 -8.23 16.25 -36.43
CA GLU B 249 -7.14 15.38 -36.83
C GLU B 249 -5.77 15.67 -36.27
N ILE B 250 -5.72 16.73 -35.48
CA ILE B 250 -4.51 17.19 -34.84
C ILE B 250 -4.26 16.48 -33.52
N ASN B 251 -3.02 16.10 -33.28
CA ASN B 251 -2.77 15.44 -32.02
C ASN B 251 -2.93 16.51 -30.95
N ASN B 252 -3.59 16.20 -29.86
CA ASN B 252 -3.72 17.19 -28.82
C ASN B 252 -2.92 16.80 -27.58
N ILE B 253 -2.35 17.80 -26.94
CA ILE B 253 -1.57 17.53 -25.75
C ILE B 253 -2.35 16.96 -24.61
N GLN B 254 -3.63 17.23 -24.54
CA GLN B 254 -4.27 16.64 -23.38
C GLN B 254 -4.38 15.15 -23.47
N ASP B 255 -4.69 14.72 -24.67
CA ASP B 255 -4.82 13.29 -24.86
C ASP B 255 -3.47 12.66 -24.64
N HIS B 256 -2.46 13.33 -25.15
CA HIS B 256 -1.14 12.81 -24.98
C HIS B 256 -0.84 12.64 -23.50
N ASN B 257 -1.11 13.67 -22.72
CA ASN B 257 -0.82 13.47 -21.31
C ASN B 257 -1.63 12.40 -20.65
N THR B 258 -2.90 12.27 -20.98
CA THR B 258 -3.60 11.24 -20.26
C THR B 258 -3.17 9.84 -20.65
N ILE B 259 -2.82 9.70 -21.92
CA ILE B 259 -2.38 8.39 -22.40
C ILE B 259 -1.04 8.07 -21.76
N TRP B 260 -0.15 9.05 -21.76
CA TRP B 260 1.14 8.80 -21.19
C TRP B 260 1.09 8.51 -19.72
N GLU B 261 0.38 9.32 -18.96
CA GLU B 261 0.35 9.03 -17.54
C GLU B 261 -0.36 7.76 -17.20
N GLY B 262 -1.36 7.40 -17.98
CA GLY B 262 -2.07 6.18 -17.64
C GLY B 262 -1.19 4.96 -17.87
N CYS B 263 -0.55 4.94 -19.03
CA CYS B 263 0.31 3.82 -19.35
C CYS B 263 1.48 3.78 -18.41
N CYS B 264 2.03 4.95 -18.19
CA CYS B 264 3.18 5.05 -17.33
C CYS B 264 2.85 4.50 -15.96
N ARG B 265 1.61 4.52 -15.51
CA ARG B 265 1.30 3.98 -14.20
C ARG B 265 1.13 2.47 -14.31
N LEU B 266 0.54 2.06 -15.41
CA LEU B 266 0.31 0.65 -15.65
C LEU B 266 1.63 -0.07 -15.91
N GLU B 267 2.63 0.61 -16.44
CA GLU B 267 3.90 -0.06 -16.72
C GLU B 267 4.89 1.06 -16.51
N PRO B 268 5.32 1.15 -15.26
CA PRO B 268 6.25 2.14 -14.77
C PRO B 268 7.59 2.12 -15.46
N THR B 269 7.94 1.02 -16.09
CA THR B 269 9.24 1.04 -16.73
C THR B 269 9.23 1.96 -17.93
N LEU B 270 8.05 2.43 -18.33
CA LEU B 270 7.94 3.33 -19.49
C LEU B 270 8.72 4.60 -19.25
N LYS B 271 9.01 4.80 -17.99
CA LYS B 271 9.77 5.92 -17.46
C LYS B 271 10.96 6.15 -18.37
N ASP B 272 11.61 5.08 -18.80
CA ASP B 272 12.77 5.19 -19.68
C ASP B 272 12.50 5.08 -21.17
N ALA B 273 11.25 4.98 -21.62
CA ALA B 273 10.99 4.84 -23.04
C ALA B 273 11.21 6.12 -23.83
N LYS B 274 11.72 6.05 -25.07
CA LYS B 274 11.95 7.22 -25.91
C LYS B 274 10.64 7.39 -26.71
N ILE B 275 10.07 8.59 -26.77
CA ILE B 275 8.85 8.75 -27.53
C ILE B 275 9.26 8.93 -28.98
N VAL B 276 8.72 8.16 -29.91
CA VAL B 276 9.13 8.35 -31.29
C VAL B 276 8.13 9.12 -32.15
N GLY B 277 6.90 9.23 -31.68
CA GLY B 277 5.88 9.94 -32.44
C GLY B 277 4.48 9.83 -31.87
N GLU B 278 3.56 10.64 -32.41
CA GLU B 278 2.16 10.60 -31.95
C GLU B 278 1.32 10.74 -33.17
N TYR B 279 0.16 10.12 -33.14
CA TYR B 279 -0.66 10.19 -34.32
C TYR B 279 -2.10 10.12 -33.89
N THR B 280 -3.02 10.56 -34.75
CA THR B 280 -4.42 10.46 -34.37
C THR B 280 -5.09 9.95 -35.64
N GLY B 281 -6.25 9.32 -35.50
CA GLY B 281 -6.96 8.79 -36.66
C GLY B 281 -8.39 8.54 -36.24
N PHE B 282 -9.24 8.34 -37.23
CA PHE B 282 -10.65 8.09 -37.03
C PHE B 282 -11.19 6.69 -37.23
N ARG B 283 -11.63 6.01 -36.18
CA ARG B 283 -12.17 4.69 -36.42
C ARG B 283 -13.47 4.96 -37.20
N PRO B 284 -13.79 4.21 -38.24
CA PRO B 284 -15.05 4.50 -38.94
C PRO B 284 -16.11 3.77 -38.16
N VAL B 285 -16.62 4.44 -37.15
CA VAL B 285 -17.66 3.89 -36.30
C VAL B 285 -19.04 3.79 -36.94
N ARG B 286 -19.70 2.67 -36.73
CA ARG B 286 -21.02 2.44 -37.29
C ARG B 286 -21.51 1.24 -36.50
N PRO B 287 -22.83 1.09 -36.35
CA PRO B 287 -23.39 -0.01 -35.60
C PRO B 287 -23.13 -1.39 -36.20
N GLN B 288 -22.83 -1.39 -37.48
CA GLN B 288 -22.56 -2.63 -38.16
C GLN B 288 -21.91 -2.27 -39.46
N VAL B 289 -21.02 -3.15 -39.88
CA VAL B 289 -20.30 -2.89 -41.10
C VAL B 289 -21.32 -2.76 -42.20
N ARG B 290 -21.11 -1.78 -43.06
CA ARG B 290 -22.04 -1.66 -44.15
C ARG B 290 -21.32 -2.42 -45.24
N LEU B 291 -21.87 -3.55 -45.65
CA LEU B 291 -21.24 -4.34 -46.69
C LEU B 291 -22.43 -4.89 -47.47
N GLU B 292 -22.65 -4.26 -48.61
CA GLU B 292 -23.76 -4.62 -49.46
C GLU B 292 -23.66 -3.95 -50.81
N ARG B 293 -24.32 -4.60 -51.75
CA ARG B 293 -24.41 -4.19 -53.13
C ARG B 293 -25.56 -3.21 -53.35
N GLU B 294 -25.38 -2.32 -54.31
CA GLU B 294 -26.43 -1.35 -54.55
C GLU B 294 -26.24 -0.96 -56.00
N GLN B 295 -27.33 -0.88 -56.75
CA GLN B 295 -27.16 -0.50 -58.13
C GLN B 295 -27.41 0.97 -58.32
N LEU B 296 -26.79 1.54 -59.34
CA LEU B 296 -27.01 2.95 -59.55
C LEU B 296 -27.10 3.24 -61.01
N ARG B 297 -28.23 3.88 -61.32
CA ARG B 297 -28.58 4.31 -62.66
C ARG B 297 -27.99 5.70 -62.89
N PHE B 298 -27.22 5.83 -63.97
CA PHE B 298 -26.61 7.11 -64.33
C PHE B 298 -26.88 7.12 -65.82
N GLY B 299 -28.09 7.64 -65.99
CA GLY B 299 -28.85 7.83 -67.23
C GLY B 299 -29.26 6.40 -67.58
N SER B 300 -28.49 5.84 -68.50
CA SER B 300 -28.64 4.48 -69.02
C SER B 300 -27.56 3.51 -68.56
N SER B 301 -27.08 3.67 -67.33
CA SER B 301 -26.04 2.74 -66.92
C SER B 301 -26.22 2.37 -65.47
N ASN B 302 -26.40 1.07 -65.31
CA ASN B 302 -26.56 0.50 -63.98
C ASN B 302 -25.07 0.36 -63.72
N THR B 303 -24.66 0.69 -62.51
CA THR B 303 -23.25 0.59 -62.21
C THR B 303 -23.49 0.10 -60.82
N GLU B 304 -22.88 -1.05 -60.56
CA GLU B 304 -22.97 -1.68 -59.28
C GLU B 304 -21.98 -1.01 -58.36
N VAL B 305 -22.32 -0.98 -57.10
CA VAL B 305 -21.46 -0.38 -56.12
C VAL B 305 -21.53 -1.41 -55.02
N ILE B 306 -20.40 -1.68 -54.40
CA ILE B 306 -20.47 -2.66 -53.34
C ILE B 306 -19.73 -1.89 -52.29
N HIS B 307 -20.43 -1.74 -51.19
CA HIS B 307 -19.90 -1.03 -50.05
C HIS B 307 -19.20 -1.91 -49.06
N ASN B 308 -18.18 -1.35 -48.43
CA ASN B 308 -17.48 -2.13 -47.45
C ASN B 308 -16.82 -1.09 -46.57
N TYR B 309 -17.52 -0.68 -45.54
CA TYR B 309 -16.94 0.32 -44.67
C TYR B 309 -17.70 0.29 -43.36
N GLY B 310 -17.16 0.98 -42.35
CA GLY B 310 -17.78 1.00 -41.04
C GLY B 310 -17.15 0.02 -40.05
N HIS B 311 -15.88 -0.29 -40.24
CA HIS B 311 -15.21 -1.23 -39.34
C HIS B 311 -14.73 -0.85 -37.96
N GLY B 312 -15.02 0.37 -37.52
CA GLY B 312 -14.61 0.78 -36.19
C GLY B 312 -13.20 0.46 -35.80
N GLY B 313 -13.07 0.05 -34.54
CA GLY B 313 -11.82 -0.36 -33.90
C GLY B 313 -11.50 -1.81 -34.25
N TYR B 314 -11.98 -2.29 -35.38
CA TYR B 314 -11.68 -3.67 -35.71
C TYR B 314 -11.47 -3.99 -37.17
N GLY B 315 -11.10 -2.99 -37.96
CA GLY B 315 -10.88 -3.24 -39.38
C GLY B 315 -9.76 -4.24 -39.65
N LEU B 316 -8.68 -4.19 -38.88
CA LEU B 316 -7.61 -5.15 -39.14
C LEU B 316 -8.08 -6.52 -38.74
N THR B 317 -8.72 -6.57 -37.59
CA THR B 317 -9.22 -7.81 -37.06
C THR B 317 -10.19 -8.59 -37.92
N ILE B 318 -10.90 -7.94 -38.84
CA ILE B 318 -11.89 -8.62 -39.67
C ILE B 318 -11.84 -8.41 -41.16
N HIS B 319 -10.88 -7.62 -41.62
CA HIS B 319 -10.78 -7.34 -43.03
C HIS B 319 -10.85 -8.50 -44.00
N TRP B 320 -10.30 -9.63 -43.64
CA TRP B 320 -10.34 -10.73 -44.60
C TRP B 320 -11.69 -11.33 -44.82
N GLY B 321 -12.46 -11.45 -43.74
CA GLY B 321 -13.80 -12.01 -43.88
C GLY B 321 -14.58 -11.11 -44.83
N CYS B 322 -14.47 -9.79 -44.63
CA CYS B 322 -15.19 -8.88 -45.52
C CYS B 322 -14.72 -8.95 -46.95
N ALA B 323 -13.42 -9.02 -47.16
CA ALA B 323 -12.91 -9.07 -48.52
C ALA B 323 -13.51 -10.28 -49.19
N LEU B 324 -13.65 -11.37 -48.46
CA LEU B 324 -14.24 -12.56 -49.05
C LEU B 324 -15.69 -12.33 -49.40
N GLU B 325 -16.40 -11.72 -48.48
CA GLU B 325 -17.81 -11.47 -48.73
C GLU B 325 -17.95 -10.60 -49.96
N VAL B 326 -17.12 -9.58 -50.07
CA VAL B 326 -17.25 -8.76 -51.26
C VAL B 326 -16.98 -9.57 -52.52
N ALA B 327 -16.01 -10.46 -52.49
CA ALA B 327 -15.71 -11.25 -53.68
C ALA B 327 -16.95 -12.02 -54.10
N LYS B 328 -17.67 -12.51 -53.09
CA LYS B 328 -18.89 -13.27 -53.28
C LYS B 328 -19.95 -12.41 -53.96
N LEU B 329 -20.20 -11.19 -53.47
CA LEU B 329 -21.20 -10.37 -54.12
C LEU B 329 -20.75 -10.06 -55.53
N PHE B 330 -19.46 -9.87 -55.70
CA PHE B 330 -18.96 -9.56 -57.02
C PHE B 330 -19.23 -10.77 -57.89
N GLY B 331 -19.17 -11.95 -57.29
CA GLY B 331 -19.43 -13.16 -58.05
C GLY B 331 -20.85 -13.06 -58.61
N LYS B 332 -21.81 -12.72 -57.77
CA LYS B 332 -23.17 -12.61 -58.26
C LYS B 332 -23.29 -11.61 -59.37
N VAL B 333 -22.65 -10.45 -59.19
CA VAL B 333 -22.72 -9.45 -60.22
C VAL B 333 -22.23 -10.05 -61.51
N LEU B 334 -21.30 -10.97 -61.41
CA LEU B 334 -20.82 -11.58 -62.64
C LEU B 334 -21.82 -12.54 -63.22
N GLU B 335 -22.50 -13.31 -62.39
CA GLU B 335 -23.44 -14.23 -63.00
C GLU B 335 -24.63 -13.50 -63.59
N GLU B 336 -24.94 -12.33 -63.05
CA GLU B 336 -26.06 -11.59 -63.59
C GLU B 336 -25.62 -11.09 -64.97
N ARG B 337 -24.39 -10.57 -65.02
CA ARG B 337 -23.82 -10.08 -66.25
C ARG B 337 -23.47 -11.26 -67.17
N ASN B 338 -23.77 -12.48 -66.71
CA ASN B 338 -23.49 -13.71 -67.46
C ASN B 338 -22.01 -13.96 -67.73
N LEU B 339 -21.21 -13.64 -66.71
CA LEU B 339 -19.75 -13.76 -66.70
C LEU B 339 -19.19 -12.79 -67.73
N MET C 1 -31.78 -34.97 61.20
CA MET C 1 -33.06 -34.41 61.60
C MET C 1 -33.47 -33.34 60.61
N ARG C 2 -34.74 -32.98 60.64
CA ARG C 2 -35.22 -31.93 59.78
C ARG C 2 -34.95 -30.58 60.41
N VAL C 3 -34.34 -29.68 59.65
CA VAL C 3 -34.05 -28.35 60.17
C VAL C 3 -34.52 -27.51 59.03
N VAL C 4 -35.12 -26.38 59.37
CA VAL C 4 -35.64 -25.48 58.36
C VAL C 4 -35.30 -24.09 58.83
N VAL C 5 -34.66 -23.39 57.92
CA VAL C 5 -34.24 -22.03 58.17
C VAL C 5 -35.23 -21.20 57.39
N ILE C 6 -35.75 -20.17 58.03
CA ILE C 6 -36.69 -19.31 57.36
C ILE C 6 -35.92 -18.00 57.18
N GLY C 7 -35.62 -17.67 55.94
CA GLY C 7 -34.89 -16.44 55.69
C GLY C 7 -33.73 -16.81 54.77
N ALA C 8 -33.46 -15.96 53.79
CA ALA C 8 -32.37 -16.20 52.85
C ALA C 8 -31.53 -14.94 52.69
N GLY C 9 -31.52 -14.13 53.74
CA GLY C 9 -30.78 -12.89 53.81
C GLY C 9 -29.43 -13.34 54.34
N VAL C 10 -28.54 -12.42 54.68
CA VAL C 10 -27.24 -12.86 55.19
C VAL C 10 -27.32 -13.69 56.45
N ILE C 11 -28.30 -13.39 57.31
CA ILE C 11 -28.42 -14.14 58.55
C ILE C 11 -28.84 -15.57 58.31
N GLY C 12 -29.89 -15.77 57.52
CA GLY C 12 -30.33 -17.13 57.25
C GLY C 12 -29.28 -17.98 56.57
N LEU C 13 -28.74 -17.51 55.46
CA LEU C 13 -27.73 -18.31 54.77
C LEU C 13 -26.48 -18.54 55.57
N SER C 14 -25.96 -17.53 56.26
CA SER C 14 -24.74 -17.81 57.01
C SER C 14 -25.03 -18.79 58.12
N THR C 15 -26.18 -18.63 58.75
CA THR C 15 -26.49 -19.55 59.83
C THR C 15 -26.63 -20.96 59.32
N ALA C 16 -27.34 -21.13 58.20
CA ALA C 16 -27.51 -22.48 57.68
C ALA C 16 -26.20 -23.15 57.38
N LEU C 17 -25.33 -22.40 56.73
CA LEU C 17 -24.04 -22.95 56.37
C LEU C 17 -23.23 -23.27 57.59
N CYS C 18 -23.32 -22.35 58.52
CA CYS C 18 -22.55 -22.52 59.73
C CYS C 18 -22.86 -23.82 60.43
N ILE C 19 -24.13 -24.10 60.57
CA ILE C 19 -24.56 -25.32 61.21
C ILE C 19 -24.28 -26.56 60.42
N HIS C 20 -24.63 -26.50 59.16
CA HIS C 20 -24.40 -27.65 58.34
C HIS C 20 -22.91 -27.94 58.35
N GLU C 21 -22.13 -26.88 58.28
CA GLU C 21 -20.69 -27.05 58.27
C GLU C 21 -20.30 -27.79 59.55
N ARG C 22 -20.89 -27.44 60.69
CA ARG C 22 -20.50 -28.16 61.90
C ARG C 22 -21.07 -29.52 62.21
N TYR C 23 -22.33 -29.71 61.84
CA TYR C 23 -22.99 -30.96 62.12
C TYR C 23 -23.20 -32.04 61.09
N HIS C 24 -23.07 -31.77 59.80
CA HIS C 24 -23.31 -32.83 58.81
C HIS C 24 -22.53 -34.12 59.07
N SER C 25 -21.33 -33.93 59.61
CA SER C 25 -20.41 -35.01 59.92
C SER C 25 -20.96 -35.90 61.03
N VAL C 26 -21.29 -35.23 62.14
CA VAL C 26 -21.85 -35.79 63.37
C VAL C 26 -23.24 -36.38 63.21
N LEU C 27 -24.22 -35.58 62.81
CA LEU C 27 -25.56 -36.14 62.62
C LEU C 27 -25.49 -36.80 61.26
N GLN C 28 -25.55 -38.12 61.17
CA GLN C 28 -25.40 -38.76 59.87
C GLN C 28 -26.35 -38.12 58.88
N PRO C 29 -27.60 -38.09 59.29
CA PRO C 29 -28.60 -37.45 58.47
C PRO C 29 -28.44 -36.02 58.98
N LEU C 30 -29.14 -35.11 58.33
CA LEU C 30 -29.16 -33.72 58.71
C LEU C 30 -29.75 -33.09 57.47
N ASP C 31 -31.05 -32.88 57.55
CA ASP C 31 -31.78 -32.28 56.46
C ASP C 31 -32.10 -30.80 56.59
N VAL C 32 -31.29 -30.00 55.91
CA VAL C 32 -31.52 -28.57 55.96
C VAL C 32 -32.31 -28.10 54.75
N LYS C 33 -33.22 -27.18 54.97
CA LYS C 33 -34.00 -26.67 53.86
C LYS C 33 -34.14 -25.22 54.24
N VAL C 34 -34.28 -24.39 53.22
CA VAL C 34 -34.40 -22.99 53.50
C VAL C 34 -35.62 -22.48 52.77
N TYR C 35 -36.46 -21.86 53.57
CA TYR C 35 -37.67 -21.29 53.03
C TYR C 35 -37.52 -19.79 53.10
N ALA C 36 -37.99 -19.11 52.07
CA ALA C 36 -37.91 -17.67 52.06
C ALA C 36 -38.84 -17.19 50.98
N ASP C 37 -39.48 -16.06 51.21
CA ASP C 37 -40.40 -15.52 50.22
C ASP C 37 -39.64 -14.59 49.29
N ARG C 38 -38.37 -14.33 49.61
CA ARG C 38 -37.56 -13.45 48.76
C ARG C 38 -36.13 -13.90 48.88
N PHE C 39 -35.53 -14.05 47.70
CA PHE C 39 -34.13 -14.43 47.54
C PHE C 39 -33.44 -13.22 46.95
N THR C 40 -32.12 -13.23 46.98
CA THR C 40 -31.39 -12.10 46.40
C THR C 40 -31.84 -12.13 44.95
N PRO C 41 -31.91 -10.98 44.30
CA PRO C 41 -31.60 -9.64 44.81
C PRO C 41 -32.67 -8.97 45.66
N PHE C 42 -33.68 -9.72 46.07
CA PHE C 42 -34.72 -9.09 46.87
C PHE C 42 -34.64 -8.93 48.37
N THR C 43 -33.58 -9.41 49.01
CA THR C 43 -33.50 -9.27 50.45
C THR C 43 -33.03 -7.88 50.83
N THR C 44 -33.08 -7.58 52.12
CA THR C 44 -32.64 -6.28 52.61
C THR C 44 -31.13 -6.34 52.47
N THR C 45 -30.60 -7.55 52.66
CA THR C 45 -29.18 -7.72 52.57
C THR C 45 -28.62 -7.21 51.23
N ASP C 46 -29.33 -7.42 50.14
CA ASP C 46 -28.88 -6.97 48.83
C ASP C 46 -28.75 -5.46 48.73
N VAL C 47 -29.43 -4.77 49.63
CA VAL C 47 -29.43 -3.31 49.67
C VAL C 47 -28.33 -2.69 50.52
N ALA C 48 -27.76 -3.50 51.37
CA ALA C 48 -26.72 -3.02 52.26
C ALA C 48 -25.59 -2.28 51.56
N ALA C 49 -25.15 -1.21 52.22
CA ALA C 49 -24.06 -0.38 51.71
C ALA C 49 -22.80 -1.25 51.54
N GLY C 50 -22.78 -2.40 52.21
CA GLY C 50 -21.69 -3.36 52.17
C GLY C 50 -20.52 -3.21 53.15
N LEU C 51 -20.49 -2.15 53.94
CA LEU C 51 -19.40 -1.95 54.88
C LEU C 51 -19.39 -2.63 56.23
N TRP C 52 -18.22 -2.97 56.74
CA TRP C 52 -18.18 -3.60 58.06
C TRP C 52 -17.94 -2.44 59.00
N GLN C 53 -18.91 -2.09 59.81
CA GLN C 53 -18.76 -1.01 60.77
C GLN C 53 -19.96 -1.05 61.67
N PRO C 54 -19.69 -1.23 62.95
CA PRO C 54 -20.72 -1.29 63.97
C PRO C 54 -21.18 0.12 64.27
N TYR C 55 -22.12 0.26 65.19
CA TYR C 55 -22.55 1.62 65.49
C TYR C 55 -21.46 2.29 66.31
N THR C 56 -21.56 3.61 66.47
CA THR C 56 -20.58 4.38 67.24
C THR C 56 -20.70 4.21 68.76
N SER C 57 -21.94 3.98 69.18
CA SER C 57 -22.34 3.77 70.57
C SER C 57 -22.12 2.34 71.04
N GLU C 58 -21.78 2.32 72.33
CA GLU C 58 -21.53 1.07 73.02
C GLU C 58 -22.93 0.47 73.07
N PRO C 59 -22.95 -0.82 72.73
CA PRO C 59 -24.12 -1.69 72.63
C PRO C 59 -24.88 -2.22 73.83
N SER C 60 -26.09 -2.71 73.60
CA SER C 60 -26.78 -3.24 74.76
C SER C 60 -26.22 -4.58 75.19
N ASN C 61 -26.22 -5.56 74.28
CA ASN C 61 -25.73 -6.89 74.58
C ASN C 61 -24.18 -6.84 74.52
N PRO C 62 -23.44 -7.15 75.58
CA PRO C 62 -21.99 -7.04 75.37
C PRO C 62 -21.50 -8.12 74.44
N GLN C 63 -22.28 -9.18 74.32
CA GLN C 63 -21.85 -10.24 73.42
C GLN C 63 -21.83 -9.72 72.00
N GLU C 64 -22.59 -8.66 71.75
CA GLU C 64 -22.61 -8.11 70.41
C GLU C 64 -21.21 -7.69 70.03
N ALA C 65 -20.49 -7.12 70.98
CA ALA C 65 -19.14 -6.71 70.66
C ALA C 65 -18.35 -7.93 70.24
N ASN C 66 -18.56 -9.02 70.97
CA ASN C 66 -17.79 -10.17 70.58
C ASN C 66 -18.19 -10.67 69.20
N TRP C 67 -19.47 -10.74 68.93
CA TRP C 67 -19.93 -11.22 67.65
C TRP C 67 -19.36 -10.41 66.50
N ASN C 68 -19.23 -9.13 66.73
CA ASN C 68 -18.70 -8.28 65.70
C ASN C 68 -17.25 -8.63 65.45
N GLN C 69 -16.53 -8.77 66.54
CA GLN C 69 -15.13 -9.10 66.39
C GLN C 69 -14.93 -10.42 65.69
N GLN C 70 -15.68 -11.43 66.09
CA GLN C 70 -15.51 -12.72 65.45
C GLN C 70 -15.81 -12.59 63.98
N THR C 71 -16.75 -11.72 63.63
CA THR C 71 -17.09 -11.58 62.23
C THR C 71 -15.91 -10.97 61.48
N PHE C 72 -15.32 -9.91 62.01
CA PHE C 72 -14.20 -9.29 61.32
C PHE C 72 -13.02 -10.22 61.14
N ASN C 73 -12.68 -10.98 62.17
CA ASN C 73 -11.55 -11.86 61.99
C ASN C 73 -11.87 -12.93 61.02
N TYR C 74 -13.10 -13.38 61.03
CA TYR C 74 -13.43 -14.43 60.09
C TYR C 74 -13.28 -13.89 58.68
N LEU C 75 -13.76 -12.68 58.46
CA LEU C 75 -13.64 -12.10 57.14
C LEU C 75 -12.19 -11.88 56.80
N LEU C 76 -11.43 -11.23 57.69
CA LEU C 76 -10.02 -11.07 57.33
C LEU C 76 -9.30 -12.34 56.99
N SER C 77 -9.66 -13.43 57.62
CA SER C 77 -8.95 -14.66 57.34
C SER C 77 -9.01 -15.01 55.87
N HIS C 78 -9.99 -14.47 55.15
CA HIS C 78 -10.10 -14.74 53.73
C HIS C 78 -9.34 -13.81 52.85
N ILE C 79 -8.95 -12.67 53.40
CA ILE C 79 -8.20 -11.74 52.58
C ILE C 79 -6.91 -12.47 52.32
N GLY C 80 -6.65 -12.79 51.06
CA GLY C 80 -5.43 -13.50 50.73
C GLY C 80 -5.82 -14.65 49.82
N SER C 81 -7.07 -15.10 49.88
CA SER C 81 -7.44 -16.19 49.02
C SER C 81 -7.82 -15.57 47.68
N PRO C 82 -7.83 -16.40 46.66
CA PRO C 82 -8.16 -16.01 45.30
C PRO C 82 -9.65 -15.74 45.20
N ASN C 83 -10.37 -16.25 46.19
CA ASN C 83 -11.81 -16.09 46.20
C ASN C 83 -12.47 -14.93 46.90
N ALA C 84 -11.68 -14.22 47.68
CA ALA C 84 -12.15 -13.10 48.43
C ALA C 84 -13.04 -12.18 47.62
N ALA C 85 -12.64 -11.85 46.40
CA ALA C 85 -13.53 -10.95 45.67
C ALA C 85 -14.77 -11.66 45.21
N ASN C 86 -14.65 -12.96 45.00
CA ASN C 86 -15.82 -13.70 44.56
C ASN C 86 -16.81 -13.83 45.68
N MET C 87 -16.36 -13.74 46.93
CA MET C 87 -17.30 -13.84 48.02
C MET C 87 -17.84 -12.46 48.29
N GLY C 88 -17.35 -11.44 47.61
CA GLY C 88 -17.85 -10.10 47.88
C GLY C 88 -16.97 -9.25 48.79
N LEU C 89 -15.79 -9.75 49.13
CA LEU C 89 -14.83 -9.04 49.97
C LEU C 89 -13.63 -8.27 49.41
N THR C 90 -13.24 -7.19 50.09
CA THR C 90 -12.07 -6.36 49.81
C THR C 90 -11.92 -5.34 50.88
N PRO C 91 -10.67 -5.04 51.20
CA PRO C 91 -10.33 -4.08 52.23
C PRO C 91 -10.65 -2.69 51.70
N VAL C 92 -10.95 -1.72 52.56
CA VAL C 92 -11.23 -0.40 52.03
C VAL C 92 -10.83 0.40 53.25
N SER C 93 -10.30 1.59 52.99
CA SER C 93 -9.88 2.49 54.06
C SER C 93 -10.79 3.69 54.00
N GLY C 94 -10.97 4.41 55.09
CA GLY C 94 -11.87 5.54 54.91
C GLY C 94 -12.04 6.36 56.14
N TYR C 95 -12.83 7.41 55.98
CA TYR C 95 -13.13 8.35 57.04
C TYR C 95 -14.52 8.42 57.66
N ASN C 96 -14.54 8.70 58.95
CA ASN C 96 -15.73 8.92 59.77
C ASN C 96 -15.59 10.38 60.18
N LEU C 97 -16.44 11.27 59.68
CA LEU C 97 -16.37 12.68 60.01
C LEU C 97 -17.43 13.15 60.98
N PHE C 98 -17.08 14.10 61.83
CA PHE C 98 -18.03 14.60 62.79
C PHE C 98 -17.85 16.09 62.94
N ARG C 99 -18.92 16.66 63.45
CA ARG C 99 -18.98 18.08 63.72
C ARG C 99 -18.39 18.49 65.04
N GLU C 100 -18.00 17.50 65.83
CA GLU C 100 -17.43 17.85 67.11
C GLU C 100 -16.73 16.63 67.67
N ALA C 101 -15.89 16.85 68.68
CA ALA C 101 -15.19 15.72 69.26
C ALA C 101 -16.20 14.70 69.76
N VAL C 102 -15.74 13.48 69.72
CA VAL C 102 -16.51 12.33 70.11
C VAL C 102 -15.53 11.26 70.56
N PRO C 103 -16.00 10.46 71.50
CA PRO C 103 -15.18 9.40 72.05
C PRO C 103 -14.93 8.28 71.05
N ASP C 104 -13.78 7.65 71.21
CA ASP C 104 -13.43 6.55 70.34
C ASP C 104 -14.43 5.44 70.48
N PRO C 105 -14.73 4.80 69.36
CA PRO C 105 -15.69 3.71 69.31
C PRO C 105 -15.14 2.50 70.02
N TYR C 106 -16.01 1.66 70.53
CA TYR C 106 -15.51 0.48 71.21
C TYR C 106 -14.77 -0.42 70.25
N TRP C 107 -14.99 -0.21 68.97
CA TRP C 107 -14.33 -1.04 67.98
C TRP C 107 -13.01 -0.60 67.42
N LYS C 108 -12.47 0.51 67.92
CA LYS C 108 -11.20 1.01 67.41
C LYS C 108 -10.15 -0.05 67.20
N ASP C 109 -10.13 -1.01 68.12
CA ASP C 109 -9.14 -2.06 68.01
C ASP C 109 -9.50 -3.24 67.16
N MET C 110 -10.73 -3.30 66.66
CA MET C 110 -11.09 -4.45 65.84
C MET C 110 -10.65 -4.16 64.43
N VAL C 111 -10.86 -2.92 64.00
CA VAL C 111 -10.46 -2.54 62.66
C VAL C 111 -8.95 -2.35 62.60
N LEU C 112 -8.44 -2.15 61.39
CA LEU C 112 -7.02 -1.96 61.20
C LEU C 112 -6.64 -0.50 61.09
N GLY C 113 -5.53 -0.15 61.71
CA GLY C 113 -5.08 1.22 61.63
C GLY C 113 -5.94 2.37 62.12
N PHE C 114 -6.79 2.13 63.10
CA PHE C 114 -7.63 3.21 63.59
C PHE C 114 -6.80 4.40 64.07
N ARG C 115 -7.24 5.62 63.78
CA ARG C 115 -6.50 6.78 64.24
C ARG C 115 -7.36 8.01 63.95
N LYS C 116 -7.07 9.11 64.65
CA LYS C 116 -7.81 10.36 64.46
C LYS C 116 -7.26 11.18 63.31
N LEU C 117 -8.13 11.81 62.55
CA LEU C 117 -7.63 12.59 61.44
C LEU C 117 -6.83 13.78 61.94
N THR C 118 -5.89 14.20 61.11
CA THR C 118 -5.04 15.34 61.40
C THR C 118 -5.73 16.47 60.66
N PRO C 119 -5.22 17.65 60.96
CA PRO C 119 -5.76 18.84 60.36
C PRO C 119 -5.60 18.91 58.85
N ARG C 120 -4.51 18.45 58.27
CA ARG C 120 -4.44 18.58 56.82
C ARG C 120 -5.51 17.67 56.29
N GLU C 121 -5.78 16.59 57.02
CA GLU C 121 -6.81 15.70 56.55
C GLU C 121 -8.17 16.37 56.61
N LEU C 122 -8.47 16.96 57.76
CA LEU C 122 -9.75 17.62 57.88
C LEU C 122 -9.90 18.73 56.87
N ASP C 123 -8.82 19.32 56.39
CA ASP C 123 -9.02 20.38 55.41
C ASP C 123 -9.61 19.84 54.14
N MET C 124 -9.61 18.52 53.98
CA MET C 124 -10.20 18.02 52.75
C MET C 124 -11.71 17.96 52.90
N PHE C 125 -12.20 18.18 54.12
CA PHE C 125 -13.64 18.14 54.40
C PHE C 125 -13.96 19.25 55.36
N PRO C 126 -14.14 20.42 54.77
CA PRO C 126 -14.44 21.66 55.46
C PRO C 126 -15.60 21.75 56.42
N ASP C 127 -16.70 21.06 56.16
CA ASP C 127 -17.76 21.19 57.13
C ASP C 127 -17.50 20.43 58.41
N TYR C 128 -16.58 19.47 58.37
CA TYR C 128 -16.27 18.68 59.55
C TYR C 128 -15.15 19.20 60.41
N ARG C 129 -15.14 18.77 61.67
CA ARG C 129 -14.11 19.20 62.62
C ARG C 129 -13.41 18.14 63.44
N TYR C 130 -13.79 16.89 63.30
CA TYR C 130 -13.12 15.87 64.09
C TYR C 130 -13.41 14.60 63.32
N GLY C 131 -12.57 13.58 63.45
CA GLY C 131 -12.85 12.38 62.69
C GLY C 131 -11.87 11.28 62.94
N TRP C 132 -12.08 10.17 62.25
CA TRP C 132 -11.20 9.05 62.42
C TRP C 132 -10.92 8.56 61.04
N PHE C 133 -10.01 7.60 61.01
CA PHE C 133 -9.58 6.96 59.78
C PHE C 133 -9.21 5.55 60.18
N ASN C 134 -9.48 4.57 59.34
CA ASN C 134 -9.12 3.20 59.71
C ASN C 134 -9.37 2.37 58.48
N THR C 135 -8.84 1.15 58.38
CA THR C 135 -9.16 0.46 57.14
C THR C 135 -10.12 -0.62 57.65
N SER C 136 -11.02 -1.09 56.81
CA SER C 136 -11.97 -2.10 57.23
C SER C 136 -12.21 -2.97 56.03
N LEU C 137 -13.39 -3.57 55.94
CA LEU C 137 -13.65 -4.43 54.80
C LEU C 137 -15.03 -4.21 54.26
N ILE C 138 -15.13 -4.48 52.97
CA ILE C 138 -16.37 -4.42 52.24
C ILE C 138 -16.78 -5.86 52.04
N LEU C 139 -18.08 -6.09 52.14
CA LEU C 139 -18.63 -7.42 51.95
C LEU C 139 -19.90 -7.09 51.20
N GLU C 140 -19.90 -7.21 49.87
CA GLU C 140 -21.13 -6.91 49.18
C GLU C 140 -22.20 -7.94 49.38
N GLY C 141 -23.33 -7.47 49.88
CA GLY C 141 -24.45 -8.36 50.15
C GLY C 141 -24.88 -9.22 48.99
N ARG C 142 -25.07 -8.62 47.83
CA ARG C 142 -25.52 -9.45 46.72
C ARG C 142 -24.51 -10.52 46.37
N LYS C 143 -23.24 -10.16 46.27
CA LYS C 143 -22.21 -11.14 45.91
C LYS C 143 -22.08 -12.20 46.97
N TYR C 144 -22.08 -11.78 48.22
CA TYR C 144 -21.96 -12.74 49.31
C TYR C 144 -23.14 -13.68 49.37
N LEU C 145 -24.34 -13.17 49.12
CA LEU C 145 -25.51 -14.03 49.15
C LEU C 145 -25.38 -15.06 48.07
N GLN C 146 -24.89 -14.65 46.91
CA GLN C 146 -24.78 -15.67 45.86
C GLN C 146 -23.73 -16.69 46.21
N TRP C 147 -22.66 -16.24 46.84
CA TRP C 147 -21.61 -17.18 47.18
C TRP C 147 -22.12 -18.19 48.18
N LEU C 148 -22.75 -17.72 49.25
CA LEU C 148 -23.27 -18.65 50.25
C LEU C 148 -24.26 -19.56 49.59
N THR C 149 -25.03 -19.00 48.67
CA THR C 149 -26.00 -19.86 48.03
C THR C 149 -25.33 -21.02 47.30
N GLU C 150 -24.26 -20.77 46.56
CA GLU C 150 -23.62 -21.89 45.87
C GLU C 150 -23.03 -22.84 46.88
N ARG C 151 -22.41 -22.29 47.90
CA ARG C 151 -21.84 -23.19 48.90
C ARG C 151 -22.91 -24.10 49.49
N LEU C 152 -24.07 -23.52 49.86
CA LEU C 152 -25.15 -24.31 50.44
C LEU C 152 -25.67 -25.33 49.48
N THR C 153 -25.89 -24.85 48.27
CA THR C 153 -26.41 -25.75 47.29
C THR C 153 -25.51 -26.96 47.08
N GLU C 154 -24.21 -26.74 47.05
CA GLU C 154 -23.34 -27.88 46.84
C GLU C 154 -23.29 -28.78 48.06
N ARG C 155 -23.60 -28.25 49.23
CA ARG C 155 -23.59 -29.10 50.40
C ARG C 155 -24.91 -29.86 50.50
N GLY C 156 -25.74 -29.67 49.49
CA GLY C 156 -27.05 -30.32 49.44
C GLY C 156 -28.24 -29.63 50.10
N VAL C 157 -28.07 -28.43 50.64
CA VAL C 157 -29.18 -27.74 51.27
C VAL C 157 -30.19 -27.36 50.21
N LYS C 158 -31.47 -27.47 50.53
CA LYS C 158 -32.49 -27.11 49.56
C LYS C 158 -33.20 -25.82 49.80
N PHE C 159 -33.47 -25.10 48.72
CA PHE C 159 -34.16 -23.82 48.80
C PHE C 159 -35.60 -23.85 48.30
N PHE C 160 -36.48 -23.07 48.90
CA PHE C 160 -37.85 -23.07 48.42
C PHE C 160 -38.37 -21.70 48.66
N LEU C 161 -39.02 -21.22 47.61
CA LEU C 161 -39.60 -19.90 47.67
C LEU C 161 -40.95 -20.17 48.31
N ARG C 162 -41.13 -19.69 49.54
CA ARG C 162 -42.37 -19.88 50.25
C ARG C 162 -42.58 -18.91 51.33
N LYS C 163 -43.78 -18.38 51.43
CA LYS C 163 -44.07 -17.44 52.50
C LYS C 163 -44.59 -18.29 53.65
N VAL C 164 -43.89 -18.31 54.78
CA VAL C 164 -44.36 -19.09 55.90
C VAL C 164 -45.40 -18.27 56.65
N GLU C 165 -46.54 -18.86 56.92
CA GLU C 165 -47.61 -18.18 57.64
C GLU C 165 -47.49 -18.29 59.16
N SER C 166 -46.87 -19.36 59.64
CA SER C 166 -46.76 -19.53 61.08
C SER C 166 -45.77 -20.64 61.33
N PHE C 167 -45.23 -20.66 62.55
CA PHE C 167 -44.28 -21.72 62.80
C PHE C 167 -45.03 -23.03 62.84
N GLU C 168 -46.28 -22.94 63.27
CA GLU C 168 -47.12 -24.12 63.39
C GLU C 168 -47.12 -24.84 62.05
N GLU C 169 -47.39 -24.06 61.01
CA GLU C 169 -47.43 -24.58 59.65
C GLU C 169 -46.14 -25.33 59.36
N VAL C 170 -45.02 -24.80 59.81
CA VAL C 170 -43.77 -25.49 59.54
C VAL C 170 -43.51 -26.72 60.38
N ALA C 171 -43.95 -26.66 61.63
CA ALA C 171 -43.78 -27.78 62.55
C ALA C 171 -44.60 -28.96 62.04
N ARG C 172 -45.81 -28.66 61.57
CA ARG C 172 -46.70 -29.68 61.05
C ARG C 172 -46.04 -30.35 59.85
N GLY C 173 -45.17 -29.63 59.18
CA GLY C 173 -44.44 -30.14 58.02
C GLY C 173 -43.29 -31.03 58.47
N GLY C 174 -43.26 -31.43 59.74
CA GLY C 174 -42.15 -32.28 60.18
C GLY C 174 -40.81 -31.64 60.55
N ALA C 175 -40.75 -30.33 60.71
CA ALA C 175 -39.47 -29.72 61.07
C ALA C 175 -39.13 -30.02 62.54
N ASP C 176 -37.95 -30.57 62.80
CA ASP C 176 -37.54 -30.88 64.17
C ASP C 176 -37.10 -29.59 64.83
N VAL C 177 -36.45 -28.74 64.03
CA VAL C 177 -35.96 -27.45 64.50
C VAL C 177 -36.18 -26.46 63.38
N ILE C 178 -36.41 -25.23 63.80
CA ILE C 178 -36.68 -24.13 62.91
C ILE C 178 -35.90 -22.93 63.38
N ILE C 179 -35.19 -22.35 62.40
CA ILE C 179 -34.39 -21.17 62.64
C ILE C 179 -35.06 -19.98 62.03
N ASN C 180 -35.46 -19.06 62.90
CA ASN C 180 -36.15 -17.87 62.42
C ASN C 180 -35.15 -16.77 62.11
N CYS C 181 -35.01 -16.43 60.83
CA CYS C 181 -34.08 -15.39 60.37
C CYS C 181 -34.83 -14.52 59.39
N THR C 182 -36.01 -14.11 59.83
CA THR C 182 -36.92 -13.27 59.08
C THR C 182 -36.69 -11.75 59.02
N GLY C 183 -35.64 -11.26 59.66
CA GLY C 183 -35.37 -9.81 59.61
C GLY C 183 -36.55 -8.96 60.05
N VAL C 184 -36.75 -7.77 59.49
CA VAL C 184 -37.90 -6.98 59.95
C VAL C 184 -39.24 -7.69 59.91
N TRP C 185 -39.40 -8.74 59.12
CA TRP C 185 -40.70 -9.38 59.08
C TRP C 185 -41.00 -10.44 60.11
N ALA C 186 -40.08 -10.63 61.04
CA ALA C 186 -40.24 -11.62 62.08
C ALA C 186 -41.50 -11.46 62.94
N GLY C 187 -41.94 -10.22 63.09
CA GLY C 187 -43.11 -9.86 63.89
C GLY C 187 -44.34 -10.60 63.42
N VAL C 188 -44.37 -10.85 62.12
CA VAL C 188 -45.48 -11.56 61.52
C VAL C 188 -45.57 -12.98 62.04
N LEU C 189 -44.46 -13.68 62.23
CA LEU C 189 -44.58 -15.04 62.73
C LEU C 189 -44.79 -15.05 64.23
N GLN C 190 -44.57 -13.91 64.85
CA GLN C 190 -44.71 -13.81 66.28
C GLN C 190 -44.28 -12.41 66.63
N PRO C 191 -45.25 -11.68 67.14
CA PRO C 191 -45.15 -10.29 67.56
C PRO C 191 -43.98 -10.01 68.46
N ASP C 192 -43.39 -8.85 68.17
CA ASP C 192 -42.25 -8.38 68.92
C ASP C 192 -42.38 -6.93 68.61
N PRO C 193 -42.82 -6.25 69.65
CA PRO C 193 -43.06 -4.83 69.68
C PRO C 193 -41.75 -4.06 69.72
N LEU C 194 -40.67 -4.76 70.02
CA LEU C 194 -39.37 -4.09 70.06
C LEU C 194 -38.79 -3.90 68.67
N LEU C 195 -39.24 -4.76 67.76
CA LEU C 195 -38.82 -4.76 66.38
C LEU C 195 -39.53 -3.74 65.52
N GLN C 196 -38.74 -2.98 64.78
CA GLN C 196 -39.26 -1.95 63.89
C GLN C 196 -38.40 -1.74 62.67
N PRO C 197 -39.03 -1.34 61.58
CA PRO C 197 -38.28 -1.10 60.36
C PRO C 197 -37.51 0.20 60.45
N GLY C 198 -36.24 0.18 60.09
CA GLY C 198 -35.44 1.40 60.08
C GLY C 198 -35.30 1.60 58.57
N ARG C 199 -36.23 2.29 57.95
CA ARG C 199 -36.10 2.44 56.50
C ARG C 199 -34.89 3.23 56.04
N GLY C 200 -34.35 2.89 54.88
CA GLY C 200 -33.21 3.63 54.34
C GLY C 200 -33.15 3.50 52.81
N GLN C 201 -32.96 4.62 52.09
CA GLN C 201 -32.83 4.59 50.62
C GLN C 201 -31.35 4.79 50.32
N ILE C 202 -30.93 4.42 49.11
CA ILE C 202 -29.55 4.62 48.73
C ILE C 202 -29.58 4.87 47.25
N ILE C 203 -28.48 5.36 46.72
CA ILE C 203 -28.43 5.61 45.31
C ILE C 203 -27.12 4.97 44.95
N LYS C 204 -27.16 4.15 43.91
CA LYS C 204 -25.95 3.48 43.44
C LYS C 204 -25.47 4.35 42.33
N VAL C 205 -24.18 4.56 42.34
CA VAL C 205 -23.60 5.42 41.33
C VAL C 205 -22.32 4.85 40.78
N ASP C 206 -22.03 5.22 39.54
CA ASP C 206 -20.80 4.75 38.94
C ASP C 206 -19.80 5.92 39.10
N ALA C 207 -18.78 5.75 39.93
CA ALA C 207 -17.79 6.80 40.12
C ALA C 207 -16.59 6.05 40.69
N PRO C 208 -15.87 5.41 39.78
CA PRO C 208 -14.70 4.61 40.10
C PRO C 208 -13.52 5.35 40.64
N TRP C 209 -13.44 6.65 40.46
CA TRP C 209 -12.28 7.29 41.02
C TRP C 209 -12.33 7.38 42.53
N LEU C 210 -13.47 7.06 43.15
CA LEU C 210 -13.57 7.13 44.61
C LEU C 210 -13.14 5.81 45.20
N LYS C 211 -11.99 5.82 45.87
CA LYS C 211 -11.44 4.62 46.48
C LYS C 211 -11.63 4.47 47.97
N ASN C 212 -12.13 5.48 48.66
CA ASN C 212 -12.25 5.34 50.10
C ASN C 212 -13.66 5.67 50.53
N PHE C 213 -14.05 5.08 51.65
CA PHE C 213 -15.39 5.35 52.16
C PHE C 213 -15.37 6.62 52.97
N ILE C 214 -16.52 7.25 53.08
CA ILE C 214 -16.57 8.49 53.85
C ILE C 214 -17.92 8.45 54.48
N ILE C 215 -17.89 8.57 55.80
CA ILE C 215 -19.15 8.53 56.50
C ILE C 215 -19.19 9.68 57.46
N THR C 216 -20.25 10.43 57.24
CA THR C 216 -20.57 11.58 58.02
C THR C 216 -21.52 11.30 59.14
N HIS C 217 -21.41 12.07 60.21
CA HIS C 217 -22.33 11.85 61.31
C HIS C 217 -22.92 13.13 61.87
N ASP C 218 -24.20 13.10 62.18
CA ASP C 218 -24.87 14.27 62.74
C ASP C 218 -25.54 13.66 63.93
N LEU C 219 -25.05 14.09 65.07
CA LEU C 219 -25.53 13.60 66.34
C LEU C 219 -26.97 13.92 66.68
N GLU C 220 -27.40 15.11 66.28
CA GLU C 220 -28.76 15.50 66.57
C GLU C 220 -29.69 14.64 65.74
N ARG C 221 -29.36 14.64 64.46
CA ARG C 221 -30.12 13.93 63.46
C ARG C 221 -30.22 12.40 63.45
N GLY C 222 -29.42 11.71 64.26
CA GLY C 222 -29.44 10.24 64.33
C GLY C 222 -28.48 9.49 63.40
N ILE C 223 -28.13 8.26 63.78
CA ILE C 223 -27.21 7.51 62.94
C ILE C 223 -27.75 7.23 61.55
N TYR C 224 -26.87 7.34 60.58
CA TYR C 224 -27.20 7.12 59.18
C TYR C 224 -28.12 8.11 58.53
N ASN C 225 -28.39 9.18 59.26
CA ASN C 225 -29.23 10.26 58.76
C ASN C 225 -28.31 11.35 58.30
N SER C 226 -27.25 10.95 57.62
CA SER C 226 -26.31 11.97 57.18
C SER C 226 -25.59 11.28 56.05
N PRO C 227 -25.13 12.07 55.10
CA PRO C 227 -24.44 11.54 53.93
C PRO C 227 -23.28 10.65 54.21
N TYR C 228 -23.19 9.65 53.33
CA TYR C 228 -22.12 8.70 53.42
C TYR C 228 -21.93 8.21 52.00
N ILE C 229 -20.70 7.84 51.70
CA ILE C 229 -20.35 7.37 50.37
C ILE C 229 -19.46 6.18 50.62
N ILE C 230 -19.82 5.09 49.96
CA ILE C 230 -19.07 3.86 50.16
C ILE C 230 -18.93 3.09 48.88
N PRO C 231 -17.68 3.02 48.47
CA PRO C 231 -17.25 2.33 47.27
C PRO C 231 -17.56 0.86 47.47
N GLY C 232 -17.90 0.14 46.43
CA GLY C 232 -18.20 -1.26 46.60
C GLY C 232 -17.34 -1.91 45.53
N LEU C 233 -17.58 -3.16 45.20
CA LEU C 233 -16.76 -3.80 44.19
C LEU C 233 -16.93 -3.12 42.84
N GLN C 234 -18.16 -3.00 42.35
CA GLN C 234 -18.40 -2.35 41.07
C GLN C 234 -18.99 -0.94 41.08
N ALA C 235 -19.69 -0.55 42.13
CA ALA C 235 -20.25 0.79 42.14
C ALA C 235 -20.16 1.42 43.48
N VAL C 236 -20.51 2.70 43.51
CA VAL C 236 -20.47 3.43 44.75
C VAL C 236 -21.84 3.62 45.31
N THR C 237 -21.95 3.42 46.62
CA THR C 237 -23.24 3.61 47.25
C THR C 237 -23.30 4.94 47.94
N LEU C 238 -24.29 5.74 47.58
CA LEU C 238 -24.53 7.04 48.20
C LEU C 238 -25.62 6.81 49.19
N GLY C 239 -25.51 7.45 50.33
CA GLY C 239 -26.57 7.19 51.23
C GLY C 239 -26.71 8.24 52.27
N GLY C 240 -27.64 7.88 53.15
CA GLY C 240 -27.94 8.77 54.22
C GLY C 240 -29.31 8.70 54.86
N THR C 241 -30.06 7.60 54.96
CA THR C 241 -31.36 7.77 55.65
C THR C 241 -31.66 6.59 56.56
N PHE C 242 -32.24 6.88 57.70
CA PHE C 242 -32.56 5.81 58.64
C PHE C 242 -33.81 6.38 59.29
N GLN C 243 -34.98 5.82 58.97
CA GLN C 243 -36.26 6.30 59.49
C GLN C 243 -37.03 5.19 60.16
N VAL C 244 -37.03 5.26 61.48
CA VAL C 244 -37.71 4.24 62.27
C VAL C 244 -39.22 4.30 62.16
N GLY C 245 -39.81 3.13 62.01
CA GLY C 245 -41.25 3.03 61.87
C GLY C 245 -41.73 3.30 60.46
N ASN C 246 -40.89 3.75 59.54
CA ASN C 246 -41.42 3.96 58.20
C ASN C 246 -41.37 2.67 57.40
N TRP C 247 -42.53 2.24 56.92
CA TRP C 247 -42.68 1.03 56.10
C TRP C 247 -42.80 1.22 54.62
N ASN C 248 -42.77 2.46 54.12
CA ASN C 248 -42.95 2.59 52.68
C ASN C 248 -41.73 2.02 51.93
N GLU C 249 -41.91 1.00 51.10
CA GLU C 249 -40.86 0.35 50.33
C GLU C 249 -40.47 0.96 49.00
N ILE C 250 -41.17 2.02 48.67
CA ILE C 250 -40.97 2.75 47.44
C ILE C 250 -39.89 3.80 47.58
N ASN C 251 -39.04 3.93 46.57
CA ASN C 251 -38.02 4.94 46.70
C ASN C 251 -38.74 6.26 46.58
N ASN C 252 -38.42 7.23 47.41
CA ASN C 252 -39.05 8.51 47.29
C ASN C 252 -38.09 9.58 46.78
N ILE C 253 -38.60 10.46 45.95
CA ILE C 253 -37.78 11.49 45.40
C ILE C 253 -37.23 12.44 46.46
N GLN C 254 -37.91 12.62 47.59
CA GLN C 254 -37.29 13.57 48.50
C GLN C 254 -36.02 13.05 49.10
N ASP C 255 -36.06 11.78 49.44
CA ASP C 255 -34.90 11.19 50.04
C ASP C 255 -33.79 11.21 49.02
N HIS C 256 -34.16 10.91 47.79
CA HIS C 256 -33.17 10.91 46.77
C HIS C 256 -32.52 12.27 46.69
N ASN C 257 -33.32 13.31 46.66
CA ASN C 257 -32.65 14.61 46.59
C ASN C 257 -31.81 14.93 47.78
N THR C 258 -32.24 14.60 48.98
CA THR C 258 -31.38 15.01 50.05
C THR C 258 -30.09 14.21 50.10
N ILE C 259 -30.17 12.95 49.70
CA ILE C 259 -28.98 12.12 49.71
C ILE C 259 -28.04 12.62 48.63
N TRP C 260 -28.59 12.90 47.47
CA TRP C 260 -27.76 13.36 46.40
C TRP C 260 -27.11 14.68 46.69
N GLU C 261 -27.88 15.66 47.14
CA GLU C 261 -27.24 16.93 47.40
C GLU C 261 -26.27 16.89 48.54
N GLY C 262 -26.53 16.05 49.53
CA GLY C 262 -25.60 16.03 50.63
C GLY C 262 -24.26 15.46 50.22
N CYS C 263 -24.33 14.33 49.52
CA CYS C 263 -23.10 13.71 49.08
C CYS C 263 -22.38 14.57 48.09
N CYS C 264 -23.17 15.12 47.20
CA CYS C 264 -22.61 15.95 46.17
C CYS C 264 -21.87 17.12 46.80
N ARG C 265 -22.28 17.56 47.99
CA ARG C 265 -21.61 18.68 48.65
C ARG C 265 -20.34 18.20 49.37
N LEU C 266 -20.39 16.96 49.86
CA LEU C 266 -19.28 16.33 50.54
C LEU C 266 -18.21 15.87 49.53
N GLU C 267 -18.61 15.54 48.31
CA GLU C 267 -17.63 15.07 47.34
C GLU C 267 -18.21 15.58 46.05
N PRO C 268 -17.80 16.79 45.74
CA PRO C 268 -18.22 17.54 44.56
C PRO C 268 -17.90 16.86 43.26
N THR C 269 -16.96 15.95 43.25
CA THR C 269 -16.68 15.33 41.97
C THR C 269 -17.83 14.44 41.54
N LEU C 270 -18.80 14.21 42.44
CA LEU C 270 -19.95 13.36 42.12
C LEU C 270 -20.74 13.94 40.98
N LYS C 271 -20.47 15.21 40.76
CA LYS C 271 -21.05 16.02 39.71
C LYS C 271 -21.06 15.21 38.43
N ASP C 272 -20.00 14.48 38.16
CA ASP C 272 -19.92 13.66 36.95
C ASP C 272 -20.31 12.20 37.11
N ALA C 273 -20.79 11.76 38.26
CA ALA C 273 -21.15 10.36 38.41
C ALA C 273 -22.44 9.97 37.69
N LYS C 274 -22.52 8.76 37.12
CA LYS C 274 -23.71 8.28 36.42
C LYS C 274 -24.55 7.58 37.50
N ILE C 275 -25.85 7.88 37.61
CA ILE C 275 -26.64 7.20 38.63
C ILE C 275 -27.04 5.86 38.05
N VAL C 276 -26.80 4.75 38.72
CA VAL C 276 -27.20 3.48 38.14
C VAL C 276 -28.48 2.89 38.72
N GLY C 277 -28.90 3.38 39.88
CA GLY C 277 -30.11 2.87 40.51
C GLY C 277 -30.36 3.40 41.90
N GLU C 278 -31.56 3.13 42.44
CA GLU C 278 -31.90 3.56 43.79
C GLU C 278 -32.65 2.44 44.41
N TYR C 279 -32.52 2.30 45.71
CA TYR C 279 -33.20 1.20 46.34
C TYR C 279 -33.54 1.60 47.75
N THR C 280 -34.49 0.91 48.37
CA THR C 280 -34.80 1.27 49.75
C THR C 280 -34.95 -0.10 50.43
N GLY C 281 -34.76 -0.13 51.74
CA GLY C 281 -34.86 -1.38 52.48
C GLY C 281 -35.04 -1.03 53.94
N PHE C 282 -35.43 -2.05 54.71
CA PHE C 282 -35.66 -1.90 56.13
C PHE C 282 -34.66 -2.49 57.10
N ARG C 283 -33.93 -1.68 57.85
CA ARG C 283 -33.00 -2.30 58.79
C ARG C 283 -33.94 -2.93 59.83
N PRO C 284 -33.67 -4.15 60.29
CA PRO C 284 -34.57 -4.72 61.29
C PRO C 284 -34.09 -4.18 62.63
N VAL C 285 -34.60 -3.02 62.96
CA VAL C 285 -34.25 -2.34 64.20
C VAL C 285 -34.84 -2.97 65.45
N ARG C 286 -34.01 -3.10 66.48
CA ARG C 286 -34.43 -3.67 67.74
C ARG C 286 -33.33 -3.27 68.70
N PRO C 287 -33.64 -3.15 69.99
CA PRO C 287 -32.65 -2.74 70.97
C PRO C 287 -31.49 -3.72 71.15
N GLN C 288 -31.73 -4.95 70.75
CA GLN C 288 -30.71 -5.96 70.86
C GLN C 288 -31.14 -7.11 70.01
N VAL C 289 -30.15 -7.77 69.44
CA VAL C 289 -30.45 -8.87 68.57
C VAL C 289 -31.23 -9.88 69.36
N ARG C 290 -32.27 -10.43 68.75
CA ARG C 290 -33.01 -11.43 69.47
C ARG C 290 -32.36 -12.68 68.97
N LEU C 291 -31.67 -13.39 69.84
CA LEU C 291 -31.01 -14.62 69.42
C LEU C 291 -31.17 -15.51 70.63
N GLU C 292 -32.12 -16.43 70.52
CA GLU C 292 -32.43 -17.34 71.59
C GLU C 292 -33.36 -18.44 71.14
N ARG C 293 -33.27 -19.52 71.89
CA ARG C 293 -34.04 -20.73 71.70
C ARG C 293 -35.38 -20.64 72.41
N GLU C 294 -36.38 -21.31 71.84
CA GLU C 294 -37.69 -21.25 72.46
C GLU C 294 -38.36 -22.52 72.01
N GLN C 295 -39.02 -23.21 72.92
CA GLN C 295 -39.68 -24.43 72.51
C GLN C 295 -41.14 -24.18 72.21
N LEU C 296 -41.70 -25.00 71.33
CA LEU C 296 -43.09 -24.80 71.03
C LEU C 296 -43.78 -26.12 70.87
N ARG C 297 -44.84 -26.22 71.66
CA ARG C 297 -45.72 -27.37 71.72
C ARG C 297 -46.81 -27.20 70.66
N PHE C 298 -46.94 -28.20 69.81
CA PHE C 298 -47.95 -28.18 68.75
C PHE C 298 -48.47 -29.60 68.86
N GLY C 299 -49.42 -29.61 69.79
CA GLY C 299 -50.19 -30.72 70.31
C GLY C 299 -49.16 -31.47 71.16
N SER C 300 -48.62 -32.52 70.55
CA SER C 300 -47.61 -33.40 71.11
C SER C 300 -46.23 -33.26 70.49
N SER C 301 -45.86 -32.04 70.10
CA SER C 301 -44.55 -31.92 69.49
C SER C 301 -43.90 -30.64 69.93
N ASN C 302 -42.75 -30.85 70.56
CA ASN C 302 -41.95 -29.74 71.04
C ASN C 302 -41.22 -29.54 69.72
N THR C 303 -41.04 -28.30 69.34
CA THR C 303 -40.35 -28.06 68.09
C THR C 303 -39.62 -26.87 68.62
N GLU C 304 -38.31 -26.95 68.47
CA GLU C 304 -37.43 -25.90 68.89
C GLU C 304 -37.42 -24.84 67.83
N VAL C 305 -37.22 -23.61 68.26
CA VAL C 305 -37.19 -22.51 67.33
C VAL C 305 -36.00 -21.76 67.86
N ILE C 306 -35.17 -21.25 66.97
CA ILE C 306 -34.04 -20.52 67.48
C ILE C 306 -34.17 -19.30 66.61
N HIS C 307 -34.26 -18.18 67.33
CA HIS C 307 -34.39 -16.90 66.69
C HIS C 307 -33.09 -16.22 66.44
N ASN C 308 -33.06 -15.47 65.35
CA ASN C 308 -31.84 -14.75 65.06
C ASN C 308 -32.29 -13.62 64.17
N TYR C 309 -32.62 -12.51 64.78
CA TYR C 309 -33.07 -11.40 63.97
C TYR C 309 -32.97 -10.13 64.81
N GLY C 310 -33.11 -8.98 64.17
CA GLY C 310 -32.99 -7.71 64.86
C GLY C 310 -31.63 -7.05 64.71
N HIS C 311 -30.94 -7.34 63.61
CA HIS C 311 -29.63 -6.75 63.41
C HIS C 311 -29.42 -5.32 62.97
N GLY C 312 -30.49 -4.55 62.85
CA GLY C 312 -30.35 -3.15 62.45
C GLY C 312 -29.44 -2.89 61.28
N GLY C 313 -28.69 -1.81 61.42
CA GLY C 313 -27.70 -1.32 60.47
C GLY C 313 -26.39 -2.07 60.64
N TYR C 314 -26.43 -3.29 61.13
CA TYR C 314 -25.18 -4.01 61.31
C TYR C 314 -25.22 -5.51 61.09
N GLY C 315 -26.19 -5.98 60.32
CA GLY C 315 -26.27 -7.40 60.07
C GLY C 315 -25.05 -7.96 59.35
N LEU C 316 -24.50 -7.22 58.40
CA LEU C 316 -23.32 -7.75 57.71
C LEU C 316 -22.16 -7.76 58.66
N THR C 317 -22.03 -6.66 59.38
CA THR C 317 -20.97 -6.52 60.33
C THR C 317 -20.86 -7.55 61.43
N ILE C 318 -21.94 -8.23 61.76
CA ILE C 318 -21.92 -9.22 62.86
C ILE C 318 -22.49 -10.59 62.58
N HIS C 319 -22.97 -10.81 61.38
CA HIS C 319 -23.57 -12.09 61.05
C HIS C 319 -22.83 -13.34 61.43
N TRP C 320 -21.52 -13.33 61.35
CA TRP C 320 -20.81 -14.56 61.68
C TRP C 320 -20.83 -14.93 63.13
N GLY C 321 -20.71 -13.93 63.99
CA GLY C 321 -20.73 -14.21 65.41
C GLY C 321 -22.07 -14.85 65.73
N CYS C 322 -23.15 -14.30 65.19
CA CYS C 322 -24.46 -14.87 65.47
C CYS C 322 -24.62 -16.26 64.92
N ALA C 323 -24.14 -16.49 63.71
CA ALA C 323 -24.28 -17.82 63.12
C ALA C 323 -23.60 -18.80 64.04
N LEU C 324 -22.49 -18.41 64.61
CA LEU C 324 -21.80 -19.32 65.52
C LEU C 324 -22.62 -19.58 66.76
N GLU C 325 -23.17 -18.50 67.31
CA GLU C 325 -23.98 -18.65 68.50
C GLU C 325 -25.13 -19.58 68.21
N VAL C 326 -25.78 -19.41 67.07
CA VAL C 326 -26.88 -20.31 66.80
C VAL C 326 -26.40 -21.75 66.71
N ALA C 327 -25.23 -21.99 66.11
CA ALA C 327 -24.76 -23.37 66.00
C ALA C 327 -24.62 -23.97 67.38
N LYS C 328 -24.17 -23.14 68.31
CA LYS C 328 -23.98 -23.53 69.70
C LYS C 328 -25.32 -23.92 70.33
N LEU C 329 -26.36 -23.10 70.19
CA LEU C 329 -27.64 -23.47 70.77
C LEU C 329 -28.13 -24.75 70.11
N PHE C 330 -27.89 -24.85 68.81
CA PHE C 330 -28.34 -26.04 68.13
C PHE C 330 -27.58 -27.22 68.72
N GLY C 331 -26.36 -26.98 69.12
CA GLY C 331 -25.58 -28.06 69.71
C GLY C 331 -26.32 -28.56 70.94
N LYS C 332 -26.75 -27.64 71.81
CA LYS C 332 -27.48 -28.06 73.00
C LYS C 332 -28.71 -28.85 72.65
N VAL C 333 -29.46 -28.35 71.67
CA VAL C 333 -30.67 -29.04 71.28
C VAL C 333 -30.31 -30.45 70.91
N LEU C 334 -29.12 -30.63 70.37
CA LEU C 334 -28.73 -31.98 70.02
C LEU C 334 -28.40 -32.82 71.24
N GLU C 335 -27.73 -32.23 72.22
CA GLU C 335 -27.41 -33.07 73.35
C GLU C 335 -28.65 -33.41 74.16
N GLU C 336 -29.66 -32.56 74.09
CA GLU C 336 -30.87 -32.85 74.82
C GLU C 336 -31.53 -34.02 74.10
N ARG C 337 -31.52 -33.93 72.77
CA ARG C 337 -32.07 -34.97 71.92
C ARG C 337 -31.16 -36.19 71.89
N ASN C 338 -30.11 -36.12 72.70
CA ASN C 338 -29.10 -37.19 72.80
C ASN C 338 -28.42 -37.54 71.48
N LEU C 339 -28.14 -36.48 70.72
CA LEU C 339 -27.51 -36.51 69.40
C LEU C 339 -28.45 -37.23 68.44
N MET D 1 1.92 -40.31 16.88
CA MET D 1 3.12 -39.73 16.32
C MET D 1 3.35 -38.36 16.89
N ARG D 2 4.57 -37.85 16.72
CA ARG D 2 4.86 -36.52 17.19
C ARG D 2 4.44 -35.50 16.16
N VAL D 3 3.70 -34.50 16.59
CA VAL D 3 3.25 -33.47 15.66
C VAL D 3 3.57 -32.24 16.47
N VAL D 4 4.02 -31.22 15.77
CA VAL D 4 4.38 -29.97 16.43
C VAL D 4 3.86 -28.88 15.53
N VAL D 5 3.11 -28.01 16.17
CA VAL D 5 2.52 -26.88 15.50
C VAL D 5 3.37 -25.71 15.97
N ILE D 6 3.76 -24.89 15.00
CA ILE D 6 4.55 -23.72 15.33
C ILE D 6 3.61 -22.57 15.10
N GLY D 7 3.23 -21.88 16.17
CA GLY D 7 2.33 -20.75 16.01
C GLY D 7 1.21 -20.95 17.02
N ALA D 8 0.80 -19.88 17.68
CA ALA D 8 -0.27 -19.95 18.67
C ALA D 8 -1.28 -18.83 18.42
N GLY D 9 -1.37 -18.42 17.16
CA GLY D 9 -2.27 -17.38 16.70
C GLY D 9 -3.53 -18.17 16.38
N VAL D 10 -4.53 -17.53 15.77
CA VAL D 10 -5.73 -18.28 15.46
C VAL D 10 -5.52 -19.46 14.53
N ILE D 11 -4.56 -19.33 13.61
CA ILE D 11 -4.30 -20.41 12.67
C ILE D 11 -3.69 -21.62 13.37
N GLY D 12 -2.65 -21.40 14.15
CA GLY D 12 -2.03 -22.53 14.84
C GLY D 12 -2.98 -23.25 15.78
N LEU D 13 -3.61 -22.52 16.69
CA LEU D 13 -4.52 -23.18 17.61
C LEU D 13 -5.71 -23.83 16.95
N SER D 14 -6.35 -23.18 15.99
CA SER D 14 -7.49 -23.85 15.39
C SER D 14 -7.04 -25.09 14.66
N THR D 15 -5.91 -24.99 13.99
CA THR D 15 -5.44 -26.15 13.27
C THR D 15 -5.13 -27.29 14.21
N ALA D 16 -4.43 -27.00 15.29
CA ALA D 16 -4.09 -28.06 16.23
C ALA D 16 -5.31 -28.76 16.76
N LEU D 17 -6.31 -27.98 17.14
CA LEU D 17 -7.51 -28.56 17.68
C LEU D 17 -8.23 -29.36 16.65
N CYS D 18 -8.25 -28.78 15.47
CA CYS D 18 -8.95 -29.45 14.39
C CYS D 18 -8.45 -30.84 14.15
N ILE D 19 -7.14 -30.98 14.09
CA ILE D 19 -6.53 -32.27 13.86
C ILE D 19 -6.67 -33.22 15.02
N HIS D 20 -6.37 -32.70 16.18
CA HIS D 20 -6.47 -33.54 17.34
C HIS D 20 -7.90 -34.02 17.46
N GLU D 21 -8.83 -33.11 17.20
CA GLU D 21 -10.22 -33.46 17.28
C GLU D 21 -10.47 -34.62 16.31
N ARG D 22 -9.91 -34.60 15.12
CA ARG D 22 -10.15 -35.71 14.21
C ARG D 22 -9.40 -37.00 14.35
N TYR D 23 -8.13 -36.90 14.73
CA TYR D 23 -7.31 -38.06 14.88
C TYR D 23 -6.97 -38.70 16.19
N HIS D 24 -7.21 -38.03 17.30
CA HIS D 24 -6.87 -38.60 18.59
C HIS D 24 -7.45 -39.99 18.83
N SER D 25 -8.62 -40.25 18.25
CA SER D 25 -9.37 -41.50 18.32
C SER D 25 -8.67 -42.61 17.54
N VAL D 26 -8.40 -42.30 16.28
CA VAL D 26 -7.74 -43.14 15.28
C VAL D 26 -6.29 -43.46 15.61
N LEU D 27 -5.43 -42.44 15.71
CA LEU D 27 -4.05 -42.72 16.05
C LEU D 27 -4.06 -42.90 17.54
N GLN D 28 -3.56 -44.03 18.02
CA GLN D 28 -3.54 -44.24 19.46
C GLN D 28 -2.60 -43.17 20.01
N PRO D 29 -1.30 -43.28 19.76
CA PRO D 29 -0.40 -42.23 20.25
C PRO D 29 -0.54 -41.09 19.22
N LEU D 30 -0.77 -39.87 19.71
CA LEU D 30 -0.92 -38.68 18.90
C LEU D 30 -0.44 -37.61 19.85
N ASP D 31 0.81 -37.27 19.67
CA ASP D 31 1.42 -36.25 20.50
C ASP D 31 1.54 -34.87 19.90
N VAL D 32 0.62 -34.01 20.30
CA VAL D 32 0.66 -32.65 19.78
C VAL D 32 1.33 -31.71 20.75
N LYS D 33 2.12 -30.80 20.22
CA LYS D 33 2.79 -29.86 21.10
C LYS D 33 2.74 -28.60 20.26
N VAL D 34 2.74 -27.48 20.95
CA VAL D 34 2.67 -26.23 20.24
C VAL D 34 3.79 -25.35 20.73
N TYR D 35 4.58 -24.92 19.76
CA TYR D 35 5.67 -24.04 20.06
C TYR D 35 5.32 -22.69 19.51
N ALA D 36 5.67 -21.64 20.25
CA ALA D 36 5.39 -20.31 19.80
C ALA D 36 6.22 -19.38 20.65
N ASP D 37 6.71 -18.31 20.05
CA ASP D 37 7.51 -17.36 20.79
C ASP D 37 6.60 -16.29 21.38
N ARG D 38 5.33 -16.31 21.02
CA ARG D 38 4.38 -15.34 21.54
C ARG D 38 3.02 -15.99 21.60
N PHE D 39 2.42 -15.84 22.77
CA PHE D 39 1.09 -16.33 23.07
C PHE D 39 0.22 -15.10 23.26
N THR D 40 -1.08 -15.29 23.25
CA THR D 40 -1.98 -14.16 23.45
C THR D 40 -1.58 -13.65 24.82
N PRO D 41 -1.68 -12.36 25.06
CA PRO D 41 -2.15 -11.30 24.15
C PRO D 41 -1.16 -10.81 23.10
N PHE D 42 -0.05 -11.51 22.95
CA PHE D 42 0.92 -11.04 21.97
C PHE D 42 0.86 -11.38 20.49
N THR D 43 -0.11 -12.19 20.06
CA THR D 43 -0.16 -12.53 18.66
C THR D 43 -0.80 -11.41 17.85
N THR D 44 -0.76 -11.54 16.54
CA THR D 44 -1.36 -10.55 15.66
C THR D 44 -2.85 -10.77 15.84
N THR D 45 -3.20 -12.02 16.06
CA THR D 45 -4.59 -12.37 16.23
C THR D 45 -5.25 -11.53 17.33
N ASP D 46 -4.55 -11.26 18.42
CA ASP D 46 -5.09 -10.48 19.52
C ASP D 46 -5.42 -9.06 19.13
N VAL D 47 -4.82 -8.61 18.04
CA VAL D 47 -5.02 -7.26 17.54
C VAL D 47 -6.17 -7.11 16.54
N ALA D 48 -6.61 -8.23 16.01
CA ALA D 48 -7.67 -8.20 15.03
C ALA D 48 -8.91 -7.44 15.47
N ALA D 49 -9.47 -6.71 14.51
CA ALA D 49 -10.68 -5.92 14.73
C ALA D 49 -11.80 -6.85 15.21
N GLY D 50 -11.65 -8.13 14.95
CA GLY D 50 -12.61 -9.18 15.31
C GLY D 50 -13.76 -9.51 14.37
N LEU D 51 -13.91 -8.78 13.27
CA LEU D 51 -14.99 -9.05 12.33
C LEU D 51 -14.87 -10.13 11.28
N TRP D 52 -15.97 -10.78 10.93
CA TRP D 52 -15.88 -11.80 9.89
C TRP D 52 -16.26 -11.06 8.62
N GLN D 53 -15.31 -10.85 7.73
CA GLN D 53 -15.59 -10.18 6.47
C GLN D 53 -14.37 -10.33 5.61
N PRO D 54 -14.57 -10.96 4.46
CA PRO D 54 -13.51 -11.21 3.50
C PRO D 54 -13.24 -9.93 2.76
N TYR D 55 -12.29 -9.96 1.82
CA TYR D 55 -12.05 -8.73 1.09
C TYR D 55 -13.20 -8.52 0.11
N THR D 56 -13.27 -7.32 -0.47
CA THR D 56 -14.32 -6.99 -1.43
C THR D 56 -14.15 -7.62 -2.82
N SER D 57 -12.88 -7.79 -3.16
CA SER D 57 -12.42 -8.40 -4.41
C SER D 57 -12.41 -9.92 -4.38
N GLU D 58 -12.72 -10.36 -5.59
CA GLU D 58 -12.79 -11.75 -5.89
C GLU D 58 -11.54 -12.42 -5.44
N PRO D 59 -11.85 -13.56 -4.86
CA PRO D 59 -10.94 -14.51 -4.26
C PRO D 59 -9.81 -15.04 -5.13
N SER D 60 -8.71 -15.22 -4.40
CA SER D 60 -7.49 -15.73 -4.98
C SER D 60 -7.85 -17.13 -5.37
N ASN D 61 -7.40 -18.00 -4.47
CA ASN D 61 -7.65 -19.39 -4.69
C ASN D 61 -9.16 -19.40 -4.64
N PRO D 62 -9.71 -20.10 -5.61
CA PRO D 62 -11.15 -20.12 -5.43
C PRO D 62 -11.52 -20.89 -4.19
N GLN D 63 -10.61 -21.75 -3.74
CA GLN D 63 -10.93 -22.50 -2.54
C GLN D 63 -11.06 -21.55 -1.36
N GLU D 64 -10.45 -20.38 -1.49
CA GLU D 64 -10.54 -19.43 -0.39
C GLU D 64 -11.98 -19.10 -0.16
N ALA D 65 -12.76 -18.97 -1.22
CA ALA D 65 -14.16 -18.67 -1.02
C ALA D 65 -14.79 -19.79 -0.22
N ASN D 66 -14.44 -21.06 -0.47
CA ASN D 66 -15.05 -22.10 0.36
C ASN D 66 -14.60 -22.10 1.76
N TRP D 67 -13.33 -21.83 1.92
CA TRP D 67 -12.86 -21.80 3.27
C TRP D 67 -13.55 -20.76 4.12
N ASN D 68 -13.85 -19.64 3.47
CA ASN D 68 -14.53 -18.59 4.18
C ASN D 68 -15.91 -19.03 4.56
N GLN D 69 -16.58 -19.62 3.58
CA GLN D 69 -17.93 -20.07 3.85
C GLN D 69 -17.97 -21.11 4.94
N GLN D 70 -17.07 -22.07 4.89
CA GLN D 70 -17.10 -23.10 5.92
C GLN D 70 -16.84 -22.46 7.25
N THR D 71 -16.05 -21.40 7.28
CA THR D 71 -15.78 -20.77 8.56
C THR D 71 -17.04 -20.11 9.10
N PHE D 72 -17.75 -19.38 8.27
CA PHE D 72 -18.96 -18.72 8.73
C PHE D 72 -20.01 -19.71 9.22
N ASN D 73 -20.21 -20.78 8.50
CA ASN D 73 -21.22 -21.71 8.97
C ASN D 73 -20.79 -22.36 10.25
N TYR D 74 -19.51 -22.61 10.35
CA TYR D 74 -19.06 -23.24 11.58
C TYR D 74 -19.33 -22.30 12.74
N LEU D 75 -19.03 -21.02 12.54
CA LEU D 75 -19.25 -20.07 13.61
C LEU D 75 -20.73 -19.96 13.87
N LEU D 76 -21.54 -19.74 12.85
CA LEU D 76 -22.97 -19.67 13.15
C LEU D 76 -23.53 -20.84 13.90
N SER D 77 -23.00 -22.02 13.65
CA SER D 77 -23.55 -23.18 14.33
C SER D 77 -23.48 -23.02 15.84
N HIS D 78 -22.60 -22.15 16.32
CA HIS D 78 -22.49 -21.93 17.76
C HIS D 78 -23.40 -20.87 18.29
N ILE D 79 -23.93 -20.04 17.41
CA ILE D 79 -24.82 -19.00 17.89
C ILE D 79 -26.01 -19.78 18.40
N GLY D 80 -26.26 -19.70 19.70
CA GLY D 80 -27.38 -20.43 20.26
C GLY D 80 -26.86 -21.16 21.49
N SER D 81 -25.56 -21.42 21.56
CA SER D 81 -25.07 -22.12 22.72
C SER D 81 -24.82 -21.04 23.78
N PRO D 82 -24.73 -21.49 25.02
CA PRO D 82 -24.48 -20.64 26.16
C PRO D 82 -23.06 -20.15 26.15
N ASN D 83 -22.25 -20.85 25.37
CA ASN D 83 -20.84 -20.50 25.27
C ASN D 83 -20.32 -19.56 24.23
N ALA D 84 -21.19 -19.26 23.27
CA ALA D 84 -20.84 -18.38 22.19
C ALA D 84 -20.12 -17.14 22.64
N ALA D 85 -20.58 -16.48 23.69
CA ALA D 85 -19.85 -15.29 24.07
C ALA D 85 -18.54 -15.64 24.71
N ASN D 86 -18.48 -16.80 25.33
CA ASN D 86 -17.24 -17.19 25.98
C ASN D 86 -16.20 -17.54 24.95
N MET D 87 -16.63 -17.92 23.75
CA MET D 87 -15.65 -18.24 22.72
C MET D 87 -15.30 -16.96 22.01
N GLY D 88 -15.94 -15.85 22.33
CA GLY D 88 -15.62 -14.61 21.63
C GLY D 88 -16.58 -14.24 20.50
N LEU D 89 -17.67 -14.98 20.38
CA LEU D 89 -18.70 -14.72 19.37
C LEU D 89 -20.00 -13.98 19.66
N THR D 90 -20.52 -13.25 18.68
CA THR D 90 -21.80 -12.53 18.70
C THR D 90 -22.06 -11.96 17.34
N PRO D 91 -23.32 -11.95 16.98
CA PRO D 91 -23.75 -11.42 15.68
C PRO D 91 -23.64 -9.91 15.74
N VAL D 92 -23.47 -9.25 14.60
CA VAL D 92 -23.37 -7.80 14.66
C VAL D 92 -23.83 -7.50 13.26
N SER D 93 -24.54 -6.38 13.13
CA SER D 93 -25.04 -5.94 11.83
C SER D 93 -24.30 -4.67 11.48
N GLY D 94 -24.20 -4.32 10.21
CA GLY D 94 -23.46 -3.10 10.00
C GLY D 94 -23.37 -2.71 8.56
N TYR D 95 -22.73 -1.56 8.36
CA TYR D 95 -22.53 -0.98 7.05
C TYR D 95 -21.15 -0.93 6.42
N ASN D 96 -21.13 -1.07 5.10
CA ASN D 96 -19.96 -0.98 4.24
C ASN D 96 -20.28 0.24 3.37
N LEU D 97 -19.58 1.35 3.54
CA LEU D 97 -19.83 2.55 2.77
C LEU D 97 -18.81 2.82 1.68
N PHE D 98 -19.26 3.38 0.58
CA PHE D 98 -18.36 3.68 -0.51
C PHE D 98 -18.74 4.99 -1.13
N ARG D 99 -17.74 5.51 -1.82
CA ARG D 99 -17.88 6.75 -2.54
C ARG D 99 -18.47 6.64 -3.91
N GLU D 100 -18.70 5.39 -4.32
CA GLU D 100 -19.27 5.23 -5.64
C GLU D 100 -19.79 3.80 -5.76
N ALA D 101 -20.62 3.57 -6.76
CA ALA D 101 -21.14 2.23 -6.94
C ALA D 101 -20.00 1.26 -7.11
N VAL D 102 -20.29 0.06 -6.65
CA VAL D 102 -19.36 -1.04 -6.65
C VAL D 102 -20.17 -2.31 -6.73
N PRO D 103 -19.57 -3.31 -7.36
CA PRO D 103 -20.23 -4.59 -7.52
C PRO D 103 -20.35 -5.34 -6.21
N ASP D 104 -21.40 -6.14 -6.13
CA ASP D 104 -21.63 -6.94 -4.94
C ASP D 104 -20.47 -7.89 -4.72
N PRO D 105 -20.12 -8.07 -3.47
CA PRO D 105 -19.02 -8.96 -3.09
C PRO D 105 -19.39 -10.39 -3.35
N TYR D 106 -18.39 -11.23 -3.58
CA TYR D 106 -18.72 -12.62 -3.83
C TYR D 106 -19.35 -13.25 -2.61
N TRP D 107 -19.18 -12.60 -1.47
CA TRP D 107 -19.77 -13.15 -0.26
C TRP D 107 -21.15 -12.74 0.16
N LYS D 108 -21.82 -11.94 -0.67
CA LYS D 108 -23.15 -11.47 -0.32
C LYS D 108 -24.06 -12.55 0.23
N ASP D 109 -23.93 -13.74 -0.33
CA ASP D 109 -24.76 -14.83 0.14
C ASP D 109 -24.27 -15.62 1.33
N MET D 110 -23.06 -15.34 1.78
CA MET D 110 -22.58 -16.10 2.93
C MET D 110 -23.09 -15.43 4.18
N VAL D 111 -23.07 -14.10 4.18
CA VAL D 111 -23.54 -13.35 5.33
C VAL D 111 -25.06 -13.38 5.35
N LEU D 112 -25.63 -12.86 6.43
CA LEU D 112 -27.07 -12.82 6.58
C LEU D 112 -27.65 -11.47 6.22
N GLY D 113 -28.77 -11.49 5.53
CA GLY D 113 -29.40 -10.24 5.17
C GLY D 113 -28.71 -9.22 4.32
N PHE D 114 -27.79 -9.65 3.46
CA PHE D 114 -27.10 -8.67 2.63
C PHE D 114 -28.07 -7.83 1.80
N ARG D 115 -27.80 -6.53 1.67
CA ARG D 115 -28.68 -5.69 0.87
C ARG D 115 -28.01 -4.33 0.72
N LYS D 116 -28.43 -3.57 -0.28
CA LYS D 116 -27.87 -2.23 -0.53
C LYS D 116 -28.55 -1.17 0.30
N LEU D 117 -27.80 -0.21 0.80
CA LEU D 117 -28.43 0.81 1.60
C LEU D 117 -29.37 1.65 0.76
N THR D 118 -30.39 2.18 1.42
CA THR D 118 -31.37 3.03 0.81
C THR D 118 -30.87 4.43 1.11
N PRO D 119 -31.52 5.38 0.45
CA PRO D 119 -31.15 6.76 0.63
C PRO D 119 -31.38 7.28 2.03
N ARG D 120 -32.41 6.89 2.75
CA ARG D 120 -32.53 7.47 4.08
C ARG D 120 -31.35 6.94 4.86
N GLU D 121 -30.93 5.74 4.50
CA GLU D 121 -29.80 5.19 5.23
C GLU D 121 -28.53 5.99 4.93
N LEU D 122 -28.29 6.20 3.65
CA LEU D 122 -27.11 6.96 3.29
C LEU D 122 -27.14 8.35 3.89
N ASP D 123 -28.30 8.90 4.17
CA ASP D 123 -28.28 10.25 4.74
C ASP D 123 -27.65 10.23 6.11
N MET D 124 -27.47 9.05 6.68
CA MET D 124 -26.87 9.06 8.00
C MET D 124 -25.36 9.17 7.86
N PHE D 125 -24.87 9.05 6.63
CA PHE D 125 -23.44 9.11 6.35
C PHE D 125 -23.24 9.89 5.06
N PRO D 126 -23.22 11.20 5.25
CA PRO D 126 -23.08 12.18 4.19
C PRO D 126 -21.92 12.09 3.22
N ASP D 127 -20.83 11.67 3.87
CA ASP D 127 -19.89 11.67 2.85
C ASP D 127 -20.01 10.62 1.77
N TYR D 128 -20.59 9.48 2.10
CA TYR D 128 -20.75 8.31 1.25
C TYR D 128 -21.91 8.36 0.29
N ARG D 129 -21.85 7.49 -0.68
CA ARG D 129 -22.89 7.52 -1.66
C ARG D 129 -23.41 6.19 -2.12
N TYR D 130 -22.87 5.06 -1.66
CA TYR D 130 -23.36 3.76 -2.07
C TYR D 130 -22.92 2.87 -0.93
N GLY D 131 -23.62 1.76 -0.70
CA GLY D 131 -23.19 0.93 0.41
C GLY D 131 -24.01 -0.33 0.54
N TRP D 132 -23.67 -1.10 1.56
CA TRP D 132 -24.39 -2.33 1.76
C TRP D 132 -24.64 -2.39 3.23
N PHE D 133 -25.42 -3.41 3.60
CA PHE D 133 -25.79 -3.66 4.97
C PHE D 133 -25.95 -5.16 5.07
N ASN D 134 -25.58 -5.77 6.17
CA ASN D 134 -25.73 -7.23 6.27
C ASN D 134 -25.40 -7.56 7.71
N THR D 135 -25.77 -8.73 8.21
CA THR D 135 -25.39 -8.93 9.59
C THR D 135 -24.28 -9.99 9.44
N SER D 136 -23.35 -10.03 10.38
CA SER D 136 -22.26 -10.98 10.29
C SER D 136 -21.93 -11.37 11.71
N LEU D 137 -20.70 -11.74 11.97
CA LEU D 137 -20.36 -12.13 13.32
C LEU D 137 -19.02 -11.57 13.73
N ILE D 138 -18.93 -11.39 15.04
CA ILE D 138 -17.73 -10.93 15.69
C ILE D 138 -17.14 -12.16 16.34
N LEU D 139 -15.81 -12.21 16.30
CA LEU D 139 -15.10 -13.33 16.90
C LEU D 139 -13.89 -12.60 17.48
N GLU D 140 -13.92 -12.28 18.77
CA GLU D 140 -12.76 -11.60 19.32
C GLU D 140 -11.56 -12.49 19.43
N GLY D 141 -10.49 -12.05 18.79
CA GLY D 141 -9.26 -12.83 18.80
C GLY D 141 -8.75 -13.19 20.17
N ARG D 142 -8.67 -12.23 21.07
CA ARG D 142 -8.14 -12.58 22.38
C ARG D 142 -9.02 -13.61 23.07
N LYS D 143 -10.33 -13.41 23.08
CA LYS D 143 -11.22 -14.35 23.77
C LYS D 143 -11.17 -15.71 23.10
N TYR D 144 -11.20 -15.72 21.77
CA TYR D 144 -11.15 -16.99 21.07
C TYR D 144 -9.86 -17.74 21.30
N LEU D 145 -8.75 -17.00 21.34
CA LEU D 145 -7.47 -17.66 21.58
C LEU D 145 -7.48 -18.29 22.94
N GLN D 146 -8.05 -17.60 23.91
CA GLN D 146 -8.06 -18.23 25.23
C GLN D 146 -8.95 -19.44 25.26
N TRP D 147 -10.06 -19.37 24.54
CA TRP D 147 -10.95 -20.50 24.54
C TRP D 147 -10.29 -21.70 23.91
N LEU D 148 -9.70 -21.52 22.74
CA LEU D 148 -9.03 -22.65 22.08
C LEU D 148 -7.94 -23.14 22.99
N THR D 149 -7.28 -22.22 23.65
CA THR D 149 -6.23 -22.68 24.53
C THR D 149 -6.75 -23.62 25.60
N GLU D 150 -7.87 -23.30 26.24
CA GLU D 150 -8.36 -24.21 27.27
C GLU D 150 -8.79 -25.50 26.64
N ARG D 151 -9.45 -25.42 25.50
CA ARG D 151 -9.86 -26.65 24.86
C ARG D 151 -8.66 -27.54 24.58
N LEU D 152 -7.59 -26.97 24.03
CA LEU D 152 -6.40 -27.75 23.71
C LEU D 152 -5.76 -28.31 24.95
N THR D 153 -5.64 -27.44 25.93
CA THR D 153 -5.04 -27.90 27.14
C THR D 153 -5.77 -29.08 27.75
N GLU D 154 -7.09 -29.04 27.73
CA GLU D 154 -7.81 -30.16 28.31
C GLU D 154 -7.70 -31.41 27.46
N ARG D 155 -7.43 -31.26 26.17
CA ARG D 155 -7.30 -32.44 25.33
C ARG D 155 -5.89 -33.00 25.47
N GLY D 156 -5.10 -32.37 26.35
CA GLY D 156 -3.73 -32.79 26.59
C GLY D 156 -2.62 -32.19 25.72
N VAL D 157 -2.95 -31.27 24.81
CA VAL D 157 -1.92 -30.67 23.98
C VAL D 157 -1.00 -29.83 24.83
N LYS D 158 0.30 -29.87 24.55
CA LYS D 158 1.22 -29.08 25.33
C LYS D 158 1.77 -27.84 24.67
N PHE D 159 1.90 -26.78 25.45
CA PHE D 159 2.42 -25.52 24.95
C PHE D 159 3.83 -25.19 25.41
N PHE D 160 4.62 -24.53 24.56
CA PHE D 160 5.96 -24.19 24.99
C PHE D 160 6.31 -22.92 24.31
N LEU D 161 6.84 -22.04 25.13
CA LEU D 161 7.24 -20.74 24.64
C LEU D 161 8.63 -21.02 24.10
N ARG D 162 8.82 -20.98 22.79
CA ARG D 162 10.11 -21.21 22.14
C ARG D 162 10.19 -20.63 20.77
N LYS D 163 11.29 -19.95 20.52
CA LYS D 163 11.47 -19.39 19.20
C LYS D 163 12.13 -20.50 18.39
N VAL D 164 11.48 -20.97 17.33
CA VAL D 164 12.08 -22.01 16.51
C VAL D 164 13.01 -21.34 15.52
N GLU D 165 14.23 -21.85 15.40
CA GLU D 165 15.24 -21.31 14.49
C GLU D 165 15.21 -21.90 13.09
N SER D 166 14.72 -23.13 13.02
CA SER D 166 14.66 -23.77 11.72
C SER D 166 13.83 -25.03 11.86
N PHE D 167 13.34 -25.52 10.73
CA PHE D 167 12.56 -26.72 10.85
C PHE D 167 13.47 -27.85 11.22
N GLU D 168 14.72 -27.74 10.76
CA GLU D 168 15.71 -28.76 11.02
C GLU D 168 15.76 -29.01 12.52
N GLU D 169 15.90 -27.91 13.25
CA GLU D 169 15.97 -27.93 14.70
C GLU D 169 14.79 -28.72 15.24
N VAL D 170 13.61 -28.52 14.66
CA VAL D 170 12.45 -29.25 15.16
C VAL D 170 12.39 -30.71 14.78
N ALA D 171 12.86 -31.01 13.57
CA ALA D 171 12.87 -32.38 13.07
C ALA D 171 13.82 -33.19 13.91
N ARG D 172 14.97 -32.61 14.24
CA ARG D 172 15.97 -33.27 15.06
C ARG D 172 15.38 -33.59 16.41
N GLY D 173 14.40 -32.82 16.84
CA GLY D 173 13.71 -33.02 18.11
C GLY D 173 12.70 -34.16 17.99
N GLY D 174 12.76 -34.95 16.93
CA GLY D 174 11.80 -36.04 16.79
C GLY D 174 10.39 -35.74 16.27
N ALA D 175 10.16 -34.58 15.69
CA ALA D 175 8.82 -34.30 15.17
C ALA D 175 8.57 -35.11 13.89
N ASP D 176 7.48 -35.87 13.85
CA ASP D 176 7.16 -36.65 12.66
C ASP D 176 6.56 -35.73 11.61
N VAL D 177 5.79 -34.76 12.11
CA VAL D 177 5.13 -33.78 11.26
C VAL D 177 5.19 -32.45 11.99
N ILE D 178 5.26 -31.40 11.19
CA ILE D 178 5.35 -30.04 11.66
C ILE D 178 4.42 -29.18 10.85
N ILE D 179 3.62 -28.42 11.59
CA ILE D 179 2.67 -27.51 11.00
C ILE D 179 3.17 -26.11 11.16
N ASN D 180 3.45 -25.47 10.05
CA ASN D 180 3.97 -24.11 10.09
C ASN D 180 2.82 -23.11 10.05
N CYS D 181 2.60 -22.40 11.15
CA CYS D 181 1.53 -21.40 11.26
C CYS D 181 2.12 -20.16 11.89
N THR D 182 3.24 -19.76 11.32
CA THR D 182 4.02 -18.60 11.73
C THR D 182 3.58 -17.20 11.31
N GLY D 183 2.49 -17.09 10.56
CA GLY D 183 2.03 -15.76 10.13
C GLY D 183 3.09 -14.93 9.43
N VAL D 184 3.11 -13.62 9.56
CA VAL D 184 4.15 -12.87 8.86
C VAL D 184 5.58 -13.33 9.09
N TRP D 185 5.85 -14.04 10.18
CA TRP D 185 7.22 -14.45 10.42
C TRP D 185 7.70 -15.73 9.77
N ALA D 186 6.85 -16.33 8.97
CA ALA D 186 7.16 -17.59 8.31
C ALA D 186 8.40 -17.54 7.42
N GLY D 187 8.68 -16.36 6.86
CA GLY D 187 9.81 -16.14 5.98
C GLY D 187 11.12 -16.50 6.65
N VAL D 188 11.15 -16.31 7.96
CA VAL D 188 12.32 -16.63 8.73
C VAL D 188 12.63 -18.12 8.70
N LEU D 189 11.61 -18.98 8.76
CA LEU D 189 11.95 -20.39 8.74
C LEU D 189 12.20 -20.87 7.32
N GLN D 190 11.83 -20.04 6.36
CA GLN D 190 12.01 -20.38 4.98
C GLN D 190 11.39 -19.25 4.19
N PRO D 191 12.27 -18.60 3.46
CA PRO D 191 12.00 -17.46 2.62
C PRO D 191 10.82 -17.64 1.69
N ASP D 192 10.08 -16.54 1.60
CA ASP D 192 8.91 -16.50 0.75
C ASP D 192 8.82 -15.02 0.57
N PRO D 193 9.21 -14.66 -0.63
CA PRO D 193 9.25 -13.31 -1.13
C PRO D 193 7.85 -12.78 -1.39
N LEU D 194 6.88 -13.69 -1.44
CA LEU D 194 5.51 -13.25 -1.67
C LEU D 194 4.87 -12.70 -0.41
N LEU D 195 5.40 -13.15 0.72
CA LEU D 195 4.95 -12.76 2.04
C LEU D 195 5.49 -11.43 2.50
N GLN D 196 4.58 -10.58 2.97
CA GLN D 196 4.93 -9.26 3.47
C GLN D 196 4.02 -8.79 4.56
N PRO D 197 4.56 -7.97 5.46
CA PRO D 197 3.75 -7.46 6.54
C PRO D 197 2.83 -6.36 6.05
N GLY D 198 1.54 -6.44 6.42
CA GLY D 198 0.58 -5.41 6.04
C GLY D 198 0.39 -4.75 7.40
N ARG D 199 1.19 -3.77 7.75
CA ARG D 199 1.00 -3.18 9.07
C ARG D 199 -0.32 -2.45 9.28
N GLY D 200 -0.84 -2.48 10.51
CA GLY D 200 -2.08 -1.76 10.79
C GLY D 200 -2.17 -1.39 12.27
N GLN D 201 -2.52 -0.14 12.59
CA GLN D 201 -2.70 0.29 13.99
C GLN D 201 -4.20 0.38 14.25
N ILE D 202 -4.59 0.36 15.51
CA ILE D 202 -6.00 0.48 15.82
C ILE D 202 -6.04 1.20 17.15
N ILE D 203 -7.22 1.69 17.50
CA ILE D 203 -7.34 2.38 18.77
C ILE D 203 -8.56 1.70 19.33
N LYS D 204 -8.45 1.28 20.59
CA LYS D 204 -9.56 0.65 21.26
C LYS D 204 -10.18 1.75 22.04
N VAL D 205 -11.49 1.77 21.99
CA VAL D 205 -12.20 2.82 22.67
C VAL D 205 -13.42 2.29 23.40
N ASP D 206 -13.79 3.00 24.45
CA ASP D 206 -14.96 2.59 25.20
C ASP D 206 -16.11 3.49 24.68
N ALA D 207 -17.07 2.92 23.98
CA ALA D 207 -18.19 3.71 23.47
C ALA D 207 -19.25 2.65 23.20
N PRO D 208 -19.90 2.26 24.27
CA PRO D 208 -20.95 1.24 24.26
C PRO D 208 -22.21 1.60 23.52
N TRP D 209 -22.46 2.86 23.26
CA TRP D 209 -23.69 3.12 22.55
C TRP D 209 -23.60 2.71 21.10
N LEU D 210 -22.42 2.37 20.60
CA LEU D 210 -22.28 1.98 19.20
C LEU D 210 -22.52 0.50 19.06
N LYS D 211 -23.63 0.12 18.45
CA LYS D 211 -24.00 -1.27 18.28
C LYS D 211 -23.76 -1.87 16.91
N ASN D 212 -23.38 -1.08 15.92
CA ASN D 212 -23.19 -1.66 14.60
C ASN D 212 -21.84 -1.30 14.07
N PHE D 213 -21.33 -2.16 13.19
CA PHE D 213 -20.04 -1.90 12.60
C PHE D 213 -20.20 -0.97 11.41
N ILE D 214 -19.14 -0.25 11.09
CA ILE D 214 -19.24 0.66 9.96
C ILE D 214 -17.88 0.61 9.35
N ILE D 215 -17.88 0.29 8.07
CA ILE D 215 -16.62 0.19 7.40
C ILE D 215 -16.70 0.95 6.11
N THR D 216 -15.76 1.87 6.06
CA THR D 216 -15.57 2.75 4.94
C THR D 216 -14.56 2.24 3.95
N HIS D 217 -14.74 2.61 2.69
CA HIS D 217 -13.78 2.16 1.71
C HIS D 217 -13.35 3.27 0.76
N ASP D 218 -12.07 3.31 0.44
CA ASP D 218 -11.54 4.32 -0.47
C ASP D 218 -10.76 3.46 -1.42
N LEU D 219 -11.28 3.42 -2.62
CA LEU D 219 -10.70 2.62 -3.67
C LEU D 219 -9.31 3.01 -4.12
N GLU D 220 -9.06 4.31 -4.14
CA GLU D 220 -7.75 4.76 -4.56
C GLU D 220 -6.74 4.36 -3.52
N ARG D 221 -7.10 4.72 -2.30
CA ARG D 221 -6.27 4.49 -1.13
C ARG D 221 -5.97 3.07 -0.63
N GLY D 222 -6.65 2.05 -1.16
CA GLY D 222 -6.43 0.66 -0.75
C GLY D 222 -7.30 0.13 0.40
N ILE D 223 -7.48 -1.19 0.45
CA ILE D 223 -8.31 -1.75 1.49
C ILE D 223 -7.77 -1.48 2.89
N TYR D 224 -8.69 -1.19 3.79
CA TYR D 224 -8.38 -0.89 5.18
C TYR D 224 -7.61 0.37 5.45
N ASN D 225 -7.47 1.17 4.40
CA ASN D 225 -6.80 2.46 4.52
C ASN D 225 -7.88 3.50 4.62
N SER D 226 -8.89 3.21 5.40
CA SER D 226 -9.96 4.18 5.50
C SER D 226 -10.61 3.79 6.81
N PRO D 227 -11.20 4.77 7.46
CA PRO D 227 -11.86 4.57 8.75
C PRO D 227 -12.88 3.48 8.81
N TYR D 228 -12.85 2.82 9.95
CA TYR D 228 -13.78 1.77 10.20
C TYR D 228 -13.94 1.73 11.70
N ILE D 229 -15.12 1.32 12.13
CA ILE D 229 -15.45 1.26 13.55
C ILE D 229 -16.14 -0.06 13.72
N ILE D 230 -15.67 -0.82 14.69
CA ILE D 230 -16.24 -2.13 14.91
C ILE D 230 -16.31 -2.46 16.38
N PRO D 231 -17.55 -2.56 16.81
CA PRO D 231 -17.91 -2.87 18.18
C PRO D 231 -17.41 -4.26 18.45
N GLY D 232 -17.00 -4.56 19.67
CA GLY D 232 -16.51 -5.90 19.96
C GLY D 232 -17.30 -6.26 21.20
N LEU D 233 -16.90 -7.30 21.91
CA LEU D 233 -17.65 -7.67 23.09
C LEU D 233 -17.61 -6.57 24.15
N GLN D 234 -16.43 -6.13 24.55
CA GLN D 234 -16.32 -5.08 25.53
C GLN D 234 -15.93 -3.68 25.06
N ALA D 235 -15.25 -3.57 23.92
CA ALA D 235 -14.88 -2.23 23.48
C ALA D 235 -15.01 -2.10 22.00
N VAL D 236 -14.84 -0.86 21.56
CA VAL D 236 -14.95 -0.58 20.15
C VAL D 236 -13.59 -0.40 19.52
N THR D 237 -13.42 -0.98 18.35
CA THR D 237 -12.16 -0.85 17.67
C THR D 237 -12.25 0.18 16.58
N LEU D 238 -11.39 1.18 16.64
CA LEU D 238 -11.32 2.22 15.64
C LEU D 238 -10.18 1.85 14.75
N GLY D 239 -10.35 2.05 13.46
CA GLY D 239 -9.22 1.66 12.69
C GLY D 239 -9.20 2.33 11.35
N GLY D 240 -8.21 1.84 10.62
CA GLY D 240 -8.00 2.35 9.32
C GLY D 240 -6.62 2.28 8.71
N THR D 241 -5.72 1.32 8.96
CA THR D 241 -4.43 1.43 8.22
C THR D 241 -3.95 0.08 7.76
N PHE D 242 -3.38 0.05 6.57
CA PHE D 242 -2.91 -1.21 6.03
C PHE D 242 -1.72 -0.71 5.21
N GLN D 243 -0.50 -0.97 5.67
CA GLN D 243 0.72 -0.52 5.00
C GLN D 243 1.65 -1.66 4.72
N VAL D 244 1.68 -2.04 3.44
CA VAL D 244 2.52 -3.15 3.01
C VAL D 244 4.00 -2.85 3.06
N GLY D 245 4.74 -3.81 3.58
CA GLY D 245 6.17 -3.67 3.72
C GLY D 245 6.57 -2.90 4.96
N ASN D 246 5.65 -2.29 5.69
CA ASN D 246 6.12 -1.58 6.88
C ASN D 246 6.22 -2.54 8.07
N TRP D 247 7.41 -2.62 8.64
CA TRP D 247 7.69 -3.46 9.80
C TRP D 247 7.74 -2.79 11.13
N ASN D 248 7.43 -1.51 11.23
CA ASN D 248 7.52 -0.98 12.59
C ASN D 248 6.41 -1.55 13.39
N GLU D 249 6.81 -1.98 14.57
CA GLU D 249 5.82 -2.48 15.51
C GLU D 249 5.31 -1.53 16.57
N ILE D 250 5.86 -0.34 16.53
CA ILE D 250 5.53 0.72 17.45
C ILE D 250 4.32 1.50 17.00
N ASN D 251 3.43 1.84 17.92
CA ASN D 251 2.29 2.61 17.50
C ASN D 251 2.82 3.98 17.17
N ASN D 252 2.39 4.57 16.07
CA ASN D 252 2.84 5.90 15.76
C ASN D 252 1.72 6.92 15.91
N ILE D 253 2.05 8.08 16.45
CA ILE D 253 1.02 9.06 16.63
C ILE D 253 0.44 9.51 15.28
N GLN D 254 1.16 9.48 14.15
CA GLN D 254 0.44 9.99 13.00
C GLN D 254 -0.72 9.14 12.62
N ASP D 255 -0.49 7.84 12.71
CA ASP D 255 -1.56 6.94 12.36
C ASP D 255 -2.68 7.13 13.34
N HIS D 256 -2.31 7.30 14.59
CA HIS D 256 -3.32 7.50 15.58
C HIS D 256 -4.16 8.70 15.21
N ASN D 257 -3.51 9.80 14.89
CA ASN D 257 -4.34 10.95 14.55
C ASN D 257 -5.18 10.76 13.33
N THR D 258 -4.68 10.11 12.30
CA THR D 258 -5.56 10.03 11.17
C THR D 258 -6.72 9.09 11.40
N ILE D 259 -6.48 8.05 12.18
CA ILE D 259 -7.55 7.10 12.47
C ILE D 259 -8.59 7.80 13.35
N TRP D 260 -8.11 8.51 14.35
CA TRP D 260 -9.03 9.18 15.22
C TRP D 260 -9.84 10.24 14.53
N GLU D 261 -9.19 11.10 13.77
CA GLU D 261 -9.99 12.12 13.12
C GLU D 261 -10.91 11.58 12.07
N GLY D 262 -10.52 10.50 11.41
CA GLY D 262 -11.40 10.00 10.38
C GLY D 262 -12.66 9.42 10.98
N CYS D 263 -12.46 8.61 12.01
CA CYS D 263 -13.60 7.98 12.65
C CYS D 263 -14.46 9.03 13.31
N CYS D 264 -13.78 9.94 13.97
CA CYS D 264 -14.48 10.98 14.69
C CYS D 264 -15.35 11.76 13.71
N ARG D 265 -14.95 11.84 12.47
CA ARG D 265 -15.74 12.57 11.50
C ARG D 265 -16.90 11.72 10.96
N LEU D 266 -16.72 10.41 10.91
CA LEU D 266 -17.72 9.45 10.49
C LEU D 266 -18.72 9.19 11.60
N GLU D 267 -18.32 9.34 12.86
CA GLU D 267 -19.26 9.08 13.95
C GLU D 267 -18.79 10.06 14.99
N PRO D 268 -19.37 11.24 14.91
CA PRO D 268 -19.10 12.38 15.77
C PRO D 268 -19.34 12.12 17.22
N THR D 269 -20.16 11.14 17.54
CA THR D 269 -20.38 10.93 18.96
C THR D 269 -19.13 10.40 19.62
N LEU D 270 -18.13 10.03 18.84
CA LEU D 270 -16.89 9.49 19.41
C LEU D 270 -16.21 10.53 20.27
N LYS D 271 -16.65 11.74 20.07
CA LYS D 271 -16.21 12.93 20.78
C LYS D 271 -16.13 12.58 22.27
N ASP D 272 -17.09 11.84 22.78
CA ASP D 272 -17.10 11.45 24.19
C ASP D 272 -16.50 10.09 24.52
N ALA D 273 -15.93 9.37 23.56
CA ALA D 273 -15.38 8.06 23.87
C ALA D 273 -14.08 8.10 24.65
N LYS D 274 -13.85 7.17 25.58
CA LYS D 274 -12.63 7.11 26.37
C LYS D 274 -11.66 6.22 25.57
N ILE D 275 -10.43 6.64 25.35
CA ILE D 275 -9.52 5.79 24.59
C ILE D 275 -8.95 4.78 25.57
N VAL D 276 -9.03 3.48 25.30
CA VAL D 276 -8.47 2.53 26.26
C VAL D 276 -7.11 1.97 25.88
N GLY D 277 -6.73 2.11 24.61
CA GLY D 277 -5.44 1.59 24.17
C GLY D 277 -5.22 1.66 22.66
N GLU D 278 -3.99 1.41 22.23
CA GLU D 278 -3.67 1.42 20.80
C GLU D 278 -2.75 0.28 20.58
N TYR D 279 -2.83 -0.30 19.39
CA TYR D 279 -1.98 -1.44 19.14
C TYR D 279 -1.67 -1.47 17.67
N THR D 280 -0.61 -2.19 17.29
CA THR D 280 -0.31 -2.26 15.87
C THR D 280 0.03 -3.74 15.67
N GLY D 281 -0.11 -4.23 14.43
CA GLY D 281 0.17 -5.62 14.16
C GLY D 281 0.34 -5.75 12.65
N PHE D 282 0.89 -6.89 12.25
CA PHE D 282 1.15 -7.19 10.85
C PHE D 282 0.27 -8.18 10.14
N ARG D 283 -0.56 -7.77 9.19
CA ARG D 283 -1.36 -8.78 8.51
C ARG D 283 -0.32 -9.59 7.72
N PRO D 284 -0.41 -10.92 7.69
CA PRO D 284 0.58 -11.65 6.91
C PRO D 284 0.08 -11.64 5.49
N VAL D 285 0.44 -10.59 4.78
CA VAL D 285 0.03 -10.42 3.39
C VAL D 285 0.74 -11.33 2.40
N ARG D 286 -0.03 -11.89 1.48
CA ARG D 286 0.50 -12.79 0.47
C ARG D 286 -0.63 -12.87 -0.54
N PRO D 287 -0.30 -13.14 -1.80
CA PRO D 287 -1.31 -13.21 -2.86
C PRO D 287 -2.31 -14.33 -2.68
N GLN D 288 -1.93 -15.33 -1.90
CA GLN D 288 -2.79 -16.45 -1.67
C GLN D 288 -2.24 -17.18 -0.49
N VAL D 289 -3.15 -17.75 0.28
CA VAL D 289 -2.72 -18.45 1.46
C VAL D 289 -1.79 -19.55 1.01
N ARG D 290 -0.71 -19.72 1.76
CA ARG D 290 0.19 -20.79 1.40
C ARG D 290 -0.31 -21.90 2.29
N LEU D 291 -0.87 -22.94 1.71
CA LEU D 291 -1.36 -24.05 2.52
C LEU D 291 -1.06 -25.25 1.65
N GLU D 292 0.00 -25.94 2.04
CA GLU D 292 0.47 -27.10 1.31
C GLU D 292 1.52 -27.85 2.10
N ARG D 293 1.60 -29.12 1.73
CA ARG D 293 2.53 -30.08 2.29
C ARG D 293 3.86 -30.05 1.58
N GLU D 294 4.92 -30.35 2.31
CA GLU D 294 6.23 -30.31 1.68
C GLU D 294 7.06 -31.27 2.51
N GLN D 295 7.83 -32.12 1.85
CA GLN D 295 8.64 -33.04 2.64
C GLN D 295 10.04 -32.51 2.81
N LEU D 296 10.68 -32.91 3.90
CA LEU D 296 12.02 -32.43 4.09
C LEU D 296 12.89 -33.51 4.66
N ARG D 297 13.96 -33.72 3.92
CA ARG D 297 14.99 -34.70 4.22
C ARG D 297 16.01 -34.05 5.15
N PHE D 298 16.25 -34.69 6.29
CA PHE D 298 17.22 -34.20 7.26
C PHE D 298 17.94 -35.49 7.62
N GLY D 299 18.90 -35.66 6.71
CA GLY D 299 19.84 -36.77 6.57
C GLY D 299 18.95 -37.89 6.04
N SER D 300 18.53 -38.75 6.96
CA SER D 300 17.67 -39.90 6.74
C SER D 300 16.27 -39.74 7.31
N SER D 301 15.72 -38.53 7.28
CA SER D 301 14.39 -38.40 7.83
C SER D 301 13.58 -37.43 7.02
N ASN D 302 12.48 -37.99 6.52
CA ASN D 302 11.55 -37.22 5.71
C ASN D 302 10.78 -36.72 6.91
N THR D 303 10.42 -35.44 6.87
CA THR D 303 9.67 -34.91 7.98
C THR D 303 8.81 -34.06 7.10
N GLU D 304 7.51 -34.28 7.30
CA GLU D 304 6.50 -33.55 6.57
C GLU D 304 6.31 -32.22 7.23
N VAL D 305 5.98 -31.22 6.43
CA VAL D 305 5.77 -29.90 6.95
C VAL D 305 4.50 -29.53 6.21
N ILE D 306 3.59 -28.88 6.92
CA ILE D 306 2.38 -28.51 6.22
C ILE D 306 2.32 -27.07 6.63
N HIS D 307 2.29 -26.25 5.60
CA HIS D 307 2.22 -24.83 5.77
C HIS D 307 0.83 -24.28 5.82
N ASN D 308 0.66 -23.24 6.60
CA ASN D 308 -0.65 -22.63 6.66
C ASN D 308 -0.39 -21.23 7.13
N TYR D 309 -0.19 -20.33 6.17
CA TYR D 309 0.08 -18.97 6.58
C TYR D 309 -0.16 -18.08 5.38
N GLY D 310 -0.20 -16.78 5.60
CA GLY D 310 -0.46 -15.82 4.53
C GLY D 310 -1.91 -15.35 4.48
N HIS D 311 -2.59 -15.35 5.63
CA HIS D 311 -3.97 -14.92 5.66
C HIS D 311 -4.38 -13.46 5.62
N GLY D 312 -3.43 -12.55 5.46
CA GLY D 312 -3.77 -11.14 5.38
C GLY D 312 -4.74 -10.64 6.42
N GLY D 313 -5.62 -9.78 5.94
CA GLY D 313 -6.70 -9.14 6.70
C GLY D 313 -7.89 -10.07 6.81
N TYR D 314 -7.66 -11.38 6.73
CA TYR D 314 -8.80 -12.28 6.82
C TYR D 314 -8.57 -13.60 7.52
N GLY D 315 -7.57 -13.66 8.37
CA GLY D 315 -7.30 -14.90 9.08
C GLY D 315 -8.45 -15.35 9.97
N LEU D 316 -9.13 -14.43 10.63
CA LEU D 316 -10.23 -14.86 11.48
C LEU D 316 -11.36 -15.34 10.60
N THR D 317 -11.61 -14.56 9.57
CA THR D 317 -12.67 -14.88 8.64
C THR D 317 -12.60 -16.23 7.96
N ILE D 318 -11.43 -16.82 7.82
CA ILE D 318 -11.28 -18.10 7.12
C ILE D 318 -10.54 -19.22 7.81
N HIS D 319 -10.07 -18.97 9.01
CA HIS D 319 -9.31 -19.97 9.73
C HIS D 319 -9.87 -21.38 9.79
N TRP D 320 -11.17 -21.51 9.89
CA TRP D 320 -11.69 -22.87 9.99
C TRP D 320 -11.59 -23.69 8.73
N GLY D 321 -11.82 -23.04 7.60
CA GLY D 321 -11.72 -23.77 6.35
C GLY D 321 -10.30 -24.29 6.23
N CYS D 322 -9.32 -23.44 6.54
CA CYS D 322 -7.94 -23.88 6.44
C CYS D 322 -7.60 -25.00 7.41
N ALA D 323 -8.07 -24.88 8.64
CA ALA D 323 -7.78 -25.91 9.63
C ALA D 323 -8.28 -27.22 9.09
N LEU D 324 -9.44 -27.20 8.44
CA LEU D 324 -9.97 -28.43 7.89
C LEU D 324 -9.08 -28.96 6.79
N GLU D 325 -8.66 -28.06 5.91
CA GLU D 325 -7.82 -28.49 4.81
C GLU D 325 -6.54 -29.11 5.38
N VAL D 326 -5.96 -28.48 6.38
CA VAL D 326 -4.77 -29.08 6.92
C VAL D 326 -5.04 -30.46 7.47
N ALA D 327 -6.18 -30.65 8.14
CA ALA D 327 -6.47 -31.98 8.70
C ALA D 327 -6.49 -33.01 7.59
N LYS D 328 -7.02 -32.59 6.45
CA LYS D 328 -7.10 -33.43 5.27
C LYS D 328 -5.71 -33.82 4.78
N LEU D 329 -4.80 -32.86 4.63
CA LEU D 329 -3.47 -33.23 4.18
C LEU D 329 -2.83 -34.13 5.21
N PHE D 330 -3.09 -33.85 6.47
CA PHE D 330 -2.50 -34.67 7.51
C PHE D 330 -3.07 -36.08 7.34
N GLY D 331 -4.31 -36.15 6.90
CA GLY D 331 -4.91 -37.46 6.71
C GLY D 331 -4.07 -38.22 5.70
N LYS D 332 -3.75 -37.59 4.57
CA LYS D 332 -2.94 -38.27 3.58
C LYS D 332 -1.62 -38.72 4.13
N VAL D 333 -0.98 -37.83 4.88
CA VAL D 333 0.30 -38.19 5.46
C VAL D 333 0.12 -39.45 6.27
N LEU D 334 -1.04 -39.60 6.86
CA LEU D 334 -1.26 -40.80 7.64
C LEU D 334 -1.44 -42.02 6.77
N GLU D 335 -2.15 -41.88 5.66
CA GLU D 335 -2.33 -43.07 4.86
C GLU D 335 -1.03 -43.49 4.19
N GLU D 336 -0.15 -42.53 3.97
CA GLU D 336 1.12 -42.88 3.35
C GLU D 336 1.91 -43.65 4.40
N ARG D 337 1.92 -43.14 5.60
CA ARG D 337 2.66 -43.87 6.61
C ARG D 337 1.93 -45.16 6.98
N ASN D 338 0.74 -45.35 6.42
CA ASN D 338 -0.11 -46.52 6.70
C ASN D 338 -0.77 -46.51 8.07
N LEU D 339 -1.22 -45.31 8.46
CA LEU D 339 -1.88 -45.01 9.73
C LEU D 339 -0.87 -45.24 10.84
N MET E 1 10.17 38.52 -6.38
CA MET E 1 9.02 39.06 -7.08
C MET E 1 8.39 37.99 -7.93
N ARG E 2 7.16 38.23 -8.34
CA ARG E 2 6.49 37.29 -9.21
C ARG E 2 6.88 37.55 -10.65
N VAL E 3 7.30 36.49 -11.34
CA VAL E 3 7.70 36.63 -12.73
C VAL E 3 6.96 35.46 -13.33
N VAL E 4 6.45 35.68 -14.53
CA VAL E 4 5.71 34.64 -15.22
C VAL E 4 6.15 34.71 -16.66
N VAL E 5 6.56 33.53 -17.12
CA VAL E 5 7.00 33.38 -18.48
C VAL E 5 5.86 32.69 -19.16
N ILE E 6 5.51 33.19 -20.34
CA ILE E 6 4.43 32.58 -21.09
C ILE E 6 5.13 31.96 -22.27
N GLY E 7 5.13 30.64 -22.32
CA GLY E 7 5.78 29.96 -23.44
C GLY E 7 6.68 28.90 -22.83
N ALA E 8 6.72 27.72 -23.44
CA ALA E 8 7.56 26.64 -22.94
C ALA E 8 8.32 26.01 -24.10
N GLY E 9 8.58 26.83 -25.12
CA GLY E 9 9.31 26.46 -26.31
C GLY E 9 10.75 26.75 -25.91
N VAL E 10 11.68 26.67 -26.85
CA VAL E 10 13.07 26.94 -26.47
C VAL E 10 13.29 28.33 -25.93
N ILE E 11 12.55 29.31 -26.44
CA ILE E 11 12.73 30.68 -25.98
C ILE E 11 12.27 30.85 -24.55
N GLY E 12 11.05 30.39 -24.25
CA GLY E 12 10.56 30.55 -22.89
C GLY E 12 11.44 29.84 -21.85
N LEU E 13 11.70 28.56 -22.05
CA LEU E 13 12.52 27.85 -21.09
C LEU E 13 13.93 28.37 -20.96
N SER E 14 14.59 28.68 -22.07
CA SER E 14 15.95 29.17 -21.90
C SER E 14 15.94 30.50 -21.19
N THR E 15 14.97 31.32 -21.55
CA THR E 15 14.92 32.61 -20.89
C THR E 15 14.67 32.48 -19.41
N ALA E 16 13.72 31.64 -19.04
CA ALA E 16 13.44 31.46 -17.62
C ALA E 16 14.64 31.02 -16.85
N LEU E 17 15.34 30.04 -17.39
CA LEU E 17 16.51 29.52 -16.71
C LEU E 17 17.58 30.57 -16.61
N CYS E 18 17.71 31.26 -17.73
CA CYS E 18 18.74 32.27 -17.78
C CYS E 18 18.62 33.29 -16.68
N ILE E 19 17.41 33.78 -16.49
CA ILE E 19 17.15 34.76 -15.46
C ILE E 19 17.24 34.22 -14.07
N HIS E 20 16.62 33.08 -13.88
CA HIS E 20 16.65 32.50 -12.56
C HIS E 20 18.09 32.23 -12.21
N GLU E 21 18.83 31.75 -13.20
CA GLU E 21 20.23 31.44 -12.96
C GLU E 21 20.91 32.73 -12.50
N ARG E 22 20.61 33.87 -13.11
CA ARG E 22 21.27 35.09 -12.65
C ARG E 22 20.79 35.82 -11.42
N TYR E 23 19.49 35.80 -11.21
CA TYR E 23 18.92 36.48 -10.07
C TYR E 23 18.47 35.80 -8.81
N HIS E 24 18.33 34.48 -8.75
CA HIS E 24 17.87 33.82 -7.51
C HIS E 24 18.67 34.18 -6.27
N SER E 25 19.94 34.36 -6.56
CA SER E 25 20.92 34.69 -5.54
C SER E 25 20.65 36.07 -4.92
N VAL E 26 20.59 37.04 -5.83
CA VAL E 26 20.35 38.46 -5.57
C VAL E 26 18.95 38.77 -5.02
N LEU E 27 17.90 38.44 -5.76
CA LEU E 27 16.56 38.68 -5.25
C LEU E 27 16.31 37.52 -4.32
N GLN E 28 15.97 37.86 -3.09
CA GLN E 28 15.69 36.74 -2.20
C GLN E 28 14.46 36.04 -2.75
N PRO E 29 13.33 36.74 -2.74
CA PRO E 29 12.07 36.19 -3.25
C PRO E 29 12.14 36.33 -4.78
N LEU E 30 12.07 35.22 -5.50
CA LEU E 30 12.13 35.28 -6.95
C LEU E 30 11.26 34.10 -7.32
N ASP E 31 10.02 34.44 -7.61
CA ASP E 31 9.04 33.44 -7.99
C ASP E 31 8.76 33.31 -9.48
N VAL E 32 9.37 32.29 -10.08
CA VAL E 32 9.16 32.09 -11.49
C VAL E 32 8.11 31.02 -11.73
N LYS E 33 7.27 31.24 -12.72
CA LYS E 33 6.25 30.25 -13.02
C LYS E 33 6.21 30.33 -14.52
N VAL E 34 5.82 29.21 -15.12
CA VAL E 34 5.76 29.20 -16.56
C VAL E 34 4.40 28.68 -16.95
N TYR E 35 3.76 29.50 -17.76
CA TYR E 35 2.47 29.14 -18.28
C TYR E 35 2.62 28.85 -19.74
N ALA E 36 1.92 27.83 -20.20
CA ALA E 36 1.98 27.48 -21.61
C ALA E 36 0.82 26.57 -21.89
N ASP E 37 0.25 26.70 -23.07
CA ASP E 37 -0.87 25.85 -23.43
C ASP E 37 -0.36 24.59 -24.10
N ARG E 38 0.95 24.53 -24.37
CA ARG E 38 1.53 23.36 -25.00
C ARG E 38 2.95 23.23 -24.52
N PHE E 39 3.26 22.02 -24.09
CA PHE E 39 4.57 21.63 -23.63
C PHE E 39 5.10 20.63 -24.64
N THR E 40 6.40 20.36 -24.58
CA THR E 40 6.96 19.40 -25.52
C THR E 40 6.19 18.13 -25.20
N PRO E 41 5.96 17.28 -26.19
CA PRO E 41 6.37 17.39 -27.59
C PRO E 41 5.54 18.31 -28.48
N PHE E 42 4.65 19.09 -27.88
CA PHE E 42 3.83 19.96 -28.71
C PHE E 42 4.27 21.32 -29.19
N THR E 43 5.44 21.79 -28.81
CA THR E 43 5.85 23.10 -29.25
C THR E 43 6.40 23.06 -30.66
N THR E 44 6.65 24.22 -31.23
CA THR E 44 7.19 24.30 -32.58
C THR E 44 8.62 23.83 -32.42
N THR E 45 9.18 24.15 -31.27
CA THR E 45 10.54 23.78 -31.00
C THR E 45 10.78 22.28 -31.19
N ASP E 46 9.83 21.44 -30.80
CA ASP E 46 9.95 20.00 -30.93
C ASP E 46 10.05 19.55 -32.37
N VAL E 47 9.61 20.41 -33.27
CA VAL E 47 9.61 20.11 -34.70
C VAL E 47 10.86 20.54 -35.44
N ALA E 48 11.64 21.39 -34.80
CA ALA E 48 12.85 21.89 -35.42
C ALA E 48 13.78 20.81 -35.93
N ALA E 49 14.35 21.09 -37.10
CA ALA E 49 15.30 20.18 -37.74
C ALA E 49 16.47 19.92 -36.80
N GLY E 50 16.65 20.80 -35.82
CA GLY E 50 17.71 20.71 -34.83
C GLY E 50 19.08 21.34 -35.12
N LEU E 51 19.29 21.85 -36.33
CA LEU E 51 20.58 22.45 -36.68
C LEU E 51 20.90 23.88 -36.30
N TRP E 52 22.17 24.17 -36.01
CA TRP E 52 22.52 25.54 -35.68
C TRP E 52 22.97 26.13 -37.00
N GLN E 53 22.21 27.04 -37.57
CA GLN E 53 22.58 27.69 -38.82
C GLN E 53 21.63 28.82 -39.03
N PRO E 54 22.19 30.02 -39.10
CA PRO E 54 21.43 31.23 -39.31
C PRO E 54 21.05 31.31 -40.77
N TYR E 55 20.34 32.37 -41.15
CA TYR E 55 20.00 32.46 -42.56
C TYR E 55 21.24 32.84 -43.35
N THR E 56 21.19 32.72 -44.67
CA THR E 56 22.31 33.06 -45.53
C THR E 56 22.55 34.55 -45.70
N SER E 57 21.44 35.30 -45.63
CA SER E 57 21.40 36.75 -45.74
C SER E 57 21.71 37.46 -44.43
N GLU E 58 22.32 38.64 -44.42
CA GLU E 58 22.64 39.30 -43.13
C GLU E 58 21.43 39.71 -42.26
N PRO E 59 21.49 39.83 -40.93
CA PRO E 59 20.24 40.19 -40.26
C PRO E 59 19.89 41.66 -40.31
N SER E 60 18.62 41.98 -40.05
CA SER E 60 18.24 43.39 -40.08
C SER E 60 18.78 44.03 -38.81
N ASN E 61 18.63 43.35 -37.70
CA ASN E 61 19.14 43.91 -36.47
C ASN E 61 20.55 43.33 -36.46
N PRO E 62 21.56 44.14 -36.19
CA PRO E 62 22.91 43.59 -36.20
C PRO E 62 23.16 42.83 -34.93
N GLN E 63 22.39 43.12 -33.90
CA GLN E 63 22.61 42.40 -32.65
C GLN E 63 22.28 40.94 -32.85
N GLU E 64 21.48 40.64 -33.87
CA GLU E 64 21.14 39.26 -34.12
C GLU E 64 22.40 38.49 -34.40
N ALA E 65 23.33 39.10 -35.10
CA ALA E 65 24.57 38.38 -35.38
C ALA E 65 25.24 38.08 -34.06
N ASN E 66 25.19 39.00 -33.09
CA ASN E 66 25.84 38.67 -31.83
C ASN E 66 25.16 37.55 -31.13
N TRP E 67 23.85 37.70 -31.10
CA TRP E 67 23.12 36.70 -30.38
C TRP E 67 23.39 35.30 -30.88
N ASN E 68 23.56 35.22 -32.18
CA ASN E 68 23.85 33.93 -32.77
C ASN E 68 25.18 33.43 -32.31
N GLN E 69 26.14 34.34 -32.36
CA GLN E 69 27.46 33.94 -31.95
C GLN E 69 27.50 33.52 -30.50
N GLN E 70 26.87 34.29 -29.64
CA GLN E 70 26.89 33.92 -28.23
C GLN E 70 26.25 32.58 -28.06
N THR E 71 25.26 32.28 -28.87
CA THR E 71 24.60 31.00 -28.73
C THR E 71 25.56 29.87 -29.11
N PHE E 72 26.25 30.01 -30.22
CA PHE E 72 27.17 28.95 -30.63
C PHE E 72 28.28 28.73 -29.63
N ASN E 73 28.86 29.78 -29.09
CA ASN E 73 29.92 29.55 -28.14
C ASN E 73 29.39 28.92 -26.90
N TYR E 74 28.19 29.32 -26.53
CA TYR E 74 27.65 28.74 -25.32
C TYR E 74 27.47 27.25 -25.54
N LEU E 75 26.94 26.89 -26.70
CA LEU E 75 26.74 25.48 -26.97
C LEU E 75 28.08 24.78 -27.05
N LEU E 76 29.02 25.30 -27.83
CA LEU E 76 30.30 24.60 -27.86
C LEU E 76 30.93 24.39 -26.51
N SER E 77 30.73 25.32 -25.59
CA SER E 77 31.36 25.14 -24.29
C SER E 77 30.95 23.84 -23.64
N HIS E 78 29.84 23.26 -24.07
CA HIS E 78 29.39 22.01 -23.50
C HIS E 78 29.92 20.79 -24.19
N ILE E 79 30.43 20.98 -25.40
CA ILE E 79 30.95 19.83 -26.09
C ILE E 79 32.16 19.43 -25.27
N GLY E 80 32.11 18.25 -24.68
CA GLY E 80 33.23 17.81 -23.85
C GLY E 80 32.63 17.30 -22.56
N SER E 81 31.43 17.74 -22.20
CA SER E 81 30.88 17.24 -20.96
C SER E 81 30.19 15.93 -21.30
N PRO E 82 29.94 15.14 -20.27
CA PRO E 82 29.29 13.85 -20.37
C PRO E 82 27.83 14.02 -20.68
N ASN E 83 27.36 15.24 -20.43
CA ASN E 83 25.96 15.56 -20.66
C ASN E 83 25.47 16.11 -21.97
N ALA E 84 26.44 16.51 -22.79
CA ALA E 84 26.14 17.09 -24.06
C ALA E 84 25.09 16.33 -24.84
N ALA E 85 25.18 15.01 -24.89
CA ALA E 85 24.15 14.33 -25.65
C ALA E 85 22.83 14.34 -24.91
N ASN E 86 22.90 14.40 -23.59
CA ASN E 86 21.68 14.41 -22.83
C ASN E 86 20.96 15.73 -22.99
N MET E 87 21.70 16.78 -23.33
CA MET E 87 21.05 18.06 -23.50
C MET E 87 20.58 18.14 -24.93
N GLY E 88 20.89 17.15 -25.76
CA GLY E 88 20.46 17.23 -27.16
C GLY E 88 21.53 17.71 -28.13
N LEU E 89 22.76 17.86 -27.66
CA LEU E 89 23.89 18.28 -28.48
C LEU E 89 24.91 17.32 -29.06
N THR E 90 25.45 17.62 -30.23
CA THR E 90 26.51 16.91 -30.94
C THR E 90 26.92 17.68 -32.15
N PRO E 91 28.21 17.62 -32.45
CA PRO E 91 28.77 18.31 -33.61
C PRO E 91 28.33 17.58 -34.85
N VAL E 92 28.25 18.25 -35.99
CA VAL E 92 27.83 17.53 -37.18
C VAL E 92 28.50 18.41 -38.21
N SER E 93 28.96 17.79 -39.28
CA SER E 93 29.61 18.50 -40.37
C SER E 93 28.70 18.40 -41.57
N GLY E 94 28.78 19.31 -42.53
CA GLY E 94 27.86 19.10 -43.62
C GLY E 94 27.99 20.14 -44.70
N TYR E 95 27.17 19.93 -45.72
CA TYR E 95 27.12 20.80 -46.89
C TYR E 95 25.92 21.69 -47.14
N ASN E 96 26.21 22.86 -47.70
CA ASN E 96 25.25 23.86 -48.14
C ASN E 96 25.47 23.90 -49.65
N LEU E 97 24.52 23.43 -50.46
CA LEU E 97 24.66 23.42 -51.90
C LEU E 97 23.85 24.48 -52.61
N PHE E 98 24.40 25.00 -53.69
CA PHE E 98 23.69 26.01 -54.45
C PHE E 98 23.89 25.79 -55.92
N ARG E 99 22.98 26.40 -56.64
CA ARG E 99 22.98 26.35 -58.08
C ARG E 99 23.86 27.38 -58.73
N GLU E 100 24.43 28.25 -57.91
CA GLU E 100 25.28 29.27 -58.50
C GLU E 100 26.10 29.90 -57.41
N ALA E 101 27.15 30.62 -57.79
CA ALA E 101 27.97 31.26 -56.78
C ALA E 101 27.12 32.19 -55.94
N VAL E 102 27.56 32.29 -54.71
CA VAL E 102 26.91 33.09 -53.71
C VAL E 102 27.98 33.54 -52.73
N PRO E 103 27.74 34.70 -52.17
CA PRO E 103 28.68 35.27 -51.21
C PRO E 103 28.68 34.51 -49.89
N ASP E 104 29.84 34.53 -49.25
CA ASP E 104 29.99 33.86 -47.99
C ASP E 104 29.04 34.48 -46.98
N PRO E 105 28.49 33.61 -46.13
CA PRO E 105 27.56 34.04 -45.10
C PRO E 105 28.26 34.85 -44.04
N TYR E 106 27.54 35.71 -43.36
CA TYR E 106 28.19 36.51 -42.34
C TYR E 106 28.69 35.62 -41.22
N TRP E 107 28.16 34.41 -41.17
CA TRP E 107 28.58 33.51 -40.11
C TRP E 107 29.73 32.56 -40.36
N LYS E 108 30.37 32.67 -41.52
CA LYS E 108 31.47 31.79 -41.85
C LYS E 108 32.46 31.58 -40.71
N ASP E 109 32.70 32.66 -39.98
CA ASP E 109 33.63 32.55 -38.87
C ASP E 109 33.09 32.09 -37.56
N MET E 110 31.77 31.92 -37.45
CA MET E 110 31.25 31.48 -36.17
C MET E 110 31.34 29.96 -36.13
N VAL E 111 31.04 29.33 -37.27
CA VAL E 111 31.10 27.89 -37.34
C VAL E 111 32.54 27.45 -37.42
N LEU E 112 32.76 26.14 -37.34
CA LEU E 112 34.10 25.58 -37.42
C LEU E 112 34.44 25.07 -38.80
N GLY E 113 35.65 25.34 -39.23
CA GLY E 113 36.06 24.85 -40.52
C GLY E 113 35.34 25.26 -41.78
N PHE E 114 34.74 26.45 -41.80
CA PHE E 114 34.04 26.86 -43.00
C PHE E 114 34.95 26.86 -44.22
N ARG E 115 34.45 26.43 -45.37
CA ARG E 115 35.27 26.43 -46.57
C ARG E 115 34.37 26.09 -47.76
N LYS E 116 34.80 26.44 -48.96
CA LYS E 116 34.05 26.16 -50.18
C LYS E 116 34.31 24.77 -50.71
N LEU E 117 33.28 24.10 -51.21
CA LEU E 117 33.50 22.78 -51.71
C LEU E 117 34.38 22.80 -52.93
N THR E 118 35.10 21.71 -53.12
CA THR E 118 35.99 21.53 -54.25
C THR E 118 35.15 20.75 -55.23
N PRO E 119 35.70 20.65 -56.43
CA PRO E 119 35.02 19.95 -57.48
C PRO E 119 34.83 18.47 -57.23
N ARG E 120 35.75 17.77 -56.59
CA ARG E 120 35.48 16.35 -56.41
C ARG E 120 34.31 16.29 -55.46
N GLU E 121 34.23 17.29 -54.58
CA GLU E 121 33.12 17.27 -53.66
C GLU E 121 31.81 17.50 -54.38
N LEU E 122 31.79 18.53 -55.21
CA LEU E 122 30.57 18.79 -55.96
C LEU E 122 30.19 17.63 -56.82
N ASP E 123 31.12 16.79 -57.24
CA ASP E 123 30.69 15.68 -58.08
C ASP E 123 29.81 14.73 -57.31
N MET E 124 29.77 14.86 -55.99
CA MET E 124 28.93 13.95 -55.27
C MET E 124 27.49 14.43 -55.32
N PHE E 125 27.30 15.66 -55.81
CA PHE E 125 25.97 16.28 -55.90
C PHE E 125 25.88 17.02 -57.20
N PRO E 126 25.55 16.24 -58.23
CA PRO E 126 25.43 16.69 -59.61
C PRO E 126 24.52 17.86 -59.94
N ASP E 127 23.37 18.05 -59.30
CA ASP E 127 22.63 19.23 -59.75
C ASP E 127 23.25 20.52 -59.24
N TYR E 128 24.04 20.43 -58.18
CA TYR E 128 24.63 21.65 -57.65
C TYR E 128 25.91 22.09 -58.28
N ARG E 129 26.29 23.32 -58.02
CA ARG E 129 27.54 23.76 -58.61
C ARG E 129 28.42 24.62 -57.74
N TYR E 130 27.93 25.03 -56.58
CA TYR E 130 28.78 25.85 -55.73
C TYR E 130 28.32 25.45 -54.34
N GLY E 131 29.16 25.59 -53.33
CA GLY E 131 28.70 25.21 -52.01
C GLY E 131 29.73 25.47 -50.94
N TRP E 132 29.37 25.10 -49.72
CA TRP E 132 30.27 25.30 -48.63
C TRP E 132 30.23 24.04 -47.84
N PHE E 133 31.11 24.00 -46.85
CA PHE E 133 31.24 22.88 -45.93
C PHE E 133 31.69 23.49 -44.63
N ASN E 134 31.24 22.96 -43.50
CA ASN E 134 31.68 23.53 -42.23
C ASN E 134 31.14 22.61 -41.17
N THR E 135 31.65 22.64 -39.95
CA THR E 135 31.04 21.70 -39.02
C THR E 135 30.24 22.64 -38.12
N SER E 136 29.17 22.16 -37.52
CA SER E 136 28.35 23.00 -36.68
C SER E 136 27.83 22.10 -35.58
N LEU E 137 26.67 22.42 -35.03
CA LEU E 137 26.16 21.58 -33.97
C LEU E 137 24.68 21.35 -34.12
N ILE E 138 24.28 20.21 -33.59
CA ILE E 138 22.91 19.78 -33.56
C ILE E 138 22.46 20.00 -32.13
N LEU E 139 21.23 20.45 -31.97
CA LEU E 139 20.65 20.69 -30.67
C LEU E 139 19.24 20.20 -30.88
N GLU E 140 18.92 18.97 -30.49
CA GLU E 140 17.57 18.52 -30.70
C GLU E 140 16.59 19.20 -29.78
N GLY E 141 15.60 19.82 -30.41
CA GLY E 141 14.59 20.53 -29.64
C GLY E 141 13.89 19.72 -28.58
N ARG E 142 13.43 18.54 -28.92
CA ARG E 142 12.74 17.78 -27.90
C ARG E 142 13.64 17.44 -26.74
N LYS E 143 14.85 16.96 -27.00
CA LYS E 143 15.76 16.60 -25.92
C LYS E 143 16.15 17.82 -25.10
N TYR E 144 16.44 18.90 -25.78
CA TYR E 144 16.83 20.12 -25.07
C TYR E 144 15.70 20.65 -24.22
N LEU E 145 14.47 20.58 -24.73
CA LEU E 145 13.34 21.08 -23.95
C LEU E 145 13.21 20.23 -22.71
N GLN E 146 13.41 18.93 -22.84
CA GLN E 146 13.28 18.14 -21.61
C GLN E 146 14.39 18.44 -20.64
N TRP E 147 15.58 18.70 -21.15
CA TRP E 147 16.67 18.99 -20.27
C TRP E 147 16.42 20.28 -19.52
N LEU E 148 16.07 21.33 -20.24
CA LEU E 148 15.80 22.60 -19.57
C LEU E 148 14.68 22.40 -18.58
N THR E 149 13.71 21.59 -18.97
CA THR E 149 12.63 21.39 -18.03
C THR E 149 13.10 20.80 -16.72
N GLU E 150 13.97 19.81 -16.76
CA GLU E 150 14.43 19.24 -15.49
C GLU E 150 15.25 20.26 -14.75
N ARG E 151 16.10 20.98 -15.47
CA ARG E 151 16.88 21.99 -14.78
C ARG E 151 15.98 22.99 -14.08
N LEU E 152 14.95 23.48 -14.77
CA LEU E 152 14.04 24.45 -14.18
C LEU E 152 13.30 23.88 -13.00
N THR E 153 12.80 22.69 -13.22
CA THR E 153 12.07 22.07 -12.15
C THR E 153 12.90 21.93 -10.89
N GLU E 154 14.16 21.55 -11.04
CA GLU E 154 14.96 21.40 -9.84
C GLU E 154 15.30 22.74 -9.21
N ARG E 155 15.27 23.81 -9.99
CA ARG E 155 15.57 25.11 -9.41
C ARG E 155 14.31 25.66 -8.76
N GLY E 156 13.25 24.85 -8.77
CA GLY E 156 11.98 25.25 -8.18
C GLY E 156 10.98 26.01 -9.06
N VAL E 157 11.27 26.22 -10.33
CA VAL E 157 10.34 26.92 -11.20
C VAL E 157 9.09 26.08 -11.40
N LYS E 158 7.93 26.69 -11.40
CA LYS E 158 6.71 25.93 -11.60
C LYS E 158 6.06 26.03 -12.95
N PHE E 159 5.55 24.92 -13.43
CA PHE E 159 4.88 24.87 -14.72
C PHE E 159 3.37 24.74 -14.66
N PHE E 160 2.65 25.35 -15.59
CA PHE E 160 1.21 25.21 -15.56
C PHE E 160 0.76 25.26 -16.96
N LEU E 161 -0.12 24.31 -17.25
CA LEU E 161 -0.68 24.21 -18.57
C LEU E 161 -1.84 25.18 -18.51
N ARG E 162 -1.70 26.26 -19.26
CA ARG E 162 -2.73 27.27 -19.33
C ARG E 162 -2.68 28.08 -20.56
N LYS E 163 -3.87 28.40 -21.07
CA LYS E 163 -3.89 29.27 -22.22
C LYS E 163 -4.12 30.67 -21.65
N VAL E 164 -3.18 31.59 -21.85
CA VAL E 164 -3.37 32.93 -21.33
C VAL E 164 -4.20 33.71 -22.35
N GLU E 165 -5.25 34.35 -21.90
CA GLU E 165 -6.11 35.09 -22.79
C GLU E 165 -5.66 36.55 -22.95
N SER E 166 -4.93 37.12 -22.00
CA SER E 166 -4.48 38.49 -22.13
C SER E 166 -3.45 38.75 -21.05
N PHE E 167 -2.64 39.77 -21.26
CA PHE E 167 -1.66 40.03 -20.24
C PHE E 167 -2.36 40.53 -19.01
N GLU E 168 -3.48 41.20 -19.24
CA GLU E 168 -4.26 41.77 -18.16
C GLU E 168 -4.57 40.66 -17.18
N GLU E 169 -5.09 39.56 -17.72
CA GLU E 169 -5.44 38.39 -16.93
C GLU E 169 -4.26 37.99 -16.07
N VAL E 170 -3.06 38.04 -16.65
CA VAL E 170 -1.90 37.64 -15.86
C VAL E 170 -1.45 38.65 -14.82
N ALA E 171 -1.59 39.92 -15.16
CA ALA E 171 -1.20 41.00 -14.26
C ALA E 171 -2.11 40.97 -13.03
N ARG E 172 -3.40 40.74 -13.29
CA ARG E 172 -4.38 40.66 -12.22
C ARG E 172 -4.02 39.53 -11.28
N GLY E 173 -3.33 38.52 -11.79
CA GLY E 173 -2.90 37.37 -11.02
C GLY E 173 -1.67 37.72 -10.18
N GLY E 174 -1.33 39.01 -10.06
CA GLY E 174 -0.16 39.37 -9.28
C GLY E 174 1.23 39.26 -9.92
N ALA E 175 1.33 39.12 -11.23
CA ALA E 175 2.66 39.03 -11.84
C ALA E 175 3.33 40.41 -11.85
N ASP E 176 4.53 40.50 -11.30
CA ASP E 176 5.25 41.77 -11.27
C ASP E 176 5.84 42.02 -12.66
N VAL E 177 6.26 40.93 -13.29
CA VAL E 177 6.86 40.97 -14.62
C VAL E 177 6.38 39.74 -15.35
N ILE E 178 6.24 39.93 -16.66
CA ILE E 178 5.78 38.90 -17.56
C ILE E 178 6.63 38.90 -18.79
N ILE E 179 7.09 37.69 -19.12
CA ILE E 179 7.92 37.48 -20.28
C ILE E 179 7.12 36.79 -21.34
N ASN E 180 6.93 37.50 -22.45
CA ASN E 180 6.15 36.95 -23.53
C ASN E 180 7.03 36.19 -24.50
N CYS E 181 6.87 34.86 -24.55
CA CYS E 181 7.65 33.99 -25.42
C CYS E 181 6.69 33.04 -26.10
N THR E 182 5.65 33.63 -26.64
CA THR E 182 4.58 32.96 -27.36
C THR E 182 4.79 32.51 -28.81
N GLY E 183 5.96 32.78 -29.37
CA GLY E 183 6.19 32.35 -30.76
C GLY E 183 5.15 32.84 -31.74
N VAL E 184 4.82 32.10 -32.79
CA VAL E 184 3.82 32.63 -33.71
C VAL E 184 2.49 33.05 -33.09
N TRP E 185 2.17 32.57 -31.91
CA TRP E 185 0.91 32.97 -31.32
C TRP E 185 0.85 34.25 -30.53
N ALA E 186 1.96 34.96 -30.50
CA ALA E 186 2.06 36.21 -29.76
C ALA E 186 1.05 37.27 -30.16
N GLY E 187 0.64 37.25 -31.43
CA GLY E 187 -0.31 38.20 -31.99
C GLY E 187 -1.61 38.19 -31.22
N VAL E 188 -1.95 37.02 -30.71
CA VAL E 188 -3.16 36.87 -29.93
C VAL E 188 -3.12 37.70 -28.67
N LEU E 189 -2.00 37.76 -27.98
CA LEU E 189 -1.99 38.57 -26.77
C LEU E 189 -1.84 40.04 -27.08
N GLN E 190 -1.48 40.33 -28.31
CA GLN E 190 -1.29 41.70 -28.73
C GLN E 190 -0.79 41.63 -30.15
N PRO E 191 -1.62 42.18 -31.02
CA PRO E 191 -1.42 42.24 -32.45
C PRO E 191 -0.07 42.76 -32.86
N ASP E 192 0.42 42.11 -33.91
CA ASP E 192 1.70 42.44 -34.47
C ASP E 192 1.51 41.86 -35.83
N PRO E 193 1.31 42.81 -36.73
CA PRO E 193 1.08 42.57 -38.14
C PRO E 193 2.36 42.13 -38.83
N LEU E 194 3.49 42.33 -38.17
CA LEU E 194 4.75 41.92 -38.76
C LEU E 194 4.99 40.43 -38.62
N LEU E 195 4.34 39.86 -37.62
CA LEU E 195 4.42 38.46 -37.30
C LEU E 195 3.53 37.58 -38.14
N GLN E 196 4.11 36.53 -38.70
CA GLN E 196 3.40 35.58 -39.53
C GLN E 196 3.95 34.19 -39.43
N PRO E 197 3.07 33.21 -39.62
CA PRO E 197 3.51 31.83 -39.56
C PRO E 197 4.26 31.44 -40.82
N GLY E 198 5.43 30.81 -40.66
CA GLY E 198 6.20 30.35 -41.81
C GLY E 198 5.97 28.86 -41.68
N ARG E 199 4.91 28.33 -42.26
CA ARG E 199 4.71 26.90 -42.09
C ARG E 199 5.77 26.00 -42.71
N GLY E 200 6.02 24.84 -42.09
CA GLY E 200 6.99 23.91 -42.65
C GLY E 200 6.71 22.47 -42.20
N GLN E 201 6.70 21.50 -43.13
CA GLN E 201 6.49 20.09 -42.79
C GLN E 201 7.86 19.41 -42.84
N ILE E 202 7.97 18.25 -42.19
CA ILE E 202 9.23 17.54 -42.25
C ILE E 202 8.85 16.07 -42.17
N ILE E 203 9.80 15.21 -42.49
CA ILE E 203 9.50 13.80 -42.43
C ILE E 203 10.70 13.30 -41.66
N LYS E 204 10.43 12.52 -40.64
CA LYS E 204 11.48 11.93 -39.84
C LYS E 204 11.69 10.59 -40.42
N VAL E 205 12.94 10.24 -40.57
CA VAL E 205 13.25 8.97 -41.16
C VAL E 205 14.37 8.27 -40.44
N ASP E 206 14.36 6.95 -40.52
CA ASP E 206 15.42 6.19 -39.88
C ASP E 206 16.43 5.87 -40.99
N ALA E 207 17.62 6.45 -40.96
CA ALA E 207 18.62 6.17 -41.98
C ALA E 207 19.92 6.60 -41.31
N PRO E 208 20.41 5.71 -40.46
CA PRO E 208 21.62 5.91 -39.69
C PRO E 208 22.90 6.00 -40.48
N TRP E 209 22.92 5.53 -41.71
CA TRP E 209 24.19 5.65 -42.39
C TRP E 209 24.49 7.07 -42.80
N LEU E 210 23.54 7.99 -42.68
CA LEU E 210 23.77 9.38 -43.06
C LEU E 210 24.35 10.12 -41.88
N LYS E 211 25.61 10.50 -41.98
CA LYS E 211 26.30 11.21 -40.92
C LYS E 211 26.47 12.70 -41.09
N ASN E 212 26.14 13.26 -42.25
CA ASN E 212 26.36 14.68 -42.42
C ASN E 212 25.10 15.34 -42.91
N PHE E 213 24.97 16.62 -42.60
CA PHE E 213 23.80 17.35 -43.02
C PHE E 213 24.01 17.84 -44.44
N ILE E 214 22.90 18.07 -45.12
CA ILE E 214 23.04 18.54 -46.49
C ILE E 214 21.87 19.46 -46.66
N ILE E 215 22.20 20.67 -47.06
CA ILE E 215 21.15 21.64 -47.23
C ILE E 215 21.33 22.31 -48.56
N THR E 216 20.24 22.18 -49.29
CA THR E 216 20.11 22.73 -50.60
C THR E 216 19.46 24.09 -50.60
N HIS E 217 19.81 24.90 -51.58
CA HIS E 217 19.19 26.21 -51.65
C HIS E 217 18.74 26.59 -53.04
N ASP E 218 17.56 27.19 -53.14
CA ASP E 218 17.03 27.62 -54.43
C ASP E 218 16.66 29.05 -54.13
N LEU E 219 17.41 29.92 -54.77
CA LEU E 219 17.25 31.33 -54.58
C LEU E 219 15.92 31.92 -55.04
N GLU E 220 15.41 31.38 -56.13
CA GLU E 220 14.16 31.88 -56.63
C GLU E 220 13.06 31.50 -55.67
N ARG E 221 13.08 30.21 -55.37
CA ARG E 221 12.11 29.58 -54.50
C ARG E 221 12.01 29.94 -53.01
N GLY E 222 12.99 30.67 -52.48
CA GLY E 222 12.99 31.07 -51.07
C GLY E 222 13.70 30.12 -50.08
N ILE E 223 14.14 30.67 -48.94
CA ILE E 223 14.84 29.83 -47.99
C ILE E 223 13.98 28.70 -47.46
N TYR E 224 14.62 27.55 -47.30
CA TYR E 224 13.97 26.35 -46.81
C TYR E 224 12.91 25.72 -47.68
N ASN E 225 12.82 26.25 -48.90
CA ASN E 225 11.88 25.72 -49.88
C ASN E 225 12.66 24.84 -50.79
N SER E 226 13.54 24.03 -50.22
CA SER E 226 14.33 23.20 -51.08
C SER E 226 14.77 22.11 -50.12
N PRO E 227 14.99 20.92 -50.67
CA PRO E 227 15.39 19.77 -49.88
C PRO E 227 16.59 19.95 -49.00
N TYR E 228 16.47 19.33 -47.84
CA TYR E 228 17.54 19.37 -46.88
C TYR E 228 17.39 18.10 -46.09
N ILE E 229 18.52 17.59 -45.61
CA ILE E 229 18.56 16.35 -44.84
C ILE E 229 19.46 16.65 -43.69
N ILE E 230 18.98 16.34 -42.50
CA ILE E 230 19.75 16.63 -41.32
C ILE E 230 19.59 15.56 -40.27
N PRO E 231 20.71 14.89 -40.06
CA PRO E 231 20.85 13.81 -39.12
C PRO E 231 20.60 14.38 -37.75
N GLY E 232 20.03 13.64 -36.83
CA GLY E 232 19.79 14.18 -35.51
C GLY E 232 20.37 13.10 -34.62
N LEU E 233 20.07 13.12 -33.34
CA LEU E 233 20.62 12.11 -32.45
C LEU E 233 20.13 10.71 -32.84
N GLN E 234 18.83 10.51 -32.91
CA GLN E 234 18.29 9.22 -33.28
C GLN E 234 17.73 9.05 -34.69
N ALA E 235 17.28 10.13 -35.34
CA ALA E 235 16.72 9.96 -36.66
C ALA E 235 17.13 11.09 -37.57
N VAL E 236 16.79 10.91 -38.83
CA VAL E 236 17.12 11.92 -39.80
C VAL E 236 15.91 12.73 -40.17
N THR E 237 16.12 14.03 -40.28
CA THR E 237 15.01 14.88 -40.64
C THR E 237 15.11 15.27 -42.09
N LEU E 238 14.07 14.98 -42.84
CA LEU E 238 13.97 15.34 -44.25
C LEU E 238 13.15 16.59 -44.30
N GLY E 239 13.53 17.50 -45.16
CA GLY E 239 12.70 18.65 -45.15
C GLY E 239 12.81 19.44 -46.40
N GLY E 240 12.11 20.56 -46.28
CA GLY E 240 12.08 21.47 -47.38
C GLY E 240 10.89 22.39 -47.53
N THR E 241 10.19 22.90 -46.52
CA THR E 241 9.09 23.82 -46.89
C THR E 241 9.01 25.00 -45.94
N PHE E 242 8.71 26.16 -46.49
CA PHE E 242 8.64 27.35 -45.67
C PHE E 242 7.57 28.14 -46.41
N GLN E 243 6.36 28.22 -45.86
CA GLN E 243 5.23 28.91 -46.50
C GLN E 243 4.65 29.97 -45.60
N VAL E 244 4.97 31.21 -45.95
CA VAL E 244 4.49 32.33 -45.16
C VAL E 244 3.00 32.57 -45.26
N GLY E 245 2.39 32.81 -44.11
CA GLY E 245 0.97 33.04 -44.05
C GLY E 245 0.16 31.75 -44.03
N ASN E 246 0.76 30.59 -44.24
CA ASN E 246 -0.07 29.39 -44.19
C ASN E 246 -0.21 28.91 -42.75
N TRP E 247 -1.44 28.81 -42.28
CA TRP E 247 -1.77 28.33 -40.94
C TRP E 247 -2.24 26.91 -40.81
N ASN E 248 -2.23 26.21 -41.93
CA ASN E 248 -2.70 24.84 -41.85
C ASN E 248 -1.77 24.04 -40.91
N GLU E 249 -2.22 23.41 -39.81
CA GLU E 249 -1.36 22.60 -38.96
C GLU E 249 -1.30 21.11 -39.24
N ILE E 250 -2.07 20.72 -40.25
CA ILE E 250 -2.16 19.35 -40.69
C ILE E 250 -1.09 19.01 -41.69
N ASN E 251 -0.50 17.83 -41.56
CA ASN E 251 0.52 17.48 -42.53
C ASN E 251 -0.22 17.25 -43.82
N ASN E 252 0.30 17.76 -44.93
CA ASN E 252 -0.37 17.50 -46.19
C ASN E 252 0.45 16.57 -47.07
N ILE E 253 -0.32 15.81 -47.81
CA ILE E 253 0.27 14.85 -48.69
C ILE E 253 1.13 15.44 -49.76
N GLN E 254 0.81 16.63 -50.21
CA GLN E 254 1.61 17.14 -51.30
C GLN E 254 2.99 17.54 -50.87
N ASP E 255 3.03 18.14 -49.70
CA ASP E 255 4.31 18.57 -49.19
C ASP E 255 5.15 17.34 -48.94
N HIS E 256 4.50 16.33 -48.40
CA HIS E 256 5.22 15.13 -48.14
C HIS E 256 5.84 14.61 -49.41
N ASN E 257 5.05 14.53 -50.47
CA ASN E 257 5.66 14.03 -51.68
C ASN E 257 6.76 14.89 -52.22
N THR E 258 6.63 16.20 -52.16
CA THR E 258 7.72 16.94 -52.75
C THR E 258 8.98 16.86 -51.93
N ILE E 259 8.81 16.78 -50.62
CA ILE E 259 9.97 16.69 -49.75
C ILE E 259 10.64 15.34 -49.97
N TRP E 260 9.83 14.30 -50.00
CA TRP E 260 10.39 13.00 -50.20
C TRP E 260 11.08 12.83 -51.52
N GLU E 261 10.43 13.21 -52.60
CA GLU E 261 11.11 13.05 -53.87
C GLU E 261 12.32 13.91 -54.03
N GLY E 262 12.31 15.08 -53.43
CA GLY E 262 13.47 15.93 -53.60
C GLY E 262 14.68 15.35 -52.90
N CYS E 263 14.45 14.95 -51.65
CA CYS E 263 15.54 14.39 -50.89
C CYS E 263 15.99 13.09 -51.49
N CYS E 264 15.02 12.31 -51.87
CA CYS E 264 15.32 11.01 -52.44
C CYS E 264 16.18 11.20 -53.68
N ARG E 265 16.09 12.36 -54.29
CA ARG E 265 16.89 12.59 -55.48
C ARG E 265 18.29 12.99 -55.14
N LEU E 266 18.35 13.79 -54.10
CA LEU E 266 19.59 14.31 -53.58
C LEU E 266 20.39 13.22 -52.87
N GLU E 267 19.72 12.21 -52.29
CA GLU E 267 20.44 11.17 -51.59
C GLU E 267 19.57 9.97 -51.83
N PRO E 268 19.89 9.31 -52.93
CA PRO E 268 19.21 8.13 -53.44
C PRO E 268 19.20 6.98 -52.48
N THR E 269 20.12 6.95 -51.53
CA THR E 269 20.09 5.80 -50.65
C THR E 269 18.88 5.86 -49.75
N LEU E 270 18.16 6.99 -49.75
CA LEU E 270 16.96 7.13 -48.90
C LEU E 270 15.92 6.11 -49.27
N LYS E 271 16.13 5.56 -50.45
CA LYS E 271 15.31 4.52 -51.05
C LYS E 271 15.00 3.49 -49.99
N ASP E 272 15.98 3.15 -49.16
CA ASP E 272 15.77 2.16 -48.10
C ASP E 272 15.43 2.72 -46.72
N ALA E 273 15.24 4.02 -46.56
CA ALA E 273 14.94 4.55 -45.25
C ALA E 273 13.52 4.25 -44.77
N LYS E 274 13.31 3.99 -43.49
CA LYS E 274 11.99 3.71 -42.92
C LYS E 274 11.42 5.08 -42.51
N ILE E 275 10.20 5.42 -42.88
CA ILE E 275 9.66 6.71 -42.48
C ILE E 275 9.14 6.54 -41.06
N VAL E 276 9.54 7.38 -40.11
CA VAL E 276 9.02 7.19 -38.76
C VAL E 276 7.92 8.17 -38.38
N GLY E 277 7.78 9.26 -39.12
CA GLY E 277 6.76 10.25 -38.81
C GLY E 277 6.84 11.51 -39.64
N GLU E 278 5.81 12.35 -39.55
CA GLU E 278 5.79 13.62 -40.28
C GLU E 278 5.20 14.62 -39.35
N TYR E 279 5.64 15.86 -39.49
CA TYR E 279 5.13 16.86 -38.58
C TYR E 279 5.14 18.18 -39.28
N THR E 280 4.36 19.14 -38.79
CA THR E 280 4.38 20.44 -39.44
C THR E 280 4.41 21.42 -38.27
N GLY E 281 4.90 22.63 -38.49
CA GLY E 281 4.98 23.61 -37.44
C GLY E 281 5.16 24.97 -38.09
N PHE E 282 4.95 26.01 -37.30
CA PHE E 282 5.05 27.38 -37.75
C PHE E 282 6.27 28.20 -37.33
N ARG E 283 7.15 28.56 -38.26
CA ARG E 283 8.27 29.38 -37.81
C ARG E 283 7.62 30.71 -37.45
N PRO E 284 7.99 31.36 -36.35
CA PRO E 284 7.36 32.64 -36.05
C PRO E 284 8.14 33.67 -36.84
N VAL E 285 7.71 33.85 -38.08
CA VAL E 285 8.34 34.80 -38.98
C VAL E 285 8.07 36.26 -38.66
N ARG E 286 9.11 37.07 -38.72
CA ARG E 286 9.00 38.49 -38.44
C ARG E 286 10.30 39.06 -38.99
N PRO E 287 10.30 40.32 -39.39
CA PRO E 287 11.50 40.94 -39.96
C PRO E 287 12.66 41.05 -39.00
N GLN E 288 12.35 40.99 -37.71
CA GLN E 288 13.37 41.09 -36.70
C GLN E 288 12.75 40.63 -35.42
N VAL E 289 13.58 40.01 -34.61
CA VAL E 289 13.08 39.49 -33.36
C VAL E 289 12.52 40.65 -32.59
N ARG E 290 11.37 40.42 -31.97
CA ARG E 290 10.82 41.49 -31.18
C ARG E 290 11.35 41.14 -29.81
N LEU E 291 12.23 41.96 -29.28
CA LEU E 291 12.77 41.68 -27.95
C LEU E 291 12.92 43.07 -27.35
N GLU E 292 11.97 43.38 -26.48
CA GLU E 292 11.92 44.67 -25.84
C GLU E 292 10.92 44.69 -24.71
N ARG E 293 11.18 45.62 -23.81
CA ARG E 293 10.39 45.89 -22.63
C ARG E 293 9.25 46.84 -22.93
N GLU E 294 8.15 46.69 -22.20
CA GLU E 294 7.03 47.56 -22.45
C GLU E 294 6.27 47.57 -21.15
N GLN E 295 5.85 48.74 -20.71
CA GLN E 295 5.11 48.76 -19.45
C GLN E 295 3.63 48.76 -19.70
N LEU E 296 2.89 48.23 -18.74
CA LEU E 296 1.46 48.22 -18.94
C LEU E 296 0.76 48.52 -17.66
N ARG E 297 -0.09 49.54 -17.78
CA ARG E 297 -0.92 50.05 -16.70
C ARG E 297 -2.23 49.27 -16.71
N PHE E 298 -2.56 48.69 -15.55
CA PHE E 298 -3.79 47.93 -15.38
C PHE E 298 -4.26 48.46 -14.04
N GLY E 299 -4.96 49.57 -14.29
CA GLY E 299 -5.60 50.48 -13.35
C GLY E 299 -4.39 51.21 -12.75
N SER E 300 -4.00 50.74 -11.56
CA SER E 300 -2.88 51.23 -10.77
C SER E 300 -1.69 50.28 -10.72
N SER E 301 -1.43 49.57 -11.80
CA SER E 301 -0.30 48.66 -11.73
C SER E 301 0.44 48.65 -13.05
N ASN E 302 1.70 49.03 -12.91
CA ASN E 302 2.60 49.05 -14.07
C ASN E 302 2.99 47.59 -13.94
N THR E 303 3.06 46.92 -15.06
CA THR E 303 3.44 45.53 -15.00
C THR E 303 4.27 45.60 -16.25
N GLU E 304 5.50 45.17 -16.06
CA GLU E 304 6.46 45.15 -17.14
C GLU E 304 6.21 43.90 -17.95
N VAL E 305 6.50 43.98 -19.23
CA VAL E 305 6.31 42.85 -20.10
C VAL E 305 7.58 42.93 -20.89
N ILE E 306 8.17 41.77 -21.15
CA ILE E 306 9.39 41.83 -21.93
C ILE E 306 9.06 40.78 -22.94
N HIS E 307 9.13 41.24 -24.18
CA HIS E 307 8.85 40.38 -25.31
C HIS E 307 10.05 39.69 -25.86
N ASN E 308 9.83 38.48 -26.36
CA ASN E 308 10.94 37.78 -26.94
C ASN E 308 10.29 36.78 -27.87
N TYR E 309 10.10 37.20 -29.11
CA TYR E 309 9.47 36.30 -30.04
C TYR E 309 9.76 36.79 -31.45
N GLY E 310 9.47 35.97 -32.44
CA GLY E 310 9.73 36.31 -33.82
C GLY E 310 11.03 35.71 -34.37
N HIS E 311 11.44 34.58 -33.82
CA HIS E 311 12.66 33.94 -34.29
C HIS E 311 12.75 33.17 -35.57
N GLY E 312 11.69 33.13 -36.36
CA GLY E 312 11.72 32.42 -37.63
C GLY E 312 12.32 31.05 -37.58
N GLY E 313 13.08 30.77 -38.64
CA GLY E 313 13.82 29.52 -38.87
C GLY E 313 15.14 29.55 -38.11
N TYR E 314 15.22 30.30 -37.03
CA TYR E 314 16.48 30.34 -36.30
C TYR E 314 16.39 30.45 -34.80
N GLY E 315 15.27 30.06 -34.22
CA GLY E 315 15.14 30.15 -32.78
C GLY E 315 16.16 29.30 -32.03
N LEU E 316 16.47 28.12 -32.51
CA LEU E 316 17.45 27.31 -31.80
C LEU E 316 18.80 27.94 -31.93
N THR E 317 19.08 28.36 -33.15
CA THR E 317 20.36 28.98 -33.45
C THR E 317 20.72 30.22 -32.67
N ILE E 318 19.75 30.94 -32.12
CA ILE E 318 20.04 32.18 -31.40
C ILE E 318 19.42 32.36 -30.02
N HIS E 319 18.67 31.38 -29.57
CA HIS E 319 18.02 31.47 -28.30
C HIS E 319 18.83 31.94 -27.11
N TRP E 320 20.10 31.56 -27.04
CA TRP E 320 20.86 31.97 -25.88
C TRP E 320 21.19 33.44 -25.83
N GLY E 321 21.51 34.00 -26.99
CA GLY E 321 21.83 35.43 -27.01
C GLY E 321 20.59 36.17 -26.53
N CYS E 322 19.41 35.80 -27.00
CA CYS E 322 18.21 36.48 -26.56
C CYS E 322 17.93 36.30 -25.09
N ALA E 323 18.11 35.09 -24.58
CA ALA E 323 17.85 34.86 -23.18
C ALA E 323 18.72 35.78 -22.38
N LEU E 324 19.94 35.98 -22.83
CA LEU E 324 20.83 36.89 -22.11
C LEU E 324 20.32 38.31 -22.16
N GLU E 325 19.91 38.72 -23.35
CA GLU E 325 19.41 40.07 -23.50
C GLU E 325 18.22 40.27 -22.57
N VAL E 326 17.32 39.30 -22.53
CA VAL E 326 16.20 39.49 -21.65
C VAL E 326 16.65 39.61 -20.21
N ALA E 327 17.63 38.83 -19.79
CA ALA E 327 18.08 38.91 -18.40
C ALA E 327 18.54 40.33 -18.09
N LYS E 328 19.19 40.92 -19.08
CA LYS E 328 19.70 42.27 -18.99
C LYS E 328 18.55 43.27 -18.81
N LEU E 329 17.51 43.19 -19.62
CA LEU E 329 16.41 44.12 -19.44
C LEU E 329 15.78 43.89 -18.09
N PHE E 330 15.70 42.63 -17.69
CA PHE E 330 15.11 42.33 -16.41
C PHE E 330 15.99 42.98 -15.35
N GLY E 331 17.28 43.03 -15.61
CA GLY E 331 18.18 43.65 -14.65
C GLY E 331 17.74 45.09 -14.46
N LYS E 332 17.53 45.81 -15.56
CA LYS E 332 17.11 47.20 -15.43
C LYS E 332 15.82 47.32 -14.66
N VAL E 333 14.87 46.46 -14.97
CA VAL E 333 13.61 46.52 -14.27
C VAL E 333 13.88 46.40 -12.79
N LEU E 334 14.91 45.65 -12.44
CA LEU E 334 15.20 45.53 -11.04
C LEU E 334 15.82 46.78 -10.47
N GLU E 335 16.70 47.43 -11.22
CA GLU E 335 17.28 48.61 -10.62
C GLU E 335 16.27 49.74 -10.52
N GLU E 336 15.26 49.72 -11.38
CA GLU E 336 14.26 50.76 -11.30
C GLU E 336 13.46 50.49 -10.05
N ARG E 337 13.13 49.22 -9.83
CA ARG E 337 12.38 48.90 -8.63
C ARG E 337 13.25 48.97 -7.40
N ASN E 338 14.52 49.28 -7.64
CA ASN E 338 15.52 49.38 -6.57
C ASN E 338 15.88 48.05 -5.91
N LEU E 339 15.96 47.03 -6.77
CA LEU E 339 16.26 45.64 -6.42
C LEU E 339 15.13 45.10 -5.56
N MET F 1 33.95 -8.30 10.14
CA MET F 1 34.96 -9.28 9.81
C MET F 1 35.29 -9.18 8.34
N ARG F 2 36.42 -9.77 7.96
CA ARG F 2 36.80 -9.78 6.57
C ARG F 2 36.11 -10.94 5.85
N VAL F 3 35.46 -10.63 4.74
CA VAL F 3 34.77 -11.66 3.97
C VAL F 3 35.25 -11.33 2.59
N VAL F 4 35.49 -12.38 1.83
CA VAL F 4 35.98 -12.21 0.47
C VAL F 4 35.23 -13.22 -0.36
N VAL F 5 34.63 -12.68 -1.41
CA VAL F 5 33.88 -13.48 -2.34
C VAL F 5 34.78 -13.59 -3.54
N ILE F 6 34.91 -14.81 -4.06
CA ILE F 6 35.73 -15.01 -5.23
C ILE F 6 34.73 -15.33 -6.32
N GLY F 7 34.61 -14.43 -7.28
CA GLY F 7 33.68 -14.67 -8.37
C GLY F 7 32.84 -13.41 -8.51
N ALA F 8 32.57 -13.00 -9.74
CA ALA F 8 31.78 -11.80 -9.98
C ALA F 8 30.72 -12.10 -11.05
N GLY F 9 30.32 -13.36 -11.09
CA GLY F 9 29.30 -13.87 -12.01
C GLY F 9 28.02 -13.64 -11.22
N VAL F 10 26.90 -14.15 -11.70
CA VAL F 10 25.67 -13.94 -10.96
C VAL F 10 25.68 -14.52 -9.57
N ILE F 11 26.37 -15.64 -9.40
CA ILE F 11 26.42 -16.27 -8.08
C ILE F 11 27.20 -15.44 -7.08
N GLY F 12 28.40 -15.02 -7.46
CA GLY F 12 29.20 -14.21 -6.54
C GLY F 12 28.52 -12.91 -6.15
N LEU F 13 28.11 -12.11 -7.13
CA LEU F 13 27.48 -10.85 -6.80
C LEU F 13 26.18 -11.00 -6.05
N SER F 14 25.31 -11.92 -6.43
CA SER F 14 24.07 -12.01 -5.67
C SER F 14 24.36 -12.46 -4.27
N THR F 15 25.29 -13.39 -4.13
CA THR F 15 25.59 -13.84 -2.79
C THR F 15 26.15 -12.72 -1.95
N ALA F 16 27.09 -11.96 -2.49
CA ALA F 16 27.67 -10.88 -1.71
C ALA F 16 26.63 -9.91 -1.24
N LEU F 17 25.75 -9.54 -2.14
CA LEU F 17 24.73 -8.58 -1.80
C LEU F 17 23.80 -9.13 -0.76
N CYS F 18 23.48 -10.38 -1.00
CA CYS F 18 22.55 -11.03 -0.10
C CYS F 18 23.01 -10.99 1.34
N ILE F 19 24.26 -11.32 1.55
CA ILE F 19 24.83 -11.31 2.88
C ILE F 19 25.00 -9.95 3.45
N HIS F 20 25.56 -9.08 2.64
CA HIS F 20 25.77 -7.74 3.14
C HIS F 20 24.42 -7.16 3.49
N GLU F 21 23.44 -7.43 2.65
CA GLU F 21 22.12 -6.91 2.90
C GLU F 21 21.67 -7.44 4.26
N ARG F 22 21.91 -8.69 4.59
CA ARG F 22 21.48 -9.16 5.90
C ARG F 22 22.28 -8.85 7.14
N TYR F 23 23.59 -8.83 6.99
CA TYR F 23 24.46 -8.57 8.12
C TYR F 23 25.12 -7.25 8.39
N HIS F 24 25.18 -6.28 7.46
CA HIS F 24 25.88 -5.01 7.75
C HIS F 24 25.36 -4.30 8.99
N SER F 25 24.08 -4.51 9.22
CA SER F 25 23.38 -3.92 10.36
C SER F 25 23.89 -4.49 11.68
N VAL F 26 23.84 -5.82 11.74
CA VAL F 26 24.25 -6.67 12.86
C VAL F 26 25.76 -6.63 13.15
N LEU F 27 26.58 -7.02 12.18
CA LEU F 27 28.01 -6.97 12.41
C LEU F 27 28.37 -5.53 12.18
N GLN F 28 28.97 -4.87 13.15
CA GLN F 28 29.31 -3.49 12.91
C GLN F 28 30.32 -3.41 11.75
N PRO F 29 31.51 -4.02 11.93
CA PRO F 29 32.60 -4.09 10.92
C PRO F 29 32.33 -5.35 10.10
N LEU F 30 32.03 -5.16 8.82
CA LEU F 30 31.65 -6.21 7.89
C LEU F 30 32.31 -5.73 6.63
N ASP F 31 33.48 -6.29 6.40
CA ASP F 31 34.26 -5.95 5.23
C ASP F 31 34.19 -6.94 4.07
N VAL F 32 33.37 -6.58 3.09
CA VAL F 32 33.25 -7.45 1.94
C VAL F 32 34.12 -6.97 0.81
N LYS F 33 34.74 -7.90 0.10
CA LYS F 33 35.58 -7.52 -1.02
C LYS F 33 35.29 -8.63 -1.99
N VAL F 34 35.43 -8.30 -3.26
CA VAL F 34 35.17 -9.30 -4.26
C VAL F 34 36.35 -9.35 -5.18
N TYR F 35 36.86 -10.57 -5.30
CA TYR F 35 37.97 -10.80 -6.17
C TYR F 35 37.47 -11.61 -7.34
N ALA F 36 37.97 -11.29 -8.53
CA ALA F 36 37.55 -12.02 -9.70
C ALA F 36 38.55 -11.68 -10.79
N ASP F 37 38.84 -12.66 -11.62
CA ASP F 37 39.78 -12.43 -12.70
C ASP F 37 39.02 -11.96 -13.94
N ARG F 38 37.70 -11.98 -13.87
CA ARG F 38 36.89 -11.54 -14.99
C ARG F 38 35.60 -10.98 -14.45
N PHE F 39 35.29 -9.78 -14.94
CA PHE F 39 34.09 -9.05 -14.62
C PHE F 39 33.27 -9.01 -15.89
N THR F 40 32.01 -8.65 -15.77
CA THR F 40 31.16 -8.57 -16.96
C THR F 40 31.88 -7.52 -17.81
N PRO F 41 31.81 -7.64 -19.12
CA PRO F 41 31.11 -8.67 -19.89
C PRO F 41 31.78 -10.02 -20.03
N PHE F 42 32.85 -10.24 -19.27
CA PHE F 42 33.53 -11.51 -19.41
C PHE F 42 33.13 -12.77 -18.67
N THR F 43 32.10 -12.72 -17.82
CA THR F 43 31.72 -13.91 -17.11
C THR F 43 30.87 -14.82 -17.98
N THR F 44 30.59 -16.01 -17.49
CA THR F 44 29.78 -16.97 -18.23
C THR F 44 28.38 -16.38 -18.15
N THR F 45 28.12 -15.73 -17.01
CA THR F 45 26.82 -15.14 -16.80
C THR F 45 26.43 -14.19 -17.93
N ASP F 46 27.37 -13.42 -18.46
CA ASP F 46 27.10 -12.50 -19.55
C ASP F 46 26.65 -13.17 -20.81
N VAL F 47 26.94 -14.45 -20.91
CA VAL F 47 26.60 -15.26 -22.08
C VAL F 47 25.25 -15.95 -22.01
N ALA F 48 24.72 -16.02 -20.81
CA ALA F 48 23.44 -16.68 -20.62
C ALA F 48 22.34 -16.18 -21.53
N ALA F 49 21.55 -17.14 -21.99
CA ALA F 49 20.40 -16.87 -22.86
C ALA F 49 19.45 -15.90 -22.15
N GLY F 50 19.56 -15.81 -20.83
CA GLY F 50 18.75 -14.95 -19.98
C GLY F 50 17.41 -15.47 -19.45
N LEU F 51 16.98 -16.65 -19.85
CA LEU F 51 15.71 -17.19 -19.39
C LEU F 51 15.60 -17.90 -18.05
N TRP F 52 14.46 -17.77 -17.39
CA TRP F 52 14.31 -18.47 -16.12
C TRP F 52 13.62 -19.77 -16.50
N GLN F 53 14.33 -20.88 -16.40
CA GLN F 53 13.73 -22.18 -16.71
C GLN F 53 14.70 -23.22 -16.27
N PRO F 54 14.24 -24.07 -15.36
CA PRO F 54 15.03 -25.14 -14.81
C PRO F 54 15.09 -26.27 -15.82
N TYR F 55 15.78 -27.35 -15.48
CA TYR F 55 15.81 -28.43 -16.46
C TYR F 55 14.45 -29.13 -16.44
N THR F 56 14.21 -29.98 -17.43
CA THR F 56 12.94 -30.71 -17.54
C THR F 56 12.79 -31.86 -16.54
N SER F 57 13.95 -32.44 -16.21
CA SER F 57 14.09 -33.55 -15.28
C SER F 57 14.14 -33.09 -13.82
N GLU F 58 13.70 -33.92 -12.88
CA GLU F 58 13.75 -33.55 -11.46
C GLU F 58 15.13 -33.46 -10.77
N PRO F 59 15.42 -32.51 -9.87
CA PRO F 59 16.75 -32.46 -9.26
C PRO F 59 17.25 -33.45 -8.22
N SER F 60 18.57 -33.66 -8.19
CA SER F 60 19.17 -34.59 -7.24
C SER F 60 18.92 -34.15 -5.81
N ASN F 61 19.26 -32.91 -5.47
CA ASN F 61 19.04 -32.40 -4.11
C ASN F 61 17.73 -31.68 -4.35
N PRO F 62 16.71 -32.04 -3.59
CA PRO F 62 15.35 -31.53 -3.68
C PRO F 62 15.31 -30.07 -3.29
N GLN F 63 16.32 -29.62 -2.56
CA GLN F 63 16.32 -28.23 -2.19
C GLN F 63 16.48 -27.37 -3.42
N GLU F 64 16.99 -27.95 -4.49
CA GLU F 64 17.16 -27.20 -5.71
C GLU F 64 15.80 -26.71 -6.16
N ALA F 65 14.79 -27.55 -6.01
CA ALA F 65 13.47 -27.11 -6.43
C ALA F 65 13.09 -25.89 -5.60
N ASN F 66 13.35 -25.92 -4.31
CA ASN F 66 12.95 -24.73 -3.61
C ASN F 66 13.77 -23.54 -3.98
N TRP F 67 15.08 -23.69 -4.16
CA TRP F 67 15.86 -22.56 -4.55
C TRP F 67 15.37 -21.90 -5.81
N ASN F 68 14.90 -22.74 -6.72
CA ASN F 68 14.39 -22.21 -7.96
C ASN F 68 13.14 -21.41 -7.71
N GLN F 69 12.28 -21.97 -6.90
CA GLN F 69 11.05 -21.28 -6.61
C GLN F 69 11.30 -19.96 -5.91
N GLN F 70 12.17 -19.96 -4.92
CA GLN F 70 12.44 -18.72 -4.23
C GLN F 70 12.99 -17.71 -5.19
N THR F 71 13.74 -18.17 -6.18
CA THR F 71 14.30 -17.22 -7.13
C THR F 71 13.19 -16.60 -7.97
N PHE F 72 12.29 -17.42 -8.48
CA PHE F 72 11.21 -16.87 -9.29
C PHE F 72 10.33 -15.89 -8.54
N ASN F 73 9.99 -16.21 -7.30
CA ASN F 73 9.15 -15.27 -6.60
C ASN F 73 9.88 -14.01 -6.31
N TYR F 74 11.16 -14.15 -6.04
CA TYR F 74 11.91 -12.95 -5.75
C TYR F 74 11.91 -12.06 -6.98
N LEU F 75 12.13 -12.67 -8.14
CA LEU F 75 12.15 -11.90 -9.36
C LEU F 75 10.78 -11.32 -9.61
N LEU F 76 9.73 -12.14 -9.57
CA LEU F 76 8.42 -11.53 -9.80
C LEU F 76 8.09 -10.38 -8.90
N SER F 77 8.57 -10.41 -7.67
CA SER F 77 8.24 -9.31 -6.78
C SER F 77 8.66 -7.98 -7.35
N HIS F 78 9.61 -7.98 -8.28
CA HIS F 78 10.07 -6.74 -8.88
C HIS F 78 9.30 -6.31 -10.08
N ILE F 79 8.54 -7.24 -10.66
CA ILE F 79 7.77 -6.87 -11.83
C ILE F 79 6.76 -5.89 -11.28
N GLY F 80 6.84 -4.65 -11.72
CA GLY F 80 5.91 -3.65 -11.23
C GLY F 80 6.73 -2.42 -10.85
N SER F 81 8.00 -2.61 -10.55
CA SER F 81 8.79 -1.44 -10.19
C SER F 81 9.27 -0.83 -11.50
N PRO F 82 9.67 0.42 -11.41
CA PRO F 82 10.16 1.20 -12.53
C PRO F 82 11.53 0.71 -12.93
N ASN F 83 12.14 -0.02 -12.00
CA ASN F 83 13.48 -0.55 -12.25
C ASN F 83 13.70 -1.91 -12.84
N ALA F 84 12.62 -2.67 -12.91
CA ALA F 84 12.67 -4.00 -13.43
C ALA F 84 13.45 -4.11 -14.71
N ALA F 85 13.23 -3.20 -15.65
CA ALA F 85 14.02 -3.36 -16.87
C ALA F 85 15.45 -2.98 -16.66
N ASN F 86 15.69 -2.10 -15.71
CA ASN F 86 17.06 -1.69 -15.45
C ASN F 86 17.82 -2.80 -14.78
N MET F 87 17.12 -3.71 -14.10
CA MET F 87 17.83 -4.80 -13.47
C MET F 87 17.97 -5.91 -14.49
N GLY F 88 17.40 -5.76 -15.67
CA GLY F 88 17.50 -6.84 -16.65
C GLY F 88 16.29 -7.76 -16.74
N LEU F 89 15.22 -7.41 -16.05
CA LEU F 89 13.97 -8.17 -16.07
C LEU F 89 12.76 -7.79 -16.91
N THR F 90 12.01 -8.78 -17.37
CA THR F 90 10.76 -8.66 -18.12
C THR F 90 10.16 -10.01 -18.31
N PRO F 91 8.83 -10.05 -18.28
CA PRO F 91 8.09 -11.29 -18.45
C PRO F 91 8.18 -11.70 -19.90
N VAL F 92 8.06 -12.98 -20.22
CA VAL F 92 8.13 -13.34 -21.62
C VAL F 92 7.32 -14.62 -21.55
N SER F 93 6.59 -14.89 -22.62
CA SER F 93 5.78 -16.09 -22.71
C SER F 93 6.38 -16.96 -23.79
N GLY F 94 6.17 -18.26 -23.77
CA GLY F 94 6.79 -18.97 -24.87
C GLY F 94 6.52 -20.44 -24.83
N TYR F 95 7.06 -21.10 -25.85
CA TYR F 95 6.93 -22.54 -26.04
C TYR F 95 8.10 -23.47 -25.84
N ASN F 96 7.80 -24.65 -25.33
CA ASN F 96 8.73 -25.76 -25.13
C ASN F 96 8.18 -26.83 -26.08
N LEU F 97 8.87 -27.16 -27.16
CA LEU F 97 8.42 -28.15 -28.11
C LEU F 97 9.13 -29.47 -28.02
N PHE F 98 8.40 -30.55 -28.28
CA PHE F 98 9.00 -31.86 -28.22
C PHE F 98 8.45 -32.71 -29.33
N ARG F 99 9.24 -33.74 -29.58
CA ARG F 99 8.92 -34.72 -30.59
C ARG F 99 8.01 -35.82 -30.12
N GLU F 100 7.70 -35.80 -28.83
CA GLU F 100 6.83 -36.84 -28.33
C GLU F 100 6.33 -36.43 -26.96
N ALA F 101 5.29 -37.11 -26.49
CA ALA F 101 4.77 -36.76 -25.18
C ALA F 101 5.87 -36.92 -24.15
N VAL F 102 5.72 -36.09 -23.13
CA VAL F 102 6.65 -36.02 -22.04
C VAL F 102 5.87 -35.54 -20.83
N PRO F 103 6.32 -35.98 -19.68
CA PRO F 103 5.68 -35.61 -18.44
C PRO F 103 5.90 -34.16 -18.08
N ASP F 104 4.93 -33.61 -17.38
CA ASP F 104 5.00 -32.22 -16.96
C ASP F 104 6.19 -32.04 -16.05
N PRO F 105 6.86 -30.90 -16.19
CA PRO F 105 8.03 -30.57 -15.41
C PRO F 105 7.65 -30.32 -13.98
N TYR F 106 8.57 -30.54 -13.06
CA TYR F 106 8.24 -30.31 -11.67
C TYR F 106 7.93 -28.85 -11.44
N TRP F 107 8.35 -28.00 -12.36
CA TRP F 107 8.09 -26.59 -12.20
C TRP F 107 6.85 -25.98 -12.77
N LYS F 108 5.98 -26.81 -13.34
CA LYS F 108 4.76 -26.30 -13.94
C LYS F 108 4.04 -25.27 -13.11
N ASP F 109 4.06 -25.49 -11.81
CA ASP F 109 3.40 -24.55 -10.93
C ASP F 109 4.18 -23.35 -10.48
N MET F 110 5.46 -23.29 -10.82
CA MET F 110 6.22 -22.13 -10.39
C MET F 110 6.01 -21.02 -11.40
N VAL F 111 6.00 -21.40 -12.67
CA VAL F 111 5.81 -20.43 -13.72
C VAL F 111 4.34 -20.03 -13.78
N LEU F 112 4.04 -19.02 -14.60
CA LEU F 112 2.68 -18.56 -14.75
C LEU F 112 2.00 -19.14 -15.96
N GLY F 113 0.74 -19.50 -15.81
CA GLY F 113 0.01 -20.03 -16.94
C GLY F 113 0.47 -21.28 -17.66
N PHE F 114 1.14 -22.18 -16.96
CA PHE F 114 1.59 -23.39 -17.64
C PHE F 114 0.43 -24.16 -18.26
N ARG F 115 0.62 -24.71 -19.45
CA ARG F 115 -0.44 -25.47 -20.08
C ARG F 115 0.13 -26.15 -21.32
N LYS F 116 -0.52 -27.20 -21.79
CA LYS F 116 -0.08 -27.94 -22.98
C LYS F 116 -0.57 -27.30 -24.26
N LEU F 117 0.27 -27.28 -25.29
CA LEU F 117 -0.18 -26.67 -26.52
C LEU F 117 -1.30 -27.46 -27.13
N THR F 118 -2.14 -26.75 -27.87
CA THR F 118 -3.27 -27.33 -28.57
C THR F 118 -2.74 -27.55 -29.97
N PRO F 119 -3.55 -28.27 -30.72
CA PRO F 119 -3.19 -28.57 -32.09
C PRO F 119 -3.07 -27.38 -32.99
N ARG F 120 -3.89 -26.34 -32.85
CA ARG F 120 -3.70 -25.24 -33.79
C ARG F 120 -2.36 -24.65 -33.44
N GLU F 121 -2.00 -24.74 -32.17
CA GLU F 121 -0.71 -24.19 -31.79
C GLU F 121 0.42 -24.99 -32.41
N LEU F 122 0.34 -26.31 -32.25
CA LEU F 122 1.38 -27.14 -32.83
C LEU F 122 1.46 -26.97 -34.32
N ASP F 123 0.38 -26.58 -34.99
CA ASP F 123 0.52 -26.42 -36.43
C ASP F 123 1.47 -25.30 -36.77
N MET F 124 1.81 -24.47 -35.79
CA MET F 124 2.72 -23.41 -36.14
C MET F 124 4.14 -23.93 -36.13
N PHE F 125 4.31 -25.16 -35.65
CA PHE F 125 5.65 -25.78 -35.56
C PHE F 125 5.50 -27.24 -35.95
N PRO F 126 5.52 -27.43 -37.25
CA PRO F 126 5.38 -28.73 -37.89
C PRO F 126 6.28 -29.88 -37.48
N ASP F 127 7.55 -29.67 -37.20
CA ASP F 127 8.33 -30.84 -36.85
C ASP F 127 7.98 -31.35 -35.44
N TYR F 128 7.36 -30.51 -34.61
CA TYR F 128 7.01 -30.95 -33.26
C TYR F 128 5.66 -31.57 -33.09
N ARG F 129 5.53 -32.34 -32.03
CA ARG F 129 4.28 -33.03 -31.78
C ARG F 129 3.70 -32.95 -30.37
N TYR F 130 4.32 -32.23 -29.44
CA TYR F 130 3.77 -32.13 -28.10
C TYR F 130 4.49 -30.92 -27.54
N GLY F 131 3.90 -30.23 -26.57
CA GLY F 131 4.62 -29.08 -26.05
C GLY F 131 3.88 -28.41 -24.92
N TRP F 132 4.47 -27.32 -24.44
CA TRP F 132 3.86 -26.62 -23.36
C TRP F 132 3.98 -25.17 -23.72
N PHE F 133 3.33 -24.37 -22.88
CA PHE F 133 3.32 -22.93 -23.04
C PHE F 133 3.22 -22.39 -21.62
N ASN F 134 3.87 -21.27 -21.33
CA ASN F 134 3.76 -20.74 -19.98
C ASN F 134 4.45 -19.39 -20.04
N THR F 135 4.25 -18.51 -19.06
CA THR F 135 4.96 -17.26 -19.23
C THR F 135 6.01 -17.36 -18.13
N SER F 136 7.15 -16.70 -18.30
CA SER F 136 8.20 -16.79 -17.31
C SER F 136 8.89 -15.44 -17.32
N LEU F 137 10.15 -15.40 -16.98
CA LEU F 137 10.82 -14.11 -16.96
C LEU F 137 12.20 -14.20 -17.55
N ILE F 138 12.61 -13.07 -18.08
CA ILE F 138 13.91 -12.88 -18.65
C ILE F 138 14.69 -12.08 -17.63
N LEU F 139 15.96 -12.42 -17.48
CA LEU F 139 16.83 -11.72 -16.55
C LEU F 139 18.12 -11.67 -17.35
N GLU F 140 18.40 -10.55 -18.02
CA GLU F 140 19.63 -10.52 -18.77
C GLU F 140 20.84 -10.45 -17.89
N GLY F 141 21.73 -11.43 -18.08
CA GLY F 141 22.93 -11.50 -17.29
C GLY F 141 23.78 -10.24 -17.29
N ARG F 142 24.04 -9.71 -18.46
CA ARG F 142 24.89 -8.52 -18.46
C ARG F 142 24.24 -7.37 -17.71
N LYS F 143 22.96 -7.10 -17.95
CA LYS F 143 22.29 -5.99 -17.28
C LYS F 143 22.20 -6.23 -15.79
N TYR F 144 21.86 -7.45 -15.42
CA TYR F 144 21.75 -7.77 -14.00
C TYR F 144 23.08 -7.66 -13.29
N LEU F 145 24.15 -8.10 -13.96
CA LEU F 145 25.46 -8.01 -13.34
C LEU F 145 25.80 -6.56 -13.11
N GLN F 146 25.47 -5.70 -14.06
CA GLN F 146 25.80 -4.30 -13.83
C GLN F 146 24.96 -3.73 -12.71
N TRP F 147 23.72 -4.15 -12.63
CA TRP F 147 22.88 -3.62 -11.58
C TRP F 147 23.40 -4.03 -10.22
N LEU F 148 23.68 -5.31 -10.04
CA LEU F 148 24.19 -5.76 -8.76
C LEU F 148 25.48 -5.04 -8.47
N THR F 149 26.26 -4.84 -9.52
CA THR F 149 27.51 -4.15 -9.26
C THR F 149 27.29 -2.77 -8.69
N GLU F 150 26.35 -2.00 -9.22
CA GLU F 150 26.14 -0.67 -8.67
C GLU F 150 25.60 -0.79 -7.26
N ARG F 151 24.67 -1.71 -7.06
CA ARG F 151 24.15 -1.86 -5.71
C ARG F 151 25.27 -2.17 -4.73
N LEU F 152 26.16 -3.09 -5.07
CA LEU F 152 27.25 -3.46 -4.19
C LEU F 152 28.19 -2.31 -3.96
N THR F 153 28.52 -1.67 -5.05
CA THR F 153 29.42 -0.55 -4.93
C THR F 153 28.89 0.51 -3.99
N GLU F 154 27.59 0.81 -4.08
CA GLU F 154 27.08 1.83 -3.20
C GLU F 154 27.01 1.36 -1.76
N ARG F 155 26.94 0.06 -1.54
CA ARG F 155 26.90 -0.43 -0.18
C ARG F 155 28.30 -0.49 0.38
N GLY F 156 29.26 -0.03 -0.42
CA GLY F 156 30.67 -0.02 -0.02
C GLY F 156 31.51 -1.28 -0.30
N VAL F 157 30.96 -2.28 -0.95
CA VAL F 157 31.73 -3.48 -1.25
C VAL F 157 32.82 -3.14 -2.24
N LYS F 158 34.00 -3.70 -2.07
CA LYS F 158 35.08 -3.42 -3.00
C LYS F 158 35.41 -4.52 -3.98
N PHE F 159 35.71 -4.11 -5.21
CA PHE F 159 36.06 -5.05 -6.26
C PHE F 159 37.53 -5.07 -6.63
N PHE F 160 38.07 -6.23 -7.00
CA PHE F 160 39.47 -6.25 -7.38
C PHE F 160 39.60 -7.31 -8.40
N LEU F 161 40.30 -6.93 -9.45
CA LEU F 161 40.54 -7.85 -10.53
C LEU F 161 41.76 -8.60 -10.06
N ARG F 162 41.62 -9.88 -9.82
CA ARG F 162 42.68 -10.71 -9.35
C ARG F 162 42.41 -12.16 -9.54
N LYS F 163 43.43 -12.87 -9.96
CA LYS F 163 43.28 -14.30 -10.13
C LYS F 163 43.74 -14.91 -8.82
N VAL F 164 42.87 -15.60 -8.09
CA VAL F 164 43.28 -16.21 -6.85
C VAL F 164 43.93 -17.55 -7.17
N GLU F 165 45.13 -17.80 -6.65
CA GLU F 165 45.78 -19.07 -6.90
C GLU F 165 45.46 -20.16 -5.89
N SER F 166 45.01 -19.78 -4.69
CA SER F 166 44.65 -20.80 -3.70
C SER F 166 43.92 -20.12 -2.58
N PHE F 167 43.17 -20.92 -1.82
CA PHE F 167 42.46 -20.27 -0.73
C PHE F 167 43.47 -19.83 0.29
N GLU F 168 44.56 -20.58 0.36
CA GLU F 168 45.60 -20.30 1.33
C GLU F 168 46.03 -18.85 1.15
N GLU F 169 46.31 -18.52 -0.11
CA GLU F 169 46.74 -17.18 -0.48
C GLU F 169 45.75 -16.17 0.08
N VAL F 170 44.46 -16.48 -0.01
CA VAL F 170 43.48 -15.53 0.49
C VAL F 170 43.36 -15.47 2.00
N ALA F 171 43.52 -16.62 2.65
CA ALA F 171 43.44 -16.71 4.10
C ALA F 171 44.59 -15.92 4.69
N ARG F 172 45.77 -16.07 4.08
CA ARG F 172 46.96 -15.36 4.54
C ARG F 172 46.72 -13.86 4.46
N GLY F 173 45.85 -13.45 3.54
CA GLY F 173 45.51 -12.05 3.36
C GLY F 173 44.53 -11.60 4.44
N GLY F 174 44.34 -12.38 5.50
CA GLY F 174 43.40 -11.96 6.53
C GLY F 174 41.91 -12.19 6.33
N ALA F 175 41.50 -13.01 5.36
CA ALA F 175 40.07 -13.23 5.17
C ALA F 175 39.54 -14.15 6.29
N ASP F 176 38.50 -13.71 6.99
CA ASP F 176 37.91 -14.51 8.05
C ASP F 176 37.05 -15.60 7.42
N VAL F 177 36.40 -15.23 6.32
CA VAL F 177 35.53 -16.14 5.57
C VAL F 177 35.73 -15.83 4.11
N ILE F 178 35.58 -16.89 3.33
CA ILE F 178 35.75 -16.85 1.89
C ILE F 178 34.64 -17.63 1.24
N ILE F 179 34.03 -16.96 0.27
CA ILE F 179 32.93 -17.53 -0.47
C ILE F 179 33.43 -17.88 -1.86
N ASN F 180 33.41 -19.18 -2.14
CA ASN F 180 33.89 -19.63 -3.43
C ASN F 180 32.74 -19.68 -4.44
N CYS F 181 32.78 -18.80 -5.43
CA CYS F 181 31.75 -18.71 -6.47
C CYS F 181 32.45 -18.62 -7.81
N THR F 182 33.39 -19.53 -7.98
CA THR F 182 34.21 -19.65 -9.17
C THR F 182 33.65 -20.34 -10.42
N GLY F 183 32.41 -20.80 -10.37
CA GLY F 183 31.84 -21.45 -11.55
C GLY F 183 32.67 -22.60 -12.10
N VAL F 184 32.68 -22.85 -13.40
CA VAL F 184 33.50 -23.97 -13.87
C VAL F 184 34.97 -23.96 -13.43
N TRP F 185 35.51 -22.82 -13.04
CA TRP F 185 36.90 -22.81 -12.65
C TRP F 185 37.24 -23.16 -11.22
N ALA F 186 36.22 -23.54 -10.46
CA ALA F 186 36.40 -23.89 -9.05
C ALA F 186 37.39 -25.02 -8.80
N GLY F 187 37.49 -25.93 -9.75
CA GLY F 187 38.37 -27.09 -9.68
C GLY F 187 39.81 -26.69 -9.45
N VAL F 188 40.15 -25.53 -10.00
CA VAL F 188 41.48 -25.00 -9.84
C VAL F 188 41.80 -24.69 -8.39
N LEU F 189 40.86 -24.14 -7.64
CA LEU F 189 41.20 -23.86 -6.26
C LEU F 189 41.12 -25.10 -5.40
N GLN F 190 40.51 -26.13 -5.95
CA GLN F 190 40.34 -27.37 -5.22
C GLN F 190 39.53 -28.28 -6.12
N PRO F 191 40.20 -29.34 -6.50
CA PRO F 191 39.70 -30.38 -7.39
C PRO F 191 38.33 -30.90 -7.00
N ASP F 192 37.56 -31.12 -8.07
CA ASP F 192 36.22 -31.62 -7.92
C ASP F 192 36.05 -32.19 -9.30
N PRO F 193 36.13 -33.50 -9.29
CA PRO F 193 36.01 -34.36 -10.46
C PRO F 193 34.58 -34.41 -10.95
N LEU F 194 33.65 -33.96 -10.12
CA LEU F 194 32.25 -33.96 -10.54
C LEU F 194 31.93 -32.80 -11.44
N LEU F 195 32.74 -31.75 -11.30
CA LEU F 195 32.60 -30.53 -12.06
C LEU F 195 33.21 -30.59 -13.44
N GLN F 196 32.44 -30.18 -14.42
CA GLN F 196 32.86 -30.17 -15.81
C GLN F 196 32.23 -29.06 -16.61
N PRO F 197 32.96 -28.59 -17.62
CA PRO F 197 32.42 -27.53 -18.45
C PRO F 197 31.38 -28.06 -19.41
N GLY F 198 30.23 -27.40 -19.49
CA GLY F 198 29.18 -27.80 -20.42
C GLY F 198 29.32 -26.67 -21.44
N ARG F 199 30.16 -26.82 -22.44
CA ARG F 199 30.27 -25.71 -23.37
C ARG F 199 29.03 -25.40 -24.19
N GLY F 200 28.83 -24.13 -24.53
CA GLY F 200 27.68 -23.76 -25.35
C GLY F 200 27.94 -22.47 -26.13
N GLN F 201 27.65 -22.44 -27.43
CA GLN F 201 27.82 -21.22 -28.24
C GLN F 201 26.42 -20.65 -28.46
N ILE F 202 26.35 -19.37 -28.81
CA ILE F 202 25.05 -18.77 -29.08
C ILE F 202 25.33 -17.72 -30.14
N ILE F 203 24.26 -17.25 -30.76
CA ILE F 203 24.44 -16.23 -31.78
C ILE F 203 23.41 -15.23 -31.35
N LYS F 204 23.83 -13.98 -31.27
CA LYS F 204 22.94 -12.90 -30.91
C LYS F 204 22.49 -12.34 -32.22
N VAL F 205 21.21 -12.08 -32.28
CA VAL F 205 20.67 -11.57 -33.51
C VAL F 205 19.68 -10.44 -33.27
N ASP F 206 19.56 -9.57 -34.26
CA ASP F 206 18.62 -8.49 -34.12
C ASP F 206 17.36 -8.94 -34.89
N ALA F 207 16.26 -9.20 -34.19
CA ALA F 207 15.04 -9.62 -34.86
C ALA F 207 13.96 -9.33 -33.82
N PRO F 208 13.60 -8.05 -33.78
CA PRO F 208 12.62 -7.54 -32.84
C PRO F 208 11.20 -8.01 -33.04
N TRP F 209 10.87 -8.55 -34.20
CA TRP F 209 9.50 -8.98 -34.31
C TRP F 209 9.23 -10.25 -33.50
N LEU F 210 10.27 -10.90 -32.99
CA LEU F 210 10.07 -12.13 -32.22
C LEU F 210 9.84 -11.77 -30.77
N LYS F 211 8.61 -11.98 -30.30
CA LYS F 211 8.25 -11.66 -28.92
C LYS F 211 8.16 -12.82 -27.96
N ASN F 212 8.27 -14.05 -28.43
CA ASN F 212 8.14 -15.16 -27.49
C ASN F 212 9.32 -16.09 -27.63
N PHE F 213 9.62 -16.79 -26.54
CA PHE F 213 10.72 -17.72 -26.57
C PHE F 213 10.25 -19.04 -27.13
N ILE F 214 11.18 -19.79 -27.68
CA ILE F 214 10.79 -21.07 -28.25
C ILE F 214 11.95 -21.96 -27.97
N ILE F 215 11.64 -23.06 -27.31
CA ILE F 215 12.71 -23.96 -26.97
C ILE F 215 12.30 -25.35 -27.35
N THR F 216 13.18 -25.88 -28.18
CA THR F 216 13.06 -27.20 -28.71
C THR F 216 13.81 -28.23 -27.91
N HIS F 217 13.33 -29.46 -27.91
CA HIS F 217 14.03 -30.48 -27.16
C HIS F 217 14.18 -31.78 -27.94
N ASP F 218 15.36 -32.38 -27.83
CA ASP F 218 15.61 -33.65 -28.53
C ASP F 218 16.15 -34.48 -27.40
N LEU F 219 15.36 -35.47 -27.06
CA LEU F 219 15.69 -36.35 -25.97
C LEU F 219 16.92 -37.21 -26.16
N GLU F 220 17.12 -37.65 -27.39
CA GLU F 220 18.27 -38.48 -27.65
C GLU F 220 19.53 -37.65 -27.51
N ARG F 221 19.46 -36.53 -28.20
CA ARG F 221 20.55 -35.58 -28.26
C ARG F 221 21.00 -34.79 -27.02
N GLY F 222 20.24 -34.84 -25.93
CA GLY F 222 20.58 -34.12 -24.69
C GLY F 222 20.03 -32.69 -24.54
N ILE F 223 19.91 -32.23 -23.31
CA ILE F 223 19.37 -30.91 -23.10
C ILE F 223 20.22 -29.82 -23.72
N TYR F 224 19.55 -28.84 -24.28
CA TYR F 224 20.18 -27.71 -24.93
C TYR F 224 20.96 -27.99 -26.19
N ASN F 225 20.83 -29.22 -26.66
CA ASN F 225 21.47 -29.63 -27.90
C ASN F 225 20.43 -29.58 -28.98
N SER F 226 19.64 -28.52 -28.96
CA SER F 226 18.61 -28.45 -29.96
C SER F 226 18.30 -26.97 -29.99
N PRO F 227 17.87 -26.48 -31.15
CA PRO F 227 17.56 -25.07 -31.33
C PRO F 227 16.60 -24.47 -30.35
N TYR F 228 16.93 -23.23 -30.03
CA TYR F 228 16.11 -22.48 -29.13
C TYR F 228 16.33 -21.04 -29.52
N ILE F 229 15.29 -20.23 -29.30
CA ILE F 229 15.32 -18.82 -29.64
C ILE F 229 14.72 -18.13 -28.46
N ILE F 230 15.44 -17.13 -27.97
CA ILE F 230 14.97 -16.42 -26.81
C ILE F 230 15.27 -14.95 -26.89
N PRO F 231 14.17 -14.22 -26.97
CA PRO F 231 14.16 -12.77 -27.08
C PRO F 231 14.76 -12.25 -25.79
N GLY F 232 15.46 -11.13 -25.82
CA GLY F 232 16.03 -10.61 -24.59
C GLY F 232 15.57 -9.17 -24.62
N LEU F 233 16.16 -8.32 -23.81
CA LEU F 233 15.73 -6.93 -23.81
C LEU F 233 16.00 -6.26 -25.16
N GLN F 234 17.24 -6.30 -25.63
CA GLN F 234 17.56 -5.70 -26.91
C GLN F 234 17.79 -6.63 -28.10
N ALA F 235 18.16 -7.89 -27.87
CA ALA F 235 18.39 -8.76 -29.01
C ALA F 235 17.89 -10.14 -28.75
N VAL F 236 17.92 -10.94 -29.80
CA VAL F 236 17.46 -12.30 -29.68
C VAL F 236 18.62 -13.26 -29.61
N THR F 237 18.51 -14.22 -28.73
CA THR F 237 19.57 -15.20 -28.61
C THR F 237 19.19 -16.48 -29.30
N LEU F 238 20.01 -16.90 -30.23
CA LEU F 238 19.81 -18.14 -30.96
C LEU F 238 20.71 -19.15 -30.29
N GLY F 239 20.22 -20.36 -30.15
CA GLY F 239 21.14 -21.23 -29.50
C GLY F 239 20.82 -22.68 -29.77
N GLY F 240 21.62 -23.45 -29.06
CA GLY F 240 21.48 -24.86 -29.18
C GLY F 240 22.67 -25.73 -28.88
N THR F 241 23.62 -25.45 -27.99
CA THR F 241 24.70 -26.48 -27.83
C THR F 241 25.08 -26.65 -26.37
N PHE F 242 25.34 -27.88 -25.99
CA PHE F 242 25.70 -28.15 -24.62
C PHE F 242 26.64 -29.33 -24.80
N GLN F 243 27.94 -29.13 -24.63
CA GLN F 243 28.95 -30.18 -24.82
C GLN F 243 29.81 -30.34 -23.60
N VAL F 244 29.53 -31.43 -22.88
CA VAL F 244 30.26 -31.72 -21.66
C VAL F 244 31.71 -32.11 -21.90
N GLY F 245 32.58 -31.53 -21.08
CA GLY F 245 33.99 -31.80 -21.19
C GLY F 245 34.67 -30.95 -22.26
N ASN F 246 33.94 -30.22 -23.08
CA ASN F 246 34.66 -29.42 -24.07
C ASN F 246 35.08 -28.09 -23.47
N TRP F 247 36.38 -27.81 -23.49
CA TRP F 247 36.94 -26.57 -22.99
C TRP F 247 37.31 -25.53 -24.01
N ASN F 248 36.94 -25.80 -25.24
CA ASN F 248 37.28 -24.84 -26.27
C ASN F 248 36.56 -23.49 -26.02
N GLU F 249 37.22 -22.35 -25.78
CA GLU F 249 36.51 -21.08 -25.61
C GLU F 249 36.25 -20.24 -26.83
N ILE F 250 36.75 -20.74 -27.95
CA ILE F 250 36.62 -20.10 -29.24
C ILE F 250 35.32 -20.45 -29.92
N ASN F 251 34.68 -19.47 -30.53
CA ASN F 251 33.45 -19.80 -31.21
C ASN F 251 33.85 -20.62 -32.41
N ASN F 252 33.14 -21.70 -32.69
CA ASN F 252 33.49 -22.47 -33.86
C ASN F 252 32.41 -22.36 -34.93
N ILE F 253 32.91 -22.48 -36.14
CA ILE F 253 32.12 -22.40 -37.34
C ILE F 253 31.10 -23.45 -37.54
N GLN F 254 31.38 -24.56 -36.94
CA GLN F 254 30.39 -25.60 -37.13
C GLN F 254 29.18 -25.45 -36.27
N ASP F 255 29.46 -25.04 -35.04
CA ASP F 255 28.37 -24.86 -34.13
C ASP F 255 27.51 -23.74 -34.63
N HIS F 256 28.17 -22.71 -35.12
CA HIS F 256 27.43 -21.61 -35.63
C HIS F 256 26.50 -22.08 -36.73
N ASN F 257 27.03 -22.84 -37.67
CA ASN F 257 26.11 -23.27 -38.71
C ASN F 257 25.00 -24.16 -38.23
N THR F 258 25.25 -25.05 -37.29
CA THR F 258 24.12 -25.87 -36.94
C THR F 258 23.07 -25.11 -36.16
N ILE F 259 23.52 -24.15 -35.37
CA ILE F 259 22.58 -23.36 -34.59
C ILE F 259 21.77 -22.50 -35.54
N TRP F 260 22.47 -21.87 -36.48
CA TRP F 260 21.77 -21.03 -37.41
C TRP F 260 20.78 -21.77 -38.27
N GLU F 261 21.21 -22.87 -38.86
CA GLU F 261 20.26 -23.57 -39.70
C GLU F 261 19.12 -24.18 -38.93
N GLY F 262 19.36 -24.58 -37.70
CA GLY F 262 18.27 -25.19 -36.97
C GLY F 262 17.21 -24.16 -36.64
N CYS F 263 17.66 -23.02 -36.13
CA CYS F 263 16.74 -21.98 -35.77
C CYS F 263 16.04 -21.44 -36.99
N CYS F 264 16.83 -21.25 -38.02
CA CYS F 264 16.32 -20.71 -39.24
C CYS F 264 15.21 -21.63 -39.77
N ARG F 265 15.27 -22.91 -39.49
CA ARG F 265 14.24 -23.85 -39.96
C ARG F 265 13.01 -23.78 -39.05
N LEU F 266 13.23 -23.52 -37.76
CA LEU F 266 12.18 -23.41 -36.77
C LEU F 266 11.49 -22.06 -36.88
N GLU F 267 12.18 -21.02 -37.35
CA GLU F 267 11.55 -19.72 -37.44
C GLU F 267 12.23 -19.13 -38.65
N PRO F 268 11.62 -19.40 -39.78
CA PRO F 268 12.07 -18.99 -41.10
C PRO F 268 12.18 -17.50 -41.27
N THR F 269 11.51 -16.73 -40.45
CA THR F 269 11.64 -15.31 -40.65
C THR F 269 13.02 -14.83 -40.27
N LEU F 270 13.81 -15.71 -39.64
CA LEU F 270 15.17 -15.33 -39.23
C LEU F 270 16.02 -14.97 -40.43
N LYS F 271 15.51 -15.39 -41.57
CA LYS F 271 16.08 -15.17 -42.87
C LYS F 271 16.53 -13.72 -42.95
N ASP F 272 15.74 -12.80 -42.42
CA ASP F 272 16.09 -11.38 -42.45
C ASP F 272 16.78 -10.83 -41.20
N ALA F 273 17.11 -11.67 -40.22
CA ALA F 273 17.75 -11.14 -39.01
C ALA F 273 19.21 -10.74 -39.22
N LYS F 274 19.68 -9.68 -38.57
CA LYS F 274 21.06 -9.22 -38.67
C LYS F 274 21.81 -9.95 -37.55
N ILE F 275 22.95 -10.57 -37.84
CA ILE F 275 23.67 -11.25 -36.76
C ILE F 275 24.48 -10.20 -36.04
N VAL F 276 24.37 -10.07 -34.72
CA VAL F 276 25.16 -9.05 -34.05
C VAL F 276 26.40 -9.58 -33.35
N GLY F 277 26.46 -10.88 -33.11
CA GLY F 277 27.61 -11.46 -32.43
C GLY F 277 27.45 -12.93 -32.08
N GLU F 278 28.55 -13.56 -31.65
CA GLU F 278 28.51 -14.96 -31.26
C GLU F 278 29.37 -15.07 -30.05
N TYR F 279 29.02 -16.01 -29.18
CA TYR F 279 29.80 -16.13 -27.98
C TYR F 279 29.75 -17.55 -27.52
N THR F 280 30.70 -17.96 -26.68
CA THR F 280 30.64 -19.34 -26.20
C THR F 280 30.96 -19.19 -24.71
N GLY F 281 30.54 -20.16 -23.91
CA GLY F 281 30.78 -20.11 -22.47
C GLY F 281 30.58 -21.51 -21.93
N PHE F 282 31.04 -21.69 -20.70
CA PHE F 282 30.96 -22.97 -20.02
C PHE F 282 29.94 -23.14 -18.90
N ARG F 283 28.91 -23.95 -19.08
CA ARG F 283 27.99 -24.11 -17.96
C ARG F 283 28.82 -24.86 -16.92
N PRO F 284 28.75 -24.50 -15.64
CA PRO F 284 29.55 -25.25 -14.67
C PRO F 284 28.70 -26.46 -14.31
N VAL F 285 28.84 -27.50 -15.11
CA VAL F 285 28.12 -28.74 -14.92
C VAL F 285 28.57 -29.57 -13.73
N ARG F 286 27.62 -30.08 -12.97
CA ARG F 286 27.91 -30.90 -11.81
C ARG F 286 26.57 -31.55 -11.51
N PRO F 287 26.59 -32.72 -10.89
CA PRO F 287 25.35 -33.44 -10.57
C PRO F 287 24.45 -32.72 -9.58
N GLN F 288 25.04 -31.82 -8.82
CA GLN F 288 24.28 -31.07 -7.85
C GLN F 288 25.13 -29.90 -7.45
N VAL F 289 24.45 -28.82 -7.15
CA VAL F 289 25.17 -27.63 -6.79
C VAL F 289 25.99 -27.96 -5.57
N ARG F 290 27.22 -27.47 -5.55
CA ARG F 290 28.02 -27.73 -4.39
C ARG F 290 27.79 -26.47 -3.60
N LEU F 291 27.13 -26.58 -2.47
CA LEU F 291 26.88 -25.40 -1.65
C LEU F 291 26.98 -25.95 -0.23
N GLU F 292 28.13 -25.65 0.36
CA GLU F 292 28.43 -26.12 1.70
C GLU F 292 29.66 -25.43 2.25
N ARG F 293 29.67 -25.44 3.58
CA ARG F 293 30.72 -24.88 4.39
C ARG F 293 31.85 -25.87 4.62
N GLU F 294 33.06 -25.35 4.75
CA GLU F 294 34.17 -26.27 4.95
C GLU F 294 35.20 -25.43 5.67
N GLN F 295 35.81 -25.98 6.72
CA GLN F 295 36.80 -25.20 7.42
C GLN F 295 38.19 -25.52 6.93
N LEU F 296 39.09 -24.55 7.04
CA LEU F 296 40.43 -24.83 6.59
C LEU F 296 41.43 -24.20 7.51
N ARG F 297 42.30 -25.09 7.96
CA ARG F 297 43.39 -24.79 8.86
C ARG F 297 44.59 -24.36 8.03
N PHE F 298 45.12 -23.17 8.34
CA PHE F 298 46.29 -22.64 7.65
C PHE F 298 47.10 -22.13 8.82
N GLY F 299 47.81 -23.15 9.29
CA GLY F 299 48.71 -23.20 10.43
C GLY F 299 47.73 -23.17 11.61
N SER F 300 47.59 -21.97 12.16
CA SER F 300 46.72 -21.65 13.29
C SER F 300 45.49 -20.82 12.91
N SER F 301 44.93 -21.06 11.73
CA SER F 301 43.78 -20.25 11.39
C SER F 301 42.77 -21.09 10.66
N ASN F 302 41.60 -21.14 11.28
CA ASN F 302 40.49 -21.87 10.72
C ASN F 302 40.01 -20.71 9.86
N THR F 303 39.61 -21.02 8.64
CA THR F 303 39.15 -19.95 7.79
C THR F 303 38.08 -20.80 7.16
N GLU F 304 36.88 -20.24 7.26
CA GLU F 304 35.71 -20.89 6.72
C GLU F 304 35.66 -20.59 5.25
N VAL F 305 35.11 -21.53 4.51
CA VAL F 305 35.00 -21.38 3.08
C VAL F 305 33.59 -21.86 2.87
N ILE F 306 32.86 -21.17 2.01
CA ILE F 306 31.51 -21.62 1.79
C ILE F 306 31.52 -21.62 0.29
N HIS F 307 31.21 -22.80 -0.21
CA HIS F 307 31.16 -23.03 -1.64
C HIS F 307 29.81 -22.81 -2.23
N ASN F 308 29.81 -22.33 -3.46
CA ASN F 308 28.54 -22.13 -4.12
C ASN F 308 28.88 -22.14 -5.58
N TYR F 309 28.82 -23.32 -6.17
CA TYR F 309 29.15 -23.40 -7.57
C TYR F 309 28.60 -24.70 -8.10
N GLY F 310 28.58 -24.85 -9.43
CA GLY F 310 28.05 -26.05 -10.06
C GLY F 310 26.62 -25.88 -10.57
N HIS F 311 26.24 -24.65 -10.91
CA HIS F 311 24.90 -24.40 -11.41
C HIS F 311 24.46 -24.75 -12.81
N GLY F 312 25.32 -25.39 -13.59
CA GLY F 312 24.94 -25.77 -14.94
C GLY F 312 24.24 -24.71 -15.76
N GLY F 313 23.25 -25.19 -16.49
CA GLY F 313 22.38 -24.39 -17.36
C GLY F 313 21.26 -23.74 -16.55
N TYR F 314 21.49 -23.50 -15.26
CA TYR F 314 20.44 -22.89 -14.48
C TYR F 314 20.86 -21.93 -13.40
N GLY F 315 22.05 -21.36 -13.53
CA GLY F 315 22.51 -20.42 -12.52
C GLY F 315 21.62 -19.19 -12.38
N LEU F 316 21.10 -18.67 -13.48
CA LEU F 316 20.25 -17.50 -13.36
C LEU F 316 18.96 -17.91 -12.71
N THR F 317 18.44 -19.03 -13.18
CA THR F 317 17.20 -19.55 -12.66
C THR F 317 17.12 -19.83 -11.17
N ILE F 318 18.25 -20.06 -10.52
CA ILE F 318 18.24 -20.40 -9.09
C ILE F 318 19.16 -19.62 -8.17
N HIS F 319 19.90 -18.68 -8.72
CA HIS F 319 20.83 -17.93 -7.92
C HIS F 319 20.35 -17.34 -6.61
N TRP F 320 19.11 -16.90 -6.57
CA TRP F 320 18.66 -16.29 -5.33
C TRP F 320 18.47 -17.26 -4.19
N GLY F 321 17.95 -18.43 -4.50
CA GLY F 321 17.76 -19.43 -3.46
C GLY F 321 19.13 -19.74 -2.86
N CYS F 322 20.13 -19.92 -3.71
CA CYS F 322 21.45 -20.22 -3.19
C CYS F 322 22.04 -19.09 -2.38
N ALA F 323 21.88 -17.87 -2.85
CA ALA F 323 22.43 -16.73 -2.12
C ALA F 323 21.85 -16.74 -0.74
N LEU F 324 20.57 -17.07 -0.64
CA LEU F 324 19.94 -17.11 0.68
C LEU F 324 20.55 -18.20 1.53
N GLU F 325 20.72 -19.37 0.93
CA GLU F 325 21.28 -20.47 1.68
C GLU F 325 22.67 -20.08 2.17
N VAL F 326 23.46 -19.47 1.32
CA VAL F 326 24.77 -19.09 1.81
C VAL F 326 24.66 -18.12 2.97
N ALA F 327 23.73 -17.18 2.92
CA ALA F 327 23.61 -16.21 4.02
C ALA F 327 23.35 -16.95 5.32
N LYS F 328 22.55 -18.00 5.20
CA LYS F 328 22.20 -18.84 6.34
C LYS F 328 23.44 -19.52 6.90
N LEU F 329 24.26 -20.15 6.08
CA LEU F 329 25.45 -20.79 6.60
C LEU F 329 26.34 -19.73 7.23
N PHE F 330 26.40 -18.58 6.59
CA PHE F 330 27.23 -17.52 7.12
C PHE F 330 26.68 -17.15 8.48
N GLY F 331 25.36 -17.24 8.62
CA GLY F 331 24.77 -16.91 9.90
C GLY F 331 25.35 -17.85 10.96
N LYS F 332 25.38 -19.14 10.67
CA LYS F 332 25.92 -20.06 11.64
C LYS F 332 27.36 -19.75 11.98
N VAL F 333 28.14 -19.45 10.95
CA VAL F 333 29.53 -19.13 11.19
C VAL F 333 29.59 -17.98 12.16
N LEU F 334 28.60 -17.10 12.09
CA LEU F 334 28.62 -16.00 13.03
C LEU F 334 28.26 -16.42 14.42
N GLU F 335 27.29 -17.31 14.56
CA GLU F 335 26.96 -17.68 15.93
C GLU F 335 28.06 -18.50 16.57
N GLU F 336 28.84 -19.18 15.76
CA GLU F 336 29.92 -19.97 16.32
C GLU F 336 30.96 -18.98 16.80
N ARG F 337 31.28 -17.95 16.02
CA ARG F 337 32.26 -16.96 16.47
C ARG F 337 31.64 -16.08 17.55
N ASN F 338 30.36 -16.33 17.81
CA ASN F 338 29.64 -15.55 18.83
C ASN F 338 29.32 -14.12 18.41
N LEU F 339 28.96 -13.98 17.13
CA LEU F 339 28.63 -12.74 16.45
C LEU F 339 29.88 -11.86 16.41
N MET G 1 8.11 38.06 24.84
CA MET G 1 9.26 37.43 24.18
C MET G 1 8.86 36.05 23.70
N ARG G 2 9.68 35.51 22.81
CA ARG G 2 9.42 34.17 22.32
C ARG G 2 10.01 33.15 23.29
N VAL G 3 9.19 32.18 23.67
CA VAL G 3 9.65 31.16 24.60
C VAL G 3 9.14 29.93 23.90
N VAL G 4 9.94 28.87 23.95
CA VAL G 4 9.56 27.63 23.31
C VAL G 4 9.96 26.54 24.26
N VAL G 5 8.97 25.71 24.53
CA VAL G 5 9.16 24.59 25.42
C VAL G 5 9.22 23.40 24.49
N ILE G 6 10.20 22.55 24.73
CA ILE G 6 10.34 21.36 23.92
C ILE G 6 9.97 20.24 24.85
N GLY G 7 8.84 19.59 24.57
CA GLY G 7 8.43 18.48 25.41
C GLY G 7 6.97 18.74 25.76
N ALA G 8 6.15 17.70 25.75
CA ALA G 8 4.74 17.83 26.06
C ALA G 8 4.33 16.73 27.05
N GLY G 9 5.31 16.31 27.85
CA GLY G 9 5.13 15.29 28.88
C GLY G 9 4.71 16.13 30.09
N VAL G 10 4.62 15.52 31.26
CA VAL G 10 4.22 16.30 32.42
C VAL G 10 5.14 17.45 32.74
N ILE G 11 6.44 17.27 32.48
CA ILE G 11 7.39 18.33 32.78
C ILE G 11 7.21 19.53 31.86
N GLY G 12 7.14 19.29 30.56
CA GLY G 12 6.97 20.41 29.64
C GLY G 12 5.68 21.17 29.87
N LEU G 13 4.55 20.48 29.88
CA LEU G 13 3.30 21.19 30.09
C LEU G 13 3.17 21.87 31.43
N SER G 14 3.59 21.23 32.52
CA SER G 14 3.45 21.93 33.78
C SER G 14 4.35 23.15 33.80
N THR G 15 5.55 22.99 33.26
CA THR G 15 6.44 24.12 33.25
C THR G 15 5.89 25.26 32.44
N ALA G 16 5.37 24.97 31.26
CA ALA G 16 4.83 26.02 30.42
C ALA G 16 3.73 26.78 31.11
N LEU G 17 2.84 26.03 31.71
CA LEU G 17 1.72 26.67 32.39
C LEU G 17 2.19 27.48 33.55
N CYS G 18 3.13 26.89 34.25
CA CYS G 18 3.64 27.56 35.42
C CYS G 18 4.17 28.94 35.12
N ILE G 19 4.96 29.03 34.07
CA ILE G 19 5.54 30.29 33.68
C ILE G 19 4.54 31.25 33.11
N HIS G 20 3.73 30.74 32.22
CA HIS G 20 2.75 31.61 31.61
C HIS G 20 1.86 32.14 32.72
N GLU G 21 1.53 31.26 33.64
CA GLU G 21 0.67 31.66 34.74
C GLU G 21 1.36 32.82 35.47
N ARG G 22 2.67 32.75 35.69
CA ARG G 22 3.31 33.85 36.38
C ARG G 22 3.67 35.12 35.66
N TYR G 23 4.07 34.98 34.40
CA TYR G 23 4.47 36.13 33.61
C TYR G 23 3.58 36.77 32.57
N HIS G 24 2.52 36.12 32.14
CA HIS G 24 1.71 36.75 31.11
C HIS G 24 1.26 38.17 31.43
N SER G 25 1.01 38.40 32.72
CA SER G 25 0.57 39.67 33.28
C SER G 25 1.63 40.75 33.11
N VAL G 26 2.82 40.40 33.63
CA VAL G 26 4.03 41.22 33.64
C VAL G 26 4.61 41.48 32.25
N LEU G 27 4.99 40.44 31.50
CA LEU G 27 5.51 40.67 30.17
C LEU G 27 4.27 40.87 29.33
N GLN G 28 4.06 42.05 28.73
CA GLN G 28 2.83 42.23 27.96
C GLN G 28 2.73 41.18 26.85
N PRO G 29 3.80 41.10 26.05
CA PRO G 29 3.96 40.12 24.95
C PRO G 29 4.70 38.99 25.68
N LEU G 30 4.26 37.76 25.44
CA LEU G 30 4.81 36.56 26.07
C LEU G 30 4.25 35.50 25.16
N ASP G 31 5.10 35.10 24.23
CA ASP G 31 4.73 34.08 23.27
C ASP G 31 5.25 32.68 23.55
N VAL G 32 4.37 31.86 24.10
CA VAL G 32 4.78 30.50 24.40
C VAL G 32 4.33 29.55 23.32
N LYS G 33 5.17 28.59 22.98
CA LYS G 33 4.81 27.64 21.95
C LYS G 33 5.42 26.38 22.50
N VAL G 34 4.82 25.26 22.13
CA VAL G 34 5.33 24.01 22.61
C VAL G 34 5.53 23.10 21.43
N TYR G 35 6.76 22.63 21.35
CA TYR G 35 7.11 21.71 20.30
C TYR G 35 7.31 20.37 20.93
N ALA G 36 6.87 19.32 20.24
CA ALA G 36 7.04 17.98 20.76
C ALA G 36 6.78 17.04 19.61
N ASP G 37 7.51 15.95 19.58
CA ASP G 37 7.33 14.97 18.52
C ASP G 37 6.30 13.95 18.95
N ARG G 38 5.87 14.02 20.20
CA ARG G 38 4.86 13.09 20.70
C ARG G 38 4.06 13.78 21.77
N PHE G 39 2.76 13.67 21.60
CA PHE G 39 1.77 14.22 22.52
C PHE G 39 1.08 13.02 23.15
N THR G 40 0.35 13.26 24.22
CA THR G 40 -0.35 12.16 24.87
C THR G 40 -1.27 11.67 23.77
N PRO G 41 -1.57 10.38 23.75
CA PRO G 41 -1.12 9.33 24.67
C PRO G 41 0.29 8.78 24.47
N PHE G 42 1.07 9.43 23.62
CA PHE G 42 2.41 8.93 23.40
C PHE G 42 3.59 9.25 24.28
N THR G 43 3.42 10.07 25.30
CA THR G 43 4.56 10.40 26.13
C THR G 43 4.82 9.30 27.14
N THR G 44 5.94 9.40 27.86
CA THR G 44 6.28 8.43 28.87
C THR G 44 5.30 8.69 29.98
N THR G 45 4.95 9.97 30.12
CA THR G 45 4.04 10.36 31.16
C THR G 45 2.73 9.57 31.10
N ASP G 46 2.23 9.29 29.90
CA ASP G 46 0.99 8.54 29.74
C ASP G 46 1.07 7.13 30.27
N VAL G 47 2.29 6.65 30.41
CA VAL G 47 2.55 5.29 30.89
C VAL G 47 2.71 5.16 32.39
N ALA G 48 2.94 6.30 33.04
CA ALA G 48 3.14 6.29 34.47
C ALA G 48 2.04 5.58 35.25
N ALA G 49 2.49 4.86 36.27
CA ALA G 49 1.60 4.12 37.16
C ALA G 49 0.59 5.09 37.80
N GLY G 50 0.94 6.38 37.79
CA GLY G 50 0.13 7.45 38.35
C GLY G 50 0.26 7.82 39.82
N LEU G 51 1.06 7.08 40.58
CA LEU G 51 1.22 7.37 42.00
C LEU G 51 2.19 8.43 42.48
N TRP G 52 1.88 9.12 43.57
CA TRP G 52 2.82 10.11 44.07
C TRP G 52 3.61 9.36 45.11
N GLN G 53 4.89 9.11 44.84
CA GLN G 53 5.74 8.43 45.80
C GLN G 53 7.14 8.53 45.28
N PRO G 54 7.99 9.15 46.10
CA PRO G 54 9.40 9.34 45.77
C PRO G 54 10.11 8.04 46.00
N TYR G 55 11.42 8.03 45.75
CA TYR G 55 12.12 6.78 45.99
C TYR G 55 12.27 6.58 47.49
N THR G 56 12.66 5.39 47.91
CA THR G 56 12.85 5.08 49.33
C THR G 56 14.11 5.68 49.96
N SER G 57 15.12 5.81 49.11
CA SER G 57 16.43 6.36 49.43
C SER G 57 16.45 7.89 49.38
N GLU G 58 17.28 8.49 50.24
CA GLU G 58 17.47 9.96 50.39
C GLU G 58 18.19 10.54 49.16
N PRO G 59 17.60 11.56 48.56
CA PRO G 59 18.06 12.25 47.34
C PRO G 59 19.45 12.81 47.14
N SER G 60 19.86 12.97 45.88
CA SER G 60 21.19 13.52 45.67
C SER G 60 21.19 15.02 45.95
N ASN G 61 20.31 15.73 45.26
CA ASN G 61 20.18 17.16 45.46
C ASN G 61 19.12 17.18 46.57
N PRO G 62 19.34 17.94 47.63
CA PRO G 62 18.38 18.02 48.71
C PRO G 62 17.17 18.83 48.29
N GLN G 63 17.34 19.65 47.27
CA GLN G 63 16.20 20.44 46.83
C GLN G 63 15.13 19.52 46.29
N GLU G 64 15.54 18.32 45.89
CA GLU G 64 14.56 17.38 45.36
C GLU G 64 13.53 17.11 46.43
N ALA G 65 13.96 17.00 47.67
CA ALA G 65 12.99 16.75 48.71
C ALA G 65 12.01 17.91 48.74
N ASN G 66 12.54 19.12 48.57
CA ASN G 66 11.69 20.30 48.60
C ASN G 66 10.69 20.32 47.46
N TRP G 67 11.16 19.93 46.28
CA TRP G 67 10.31 19.90 45.13
C TRP G 67 9.19 18.90 45.25
N ASN G 68 9.51 17.78 45.88
CA ASN G 68 8.51 16.76 46.06
C ASN G 68 7.42 17.26 46.97
N GLN G 69 7.86 17.86 48.06
CA GLN G 69 6.89 18.36 49.00
C GLN G 69 6.00 19.42 48.40
N GLN G 70 6.59 20.35 47.67
CA GLN G 70 5.77 21.38 47.08
C GLN G 70 4.79 20.76 46.12
N THR G 71 5.18 19.68 45.48
CA THR G 71 4.26 19.06 44.54
C THR G 71 3.08 18.46 45.28
N PHE G 72 3.35 17.73 46.37
CA PHE G 72 2.25 17.13 47.11
C PHE G 72 1.27 18.16 47.67
N ASN G 73 1.80 19.24 48.22
CA ASN G 73 0.86 20.20 48.77
C ASN G 73 0.08 20.85 47.67
N TYR G 74 0.73 21.06 46.55
CA TYR G 74 0.00 21.68 45.48
C TYR G 74 -1.14 20.78 45.06
N LEU G 75 -0.84 19.49 44.94
CA LEU G 75 -1.89 18.56 44.54
C LEU G 75 -2.95 18.50 45.61
N LEU G 76 -2.58 18.30 46.86
CA LEU G 76 -3.64 18.29 47.87
C LEU G 76 -4.53 19.49 47.88
N SER G 77 -3.97 20.65 47.56
CA SER G 77 -4.82 21.84 47.60
C SER G 77 -6.03 21.68 46.68
N HIS G 78 -5.95 20.79 45.71
CA HIS G 78 -7.07 20.59 44.81
C HIS G 78 -8.07 19.58 45.27
N ILE G 79 -7.68 18.76 46.23
CA ILE G 79 -8.60 17.76 46.70
C ILE G 79 -9.67 18.58 47.38
N GLY G 80 -10.88 18.53 46.85
CA GLY G 80 -11.96 19.32 47.43
C GLY G 80 -12.66 20.04 46.29
N SER G 81 -11.96 20.26 45.18
CA SER G 81 -12.62 20.95 44.09
C SER G 81 -13.37 19.89 43.31
N PRO G 82 -14.32 20.34 42.52
CA PRO G 82 -15.17 19.50 41.68
C PRO G 82 -14.36 18.96 40.53
N ASN G 83 -13.23 19.62 40.30
CA ASN G 83 -12.36 19.23 39.20
C ASN G 83 -11.24 18.23 39.39
N ALA G 84 -10.96 17.96 40.65
CA ALA G 84 -9.90 17.06 40.99
C ALA G 84 -9.89 15.79 40.18
N ALA G 85 -11.05 15.17 39.98
CA ALA G 85 -10.98 13.96 39.19
C ALA G 85 -10.76 14.26 37.73
N ASN G 86 -11.19 15.43 37.31
CA ASN G 86 -11.00 15.79 35.92
C ASN G 86 -9.55 16.09 35.64
N MET G 87 -8.80 16.47 36.66
CA MET G 87 -7.40 16.73 36.44
C MET G 87 -6.65 15.43 36.57
N GLY G 88 -7.32 14.35 36.95
CA GLY G 88 -6.60 13.09 37.10
C GLY G 88 -6.23 12.74 38.54
N LEU G 89 -6.72 13.51 39.50
CA LEU G 89 -6.48 13.27 40.93
C LEU G 89 -7.49 12.59 41.85
N THR G 90 -7.00 11.87 42.84
CA THR G 90 -7.76 11.20 43.90
C THR G 90 -6.82 10.61 44.90
N PRO G 91 -7.24 10.64 46.15
CA PRO G 91 -6.43 10.11 47.25
C PRO G 91 -6.46 8.60 47.16
N VAL G 92 -5.45 7.91 47.67
CA VAL G 92 -5.50 6.46 47.59
C VAL G 92 -4.62 6.16 48.78
N SER G 93 -4.94 5.06 49.45
CA SER G 93 -4.18 4.63 50.62
C SER G 93 -3.51 3.32 50.24
N GLY G 94 -2.41 2.94 50.87
CA GLY G 94 -1.87 1.69 50.41
C GLY G 94 -0.65 1.28 51.17
N TYR G 95 -0.16 0.11 50.78
CA TYR G 95 1.02 -0.51 51.37
C TYR G 95 2.32 -0.61 50.61
N ASN G 96 3.42 -0.48 51.33
CA ASN G 96 4.79 -0.63 50.87
C ASN G 96 5.27 -1.85 51.65
N LEU G 97 5.50 -2.98 51.00
CA LEU G 97 5.95 -4.19 51.67
C LEU G 97 7.42 -4.51 51.46
N PHE G 98 8.05 -5.08 52.47
CA PHE G 98 9.44 -5.42 52.35
C PHE G 98 9.69 -6.73 53.04
N ARG G 99 10.81 -7.29 52.63
CA ARG G 99 11.29 -8.54 53.17
C ARG G 99 12.08 -8.42 54.43
N GLU G 100 12.33 -7.19 54.84
CA GLU G 100 13.09 -7.00 56.05
C GLU G 100 12.95 -5.58 56.52
N ALA G 101 13.31 -5.32 57.77
CA ALA G 101 13.20 -3.97 58.27
C ALA G 101 14.01 -3.04 57.40
N VAL G 102 13.51 -1.82 57.35
CA VAL G 102 14.09 -0.76 56.56
C VAL G 102 13.73 0.54 57.25
N PRO G 103 14.62 1.50 57.10
CA PRO G 103 14.42 2.80 57.69
C PRO G 103 13.30 3.58 57.03
N ASP G 104 12.67 4.43 57.83
CA ASP G 104 11.58 5.24 57.34
C ASP G 104 12.10 6.15 56.24
N PRO G 105 11.27 6.35 55.22
CA PRO G 105 11.60 7.19 54.09
C PRO G 105 11.66 8.63 54.52
N TYR G 106 12.44 9.43 53.81
CA TYR G 106 12.51 10.84 54.18
C TYR G 106 11.17 11.50 54.00
N TRP G 107 10.30 10.87 53.24
CA TRP G 107 9.00 11.46 53.00
C TRP G 107 7.85 11.10 53.92
N LYS G 108 8.12 10.31 54.95
CA LYS G 108 7.07 9.90 55.86
C LYS G 108 6.13 11.01 56.27
N ASP G 109 6.71 12.20 56.45
CA ASP G 109 5.89 13.31 56.85
C ASP G 109 5.22 14.10 55.76
N MET G 110 5.52 13.79 54.50
CA MET G 110 4.88 14.55 53.43
C MET G 110 3.54 13.91 53.16
N VAL G 111 3.50 12.59 53.17
CA VAL G 111 2.27 11.88 52.92
C VAL G 111 1.38 11.95 54.16
N LEU G 112 0.15 11.47 54.02
CA LEU G 112 -0.79 11.49 55.13
C LEU G 112 -0.86 10.17 55.84
N GLY G 113 -0.93 10.21 57.15
CA GLY G 113 -1.04 8.98 57.90
C GLY G 113 0.02 7.91 57.83
N PHE G 114 1.26 8.30 57.56
CA PHE G 114 2.31 7.28 57.49
C PHE G 114 2.41 6.47 58.77
N ARG G 115 2.62 5.17 58.66
CA ARG G 115 2.76 4.34 59.84
C ARG G 115 3.21 2.96 59.42
N LYS G 116 3.77 2.19 60.34
CA LYS G 116 4.26 0.84 60.05
C LYS G 116 3.15 -0.19 60.17
N LEU G 117 3.13 -1.17 59.29
CA LEU G 117 2.08 -2.16 59.37
C LEU G 117 2.21 -2.98 60.64
N THR G 118 1.07 -3.45 61.11
CA THR G 118 0.99 -4.28 62.29
C THR G 118 0.98 -5.68 61.73
N PRO G 119 1.13 -6.61 62.66
CA PRO G 119 1.14 -8.01 62.29
C PRO G 119 -0.16 -8.51 61.68
N ARG G 120 -1.32 -8.06 62.12
CA ARG G 120 -2.51 -8.62 61.47
C ARG G 120 -2.46 -8.12 60.05
N GLU G 121 -1.88 -6.94 59.88
CA GLU G 121 -1.82 -6.42 58.52
C GLU G 121 -0.89 -7.27 57.67
N LEU G 122 0.30 -7.51 58.21
CA LEU G 122 1.24 -8.33 57.46
C LEU G 122 0.69 -9.70 57.18
N ASP G 123 -0.22 -10.21 57.99
CA ASP G 123 -0.72 -11.54 57.66
C ASP G 123 -1.49 -11.53 56.36
N MET G 124 -1.83 -10.35 55.87
CA MET G 124 -2.57 -10.36 54.61
C MET G 124 -1.59 -10.53 53.46
N PHE G 125 -0.30 -10.44 53.76
CA PHE G 125 0.74 -10.55 52.74
C PHE G 125 1.89 -11.36 53.32
N PRO G 126 1.70 -12.67 53.24
CA PRO G 126 2.62 -13.67 53.75
C PRO G 126 4.09 -13.64 53.33
N ASP G 127 4.37 -13.24 52.12
CA ASP G 127 5.75 -13.23 51.72
C ASP G 127 6.54 -12.08 52.30
N TYR G 128 5.84 -11.08 52.82
CA TYR G 128 6.48 -9.94 53.41
C TYR G 128 6.61 -9.95 54.90
N ARG G 129 7.47 -9.09 55.45
CA ARG G 129 7.64 -9.08 56.91
C ARG G 129 7.71 -7.70 57.54
N TYR G 130 7.79 -6.66 56.74
CA TYR G 130 7.89 -5.34 57.35
C TYR G 130 7.22 -4.45 56.33
N GLY G 131 6.68 -3.31 56.74
CA GLY G 131 6.04 -2.48 55.75
C GLY G 131 5.51 -1.19 56.31
N TRP G 132 4.89 -0.41 55.44
CA TRP G 132 4.35 0.84 55.89
C TRP G 132 3.00 0.93 55.25
N PHE G 133 2.29 1.97 55.66
CA PHE G 133 0.96 2.27 55.18
C PHE G 133 0.85 3.78 55.23
N ASN G 134 0.17 4.39 54.27
CA ASN G 134 0.04 5.84 54.32
C ASN G 134 -0.94 6.19 53.23
N THR G 135 -1.52 7.38 53.22
CA THR G 135 -2.43 7.59 52.11
C THR G 135 -1.65 8.60 51.27
N SER G 136 -1.89 8.63 49.96
CA SER G 136 -1.17 9.54 49.10
C SER G 136 -2.14 9.93 48.02
N LEU G 137 -1.63 10.26 46.84
CA LEU G 137 -2.54 10.66 45.79
C LEU G 137 -2.14 10.05 44.47
N ILE G 138 -3.16 9.90 43.65
CA ILE G 138 -3.04 9.39 42.31
C ILE G 138 -3.18 10.60 41.42
N LEU G 139 -2.40 10.62 40.35
CA LEU G 139 -2.45 11.71 39.40
C LEU G 139 -2.27 10.96 38.09
N GLU G 140 -3.36 10.66 37.39
CA GLU G 140 -3.17 9.94 36.14
C GLU G 140 -2.56 10.79 35.08
N GLY G 141 -1.43 10.31 34.56
CA GLY G 141 -0.72 11.03 33.53
C GLY G 141 -1.53 11.40 32.32
N ARG G 142 -2.26 10.44 31.76
CA ARG G 142 -3.03 10.80 30.58
C ARG G 142 -4.06 11.87 30.88
N LYS G 143 -4.82 11.72 31.96
CA LYS G 143 -5.86 12.69 32.28
C LYS G 143 -5.24 14.05 32.59
N TYR G 144 -4.17 14.04 33.36
CA TYR G 144 -3.52 15.30 33.71
C TYR G 144 -2.94 15.99 32.49
N LEU G 145 -2.39 15.22 31.57
CA LEU G 145 -1.81 15.83 30.37
C LEU G 145 -2.93 16.48 29.60
N GLN G 146 -4.08 15.83 29.53
CA GLN G 146 -5.14 16.47 28.77
C GLN G 146 -5.63 17.73 29.46
N TRP G 147 -5.67 17.69 30.78
CA TRP G 147 -6.14 18.85 31.49
C TRP G 147 -5.20 20.02 31.28
N LEU G 148 -3.91 19.80 31.46
CA LEU G 148 -2.95 20.88 31.26
C LEU G 148 -3.07 21.36 29.84
N THR G 149 -3.28 20.42 28.93
CA THR G 149 -3.38 20.86 27.56
C THR G 149 -4.52 21.83 27.36
N GLU G 150 -5.70 21.55 27.93
CA GLU G 150 -6.80 22.50 27.73
C GLU G 150 -6.48 23.80 28.41
N ARG G 151 -5.91 23.72 29.61
CA ARG G 151 -5.58 24.96 30.29
C ARG G 151 -4.64 25.79 29.43
N LEU G 152 -3.60 25.19 28.88
CA LEU G 152 -2.63 25.91 28.06
C LEU G 152 -3.27 26.46 26.83
N THR G 153 -4.03 25.61 26.19
CA THR G 153 -4.68 26.06 24.99
C THR G 153 -5.55 27.28 25.22
N GLU G 154 -6.29 27.29 26.32
CA GLU G 154 -7.13 28.44 26.55
C GLU G 154 -6.33 29.67 26.92
N ARG G 155 -5.12 29.49 27.43
CA ARG G 155 -4.32 30.66 27.78
C ARG G 155 -3.62 31.15 26.52
N GLY G 156 -3.91 30.52 25.41
CA GLY G 156 -3.31 30.88 24.12
C GLY G 156 -1.98 30.24 23.73
N VAL G 157 -1.46 29.32 24.53
CA VAL G 157 -0.20 28.67 24.17
C VAL G 157 -0.42 27.81 22.94
N LYS G 158 0.55 27.80 22.03
CA LYS G 158 0.41 26.99 20.85
C LYS G 158 1.22 25.72 20.80
N PHE G 159 0.62 24.67 20.26
CA PHE G 159 1.28 23.38 20.16
C PHE G 159 1.71 23.00 18.75
N PHE G 160 2.83 22.31 18.60
CA PHE G 160 3.22 21.92 17.25
C PHE G 160 3.93 20.63 17.38
N LEU G 161 3.53 19.75 16.49
CA LEU G 161 4.13 18.42 16.48
C LEU G 161 5.37 18.64 15.63
N ARG G 162 6.51 18.45 16.25
CA ARG G 162 7.74 18.60 15.52
C ARG G 162 8.86 17.97 16.29
N LYS G 163 9.79 17.42 15.51
CA LYS G 163 10.96 16.84 16.12
C LYS G 163 12.04 17.91 16.02
N VAL G 164 12.55 18.39 17.15
CA VAL G 164 13.60 19.39 17.09
C VAL G 164 14.92 18.67 16.90
N GLU G 165 15.67 19.14 15.91
CA GLU G 165 16.96 18.57 15.58
C GLU G 165 18.13 19.12 16.42
N SER G 166 18.00 20.36 16.88
CA SER G 166 19.06 20.98 17.66
C SER G 166 18.52 22.27 18.23
N PHE G 167 19.18 22.76 19.26
CA PHE G 167 18.68 24.00 19.82
C PHE G 167 18.93 25.11 18.84
N GLU G 168 20.00 24.94 18.07
CA GLU G 168 20.40 25.93 17.09
C GLU G 168 19.21 26.18 16.19
N GLU G 169 18.65 25.09 15.68
CA GLU G 169 17.49 25.15 14.80
C GLU G 169 16.41 25.98 15.44
N VAL G 170 16.20 25.82 16.74
CA VAL G 170 15.16 26.60 17.39
C VAL G 170 15.49 28.05 17.63
N ALA G 171 16.76 28.32 17.93
CA ALA G 171 17.22 29.67 18.18
C ALA G 171 17.10 30.47 16.89
N ARG G 172 17.45 29.84 15.78
CA ARG G 172 17.38 30.48 14.48
C ARG G 172 15.93 30.85 14.19
N GLY G 173 15.01 30.11 14.77
CA GLY G 173 13.58 30.36 14.60
C GLY G 173 13.14 31.54 15.47
N GLY G 174 14.08 32.30 16.02
CA GLY G 174 13.68 33.43 16.86
C GLY G 174 13.29 33.18 18.32
N ALA G 175 13.60 32.01 18.88
CA ALA G 175 13.26 31.78 20.27
C ALA G 175 14.19 32.57 21.19
N ASP G 176 13.64 33.38 22.09
CA ASP G 176 14.45 34.16 23.01
C ASP G 176 14.94 33.22 24.13
N VAL G 177 14.07 32.29 24.50
CA VAL G 177 14.35 31.32 25.54
C VAL G 177 13.74 30.01 25.11
N ILE G 178 14.42 28.95 25.53
CA ILE G 178 14.02 27.60 25.22
C ILE G 178 14.15 26.75 26.46
N ILE G 179 13.05 26.04 26.71
CA ILE G 179 12.97 25.15 27.85
C ILE G 179 13.06 23.73 27.37
N ASN G 180 14.13 23.07 27.78
CA ASN G 180 14.33 21.69 27.37
C ASN G 180 13.68 20.73 28.36
N CYS G 181 12.63 20.04 27.93
CA CYS G 181 11.89 19.09 28.76
C CYS G 181 11.67 17.84 27.95
N THR G 182 12.77 17.39 27.35
CA THR G 182 12.82 16.21 26.51
C THR G 182 12.89 14.82 27.14
N GLY G 183 12.88 14.74 28.47
CA GLY G 183 12.92 13.42 29.11
C GLY G 183 14.08 12.55 28.66
N VAL G 184 13.94 11.23 28.60
CA VAL G 184 15.09 10.44 28.16
C VAL G 184 15.71 10.85 26.84
N TRP G 185 14.99 11.56 25.98
CA TRP G 185 15.60 11.93 24.71
C TRP G 185 16.44 13.18 24.66
N ALA G 186 16.64 13.80 25.81
CA ALA G 186 17.41 15.03 25.90
C ALA G 186 18.83 14.93 25.38
N GLY G 187 19.41 13.74 25.50
CA GLY G 187 20.78 13.45 25.08
C GLY G 187 20.98 13.78 23.61
N VAL G 188 19.91 13.60 22.85
CA VAL G 188 19.95 13.89 21.44
C VAL G 188 20.21 15.37 21.18
N LEU G 189 19.61 16.27 21.94
CA LEU G 189 19.86 17.67 21.66
C LEU G 189 21.18 18.11 22.25
N GLN G 190 21.73 17.28 23.11
CA GLN G 190 22.99 17.60 23.75
C GLN G 190 23.25 16.47 24.73
N PRO G 191 24.34 15.78 24.43
CA PRO G 191 24.82 14.63 25.17
C PRO G 191 24.93 14.85 26.65
N ASP G 192 24.55 13.78 27.33
CA ASP G 192 24.56 13.77 28.78
C ASP G 192 24.62 12.28 29.00
N PRO G 193 25.82 11.91 29.37
CA PRO G 193 26.21 10.54 29.65
C PRO G 193 25.61 10.06 30.96
N LEU G 194 25.12 11.00 31.76
CA LEU G 194 24.52 10.61 33.02
C LEU G 194 23.11 10.10 32.85
N LEU G 195 22.49 10.55 31.76
CA LEU G 195 21.13 10.19 31.39
C LEU G 195 21.02 8.85 30.71
N GLN G 196 20.09 8.04 31.21
CA GLN G 196 19.84 6.73 30.67
C GLN G 196 18.41 6.29 30.80
N PRO G 197 17.95 5.47 29.86
CA PRO G 197 16.57 5.01 29.93
C PRO G 197 16.42 3.94 30.99
N GLY G 198 15.39 4.07 31.83
CA GLY G 198 15.12 3.07 32.85
C GLY G 198 13.87 2.44 32.26
N ARG G 199 14.01 1.44 31.42
CA ARG G 199 12.79 0.87 30.84
C ARG G 199 11.85 0.19 31.82
N GLY G 200 10.55 0.26 31.55
CA GLY G 200 9.59 -0.41 32.41
C GLY G 200 8.31 -0.75 31.66
N GLN G 201 7.80 -1.99 31.80
CA GLN G 201 6.53 -2.39 31.15
C GLN G 201 5.47 -2.42 32.25
N ILE G 202 4.21 -2.36 31.84
CA ILE G 202 3.15 -2.43 32.83
C ILE G 202 2.01 -3.12 32.13
N ILE G 203 1.03 -3.56 32.90
CA ILE G 203 -0.10 -4.22 32.29
C ILE G 203 -1.23 -3.51 32.97
N LYS G 204 -2.18 -3.06 32.15
CA LYS G 204 -3.35 -2.39 32.66
C LYS G 204 -4.38 -3.45 32.76
N VAL G 205 -5.09 -3.42 33.87
CA VAL G 205 -6.08 -4.44 34.08
C VAL G 205 -7.35 -3.86 34.65
N ASP G 206 -8.46 -4.53 34.38
CA ASP G 206 -9.73 -4.07 34.91
C ASP G 206 -9.98 -4.93 36.16
N ALA G 207 -9.93 -4.34 37.34
CA ALA G 207 -10.17 -5.09 38.58
C ALA G 207 -10.52 -4.00 39.58
N PRO G 208 -11.76 -3.57 39.48
CA PRO G 208 -12.31 -2.52 40.33
C PRO G 208 -12.44 -2.84 41.80
N TRP G 209 -12.40 -4.10 42.17
CA TRP G 209 -12.53 -4.32 43.59
C TRP G 209 -11.27 -3.94 44.36
N LEU G 210 -10.17 -3.65 43.65
CA LEU G 210 -8.93 -3.29 44.33
C LEU G 210 -8.91 -1.79 44.57
N LYS G 211 -9.02 -1.39 45.82
CA LYS G 211 -9.04 0.02 46.20
C LYS G 211 -7.76 0.59 46.76
N ASN G 212 -6.75 -0.24 47.02
CA ASN G 212 -5.55 0.31 47.61
C ASN G 212 -4.35 -0.10 46.81
N PHE G 213 -3.31 0.73 46.87
CA PHE G 213 -2.09 0.41 46.15
C PHE G 213 -1.26 -0.53 46.98
N ILE G 214 -0.41 -1.28 46.30
CA ILE G 214 0.44 -2.21 47.05
C ILE G 214 1.72 -2.22 46.28
N ILE G 215 2.78 -1.92 47.01
CA ILE G 215 4.06 -1.88 46.35
C ILE G 215 5.04 -2.66 47.16
N THR G 216 5.58 -3.61 46.44
CA THR G 216 6.57 -4.51 46.94
C THR G 216 7.98 -4.05 46.66
N HIS G 217 8.90 -4.43 47.53
CA HIS G 217 10.28 -4.04 47.28
C HIS G 217 11.26 -5.17 47.51
N ASP G 218 12.25 -5.27 46.63
CA ASP G 218 13.26 -6.31 46.74
C ASP G 218 14.52 -5.49 46.61
N LEU G 219 15.22 -5.45 47.73
CA LEU G 219 16.44 -4.69 47.83
C LEU G 219 17.58 -5.13 46.95
N GLU G 220 17.70 -6.44 46.78
CA GLU G 220 18.76 -6.95 45.95
C GLU G 220 18.49 -6.57 44.52
N ARG G 221 17.28 -6.89 44.13
CA ARG G 221 16.79 -6.68 42.80
C ARG G 221 16.60 -5.27 42.23
N GLY G 222 16.69 -4.23 43.06
CA GLY G 222 16.53 -2.85 42.61
C GLY G 222 15.10 -2.26 42.67
N ILE G 223 15.00 -0.94 42.75
CA ILE G 223 13.69 -0.33 42.84
C ILE G 223 12.84 -0.60 41.60
N TYR G 224 11.56 -0.85 41.85
CA TYR G 224 10.59 -1.13 40.81
C TYR G 224 10.76 -2.42 40.05
N ASN G 225 11.67 -3.24 40.55
CA ASN G 225 11.92 -4.55 39.97
C ASN G 225 11.20 -5.55 40.82
N SER G 226 9.98 -5.21 41.19
CA SER G 226 9.27 -6.13 42.04
C SER G 226 7.83 -5.70 41.82
N PRO G 227 6.92 -6.66 41.96
CA PRO G 227 5.50 -6.41 41.75
C PRO G 227 4.91 -5.28 42.54
N TYR G 228 4.01 -4.61 41.85
CA TYR G 228 3.30 -3.51 42.45
C TYR G 228 1.99 -3.46 41.73
N ILE G 229 0.96 -2.99 42.45
CA ILE G 229 -0.38 -2.90 41.91
C ILE G 229 -0.87 -1.55 42.35
N ILE G 230 -1.38 -0.79 41.40
CA ILE G 230 -1.83 0.53 41.72
C ILE G 230 -3.06 0.89 40.93
N PRO G 231 -4.13 1.04 41.70
CA PRO G 231 -5.45 1.39 41.20
C PRO G 231 -5.34 2.77 40.60
N GLY G 232 -6.10 3.08 39.57
CA GLY G 232 -6.01 4.38 38.98
C GLY G 232 -7.47 4.80 38.91
N LEU G 233 -7.79 5.83 38.16
CA LEU G 233 -9.18 6.25 38.09
C LEU G 233 -10.06 5.17 37.48
N GLN G 234 -9.73 4.69 36.29
CA GLN G 234 -10.52 3.65 35.67
C GLN G 234 -9.95 2.24 35.65
N ALA G 235 -8.64 2.07 35.74
CA ALA G 235 -8.10 0.72 35.71
C ALA G 235 -6.97 0.56 36.67
N VAL G 236 -6.55 -0.69 36.81
CA VAL G 236 -5.45 -0.98 37.71
C VAL G 236 -4.18 -1.22 36.94
N THR G 237 -3.10 -0.65 37.46
CA THR G 237 -1.83 -0.85 36.80
C THR G 237 -1.01 -1.89 37.53
N LEU G 238 -0.61 -2.92 36.81
CA LEU G 238 0.22 -3.98 37.34
C LEU G 238 1.61 -3.66 36.91
N GLY G 239 2.56 -3.88 37.78
CA GLY G 239 3.85 -3.54 37.29
C GLY G 239 4.94 -4.23 38.04
N GLY G 240 6.12 -3.78 37.63
CA GLY G 240 7.30 -4.33 38.22
C GLY G 240 8.59 -4.31 37.43
N THR G 241 8.92 -3.39 36.52
CA THR G 241 10.25 -3.55 35.88
C THR G 241 10.95 -2.22 35.73
N PHE G 242 12.25 -2.23 35.94
CA PHE G 242 13.02 -1.00 35.83
C PHE G 242 14.35 -1.54 35.33
N GLN G 243 14.67 -1.33 34.05
CA GLN G 243 15.90 -1.85 33.44
C GLN G 243 16.70 -0.73 32.82
N VAL G 244 17.78 -0.37 33.51
CA VAL G 244 18.64 0.70 33.04
C VAL G 244 19.42 0.33 31.80
N GLY G 245 19.45 1.29 30.87
CA GLY G 245 20.15 1.09 29.62
C GLY G 245 19.34 0.32 28.60
N ASN G 246 18.19 -0.24 28.95
CA ASN G 246 17.45 -0.94 27.92
C ASN G 246 16.57 0.02 27.14
N TRP G 247 16.77 0.07 25.82
CA TRP G 247 16.01 0.92 24.93
C TRP G 247 14.91 0.27 24.12
N ASN G 248 14.60 -1.00 24.41
CA ASN G 248 13.53 -1.62 23.60
C ASN G 248 12.17 -1.09 23.94
N GLU G 249 11.54 -0.46 22.97
CA GLU G 249 10.22 0.09 23.23
C GLU G 249 9.02 -0.82 23.06
N ILE G 250 9.33 -2.03 22.66
CA ILE G 250 8.34 -3.07 22.43
C ILE G 250 8.00 -3.82 23.70
N ASN G 251 6.73 -4.10 23.91
CA ASN G 251 6.40 -4.83 25.11
C ASN G 251 6.94 -6.23 24.89
N ASN G 252 7.57 -6.81 25.89
CA ASN G 252 8.04 -8.17 25.71
C ASN G 252 7.25 -9.15 26.57
N ILE G 253 7.04 -10.32 26.00
CA ILE G 253 6.27 -11.29 26.77
C ILE G 253 6.96 -11.76 28.04
N GLN G 254 8.29 -11.72 28.09
CA GLN G 254 8.82 -12.21 29.35
C GLN G 254 8.50 -11.32 30.50
N ASP G 255 8.59 -10.03 30.23
CA ASP G 255 8.31 -9.10 31.28
C ASP G 255 6.86 -9.24 31.66
N HIS G 256 6.03 -9.40 30.65
CA HIS G 256 4.64 -9.54 30.92
C HIS G 256 4.42 -10.73 31.84
N ASN G 257 5.02 -11.86 31.51
CA ASN G 257 4.79 -12.97 32.41
C ASN G 257 5.32 -12.77 33.79
N THR G 258 6.47 -12.15 33.95
CA THR G 258 6.91 -12.05 35.32
C THR G 258 6.08 -11.07 36.13
N ILE G 259 5.61 -10.03 35.46
CA ILE G 259 4.80 -9.04 36.15
C ILE G 259 3.47 -9.68 36.53
N TRP G 260 2.89 -10.39 35.58
CA TRP G 260 1.63 -11.02 35.85
C TRP G 260 1.71 -12.05 36.93
N GLU G 261 2.66 -12.96 36.85
CA GLU G 261 2.72 -13.96 37.90
C GLU G 261 3.08 -13.40 39.24
N GLY G 262 3.87 -12.35 39.27
CA GLY G 262 4.24 -11.83 40.57
C GLY G 262 3.04 -11.19 41.25
N CYS G 263 2.34 -10.37 40.49
CA CYS G 263 1.18 -9.70 41.05
C CYS G 263 0.12 -10.70 41.40
N CYS G 264 -0.06 -11.63 40.49
CA CYS G 264 -1.08 -12.62 40.67
C CYS G 264 -0.81 -13.39 41.96
N ARG G 265 0.47 -13.41 42.31
CA ARG G 265 0.88 -14.10 43.53
C ARG G 265 0.57 -13.33 44.78
N LEU G 266 0.77 -12.03 44.65
CA LEU G 266 0.58 -11.04 45.69
C LEU G 266 -0.90 -10.73 45.87
N GLU G 267 -1.72 -10.87 44.83
CA GLU G 267 -3.14 -10.56 44.98
C GLU G 267 -3.77 -11.55 44.02
N PRO G 268 -4.05 -12.71 44.57
CA PRO G 268 -4.64 -13.84 43.88
C PRO G 268 -5.97 -13.56 43.25
N THR G 269 -6.66 -12.53 43.72
CA THR G 269 -7.95 -12.31 43.09
C THR G 269 -7.77 -11.80 41.68
N LEU G 270 -6.54 -11.48 41.29
CA LEU G 270 -6.28 -10.98 39.93
C LEU G 270 -6.64 -12.02 38.90
N LYS G 271 -6.78 -13.23 39.41
CA LYS G 271 -7.15 -14.42 38.67
C LYS G 271 -8.31 -14.05 37.75
N ASP G 272 -9.25 -13.26 38.24
CA ASP G 272 -10.40 -12.86 37.42
C ASP G 272 -10.28 -11.51 36.73
N ALA G 273 -9.15 -10.83 36.78
CA ALA G 273 -9.05 -9.53 36.14
C ALA G 273 -8.96 -9.61 34.61
N LYS G 274 -9.56 -8.68 33.88
CA LYS G 274 -9.51 -8.65 32.42
C LYS G 274 -8.28 -7.81 32.06
N ILE G 275 -7.40 -8.28 31.18
CA ILE G 275 -6.24 -7.47 30.84
C ILE G 275 -6.69 -6.47 29.80
N VAL G 276 -6.46 -5.18 29.99
CA VAL G 276 -6.91 -4.23 28.97
C VAL G 276 -5.80 -3.73 28.05
N GLY G 277 -4.54 -3.90 28.47
CA GLY G 277 -3.43 -3.43 27.65
C GLY G 277 -2.08 -3.54 28.33
N GLU G 278 -1.02 -3.33 27.56
CA GLU G 278 0.35 -3.39 28.10
C GLU G 278 1.10 -2.28 27.45
N TYR G 279 2.04 -1.71 28.18
CA TYR G 279 2.76 -0.62 27.60
C TYR G 279 4.16 -0.61 28.18
N THR G 280 5.08 0.07 27.50
CA THR G 280 6.43 0.11 28.07
C THR G 280 6.84 1.57 27.87
N GLY G 281 7.78 2.04 28.67
CA GLY G 281 8.23 3.41 28.57
C GLY G 281 9.57 3.52 29.29
N PHE G 282 10.25 4.63 29.04
CA PHE G 282 11.55 4.89 29.61
C PHE G 282 11.66 5.91 30.73
N ARG G 283 11.97 5.51 31.95
CA ARG G 283 12.10 6.55 32.98
C ARG G 283 13.36 7.30 32.55
N PRO G 284 13.39 8.63 32.62
CA PRO G 284 14.62 9.32 32.23
C PRO G 284 15.50 9.31 33.46
N VAL G 285 16.25 8.23 33.59
CA VAL G 285 17.16 8.04 34.71
C VAL G 285 18.39 8.92 34.68
N ARG G 286 18.73 9.50 35.82
CA ARG G 286 19.90 10.36 35.94
C ARG G 286 20.10 10.46 37.44
N PRO G 287 21.33 10.70 37.88
CA PRO G 287 21.62 10.79 39.30
C PRO G 287 20.94 11.96 40.01
N GLN G 288 20.56 12.95 39.23
CA GLN G 288 19.90 14.11 39.78
C GLN G 288 19.28 14.84 38.64
N VAL G 289 18.15 15.45 38.94
CA VAL G 289 17.45 16.16 37.91
C VAL G 289 18.38 17.21 37.37
N ARG G 290 18.39 17.36 36.05
CA ARG G 290 19.22 18.38 35.50
C ARG G 290 18.25 19.53 35.37
N LEU G 291 18.44 20.57 36.14
CA LEU G 291 17.53 21.71 36.06
C LEU G 291 18.46 22.89 36.27
N GLU G 292 18.77 23.55 35.17
CA GLU G 292 19.66 24.67 35.17
C GLU G 292 19.65 25.40 33.86
N ARG G 293 20.03 26.66 33.96
CA ARG G 293 20.13 27.59 32.86
C ARG G 293 21.48 27.50 32.17
N GLU G 294 21.49 27.78 30.88
CA GLU G 294 22.74 27.69 30.16
C GLU G 294 22.57 28.62 28.99
N GLN G 295 23.57 29.43 28.71
CA GLN G 295 23.42 30.33 27.58
C GLN G 295 24.05 29.76 26.34
N LEU G 296 23.53 30.15 25.19
CA LEU G 296 24.12 29.62 23.98
C LEU G 296 24.17 30.68 22.93
N ARG G 297 25.41 30.85 22.45
CA ARG G 297 25.77 31.79 21.42
C ARG G 297 25.57 31.11 20.06
N PHE G 298 24.79 31.75 19.20
CA PHE G 298 24.53 31.23 17.86
C PHE G 298 24.69 32.51 17.05
N GLY G 299 25.98 32.65 16.77
CA GLY G 299 26.67 33.71 16.05
C GLY G 299 26.64 34.85 17.07
N SER G 300 25.67 35.73 16.85
CA SER G 300 25.40 36.92 17.68
C SER G 300 24.13 36.82 18.50
N SER G 301 23.80 35.63 18.99
CA SER G 301 22.58 35.56 19.78
C SER G 301 22.76 34.61 20.93
N ASN G 302 22.58 35.20 22.10
CA ASN G 302 22.68 34.45 23.34
C ASN G 302 21.24 33.99 23.31
N THR G 303 21.02 32.73 23.66
CA THR G 303 19.67 32.25 23.66
C THR G 303 19.87 31.41 24.88
N GLU G 304 18.98 31.68 25.82
CA GLU G 304 18.99 30.98 27.09
C GLU G 304 18.29 29.66 26.89
N VAL G 305 18.72 28.67 27.65
CA VAL G 305 18.13 27.36 27.56
C VAL G 305 18.01 27.04 29.02
N ILE G 306 16.89 26.42 29.38
CA ILE G 306 16.77 26.09 30.78
C ILE G 306 16.34 24.67 30.63
N HIS G 307 17.14 23.83 31.27
CA HIS G 307 16.91 22.41 31.25
C HIS G 307 16.08 21.91 32.38
N ASN G 308 15.30 20.89 32.09
CA ASN G 308 14.49 20.34 33.15
C ASN G 308 14.20 18.93 32.69
N TYR G 309 15.07 18.01 33.10
CA TYR G 309 14.85 16.65 32.67
C TYR G 309 15.66 15.74 33.58
N GLY G 310 15.43 14.45 33.50
CA GLY G 310 16.11 13.48 34.35
C GLY G 310 15.31 13.06 35.57
N HIS G 311 13.99 13.11 35.48
CA HIS G 311 13.16 12.72 36.61
C HIS G 311 12.92 11.29 37.00
N GLY G 312 13.57 10.34 36.33
CA GLY G 312 13.39 8.94 36.69
C GLY G 312 11.96 8.49 36.90
N GLY G 313 11.82 7.65 37.92
CA GLY G 313 10.57 7.07 38.39
C GLY G 313 9.84 8.06 39.29
N TYR G 314 10.07 9.35 39.12
CA TYR G 314 9.37 10.29 39.98
C TYR G 314 8.98 11.60 39.36
N GLY G 315 8.84 11.65 38.05
CA GLY G 315 8.46 12.88 37.40
C GLY G 315 7.09 13.40 37.84
N LEU G 316 6.13 12.50 38.03
CA LEU G 316 4.81 12.99 38.45
C LEU G 316 4.91 13.49 39.87
N THR G 317 5.60 12.71 40.67
CA THR G 317 5.77 13.05 42.06
C THR G 317 6.42 14.39 42.38
N ILE G 318 7.21 14.94 41.47
CA ILE G 318 7.91 16.20 41.73
C ILE G 318 7.81 17.30 40.70
N HIS G 319 7.07 17.06 39.63
CA HIS G 319 6.95 18.04 38.58
C HIS G 319 6.63 19.47 38.97
N TRP G 320 5.81 19.65 39.98
CA TRP G 320 5.48 21.02 40.33
C TRP G 320 6.59 21.81 40.94
N GLY G 321 7.38 21.17 41.78
CA GLY G 321 8.49 21.87 42.40
C GLY G 321 9.41 22.33 41.28
N CYS G 322 9.69 21.45 40.32
CA CYS G 322 10.57 21.85 39.24
C CYS G 322 10.00 22.95 38.38
N ALA G 323 8.71 22.89 38.08
CA ALA G 323 8.10 23.91 37.26
C ALA G 323 8.30 25.23 37.94
N LEU G 324 8.18 25.24 39.26
CA LEU G 324 8.38 26.49 39.99
C LEU G 324 9.80 26.97 39.87
N GLU G 325 10.73 26.04 40.05
CA GLU G 325 12.12 26.41 39.96
C GLU G 325 12.40 26.99 38.58
N VAL G 326 11.88 26.37 37.55
CA VAL G 326 12.15 26.93 36.24
C VAL G 326 11.58 28.33 36.13
N ALA G 327 10.40 28.57 36.68
CA ALA G 327 9.81 29.91 36.57
C ALA G 327 10.75 30.93 37.19
N LYS G 328 11.36 30.51 38.29
CA LYS G 328 12.32 31.34 39.02
C LYS G 328 13.52 31.67 38.14
N LEU G 329 14.13 30.67 37.50
CA LEU G 329 15.27 30.98 36.65
C LEU G 329 14.82 31.89 35.52
N PHE G 330 13.63 31.62 35.02
CA PHE G 330 13.13 32.45 33.93
C PHE G 330 13.00 33.86 34.46
N GLY G 331 12.66 33.97 35.73
CA GLY G 331 12.51 35.31 36.31
C GLY G 331 13.85 36.02 36.18
N LYS G 332 14.93 35.36 36.56
CA LYS G 332 16.23 36.00 36.46
C LYS G 332 16.54 36.40 35.04
N VAL G 333 16.26 35.51 34.11
CA VAL G 333 16.53 35.82 32.72
C VAL G 333 15.80 37.09 32.38
N LEU G 334 14.65 37.30 33.00
CA LEU G 334 13.94 38.52 32.70
C LEU G 334 14.59 39.73 33.31
N GLU G 335 15.09 39.61 34.54
CA GLU G 335 15.69 40.79 35.11
C GLU G 335 16.99 41.15 34.42
N GLU G 336 17.65 40.15 33.84
CA GLU G 336 18.89 40.45 33.15
C GLU G 336 18.50 41.21 31.88
N ARG G 337 17.54 40.65 31.15
CA ARG G 337 17.14 41.32 29.94
C ARG G 337 16.43 42.65 30.35
N ASN G 338 16.22 42.98 31.65
CA ASN G 338 15.56 44.18 32.17
C ASN G 338 14.05 44.21 31.94
N LEU G 339 13.43 43.04 32.10
CA LEU G 339 12.01 42.78 31.93
C LEU G 339 11.67 42.99 30.46
N MET H 1 -48.12 34.76 27.87
CA MET H 1 -49.18 34.25 28.72
C MET H 1 -48.62 33.18 29.63
N ARG H 2 -49.39 32.86 30.66
CA ARG H 2 -48.98 31.81 31.57
C ARG H 2 -49.41 30.46 31.01
N VAL H 3 -48.47 29.52 30.96
CA VAL H 3 -48.77 28.21 30.44
C VAL H 3 -48.12 27.36 31.50
N VAL H 4 -48.78 26.25 31.81
CA VAL H 4 -48.27 25.36 32.83
C VAL H 4 -48.50 23.96 32.30
N VAL H 5 -47.41 23.22 32.30
CA VAL H 5 -47.43 21.87 31.85
C VAL H 5 -47.37 21.05 33.12
N ILE H 6 -48.23 20.05 33.19
CA ILE H 6 -48.24 19.20 34.36
C ILE H 6 -47.69 17.88 33.86
N GLY H 7 -46.50 17.51 34.32
CA GLY H 7 -45.93 16.26 33.88
C GLY H 7 -44.51 16.56 33.44
N ALA H 8 -43.57 15.69 33.78
CA ALA H 8 -42.18 15.90 33.41
C ALA H 8 -41.61 14.59 32.84
N GLY H 9 -42.50 13.80 32.24
CA GLY H 9 -42.18 12.54 31.62
C GLY H 9 -41.83 12.96 30.20
N VAL H 10 -41.64 12.01 29.29
CA VAL H 10 -41.31 12.41 27.93
C VAL H 10 -42.37 13.27 27.26
N ILE H 11 -43.63 13.02 27.59
CA ILE H 11 -44.71 13.79 26.97
C ILE H 11 -44.70 15.23 27.42
N GLY H 12 -44.64 15.45 28.73
CA GLY H 12 -44.62 16.82 29.23
C GLY H 12 -43.44 17.63 28.73
N LEU H 13 -42.24 17.11 28.92
CA LEU H 13 -41.07 17.86 28.47
C LEU H 13 -41.01 18.07 26.98
N SER H 14 -41.32 17.07 26.17
CA SER H 14 -41.23 17.31 24.74
C SER H 14 -42.28 18.32 24.34
N THR H 15 -43.45 18.20 24.94
CA THR H 15 -44.48 19.15 24.57
C THR H 15 -44.10 20.56 24.95
N ALA H 16 -43.59 20.75 26.15
CA ALA H 16 -43.21 22.08 26.57
C ALA H 16 -42.19 22.69 25.65
N LEU H 17 -41.19 21.91 25.31
CA LEU H 17 -40.15 22.42 24.44
C LEU H 17 -40.69 22.74 23.08
N CYS H 18 -41.53 21.83 22.64
CA CYS H 18 -42.08 22.00 21.32
C CYS H 18 -42.80 23.32 21.16
N ILE H 19 -43.62 23.64 22.12
CA ILE H 19 -44.36 24.88 22.09
C ILE H 19 -43.51 26.10 22.28
N HIS H 20 -42.66 26.03 23.29
CA HIS H 20 -41.82 27.16 23.53
C HIS H 20 -40.97 27.40 22.30
N GLU H 21 -40.51 26.30 21.72
CA GLU H 21 -39.68 26.44 20.54
C GLU H 21 -40.50 27.18 19.48
N ARG H 22 -41.77 26.87 19.32
CA ARG H 22 -42.54 27.59 18.31
C ARG H 22 -43.08 28.97 18.57
N TYR H 23 -43.48 29.21 19.81
CA TYR H 23 -44.03 30.49 20.18
C TYR H 23 -43.26 31.55 20.92
N HIS H 24 -42.14 31.17 21.44
CA HIS H 24 -41.44 32.17 22.17
C HIS H 24 -41.04 33.48 21.51
N SER H 25 -40.93 33.36 20.19
CA SER H 25 -40.63 34.41 19.23
C SER H 25 -41.83 35.33 19.04
N VAL H 26 -42.95 34.70 18.70
CA VAL H 26 -44.26 35.30 18.45
C VAL H 26 -44.90 35.93 19.68
N LEU H 27 -45.14 35.16 20.73
CA LEU H 27 -45.73 35.76 21.93
C LEU H 27 -44.55 36.38 22.63
N GLN H 28 -44.56 37.68 22.93
CA GLN H 28 -43.37 38.11 23.65
C GLN H 28 -43.38 37.54 25.06
N PRO H 29 -44.50 37.73 25.75
CA PRO H 29 -44.51 37.15 27.07
C PRO H 29 -44.96 35.73 26.76
N LEU H 30 -44.25 34.78 27.32
CA LEU H 30 -44.62 33.38 27.15
C LEU H 30 -43.95 32.76 28.35
N ASP H 31 -44.77 32.58 29.37
CA ASP H 31 -44.29 32.00 30.60
C ASP H 31 -44.63 30.53 30.82
N VAL H 32 -43.63 29.69 30.56
CA VAL H 32 -43.86 28.28 30.74
C VAL H 32 -43.32 27.81 32.08
N LYS H 33 -44.04 26.92 32.73
CA LYS H 33 -43.59 26.41 34.01
C LYS H 33 -44.02 24.99 33.93
N VAL H 34 -43.29 24.14 34.64
CA VAL H 34 -43.63 22.74 34.61
C VAL H 34 -43.74 22.26 36.03
N TYR H 35 -44.90 21.69 36.29
CA TYR H 35 -45.16 21.14 37.59
C TYR H 35 -45.17 19.65 37.46
N ALA H 36 -44.61 18.96 38.44
CA ALA H 36 -44.61 17.52 38.40
C ALA H 36 -44.25 17.05 39.80
N ASP H 37 -44.85 15.95 40.21
CA ASP H 37 -44.57 15.42 41.53
C ASP H 37 -43.41 14.45 41.45
N ARG H 38 -42.96 14.15 40.24
CA ARG H 38 -41.83 13.24 40.05
C ARG H 38 -41.10 13.63 38.80
N PHE H 39 -39.79 13.75 38.97
CA PHE H 39 -38.86 14.08 37.91
C PHE H 39 -38.02 12.84 37.70
N THR H 40 -37.29 12.80 36.59
CA THR H 40 -36.45 11.65 36.33
C THR H 40 -35.49 11.67 37.52
N PRO H 41 -35.03 10.51 37.96
CA PRO H 41 -35.32 9.17 37.45
C PRO H 41 -36.66 8.55 37.85
N PHE H 42 -37.53 9.33 38.45
CA PHE H 42 -38.80 8.76 38.86
C PHE H 42 -40.00 8.62 37.95
N THR H 43 -39.92 9.08 36.70
CA THR H 43 -41.07 8.95 35.82
C THR H 43 -41.15 7.56 35.25
N THR H 44 -42.26 7.27 34.57
CA THR H 44 -42.46 5.97 33.95
C THR H 44 -41.48 5.98 32.78
N THR H 45 -41.30 7.17 32.23
CA THR H 45 -40.42 7.30 31.09
C THR H 45 -39.01 6.75 31.39
N ASP H 46 -38.51 6.96 32.60
CA ASP H 46 -37.19 6.47 32.98
C ASP H 46 -37.09 4.96 32.96
N VAL H 47 -38.23 4.31 33.01
CA VAL H 47 -38.30 2.86 33.02
C VAL H 47 -38.41 2.21 31.65
N ALA H 48 -38.76 3.02 30.67
CA ALA H 48 -38.92 2.51 29.32
C ALA H 48 -37.73 1.73 28.80
N ALA H 49 -38.06 0.66 28.08
CA ALA H 49 -37.06 -0.22 27.48
C ALA H 49 -36.16 0.61 26.54
N GLY H 50 -36.67 1.76 26.12
CA GLY H 50 -35.99 2.69 25.22
C GLY H 50 -36.14 2.52 23.71
N LEU H 51 -36.81 1.47 23.26
CA LEU H 51 -36.97 1.25 21.83
C LEU H 51 -38.07 1.95 21.04
N TRP H 52 -37.81 2.27 19.78
CA TRP H 52 -38.86 2.91 18.99
C TRP H 52 -39.53 1.76 18.28
N GLN H 53 -40.77 1.46 18.64
CA GLN H 53 -41.50 0.39 17.97
C GLN H 53 -42.92 0.49 18.46
N PRO H 54 -43.82 0.68 17.50
CA PRO H 54 -45.24 0.79 17.78
C PRO H 54 -45.79 -0.60 18.01
N TYR H 55 -47.08 -0.69 18.27
CA TYR H 55 -47.61 -2.02 18.48
C TYR H 55 -47.70 -2.73 17.13
N THR H 56 -47.93 -4.03 17.14
CA THR H 56 -48.04 -4.82 15.91
C THR H 56 -49.35 -4.62 15.15
N SER H 57 -50.39 -4.35 15.93
CA SER H 57 -51.75 -4.11 15.46
C SER H 57 -51.97 -2.67 15.00
N GLU H 58 -52.86 -2.55 14.02
CA GLU H 58 -53.18 -1.25 13.48
C GLU H 58 -53.91 -0.43 14.57
N PRO H 59 -53.58 0.85 14.57
CA PRO H 59 -54.07 1.89 15.49
C PRO H 59 -55.56 2.28 15.44
N SER H 60 -56.15 2.78 16.53
CA SER H 60 -57.56 3.12 16.38
C SER H 60 -57.57 4.43 15.63
N ASN H 61 -57.07 5.47 16.29
CA ASN H 61 -57.04 6.74 15.62
C ASN H 61 -55.95 6.47 14.56
N PRO H 62 -56.14 6.94 13.34
CA PRO H 62 -55.17 6.77 12.27
C PRO H 62 -54.09 7.81 12.38
N GLN H 63 -54.39 8.90 13.07
CA GLN H 63 -53.37 9.92 13.20
C GLN H 63 -52.20 9.38 14.00
N GLU H 64 -52.45 8.35 14.78
CA GLU H 64 -51.39 7.78 15.57
C GLU H 64 -50.31 7.30 14.64
N ALA H 65 -50.69 6.73 13.52
CA ALA H 65 -49.67 6.27 12.60
C ALA H 65 -48.85 7.46 12.16
N ASN H 66 -49.57 8.53 11.94
CA ASN H 66 -48.83 9.66 11.51
C ASN H 66 -47.88 10.16 12.54
N TRP H 67 -48.30 10.28 13.78
CA TRP H 67 -47.49 10.75 14.87
C TRP H 67 -46.25 9.91 15.07
N ASN H 68 -46.42 8.62 14.85
CA ASN H 68 -45.29 7.74 15.01
C ASN H 68 -44.26 8.03 13.96
N GLN H 69 -44.74 8.17 12.74
CA GLN H 69 -43.82 8.45 11.67
C GLN H 69 -43.09 9.75 11.87
N GLN H 70 -43.81 10.79 12.25
CA GLN H 70 -43.14 12.06 12.44
C GLN H 70 -42.10 11.93 13.53
N THR H 71 -42.38 11.08 14.51
CA THR H 71 -41.41 10.93 15.58
C THR H 71 -40.14 10.26 15.06
N PHE H 72 -40.29 9.20 14.29
CA PHE H 72 -39.10 8.53 13.77
C PHE H 72 -38.26 9.42 12.88
N ASN H 73 -38.89 10.17 12.01
CA ASN H 73 -38.08 11.01 11.16
C ASN H 73 -37.41 12.09 11.96
N TYR H 74 -38.11 12.57 12.96
CA TYR H 74 -37.49 13.61 13.74
C TYR H 74 -36.26 13.05 14.43
N LEU H 75 -36.39 11.85 14.97
CA LEU H 75 -35.25 11.25 15.63
C LEU H 75 -34.16 10.97 14.62
N LEU H 76 -34.48 10.32 13.51
CA LEU H 76 -33.40 10.10 12.55
C LEU H 76 -32.66 11.34 12.13
N SER H 77 -33.37 12.45 12.05
CA SER H 77 -32.68 13.65 11.60
C SER H 77 -31.49 13.98 12.48
N HIS H 78 -31.47 13.46 13.70
CA HIS H 78 -30.36 13.71 14.60
C HIS H 78 -29.22 12.74 14.48
N ILE H 79 -29.50 11.60 13.86
CA ILE H 79 -28.43 10.63 13.73
C ILE H 79 -27.46 11.31 12.80
N GLY H 80 -26.27 11.60 13.29
CA GLY H 80 -25.28 12.26 12.46
C GLY H 80 -24.72 13.41 13.28
N SER H 81 -25.46 13.90 14.27
CA SER H 81 -24.92 14.99 15.05
C SER H 81 -24.05 14.36 16.12
N PRO H 82 -23.19 15.18 16.70
CA PRO H 82 -22.27 14.76 17.75
C PRO H 82 -23.03 14.56 19.03
N ASN H 83 -24.24 15.10 19.06
CA ASN H 83 -25.08 14.98 20.23
C ASN H 83 -26.05 13.86 20.41
N ALA H 84 -26.27 13.14 19.33
CA ALA H 84 -27.20 12.05 19.32
C ALA H 84 -27.06 11.14 20.52
N ALA H 85 -25.85 10.77 20.89
CA ALA H 85 -25.78 9.90 22.04
C ALA H 85 -26.07 10.64 23.31
N ASN H 86 -25.80 11.94 23.31
CA ASN H 86 -26.06 12.70 24.51
C ASN H 86 -27.55 12.89 24.70
N MET H 87 -28.33 12.80 23.62
CA MET H 87 -29.76 12.95 23.78
C MET H 87 -30.33 11.60 24.10
N GLY H 88 -29.52 10.55 24.09
CA GLY H 88 -30.06 9.22 24.37
C GLY H 88 -30.36 8.37 23.14
N LEU H 89 -29.94 8.83 21.97
CA LEU H 89 -30.11 8.10 20.72
C LEU H 89 -29.00 7.29 20.05
N THR H 90 -29.37 6.21 19.37
CA THR H 90 -28.51 5.34 18.58
C THR H 90 -29.34 4.33 17.86
N PRO H 91 -28.90 4.00 16.66
CA PRO H 91 -29.60 3.03 15.81
C PRO H 91 -29.39 1.66 16.40
N VAL H 92 -30.29 0.71 16.17
CA VAL H 92 -30.06 -0.61 16.73
C VAL H 92 -30.86 -1.40 15.73
N SER H 93 -30.39 -2.61 15.45
CA SER H 93 -31.06 -3.51 14.52
C SER H 93 -31.57 -4.68 15.33
N GLY H 94 -32.59 -5.38 14.87
CA GLY H 94 -32.99 -6.47 15.74
C GLY H 94 -34.13 -7.27 15.18
N TYR H 95 -34.48 -8.30 15.95
CA TYR H 95 -35.54 -9.21 15.62
C TYR H 95 -36.84 -9.21 16.41
N ASN H 96 -37.93 -9.48 15.70
CA ASN H 96 -39.29 -9.64 16.22
C ASN H 96 -39.59 -11.10 15.90
N LEU H 97 -39.69 -11.97 16.90
CA LEU H 97 -39.97 -13.38 16.68
C LEU H 97 -41.38 -13.80 17.02
N PHE H 98 -41.91 -14.74 16.25
CA PHE H 98 -43.26 -15.19 16.50
C PHE H 98 -43.32 -16.69 16.30
N ARG H 99 -44.38 -17.21 16.89
CA ARG H 99 -44.67 -18.63 16.82
C ARG H 99 -45.44 -19.03 15.60
N GLU H 100 -45.84 -18.04 14.80
CA GLU H 100 -46.58 -18.38 13.62
C GLU H 100 -46.61 -17.18 12.70
N ALA H 101 -46.98 -17.42 11.45
CA ALA H 101 -47.02 -16.29 10.52
C ALA H 101 -47.97 -15.24 11.04
N VAL H 102 -47.64 -14.03 10.68
CA VAL H 102 -48.35 -12.85 11.07
C VAL H 102 -48.14 -11.81 9.98
N PRO H 103 -49.15 -10.98 9.82
CA PRO H 103 -49.11 -9.94 8.82
C PRO H 103 -48.10 -8.85 9.16
N ASP H 104 -47.57 -8.25 8.11
CA ASP H 104 -46.61 -7.18 8.30
C ASP H 104 -47.26 -6.03 9.03
N PRO H 105 -46.48 -5.40 9.90
CA PRO H 105 -46.95 -4.28 10.70
C PRO H 105 -47.18 -3.07 9.82
N TYR H 106 -48.07 -2.19 10.22
CA TYR H 106 -48.31 -1.02 9.41
C TYR H 106 -47.08 -0.17 9.34
N TRP H 107 -46.15 -0.38 10.25
CA TRP H 107 -44.94 0.39 10.24
C TRP H 107 -43.74 -0.09 9.49
N LYS H 108 -43.88 -1.21 8.77
CA LYS H 108 -42.76 -1.76 8.03
C LYS H 108 -41.96 -0.74 7.25
N ASP H 109 -42.67 0.23 6.70
CA ASP H 109 -42.00 1.25 5.94
C ASP H 109 -41.46 2.43 6.70
N MET H 110 -41.75 2.52 7.99
CA MET H 110 -41.23 3.67 8.72
C MET H 110 -39.83 3.34 9.17
N VAL H 111 -39.62 2.10 9.60
CA VAL H 111 -38.32 1.67 10.05
C VAL H 111 -37.41 1.45 8.84
N LEU H 112 -36.14 1.20 9.11
CA LEU H 112 -35.18 0.97 8.04
C LEU H 112 -34.92 -0.51 7.82
N GLY H 113 -34.83 -0.89 6.56
CA GLY H 113 -34.54 -2.27 6.26
C GLY H 113 -35.47 -3.38 6.71
N PHE H 114 -36.75 -3.09 6.85
CA PHE H 114 -37.66 -4.15 7.28
C PHE H 114 -37.63 -5.35 6.35
N ARG H 115 -37.69 -6.56 6.89
CA ARG H 115 -37.68 -7.74 6.05
C ARG H 115 -37.97 -8.94 6.94
N LYS H 116 -38.41 -10.04 6.32
CA LYS H 116 -38.71 -11.27 7.05
C LYS H 116 -37.49 -12.13 7.27
N LEU H 117 -37.36 -12.74 8.43
CA LEU H 117 -36.20 -13.55 8.66
C LEU H 117 -36.19 -14.76 7.75
N THR H 118 -34.99 -15.22 7.44
CA THR H 118 -34.78 -16.38 6.60
C THR H 118 -34.61 -17.50 7.60
N PRO H 119 -34.61 -18.70 7.03
CA PRO H 119 -34.45 -19.88 7.85
C PRO H 119 -33.12 -19.98 8.56
N ARG H 120 -32.01 -19.56 7.98
CA ARG H 120 -30.77 -19.72 8.76
C ARG H 120 -30.92 -18.79 9.92
N GLU H 121 -31.64 -17.69 9.72
CA GLU H 121 -31.81 -16.76 10.82
C GLU H 121 -32.65 -17.39 11.90
N LEU H 122 -33.78 -17.95 11.52
CA LEU H 122 -34.63 -18.57 12.51
C LEU H 122 -33.92 -19.69 13.23
N ASP H 123 -32.93 -20.32 12.62
CA ASP H 123 -32.27 -21.39 13.36
C ASP H 123 -31.54 -20.85 14.56
N MET H 124 -31.38 -19.54 14.63
CA MET H 124 -30.67 -19.05 15.80
C MET H 124 -31.64 -18.93 16.96
N PHE H 125 -32.93 -19.11 16.68
CA PHE H 125 -33.97 -19.02 17.70
C PHE H 125 -34.98 -20.11 17.43
N PRO H 126 -34.64 -21.28 17.95
CA PRO H 126 -35.41 -22.50 17.82
C PRO H 126 -36.87 -22.52 18.23
N ASP H 127 -37.29 -21.80 19.25
CA ASP H 127 -38.70 -21.93 19.50
C ASP H 127 -39.56 -21.17 18.55
N TYR H 128 -38.95 -20.19 17.89
CA TYR H 128 -39.73 -19.40 16.97
C TYR H 128 -39.82 -19.93 15.56
N ARG H 129 -40.87 -19.52 14.79
CA ARG H 129 -41.15 -19.97 13.40
C ARG H 129 -41.44 -18.87 12.36
N TYR H 130 -41.35 -17.61 12.76
CA TYR H 130 -41.60 -16.61 11.74
C TYR H 130 -41.08 -15.34 12.39
N GLY H 131 -40.68 -14.35 11.61
CA GLY H 131 -40.17 -13.15 12.26
C GLY H 131 -39.79 -12.08 11.29
N TRP H 132 -39.30 -10.97 11.84
CA TRP H 132 -38.91 -9.89 10.99
C TRP H 132 -37.60 -9.42 11.53
N PHE H 133 -37.02 -8.48 10.77
CA PHE H 133 -35.75 -7.89 11.11
C PHE H 133 -35.83 -6.48 10.56
N ASN H 134 -35.25 -5.50 11.24
CA ASN H 134 -35.31 -4.14 10.70
C ASN H 134 -34.41 -3.33 11.60
N THR H 135 -33.98 -2.13 11.20
CA THR H 135 -33.13 -1.45 12.15
C THR H 135 -34.05 -0.33 12.63
N SER H 136 -33.85 0.16 13.84
CA SER H 136 -34.71 1.20 14.36
C SER H 136 -33.82 2.06 15.24
N LEU H 137 -34.39 2.70 16.25
CA LEU H 137 -33.57 3.53 17.08
C LEU H 137 -33.92 3.36 18.54
N ILE H 138 -32.91 3.61 19.34
CA ILE H 138 -33.00 3.58 20.78
C ILE H 138 -33.03 5.03 21.21
N LEU H 139 -33.84 5.30 22.22
CA LEU H 139 -33.95 6.64 22.75
C LEU H 139 -34.05 6.35 24.24
N GLU H 140 -32.96 6.44 24.98
CA GLU H 140 -33.09 6.17 26.40
C GLU H 140 -33.84 7.24 27.13
N GLY H 141 -34.90 6.81 27.81
CA GLY H 141 -35.73 7.75 28.55
C GLY H 141 -34.99 8.59 29.55
N ARG H 142 -34.16 7.99 30.38
CA ARG H 142 -33.47 8.80 31.35
C ARG H 142 -32.58 9.84 30.70
N LYS H 143 -31.78 9.43 29.71
CA LYS H 143 -30.87 10.37 29.07
C LYS H 143 -31.64 11.46 28.34
N TYR H 144 -32.69 11.05 27.63
CA TYR H 144 -33.48 12.02 26.89
C TYR H 144 -34.17 13.00 27.82
N LEU H 145 -34.66 12.52 28.96
CA LEU H 145 -35.32 13.43 29.89
C LEU H 145 -34.32 14.43 30.38
N GLN H 146 -33.10 14.00 30.65
CA GLN H 146 -32.14 14.99 31.13
C GLN H 146 -31.79 15.98 30.04
N TRP H 147 -31.72 15.51 28.82
CA TRP H 147 -31.39 16.42 27.75
C TRP H 147 -32.46 17.46 27.57
N LEU H 148 -33.72 17.03 27.50
CA LEU H 148 -34.81 17.99 27.34
C LEU H 148 -34.79 18.92 28.53
N THR H 149 -34.49 18.37 29.69
CA THR H 149 -34.48 19.25 30.83
C THR H 149 -33.46 20.38 30.68
N GLU H 150 -32.26 20.08 30.22
CA GLU H 150 -31.29 21.16 30.06
C GLU H 150 -31.75 22.11 29.00
N ARG H 151 -32.27 21.57 27.90
CA ARG H 151 -32.75 22.46 26.86
C ARG H 151 -33.81 23.39 27.39
N LEU H 152 -34.77 22.88 28.15
CA LEU H 152 -35.84 23.71 28.69
C LEU H 152 -35.31 24.72 29.65
N THR H 153 -34.46 24.24 30.52
CA THR H 153 -33.91 25.14 31.48
C THR H 153 -33.19 26.31 30.85
N GLU H 154 -32.44 26.05 29.79
CA GLU H 154 -31.74 27.16 29.18
C GLU H 154 -32.68 28.08 28.43
N ARG H 155 -33.84 27.58 28.04
CA ARG H 155 -34.77 28.45 27.34
C ARG H 155 -35.57 29.25 28.36
N GLY H 156 -35.22 29.07 29.63
CA GLY H 156 -35.90 29.76 30.72
C GLY H 156 -37.14 29.12 31.34
N VAL H 157 -37.52 27.93 30.91
CA VAL H 157 -38.69 27.28 31.48
C VAL H 157 -38.41 26.91 32.92
N LYS H 158 -39.39 27.08 33.79
CA LYS H 158 -39.18 26.73 35.19
C LYS H 158 -39.82 25.47 35.66
N PHE H 159 -39.10 24.74 36.51
CA PHE H 159 -39.60 23.49 37.06
C PHE H 159 -40.00 23.56 38.52
N PHE H 160 -41.03 22.81 38.92
CA PHE H 160 -41.41 22.85 40.32
C PHE H 160 -41.95 21.51 40.64
N LEU H 161 -41.46 21.03 41.77
CA LEU H 161 -41.87 19.73 42.24
C LEU H 161 -43.16 20.05 42.98
N ARG H 162 -44.27 19.55 42.48
CA ARG H 162 -45.53 19.77 43.13
C ARG H 162 -46.57 18.86 42.66
N LYS H 163 -47.39 18.40 43.59
CA LYS H 163 -48.46 17.50 43.23
C LYS H 163 -49.68 18.39 42.99
N VAL H 164 -50.21 18.40 41.78
CA VAL H 164 -51.37 19.22 41.52
C VAL H 164 -52.60 18.45 41.96
N GLU H 165 -53.47 19.07 42.76
CA GLU H 165 -54.72 18.45 43.23
C GLU H 165 -55.91 18.61 42.32
N SER H 166 -55.89 19.63 41.47
CA SER H 166 -56.99 19.82 40.55
C SER H 166 -56.60 20.90 39.57
N PHE H 167 -57.29 20.93 38.45
CA PHE H 167 -56.94 21.96 37.50
C PHE H 167 -57.35 23.29 38.07
N GLU H 168 -58.41 23.25 38.87
CA GLU H 168 -58.95 24.46 39.47
C GLU H 168 -57.82 25.15 40.21
N GLU H 169 -57.14 24.38 41.03
CA GLU H 169 -56.03 24.86 41.83
C GLU H 169 -55.04 25.57 40.92
N VAL H 170 -54.79 25.00 39.75
CA VAL H 170 -53.83 25.64 38.85
C VAL H 170 -54.34 26.89 38.15
N ALA H 171 -55.62 26.87 37.81
CA ALA H 171 -56.25 27.99 37.13
C ALA H 171 -56.25 29.19 38.06
N ARG H 172 -56.56 28.92 39.33
CA ARG H 172 -56.59 29.96 40.35
C ARG H 172 -55.22 30.60 40.47
N GLY H 173 -54.19 29.82 40.15
CA GLY H 173 -52.82 30.29 40.20
C GLY H 173 -52.50 31.16 38.97
N GLY H 174 -53.51 31.57 38.22
CA GLY H 174 -53.24 32.39 37.04
C GLY H 174 -52.79 31.72 35.75
N ALA H 175 -52.94 30.41 35.62
CA ALA H 175 -52.53 29.77 34.37
C ALA H 175 -53.54 30.08 33.26
N ASP H 176 -53.07 30.60 32.14
CA ASP H 176 -53.95 30.92 31.02
C ASP H 176 -54.29 29.62 30.29
N VAL H 177 -53.30 28.73 30.24
CA VAL H 177 -53.44 27.44 29.57
C VAL H 177 -52.68 26.44 30.42
N ILE H 178 -53.19 25.22 30.39
CA ILE H 178 -52.64 24.11 31.12
C ILE H 178 -52.63 22.90 30.25
N ILE H 179 -51.45 22.28 30.23
CA ILE H 179 -51.22 21.09 29.44
C ILE H 179 -51.14 19.91 30.37
N ASN H 180 -52.10 19.02 30.22
CA ASN H 180 -52.14 17.84 31.08
C ASN H 180 -51.36 16.69 30.46
N CYS H 181 -50.24 16.33 31.07
CA CYS H 181 -49.37 15.26 30.59
C CYS H 181 -49.01 14.39 31.77
N THR H 182 -50.06 14.03 32.50
CA THR H 182 -49.98 13.20 33.69
C THR H 182 -49.85 11.69 33.56
N GLY H 183 -49.80 11.17 32.34
CA GLY H 183 -49.66 9.71 32.18
C GLY H 183 -50.71 8.90 32.91
N VAL H 184 -50.40 7.71 33.41
CA VAL H 184 -51.45 6.97 34.11
C VAL H 184 -52.15 7.71 35.24
N TRP H 185 -51.56 8.76 35.78
CA TRP H 185 -52.23 9.45 36.87
C TRP H 185 -53.23 10.53 36.52
N ALA H 186 -53.47 10.70 35.23
CA ALA H 186 -54.39 11.72 34.75
C ALA H 186 -55.80 11.62 35.30
N GLY H 187 -56.22 10.38 35.60
CA GLY H 187 -57.55 10.09 36.13
C GLY H 187 -57.83 10.87 37.40
N VAL H 188 -56.77 11.08 38.15
CA VAL H 188 -56.88 11.83 39.38
C VAL H 188 -57.33 13.25 39.14
N LEU H 189 -56.82 13.92 38.12
CA LEU H 189 -57.26 15.29 37.90
C LEU H 189 -58.62 15.34 37.23
N GLN H 190 -59.03 14.20 36.71
CA GLN H 190 -60.30 14.12 36.02
C GLN H 190 -60.39 12.72 35.48
N PRO H 191 -61.39 12.03 36.03
CA PRO H 191 -61.71 10.65 35.72
C PRO H 191 -61.81 10.34 34.25
N ASP H 192 -61.28 9.16 33.95
CA ASP H 192 -61.26 8.67 32.60
C ASP H 192 -61.12 7.20 32.89
N PRO H 193 -62.25 6.56 32.69
CA PRO H 193 -62.45 5.15 32.89
C PRO H 193 -61.77 4.34 31.81
N LEU H 194 -61.39 5.01 30.73
CA LEU H 194 -60.71 4.30 29.65
C LEU H 194 -59.24 4.07 29.96
N LEU H 195 -58.72 4.93 30.84
CA LEU H 195 -57.34 4.89 31.27
C LEU H 195 -57.08 3.88 32.36
N GLN H 196 -56.04 3.07 32.15
CA GLN H 196 -55.62 2.06 33.09
C GLN H 196 -54.15 1.80 33.07
N PRO H 197 -53.62 1.40 34.22
CA PRO H 197 -52.20 1.12 34.29
C PRO H 197 -51.88 -0.21 33.64
N GLY H 198 -50.86 -0.24 32.79
CA GLY H 198 -50.44 -1.49 32.15
C GLY H 198 -49.13 -1.71 32.90
N ARG H 199 -49.17 -2.39 34.03
CA ARG H 199 -47.91 -2.57 34.74
C ARG H 199 -46.86 -3.40 34.03
N GLY H 200 -45.59 -3.09 34.23
CA GLY H 200 -44.52 -3.88 33.61
C GLY H 200 -43.22 -3.79 34.41
N GLN H 201 -42.57 -4.92 34.70
CA GLN H 201 -41.28 -4.93 35.42
C GLN H 201 -40.19 -5.17 34.37
N ILE H 202 -38.96 -4.83 34.71
CA ILE H 202 -37.86 -5.09 33.78
C ILE H 202 -36.67 -5.35 34.66
N ILE H 203 -35.63 -5.90 34.05
CA ILE H 203 -34.43 -6.17 34.82
C ILE H 203 -33.38 -5.58 33.93
N LYS H 204 -32.52 -4.77 34.53
CA LYS H 204 -31.43 -4.16 33.79
C LYS H 204 -30.27 -5.05 34.04
N VAL H 205 -29.56 -5.31 32.97
CA VAL H 205 -28.43 -6.20 33.09
C VAL H 205 -27.23 -5.69 32.33
N ASP H 206 -26.06 -6.09 32.81
CA ASP H 206 -24.84 -5.67 32.12
C ASP H 206 -24.46 -6.85 31.23
N ALA H 207 -24.55 -6.71 29.91
CA ALA H 207 -24.18 -7.80 29.00
C ALA H 207 -23.95 -7.06 27.68
N PRO H 208 -22.77 -6.47 27.60
CA PRO H 208 -22.35 -5.71 26.44
C PRO H 208 -22.16 -6.47 25.17
N TRP H 209 -22.01 -7.79 25.23
CA TRP H 209 -21.83 -8.45 23.96
C TRP H 209 -23.11 -8.50 23.15
N LEU H 210 -24.24 -8.15 23.73
CA LEU H 210 -25.51 -8.19 23.00
C LEU H 210 -25.71 -6.87 22.28
N LYS H 211 -25.62 -6.90 20.96
CA LYS H 211 -25.76 -5.72 20.14
C LYS H 211 -27.09 -5.53 19.44
N ASN H 212 -27.98 -6.51 19.48
CA ASN H 212 -29.24 -6.35 18.76
C ASN H 212 -30.39 -6.62 19.68
N PHE H 213 -31.53 -6.00 19.37
CA PHE H 213 -32.70 -6.21 20.18
C PHE H 213 -33.40 -7.48 19.73
N ILE H 214 -34.16 -8.07 20.63
CA ILE H 214 -34.86 -9.28 20.25
C ILE H 214 -36.15 -9.20 21.01
N ILE H 215 -37.22 -9.30 20.25
CA ILE H 215 -38.51 -9.21 20.88
C ILE H 215 -39.36 -10.33 20.39
N THR H 216 -39.80 -11.05 21.40
CA THR H 216 -40.67 -12.18 21.25
C THR H 216 -42.11 -11.84 21.38
N HIS H 217 -42.96 -12.60 20.71
CA HIS H 217 -44.38 -12.33 20.84
C HIS H 217 -45.21 -13.59 21.03
N ASP H 218 -46.20 -13.50 21.92
CA ASP H 218 -47.08 -14.64 22.17
C ASP H 218 -48.42 -13.99 22.03
N LEU H 219 -49.10 -14.43 20.99
CA LEU H 219 -50.40 -13.90 20.66
C LEU H 219 -51.50 -14.16 21.66
N GLU H 220 -51.44 -15.35 22.26
CA GLU H 220 -52.47 -15.68 23.23
C GLU H 220 -52.28 -14.81 24.44
N ARG H 221 -51.04 -14.83 24.89
CA ARG H 221 -50.62 -14.12 26.08
C ARG H 221 -50.62 -12.59 26.13
N GLY H 222 -50.82 -11.91 25.01
CA GLY H 222 -50.84 -10.44 24.95
C GLY H 222 -49.51 -9.74 24.69
N ILE H 223 -49.57 -8.52 24.17
CA ILE H 223 -48.34 -7.81 23.86
C ILE H 223 -47.50 -7.54 25.09
N TYR H 224 -46.19 -7.69 24.91
CA TYR H 224 -45.23 -7.48 25.97
C TYR H 224 -45.25 -8.46 27.12
N ASN H 225 -46.04 -9.50 26.94
CA ASN H 225 -46.12 -10.57 27.94
C ASN H 225 -45.26 -11.69 27.46
N SER H 226 -44.09 -11.34 26.97
CA SER H 226 -43.24 -12.40 26.46
C SER H 226 -41.88 -11.75 26.49
N PRO H 227 -40.85 -12.56 26.67
CA PRO H 227 -39.48 -12.08 26.75
C PRO H 227 -39.02 -11.22 25.62
N TYR H 228 -38.23 -10.24 26.03
CA TYR H 228 -37.66 -9.34 25.08
C TYR H 228 -36.37 -8.87 25.72
N ILE H 229 -35.41 -8.54 24.87
CA ILE H 229 -34.10 -8.10 25.31
C ILE H 229 -33.77 -6.94 24.44
N ILE H 230 -33.38 -5.85 25.07
CA ILE H 230 -33.09 -4.64 24.32
C ILE H 230 -31.93 -3.89 24.92
N PRO H 231 -30.88 -3.88 24.12
CA PRO H 231 -29.62 -3.22 24.44
C PRO H 231 -29.93 -1.75 24.56
N GLY H 232 -29.23 -1.02 25.41
CA GLY H 232 -29.50 0.40 25.54
C GLY H 232 -28.11 0.99 25.43
N LEU H 233 -27.94 2.24 25.78
CA LEU H 233 -26.61 2.83 25.68
C LEU H 233 -25.61 2.14 26.59
N GLN H 234 -25.91 2.05 27.88
CA GLN H 234 -25.02 1.38 28.81
C GLN H 234 -25.40 0.00 29.31
N ALA H 235 -26.69 -0.35 29.30
CA ALA H 235 -27.04 -1.67 29.79
C ALA H 235 -28.13 -2.28 28.96
N VAL H 236 -28.38 -3.55 29.27
CA VAL H 236 -29.40 -4.27 28.54
C VAL H 236 -30.66 -4.39 29.36
N THR H 237 -31.78 -4.18 28.70
CA THR H 237 -33.03 -4.30 29.40
C THR H 237 -33.70 -5.62 29.09
N LEU H 238 -33.97 -6.39 30.13
CA LEU H 238 -34.66 -7.67 30.00
C LEU H 238 -36.10 -7.40 30.31
N GLY H 239 -36.99 -8.01 29.59
CA GLY H 239 -38.32 -7.70 29.96
C GLY H 239 -39.30 -8.73 29.51
N GLY H 240 -40.53 -8.33 29.76
CA GLY H 240 -41.61 -9.19 29.42
C GLY H 240 -42.91 -9.07 30.19
N THR H 241 -43.38 -7.94 30.73
CA THR H 241 -44.70 -8.06 31.41
C THR H 241 -45.57 -6.85 31.14
N PHE H 242 -46.86 -7.10 30.96
CA PHE H 242 -47.76 -6.00 30.67
C PHE H 242 -49.03 -6.52 31.35
N GLN H 243 -49.41 -5.94 32.48
CA GLN H 243 -50.58 -6.37 33.26
C GLN H 243 -51.53 -5.23 33.49
N VAL H 244 -52.63 -5.26 32.74
CA VAL H 244 -53.62 -4.21 32.84
C VAL H 244 -54.39 -4.22 34.15
N GLY H 245 -54.55 -3.04 34.70
CA GLY H 245 -55.26 -2.89 35.96
C GLY H 245 -54.37 -3.17 37.16
N ASN H 246 -53.16 -3.66 36.99
CA ASN H 246 -52.36 -3.88 38.20
C ASN H 246 -51.63 -2.61 38.59
N TRP H 247 -51.87 -2.14 39.80
CA TRP H 247 -51.24 -0.95 40.35
C TRP H 247 -50.09 -1.16 41.31
N ASN H 248 -49.64 -2.40 41.48
CA ASN H 248 -48.52 -2.67 42.41
C ASN H 248 -47.20 -2.06 41.91
N GLU H 249 -46.68 -1.02 42.58
CA GLU H 249 -45.44 -0.43 42.12
C GLU H 249 -44.14 -1.06 42.56
N ILE H 250 -44.30 -2.10 43.36
CA ILE H 250 -43.20 -2.87 43.89
C ILE H 250 -42.74 -3.95 42.94
N ASN H 251 -41.43 -4.12 42.81
CA ASN H 251 -40.98 -5.16 41.92
C ASN H 251 -41.34 -6.46 42.61
N ASN H 252 -41.87 -7.43 41.88
CA ASN H 252 -42.17 -8.68 42.51
C ASN H 252 -41.24 -9.79 42.01
N ILE H 253 -40.89 -10.66 42.92
CA ILE H 253 -40.01 -11.73 42.53
C ILE H 253 -40.60 -12.71 41.54
N GLN H 254 -41.91 -12.82 41.45
CA GLN H 254 -42.35 -13.78 40.45
C GLN H 254 -42.11 -13.29 39.05
N ASP H 255 -42.37 -12.02 38.87
CA ASP H 255 -42.18 -11.45 37.57
C ASP H 255 -40.72 -11.52 37.23
N HIS H 256 -39.91 -11.23 38.22
CA HIS H 256 -38.50 -11.28 37.98
C HIS H 256 -38.11 -12.66 37.51
N ASN H 257 -38.56 -13.68 38.21
CA ASN H 257 -38.18 -15.00 37.73
C ASN H 257 -38.70 -15.34 36.37
N THR H 258 -39.91 -14.96 36.04
CA THR H 258 -40.33 -15.39 34.72
C THR H 258 -39.61 -14.63 33.62
N ILE H 259 -39.29 -13.38 33.89
CA ILE H 259 -38.59 -12.58 32.89
C ILE H 259 -37.18 -13.14 32.73
N TRP H 260 -36.55 -13.40 33.86
CA TRP H 260 -35.21 -13.92 33.78
C TRP H 260 -35.13 -15.26 33.11
N GLU H 261 -35.96 -16.19 33.51
CA GLU H 261 -35.86 -17.48 32.85
C GLU H 261 -36.26 -17.46 31.41
N GLY H 262 -37.18 -16.59 31.04
CA GLY H 262 -37.57 -16.59 29.65
C GLY H 262 -36.45 -16.07 28.77
N CYS H 263 -35.87 -14.96 29.20
CA CYS H 263 -34.80 -14.37 28.43
C CYS H 263 -33.61 -15.28 28.41
N CYS H 264 -33.34 -15.82 29.58
CA CYS H 264 -32.20 -16.69 29.72
C CYS H 264 -32.33 -17.87 28.76
N ARG H 265 -33.57 -18.24 28.44
CA ARG H 265 -33.85 -19.37 27.52
C ARG H 265 -33.74 -18.97 26.06
N LEU H 266 -34.01 -17.70 25.81
CA LEU H 266 -33.92 -17.09 24.49
C LEU H 266 -32.48 -16.68 24.18
N GLU H 267 -31.68 -16.36 25.20
CA GLU H 267 -30.32 -15.94 24.93
C GLU H 267 -29.60 -16.45 26.16
N PRO H 268 -29.14 -17.69 26.01
CA PRO H 268 -28.44 -18.44 27.03
C PRO H 268 -27.16 -17.80 27.50
N THR H 269 -26.60 -16.91 26.71
CA THR H 269 -25.37 -16.32 27.19
C THR H 269 -25.63 -15.41 28.37
N LEU H 270 -26.90 -15.12 28.64
CA LEU H 270 -27.27 -14.24 29.77
C LEU H 270 -26.80 -14.82 31.08
N LYS H 271 -26.50 -16.10 31.00
CA LYS H 271 -25.99 -16.92 32.08
C LYS H 271 -24.92 -16.12 32.80
N ASP H 272 -24.07 -15.43 32.07
CA ASP H 272 -23.00 -14.63 32.68
C ASP H 272 -23.30 -13.15 32.89
N ALA H 273 -24.52 -12.69 32.63
CA ALA H 273 -24.79 -11.27 32.81
C ALA H 273 -24.92 -10.84 34.27
N LYS H 274 -24.46 -9.65 34.63
CA LYS H 274 -24.54 -9.14 36.01
C LYS H 274 -25.88 -8.40 36.08
N ILE H 275 -26.71 -8.65 37.09
CA ILE H 275 -27.97 -7.93 37.16
C ILE H 275 -27.68 -6.59 37.80
N VAL H 276 -28.06 -5.47 37.18
CA VAL H 276 -27.77 -4.20 37.82
C VAL H 276 -28.95 -3.56 38.55
N GLY H 277 -30.16 -4.02 38.24
CA GLY H 277 -31.34 -3.46 38.87
C GLY H 277 -32.66 -3.95 38.29
N GLU H 278 -33.76 -3.63 38.98
CA GLU H 278 -35.09 -4.03 38.51
C GLU H 278 -35.98 -2.89 38.76
N TYR H 279 -36.98 -2.72 37.90
CA TYR H 279 -37.85 -1.60 38.09
C TYR H 279 -39.21 -1.95 37.58
N THR H 280 -40.24 -1.23 38.01
CA THR H 280 -41.56 -1.55 37.48
C THR H 280 -42.15 -0.16 37.19
N GLY H 281 -43.13 -0.11 36.29
CA GLY H 281 -43.76 1.15 35.94
C GLY H 281 -45.07 0.84 35.26
N PHE H 282 -45.90 1.87 35.13
CA PHE H 282 -47.21 1.77 34.53
C PHE H 282 -47.42 2.32 33.14
N ARG H 283 -47.65 1.50 32.13
CA ARG H 283 -47.88 2.10 30.82
C ARG H 283 -49.24 2.80 30.99
N PRO H 284 -49.43 4.01 30.48
CA PRO H 284 -50.75 4.63 30.65
C PRO H 284 -51.59 4.09 29.50
N VAL H 285 -52.19 2.95 29.75
CA VAL H 285 -53.05 2.29 28.78
C VAL H 285 -54.39 2.96 28.54
N ARG H 286 -54.75 3.07 27.28
CA ARG H 286 -56.02 3.69 26.90
C ARG H 286 -56.20 3.25 25.46
N PRO H 287 -57.43 3.18 24.98
CA PRO H 287 -57.71 2.75 23.61
C PRO H 287 -57.16 3.69 22.55
N GLN H 288 -56.93 4.92 22.95
CA GLN H 288 -56.41 5.91 22.03
C GLN H 288 -55.92 7.05 22.84
N VAL H 289 -54.86 7.66 22.34
CA VAL H 289 -54.28 8.76 23.07
C VAL H 289 -55.35 9.80 23.24
N ARG H 290 -55.41 10.37 24.43
CA ARG H 290 -56.39 11.42 24.62
C ARG H 290 -55.56 12.64 24.34
N LEU H 291 -55.86 13.35 23.27
CA LEU H 291 -55.12 14.54 22.95
C LEU H 291 -56.17 15.46 22.37
N GLU H 292 -56.59 16.40 23.20
CA GLU H 292 -57.62 17.34 22.83
C GLU H 292 -57.73 18.47 23.84
N ARG H 293 -58.27 19.55 23.32
CA ARG H 293 -58.51 20.78 24.04
C ARG H 293 -59.86 20.76 24.75
N GLU H 294 -59.93 21.44 25.87
CA GLU H 294 -61.18 21.43 26.61
C GLU H 294 -61.15 22.72 27.40
N GLN H 295 -62.26 23.44 27.40
CA GLN H 295 -62.25 24.69 28.17
C GLN H 295 -62.83 24.48 29.54
N LEU H 296 -62.40 25.30 30.49
CA LEU H 296 -62.95 25.13 31.82
C LEU H 296 -63.16 26.47 32.44
N ARG H 297 -64.41 26.61 32.87
CA ARG H 297 -64.91 27.80 33.54
C ARG H 297 -64.67 27.64 35.03
N PHE H 298 -64.00 28.63 35.62
CA PHE H 298 -63.70 28.64 37.04
C PHE H 298 -64.03 30.08 37.39
N GLY H 299 -65.35 30.13 37.64
CA GLY H 299 -66.17 31.28 37.97
C GLY H 299 -66.27 32.00 36.62
N SER H 300 -65.43 33.03 36.51
CA SER H 300 -65.29 33.89 35.34
C SER H 300 -64.00 33.68 34.56
N SER H 301 -63.51 32.45 34.49
CA SER H 301 -62.28 32.28 33.75
C SER H 301 -62.30 30.98 32.99
N ASN H 302 -62.17 31.16 31.68
CA ASN H 302 -62.14 30.04 30.77
C ASN H 302 -60.65 29.79 30.93
N THR H 303 -60.27 28.54 31.01
CA THR H 303 -58.87 28.26 31.15
C THR H 303 -58.93 27.05 30.28
N GLU H 304 -58.06 27.09 29.28
CA GLU H 304 -57.95 26.02 28.32
C GLU H 304 -57.09 24.94 28.95
N VAL H 305 -57.38 23.71 28.56
CA VAL H 305 -56.63 22.59 29.08
C VAL H 305 -56.42 21.81 27.81
N ILE H 306 -55.23 21.27 27.65
CA ILE H 306 -55.04 20.50 26.44
C ILE H 306 -54.44 19.27 27.06
N HIS H 307 -55.11 18.18 26.75
CA HIS H 307 -54.71 16.89 27.23
C HIS H 307 -53.79 16.15 26.32
N ASN H 308 -52.89 15.38 26.92
CA ASN H 308 -51.99 14.62 26.09
C ASN H 308 -51.54 13.49 26.98
N TYR H 309 -52.27 12.40 26.93
CA TYR H 309 -51.89 11.29 27.78
C TYR H 309 -52.56 10.05 27.24
N GLY H 310 -52.16 8.89 27.74
CA GLY H 310 -52.70 7.62 27.28
C GLY H 310 -51.83 6.91 26.25
N HIS H 311 -50.53 7.16 26.29
CA HIS H 311 -49.63 6.53 25.35
C HIS H 311 -49.19 5.09 25.45
N GLY H 312 -49.73 4.35 26.40
CA GLY H 312 -49.37 2.94 26.54
C GLY H 312 -47.90 2.64 26.46
N GLY H 313 -47.63 1.52 25.78
CA GLY H 313 -46.30 0.99 25.51
C GLY H 313 -45.67 1.69 24.32
N TYR H 314 -46.07 2.93 24.06
CA TYR H 314 -45.48 3.60 22.91
C TYR H 314 -45.27 5.10 23.04
N GLY H 315 -45.17 5.59 24.27
CA GLY H 315 -44.96 7.02 24.46
C GLY H 315 -43.66 7.53 23.85
N LEU H 316 -42.59 6.75 23.95
CA LEU H 316 -41.34 7.22 23.37
C LEU H 316 -41.46 7.22 21.86
N THR H 317 -42.02 6.13 21.37
CA THR H 317 -42.21 5.96 19.95
C THR H 317 -43.01 7.02 19.23
N ILE H 318 -43.88 7.73 19.91
CA ILE H 318 -44.74 8.73 19.26
C ILE H 318 -44.80 10.12 19.86
N HIS H 319 -44.06 10.33 20.93
CA HIS H 319 -44.09 11.62 21.60
C HIS H 319 -43.95 12.87 20.74
N TRP H 320 -43.13 12.81 19.70
CA TRP H 320 -42.96 14.02 18.92
C TRP H 320 -44.15 14.41 18.10
N GLY H 321 -44.83 13.42 17.54
CA GLY H 321 -46.01 13.73 16.74
C GLY H 321 -47.01 14.41 17.65
N CYS H 322 -47.20 13.89 18.87
CA CYS H 322 -48.14 14.51 19.78
C CYS H 322 -47.75 15.90 20.19
N ALA H 323 -46.46 16.09 20.48
CA ALA H 323 -46.00 17.41 20.91
C ALA H 323 -46.36 18.39 19.81
N LEU H 324 -46.21 17.97 18.57
CA LEU H 324 -46.54 18.86 17.47
C LEU H 324 -48.01 19.17 17.45
N GLU H 325 -48.81 18.13 17.61
CA GLU H 325 -50.25 18.33 17.59
C GLU H 325 -50.63 19.29 18.70
N VAL H 326 -50.07 19.12 19.88
CA VAL H 326 -50.42 20.05 20.92
C VAL H 326 -50.05 21.46 20.55
N ALA H 327 -48.89 21.66 19.93
CA ALA H 327 -48.48 23.02 19.57
C ALA H 327 -49.52 23.64 18.67
N LYS H 328 -50.06 22.81 17.79
CA LYS H 328 -51.08 23.22 16.85
C LYS H 328 -52.34 23.66 17.58
N LEU H 329 -52.84 22.87 18.53
CA LEU H 329 -54.03 23.31 19.25
C LEU H 329 -53.72 24.58 20.00
N PHE H 330 -52.52 24.65 20.54
CA PHE H 330 -52.16 25.85 21.28
C PHE H 330 -52.19 27.01 20.30
N GLY H 331 -51.84 26.74 19.05
CA GLY H 331 -51.85 27.80 18.07
C GLY H 331 -53.26 28.34 17.98
N LYS H 332 -54.25 27.45 17.85
CA LYS H 332 -55.62 27.92 17.77
C LYS H 332 -56.01 28.73 18.98
N VAL H 333 -55.65 28.25 20.14
CA VAL H 333 -55.98 28.97 21.36
C VAL H 333 -55.43 30.37 21.24
N LEU H 334 -54.30 30.49 20.56
CA LEU H 334 -53.76 31.83 20.41
C LEU H 334 -54.54 32.67 19.45
N GLU H 335 -54.98 32.08 18.35
CA GLU H 335 -55.71 32.93 17.43
C GLU H 335 -57.07 33.32 17.98
N GLU H 336 -57.61 32.51 18.87
CA GLU H 336 -58.90 32.85 19.45
C GLU H 336 -58.63 34.04 20.38
N ARG H 337 -57.57 33.99 21.18
CA ARG H 337 -57.21 35.08 22.08
C ARG H 337 -56.63 36.25 21.28
N ASN H 338 -56.61 36.04 19.96
CA ASN H 338 -56.09 37.09 19.07
C ASN H 338 -54.60 37.38 19.24
N LEU H 339 -53.85 36.31 19.46
CA LEU H 339 -52.39 36.30 19.69
C LEU H 339 -52.12 37.04 20.99
PA FAD I . 40.79 -12.04 -43.90
O1A FAD I . 39.63 -11.15 -44.11
O2A FAD I . 41.07 -12.55 -42.53
O5B FAD I . 40.59 -13.16 -45.00
C5B FAD I . 41.41 -14.30 -44.94
C4B FAD I . 40.63 -15.42 -45.60
O4B FAD I . 41.47 -16.53 -45.96
C3B FAD I . 39.54 -16.00 -44.72
O3B FAD I . 38.50 -16.47 -45.58
C2B FAD I . 40.18 -17.26 -44.17
O2B FAD I . 39.12 -18.14 -43.84
C1B FAD I . 40.87 -17.69 -45.44
N9A FAD I . 41.92 -18.68 -45.24
C8A FAD I . 43.10 -18.48 -44.58
N7A FAD I . 43.86 -19.53 -44.52
C5A FAD I . 43.12 -20.48 -45.21
C6A FAD I . 43.39 -21.83 -45.52
N6A FAD I . 44.51 -22.44 -45.15
N1A FAD I . 42.46 -22.52 -46.22
C2A FAD I . 41.34 -21.89 -46.58
N3A FAD I . 40.98 -20.64 -46.35
C4A FAD I . 41.93 -19.98 -45.66
N1 FAD I . 41.75 -1.87 -42.43
C2 FAD I . 41.28 -0.74 -42.94
O2 FAD I . 41.56 -0.37 -44.08
N3 FAD I . 40.45 0.07 -42.21
C4 FAD I . 40.06 -0.24 -40.94
O4 FAD I . 39.30 0.49 -40.31
C4X FAD I . 40.58 -1.43 -40.39
N5 FAD I . 40.31 -1.69 -39.11
C5X FAD I . 40.83 -2.80 -38.57
C6 FAD I . 40.52 -3.04 -37.23
C7 FAD I . 40.87 -4.26 -36.67
C7M FAD I . 40.52 -4.61 -35.23
C8 FAD I . 41.58 -5.22 -37.47
C8M FAD I . 41.96 -6.54 -36.84
C9 FAD I . 41.92 -4.95 -38.82
C9A FAD I . 41.58 -3.70 -39.36
N10 FAD I . 41.88 -3.40 -40.65
C10 FAD I . 41.41 -2.25 -41.20
C1' FAD I . 42.71 -4.30 -41.49
C2' FAD I . 41.88 -5.27 -42.30
O2' FAD I . 40.98 -5.79 -41.34
C3' FAD I . 42.79 -6.36 -42.83
O3' FAD I . 43.82 -5.71 -43.57
C4' FAD I . 41.98 -7.08 -43.89
O4' FAD I . 40.71 -7.40 -43.34
C5' FAD I . 42.69 -8.33 -44.42
O5' FAD I . 41.79 -9.05 -45.24
P FAD I . 42.19 -10.47 -45.85
O1P FAD I . 41.20 -11.02 -46.82
O2P FAD I . 43.61 -10.34 -46.29
O3P FAD I . 42.08 -11.28 -44.48
C BEZ J . 42.81 -0.50 -37.26
O1 BEZ J . 43.48 -1.36 -37.82
O2 BEZ J . 42.47 -0.58 -36.08
C1 BEZ J . 42.42 0.59 -38.01
C2 BEZ J . 42.81 0.68 -39.34
C3 BEZ J . 42.40 1.81 -40.06
C4 BEZ J . 41.64 2.81 -39.49
C5 BEZ J . 41.25 2.72 -38.17
C6 BEZ J . 41.65 1.60 -37.44
PA FAD K . -8.67 3.78 -44.07
O1A FAD K . -7.49 2.89 -43.84
O2A FAD K . -8.68 5.13 -43.45
O5B FAD K . -8.82 3.76 -45.66
C5B FAD K . -9.70 4.68 -46.24
C4B FAD K . -9.19 4.93 -47.64
O4B FAD K . -10.19 5.53 -48.48
C3B FAD K . -7.99 5.86 -47.69
O3B FAD K . -7.23 5.49 -48.84
C2B FAD K . -8.61 7.19 -48.07
O2B FAD K . -7.61 7.94 -48.71
C1B FAD K . -9.60 6.65 -49.10
N9A FAD K . -10.68 7.59 -49.42
C8A FAD K . -11.66 8.01 -48.57
N7A FAD K . -12.48 8.86 -49.12
C5A FAD K . -12.01 8.98 -50.42
C6A FAD K . -12.45 9.72 -51.53
N6A FAD K . -13.53 10.51 -51.47
N1A FAD K . -11.77 9.63 -52.68
C2A FAD K . -10.70 8.83 -52.72
N3A FAD K . -10.18 8.09 -51.76
C4A FAD K . -10.89 8.20 -50.63
N1 FAD K . -8.34 -2.24 -35.68
C2 FAD K . -7.88 -3.42 -35.33
O2 FAD K . -8.37 -4.46 -35.78
N3 FAD K . -6.83 -3.55 -34.45
C4 FAD K . -6.20 -2.47 -33.90
O4 FAD K . -5.27 -2.61 -33.11
C4X FAD K . -6.71 -1.20 -34.25
N5 FAD K . -6.20 -0.13 -33.63
C5X FAD K . -6.69 1.08 -33.94
C6 FAD K . -6.12 2.16 -33.27
C7 FAD K . -6.46 3.45 -33.68
C7M FAD K . -5.85 4.67 -33.05
C8 FAD K . -7.41 3.61 -34.75
C8M FAD K . -7.76 5.02 -35.18
C9 FAD K . -8.00 2.50 -35.39
C9A FAD K . -7.67 1.21 -34.95
N10 FAD K . -8.21 0.11 -35.55
C10 FAD K . -7.76 -1.13 -35.20
C1' FAD K . -9.29 0.22 -36.55
C2' FAD K . -8.74 0.26 -37.96
O2' FAD K . -7.71 1.22 -37.88
C3' FAD K . -9.85 0.73 -38.91
O3' FAD K . -10.94 -0.16 -38.72
C4' FAD K . -9.36 0.41 -40.30
O4' FAD K . -8.02 0.92 -40.43
C5' FAD K . -10.27 0.98 -41.38
O5' FAD K . -9.65 0.82 -42.63
P FAD K . -10.31 1.41 -43.97
O1P FAD K . -9.60 1.03 -45.23
O2P FAD K . -11.77 1.14 -43.86
O3P FAD K . -9.98 2.96 -43.64
C BEZ L . -8.12 0.56 -31.01
O1 BEZ L . -8.97 0.83 -31.85
O2 BEZ L . -7.54 1.42 -30.35
C1 BEZ L . -7.79 -0.78 -30.82
C2 BEZ L . -8.45 -1.74 -31.57
C3 BEZ L . -8.12 -3.07 -31.35
C4 BEZ L . -7.15 -3.44 -30.43
C5 BEZ L . -6.49 -2.47 -29.68
C6 BEZ L . -6.83 -1.14 -29.90
PA FAD M . -33.01 -9.90 55.11
O1A FAD M . -31.73 -9.94 54.34
O2A FAD M . -34.05 -8.92 54.71
O5B FAD M . -33.48 -11.42 55.10
C5B FAD M . -34.78 -11.71 55.55
C4B FAD M . -35.20 -12.98 54.86
O4B FAD M . -36.32 -13.61 55.50
C3B FAD M . -35.60 -12.78 53.41
O3B FAD M . -35.31 -13.99 52.72
C2B FAD M . -37.12 -12.76 53.49
O2B FAD M . -37.60 -13.17 52.22
C1B FAD M . -37.28 -13.88 54.51
N9A FAD M . -38.59 -13.91 55.15
C8A FAD M . -39.09 -12.97 56.00
N7A FAD M . -40.30 -13.25 56.42
C5A FAD M . -40.57 -14.46 55.81
C6A FAD M . -41.70 -15.30 55.86
N6A FAD M . -42.78 -15.01 56.59
N1A FAD M . -41.68 -16.44 55.14
C2A FAD M . -40.60 -16.72 54.42
N3A FAD M . -39.48 -16.01 54.29
C4A FAD M . -39.53 -14.89 55.02
N1 FAD M . -25.25 -3.60 57.69
C2 FAD M . -23.93 -3.61 57.72
O2 FAD M . -23.30 -4.33 58.49
N3 FAD M . -23.19 -2.81 56.88
C4 FAD M . -23.79 -1.97 55.96
O4 FAD M . -23.12 -1.28 55.21
C4X FAD M . -25.21 -1.95 55.95
N5 FAD M . -25.80 -1.05 55.17
C5X FAD M . -27.14 -1.00 55.18
C6 FAD M . -27.72 -0.05 54.32
C7 FAD M . -29.10 -0.07 54.15
C7M FAD M . -29.81 0.88 53.21
C8 FAD M . -29.88 -1.04 54.89
C8M FAD M . -31.38 -1.04 54.69
C9 FAD M . -29.28 -1.97 55.76
C9A FAD M . -27.90 -1.92 55.95
N10 FAD M . -27.27 -2.80 56.77
C10 FAD M . -25.90 -2.82 56.82
C1' FAD M . -28.02 -3.72 57.65
C2' FAD M . -28.24 -5.07 57.00
O2' FAD M . -28.70 -4.72 55.70
C3' FAD M . -29.31 -5.82 57.77
O3' FAD M . -28.87 -5.89 59.12
C4' FAD M . -29.23 -7.26 57.28
O4' FAD M . -29.24 -7.24 55.85
C5' FAD M . -30.36 -8.11 57.84
O5' FAD M . -30.34 -9.38 57.19
P FAD M . -31.46 -10.48 57.46
O1P FAD M . -31.20 -11.79 56.83
O2P FAD M . -31.73 -10.43 58.93
O3P FAD M . -32.63 -9.72 56.66
C BEZ N . -26.40 1.68 56.96
O1 BEZ N . -27.17 0.96 57.59
O2 BEZ N . -26.78 2.55 56.19
C1 BEZ N . -25.04 1.47 57.15
C2 BEZ N . -24.62 0.48 58.02
C3 BEZ N . -23.24 0.31 58.19
C4 BEZ N . -22.31 1.08 57.51
C5 BEZ N . -22.74 2.06 56.63
C6 BEZ N . -24.11 2.25 56.46
PA FAD O . -0.43 -14.69 14.47
O1A FAD O . -1.71 -14.67 15.23
O2A FAD O . 0.46 -13.51 14.51
O5B FAD O . 0.24 -16.06 14.97
C5B FAD O . 1.57 -16.30 14.61
C4B FAD O . 2.15 -17.20 15.67
O4B FAD O . 3.36 -17.84 15.25
C3B FAD O . 2.48 -16.49 16.96
O3B FAD O . 2.33 -17.43 18.03
C2B FAD O . 3.98 -16.29 16.86
O2B FAD O . 4.48 -16.19 18.18
C1B FAD O . 4.32 -17.65 16.26
N9A FAD O . 5.64 -17.71 15.64
C8A FAD O . 6.04 -17.03 14.53
N7A FAD O . 7.28 -17.26 14.20
C5A FAD O . 7.70 -18.16 15.15
C6A FAD O . 8.93 -18.81 15.37
N6A FAD O . 9.98 -18.62 14.56
N1A FAD O . 9.04 -19.65 16.42
C2A FAD O . 8.00 -19.82 17.21
N3A FAD O . 6.79 -19.27 17.12
C4A FAD O . 6.71 -18.44 16.06
N1 FAD O . -8.89 -10.71 10.11
C2 FAD O . -10.20 -10.91 10.11
O2 FAD O . -10.70 -11.92 9.63
N3 FAD O . -11.06 -9.99 10.66
C4 FAD O . -10.61 -8.83 11.25
O4 FAD O . -11.39 -8.02 11.74
C4X FAD O . -9.20 -8.61 11.22
N5 FAD O . -8.76 -7.42 11.66
C5X FAD O . -7.45 -7.20 11.61
C6 FAD O . -7.02 -5.96 12.09
C7 FAD O . -5.65 -5.73 12.23
C7M FAD O . -5.11 -4.44 12.80
C8 FAD O . -4.73 -6.76 11.85
C8M FAD O . -3.25 -6.50 12.02
C9 FAD O . -5.19 -8.00 11.33
C9A FAD O . -6.55 -8.21 11.17
N10 FAD O . -7.03 -9.39 10.68
C10 FAD O . -8.37 -9.61 10.68
C1' FAD O . -6.14 -10.43 10.15
C2' FAD O . -5.75 -11.44 11.20
O2' FAD O . -5.38 -10.64 12.30
C3' FAD O . -4.56 -12.26 10.69
O3' FAD O . -4.96 -12.82 9.45
C4' FAD O . -4.47 -13.45 11.61
O4' FAD O . -4.50 -12.98 12.96
C5' FAD O . -3.21 -14.28 11.35
O5' FAD O . -3.09 -15.25 12.37
P FAD O . -1.81 -16.21 12.45
O1P FAD O . -1.91 -17.28 13.48
O2P FAD O . -1.52 -16.62 11.05
O3P FAD O . -0.78 -15.09 12.94
C BEZ P . -8.49 -5.38 9.06
O1 BEZ P . -7.61 -6.14 8.69
O2 BEZ P . -8.26 -4.26 9.50
C1 BEZ P . -9.80 -5.81 8.98
C2 BEZ P . -10.07 -7.08 8.48
C3 BEZ P . -11.39 -7.49 8.40
C4 BEZ P . -12.44 -6.68 8.81
C5 BEZ P . -12.17 -5.41 9.32
C6 BEZ P . -10.85 -4.99 9.39
PA FAD Q . 7.44 27.55 -29.61
O1A FAD Q . 8.49 26.54 -29.33
O2A FAD Q . 6.32 27.20 -30.52
O5B FAD Q . 6.97 27.98 -28.14
C5B FAD Q . 5.83 28.77 -28.02
C4B FAD Q . 5.26 28.49 -26.64
O4B FAD Q . 4.33 29.49 -26.22
C3B FAD Q . 4.53 27.17 -26.55
O3B FAD Q . 4.66 26.70 -25.22
C2B FAD Q . 3.08 27.59 -26.66
O2B FAD Q . 2.31 26.59 -26.02
C1B FAD Q . 3.16 28.83 -25.79
N9A FAD Q . 2.04 29.75 -25.96
C8A FAD Q . 1.75 30.47 -27.09
N7A FAD Q . 0.68 31.20 -26.96
C5A FAD Q . 0.27 30.96 -25.67
C6A FAD Q . -0.81 31.45 -24.91
N6A FAD Q . -1.69 32.33 -25.40
N1A FAD Q . -0.96 31.01 -23.64
C2A FAD Q . -0.08 30.14 -23.16
N3A FAD Q . 0.98 29.61 -23.77
C4A FAD Q . 1.09 30.06 -25.02
N1 FAD Q . 15.56 26.83 -35.94
C2 FAD Q . 16.84 26.55 -35.87
O2 FAD Q . 17.65 27.30 -35.30
N3 FAD Q . 17.35 25.40 -36.43
C4 FAD Q . 16.56 24.49 -37.08
O4 FAD Q . 17.03 23.47 -37.57
C4X FAD Q . 15.18 24.82 -37.18
N5 FAD Q . 14.42 24.01 -37.91
C5X FAD Q . 13.11 24.31 -38.02
C6 FAD Q . 12.35 23.44 -38.80
C7 FAD Q . 10.96 23.59 -38.81
C7M FAD Q . 10.05 22.66 -39.57
C8 FAD Q . 10.38 24.68 -38.05
C8M FAD Q . 8.88 24.84 -38.07
C9 FAD Q . 11.18 25.57 -37.31
C9A FAD Q . 12.57 25.42 -37.33
N10 FAD Q . 13.38 26.26 -36.62
C10 FAD Q . 14.71 25.98 -36.54
C1' FAD Q . 12.85 27.44 -35.94
C2' FAD Q . 12.49 27.18 -34.49
O2' FAD Q . 11.73 25.98 -34.58
C3' FAD Q . 11.64 28.32 -33.98
O3' FAD Q . 12.39 29.52 -34.17
C4' FAD Q . 11.60 28.17 -32.47
O4' FAD Q . 11.26 26.81 -32.18
C5' FAD Q . 10.64 29.14 -31.80
O5' FAD Q . 10.52 28.79 -30.44
P FAD Q . 9.49 29.56 -29.48
O1P FAD Q . 9.60 29.18 -28.04
O2P FAD Q . 9.58 30.99 -29.84
O3P FAD Q . 8.16 28.89 -30.09
C BEZ R . 14.24 25.25 -40.98
O1 BEZ R . 13.64 26.18 -40.46
O2 BEZ R . 13.69 24.41 -41.69
C1 BEZ R . 15.61 25.15 -40.75
C2 BEZ R . 16.23 26.10 -39.96
C3 BEZ R . 17.61 25.99 -39.75
C4 BEZ R . 18.34 24.96 -40.32
C5 BEZ R . 17.72 24.00 -41.12
C6 BEZ R . 16.35 24.12 -41.32
PA FAD S . 30.48 -17.13 -13.89
O1A FAD S . 29.43 -16.13 -14.18
O2A FAD S . 31.32 -17.64 -14.99
O5B FAD S . 31.29 -16.46 -12.68
C5B FAD S . 32.50 -17.04 -12.29
C4B FAD S . 33.33 -15.94 -11.68
O4B FAD S . 34.42 -16.44 -10.90
C3B FAD S . 33.96 -15.02 -12.71
O3B FAD S . 34.09 -13.74 -12.11
C2B FAD S . 35.37 -15.53 -12.81
O2B FAD S . 36.18 -14.46 -13.25
C1B FAD S . 35.59 -15.79 -11.32
N9A FAD S . 36.72 -16.67 -11.03
C8A FAD S . 36.81 -17.99 -11.36
N7A FAD S . 37.94 -18.54 -10.99
C5A FAD S . 38.61 -17.50 -10.37
C6A FAD S . 39.87 -17.41 -9.75
N6A FAD S . 40.69 -18.47 -9.66
N1A FAD S . 40.26 -16.23 -9.23
C2A FAD S . 39.43 -15.19 -9.32
N3A FAD S . 38.22 -15.14 -9.89
C4A FAD S . 37.87 -16.33 -10.39
N1 FAD S . 21.11 -20.26 -16.90
C2 FAD S . 19.86 -19.88 -16.77
O2 FAD S . 19.27 -19.93 -15.68
N3 FAD S . 19.14 -19.43 -17.85
C4 FAD S . 19.69 -19.31 -19.11
O4 FAD S . 19.03 -18.89 -20.04
C4X FAD S . 21.04 -19.75 -19.24
N5 FAD S . 21.55 -19.76 -20.47
C5X FAD S . 22.80 -20.19 -20.61
C6 FAD S . 23.30 -20.19 -21.92
C7 FAD S . 24.67 -20.45 -22.11
C7M FAD S . 25.29 -20.41 -23.49
C8 FAD S . 25.48 -20.75 -20.97
C8M FAD S . 26.96 -21.02 -21.20
C9 FAD S . 24.95 -20.77 -19.67
C9A FAD S . 23.58 -20.54 -19.48
N10 FAD S . 23.04 -20.54 -18.24
C10 FAD S . 21.73 -20.17 -18.09
C1' FAD S . 23.80 -20.97 -17.05
C2' FAD S . 24.44 -19.79 -16.35
O2' FAD S . 25.05 -19.09 -17.41
C3' FAD S . 25.49 -20.33 -15.38
O3' FAD S . 24.81 -21.23 -14.50
C4' FAD S . 25.84 -19.16 -14.48
O4' FAD S . 26.12 -18.03 -15.31
C5' FAD S . 27.00 -19.47 -13.56
O5' FAD S . 27.41 -18.29 -12.89
P FAD S . 28.68 -18.25 -11.93
O1P FAD S . 28.86 -16.97 -11.20
O2P FAD S . 28.63 -19.51 -11.14
O3P FAD S . 29.78 -18.35 -13.11
C BEZ T . 21.13 -22.82 -21.71
O1 BEZ T . 21.90 -23.16 -20.83
O2 BEZ T . 21.44 -22.78 -22.90
C1 BEZ T . 19.85 -22.46 -21.33
C2 BEZ T . 19.50 -22.50 -19.99
C3 BEZ T . 18.20 -22.14 -19.63
C4 BEZ T . 17.26 -21.74 -20.58
C5 BEZ T . 17.62 -21.68 -21.92
C6 BEZ T . 18.91 -22.05 -22.28
PA FAD U . 7.92 12.52 28.70
O1A FAD U . 6.58 12.55 29.31
O2A FAD U . 8.36 11.30 27.97
O5B FAD U . 7.95 13.86 27.83
C5B FAD U . 9.00 14.04 26.93
C4B FAD U . 8.49 14.94 25.84
O4B FAD U . 9.54 15.53 25.06
C3B FAD U . 7.59 14.24 24.84
O3B FAD U . 6.66 15.21 24.34
C2B FAD U . 8.51 13.98 23.68
O2B FAD U . 7.72 13.88 22.52
C1B FAD U . 9.25 15.31 23.71
N9A FAD U . 10.51 15.32 22.97
C8A FAD U . 11.64 14.61 23.30
N7A FAD U . 12.62 14.78 22.46
C5A FAD U . 12.10 15.68 21.54
C6A FAD U . 12.65 16.29 20.40
N6A FAD U . 13.90 16.06 20.00
N1A FAD U . 11.88 17.14 19.69
C2A FAD U . 10.63 17.37 20.10
N3A FAD U . 10.00 16.86 21.16
C4A FAD U . 10.80 16.02 21.84
N1 FAD U . 6.57 8.78 38.22
C2 FAD U . 5.83 9.02 39.29
O2 FAD U . 5.98 10.04 39.96
N3 FAD U . 4.86 8.13 39.70
C4 FAD U . 4.61 6.97 39.02
O4 FAD U . 3.72 6.21 39.40
C4X FAD U . 5.41 6.70 37.90
N5 FAD U . 5.26 5.51 37.31
C5X FAD U . 6.04 5.24 36.25
C6 FAD U . 5.84 3.98 35.66
C7 FAD U . 6.49 3.71 34.45
C7M FAD U . 6.29 2.40 33.72
C8 FAD U . 7.38 4.71 33.89
C8M FAD U . 8.07 4.39 32.59
C9 FAD U . 7.58 5.95 34.53
C9A FAD U . 6.95 6.20 35.75
N10 FAD U . 7.12 7.39 36.39
C10 FAD U . 6.36 7.67 37.50
C1' FAD U . 8.10 8.39 35.94
C2' FAD U . 7.49 9.41 35.00
O2' FAD U . 6.76 8.61 34.08
C3' FAD U . 8.59 10.17 34.30
O3' FAD U . 9.42 10.73 35.32
C4' FAD U . 7.94 11.37 33.66
O4' FAD U . 6.80 10.92 32.93
C5' FAD U . 8.89 12.15 32.77
O5' FAD U . 8.16 13.13 32.06
P FAD U . 8.85 14.05 30.95
O1P FAD U . 7.97 15.14 30.41
O2P FAD U . 10.18 14.42 31.49
O3P FAD U . 8.99 12.89 29.84
C BEZ V . 7.48 3.41 38.60
O1 BEZ V . 8.32 4.15 38.07
O2 BEZ V . 7.22 2.29 38.18
C1 BEZ V . 6.82 3.90 39.71
C2 BEZ V . 7.12 5.16 40.18
C3 BEZ V . 6.45 5.62 41.31
C4 BEZ V . 5.49 4.85 41.95
C5 BEZ V . 5.18 3.58 41.48
C6 BEZ V . 5.86 3.12 40.35
PA FAD W . -44.60 9.65 32.77
O1A FAD W . -43.25 9.64 32.16
O2A FAD W . -44.90 8.70 33.87
O5B FAD W . -44.82 11.18 33.14
C5B FAD W . -45.90 11.52 33.95
C4B FAD W . -45.53 12.79 34.66
O4B FAD W . -46.68 13.48 35.21
C3B FAD W . -44.58 12.58 35.82
O3B FAD W . -43.80 13.77 35.95
C2B FAD W . -45.50 12.62 37.02
O2B FAD W . -44.72 13.01 38.13
C1B FAD W . -46.39 13.76 36.56
N9A FAD W . -47.66 13.84 37.28
C8A FAD W . -48.67 12.93 37.23
N7A FAD W . -49.69 13.26 37.98
C5A FAD W . -49.32 14.46 38.52
C6A FAD W . -49.96 15.34 39.42
N6A FAD W . -51.19 15.09 39.90
N1A FAD W . -49.33 16.47 39.79
C2A FAD W . -48.10 16.70 39.30
N3A FAD W . -47.39 15.95 38.47
C4A FAD W . -48.06 14.85 38.11
N1 FAD W . -42.55 3.14 25.02
C2 FAD W . -41.83 3.11 23.92
O2 FAD W . -42.08 3.82 22.96
N3 FAD W . -40.74 2.27 23.81
C4 FAD W . -40.35 1.44 24.83
O4 FAD W . -39.37 0.71 24.71
C4X FAD W . -41.15 1.46 26.00
N5 FAD W . -40.86 0.56 26.95
C5X FAD W . -41.63 0.56 28.05
C6 FAD W . -41.28 -0.38 29.02
C7 FAD W . -41.93 -0.31 30.27
C7M FAD W . -41.58 -1.26 31.39
C8 FAD W . -42.94 0.68 30.47
C8M FAD W . -43.62 0.74 31.82
C9 FAD W . -43.28 1.61 29.46
C9A FAD W . -42.65 1.52 28.22
N10 FAD W . -42.96 2.39 27.22
C10 FAD W . -42.23 2.37 26.08
C1' FAD W . -44.07 3.35 27.33
C2' FAD W . -43.62 4.70 27.86
O2' FAD W . -42.82 4.34 28.98
C3' FAD W . -44.84 5.49 28.29
O3' FAD W . -45.69 5.57 27.16
C4' FAD W . -44.35 6.91 28.48
O4' FAD W . -43.18 6.88 29.29
C5' FAD W . -45.41 7.82 29.07
O5' FAD W . -44.83 9.07 29.40
P FAD W . -45.66 10.21 30.15
O1P FAD W . -44.94 11.51 30.27
O2P FAD W . -47.01 10.20 29.54
O3P FAD W . -45.67 9.47 31.59
C BEZ X . -42.76 -2.10 26.48
O1 BEZ X . -43.69 -1.36 26.74
O2 BEZ X . -42.37 -2.98 27.24
C1 BEZ X . -42.14 -1.95 25.25
C2 BEZ X . -42.59 -0.96 24.38
C3 BEZ X . -41.95 -0.82 23.16
C4 BEZ X . -40.89 -1.64 22.80
C5 BEZ X . -40.44 -2.62 23.66
C6 BEZ X . -41.08 -2.76 24.89
#